data_2ZBK
#
_entry.id   2ZBK
#
_cell.length_a   114.960
_cell.length_b   200.530
_cell.length_c   329.070
_cell.angle_alpha   90.000
_cell.angle_beta   90.000
_cell.angle_gamma   90.000
#
_symmetry.space_group_name_H-M   'P 21 21 21'
#
loop_
_entity.id
_entity.type
_entity.pdbx_description
1 polymer 'Type II DNA topoisomerase VI subunit A'
2 polymer 'Type 2 DNA topoisomerase 6 subunit B'
3 non-polymer RADICICOL
#
loop_
_entity_poly.entity_id
_entity_poly.type
_entity_poly.pdbx_seq_one_letter_code
_entity_poly.pdbx_strand_id
1 'polypeptide(L)'
;MSSEFISKVDKEARRKAANILRDKFLNLVEQLKKGEPLVMEIPMRTLSNAIYDEKRKLLLLGEKKLRRNFLDLNEAKRFM
QTVLMASIIYDALVSDEYPTIRDLYYRGKHSLLLKSIEGNKIVSEENTWDEQKESDSVIVDIEVFTSLLREEMLILSKEK
GKVVGNLRIRSGNDVIDLSKTGHGAYAIEPTPDLIDFIDVDAEFVLVVEKDAVFQQLHRAGFWKQYKSILITSAGQPDRA
TRRFVRRLNEELKLPVYILTDADPYGWYIFSVFRIGSISLSYESERLATPDAKFLGVSMGDIFGNSRKKPYLSEAERKNY
IIKAKDADIKRAEEIKNYEWFKTKAWQEEINTFLQRKAKLEIEAMASKGLKFLAFQYIPEKITNKDYIA
;
A,C,E,G
2 'polypeptide(L)'
;MSAKEKFTSLSPAEFFKRNPELAGFPNPARALYQTVRELIENSLDATDVHGILPNIKITIDLIDDARQIYKVNVVDNGIG
IPPQEVPNAFGRVLYSSKYVNRQTRGMYGLGVKAAVLYSQMHQDKPIEIETSPVNSKRIYTFKLKIDINKNEPIIVERGS
VENTRGFHGTSVAISIPGDWPKAKSRIYEYIKRTYIITPYAEFIFKDPEGNVTYYPRLTNKIPKPPQEVKPHPYGVDREE
IKILINNLKRDYTIKEFLVNEFQSIGDTTADKILELAGLKPNKKVKNLTEEEITRLVETFKKDEDFRSPSADSLSVIGED
LIELGLKKIFNPDFAASITRKPKAYQGHPFIVEAGVAFGGSIPVGEEPIVLRYANKIPLIYDEKSDVIWKVVEELDWKRY
GIESDQYQMVVMVHLCSTKIPYKSAGKESIAEVENIEKEIKNALMEVARKLKQYLSEKRKEQEAKKKLLAYLKYIPEVSR
SLATFLASGNKELVSKYQNEISEGLFKLISKKLDLINIEEYRKVYRVDSE
;
B,D,F,H
#
# COMPACT_ATOMS: atom_id res chain seq x y z
N ASP A 10 3.41 97.28 -49.26
CA ASP A 10 3.76 98.30 -48.24
C ASP A 10 4.67 97.67 -47.18
N LYS A 11 4.91 96.37 -47.38
CA LYS A 11 5.97 95.55 -46.74
C LYS A 11 7.32 96.30 -46.40
N GLU A 12 7.89 96.09 -45.21
CA GLU A 12 9.17 96.79 -44.94
C GLU A 12 10.39 95.94 -44.51
N ALA A 13 10.68 95.93 -43.19
CA ALA A 13 11.78 95.13 -42.61
C ALA A 13 11.74 93.70 -43.22
N ARG A 14 10.68 93.44 -43.98
CA ARG A 14 10.44 92.16 -44.66
C ARG A 14 11.11 92.17 -46.02
N ARG A 15 10.79 93.18 -46.84
CA ARG A 15 11.54 93.40 -48.08
C ARG A 15 13.03 93.75 -47.80
N LYS A 16 13.40 93.78 -46.51
CA LYS A 16 14.80 93.82 -46.12
C LYS A 16 15.46 92.54 -46.55
N ALA A 17 15.00 91.45 -45.92
CA ALA A 17 15.60 90.13 -46.06
C ALA A 17 15.46 89.58 -47.47
N ALA A 18 14.27 89.73 -48.03
CA ALA A 18 14.00 89.24 -49.37
C ALA A 18 15.03 89.80 -50.35
N ASN A 19 15.94 90.63 -49.83
CA ASN A 19 17.04 91.15 -50.65
C ASN A 19 18.36 90.60 -50.16
N ILE A 20 18.66 90.81 -48.87
CA ILE A 20 19.91 90.29 -48.32
C ILE A 20 19.96 88.80 -48.51
N LEU A 21 18.82 88.24 -48.87
CA LEU A 21 18.75 86.83 -49.18
C LEU A 21 19.41 86.55 -50.52
N ARG A 22 18.73 86.89 -51.59
CA ARG A 22 19.27 86.75 -52.92
C ARG A 22 20.76 87.13 -52.90
N ASP A 23 21.06 88.40 -53.12
CA ASP A 23 22.43 88.84 -53.42
C ASP A 23 23.53 88.13 -52.63
N LYS A 24 23.32 87.94 -51.32
CA LYS A 24 24.30 87.26 -50.45
C LYS A 24 24.08 85.74 -50.46
N PHE A 25 23.88 85.22 -51.67
CA PHE A 25 23.48 83.83 -51.89
C PHE A 25 23.81 83.48 -53.33
N LEU A 26 23.03 84.05 -54.25
CA LEU A 26 23.29 83.95 -55.67
C LEU A 26 24.79 83.87 -55.87
N ASN A 27 25.50 84.81 -55.24
CA ASN A 27 26.95 84.87 -55.36
C ASN A 27 27.64 83.61 -54.83
N LEU A 28 27.26 83.17 -53.62
CA LEU A 28 27.93 82.03 -52.99
C LEU A 28 27.73 80.71 -53.74
N VAL A 29 26.49 80.41 -54.13
CA VAL A 29 26.26 79.17 -54.89
C VAL A 29 26.89 79.26 -56.29
N GLU A 30 26.88 80.44 -56.90
CA GLU A 30 27.56 80.59 -58.18
C GLU A 30 29.02 80.31 -58.04
N GLN A 31 29.53 79.53 -58.97
CA GLN A 31 30.92 79.17 -58.96
C GLN A 31 31.36 79.14 -60.40
N LEU A 32 30.46 78.70 -61.27
CA LEU A 32 30.74 78.52 -62.68
C LEU A 32 32.23 78.46 -62.88
N LYS A 33 32.88 79.61 -62.66
CA LYS A 33 34.30 79.80 -62.94
C LYS A 33 34.86 78.62 -63.75
N LYS A 34 34.72 78.78 -65.06
CA LYS A 34 35.17 77.79 -66.00
C LYS A 34 36.61 78.05 -66.34
N GLY A 35 37.47 77.94 -65.33
CA GLY A 35 38.89 77.77 -65.53
C GLY A 35 39.21 76.33 -65.17
N GLU A 36 38.92 75.99 -63.92
CA GLU A 36 39.16 74.64 -63.37
C GLU A 36 38.00 74.14 -62.46
N PRO A 37 37.87 72.80 -62.30
CA PRO A 37 36.66 72.11 -61.85
C PRO A 37 36.41 72.30 -60.39
N LEU A 38 35.30 72.93 -60.06
CA LEU A 38 35.04 73.31 -58.67
C LEU A 38 34.04 72.44 -57.90
N VAL A 39 33.91 72.81 -56.63
CA VAL A 39 33.31 71.97 -55.63
C VAL A 39 32.81 72.90 -54.54
N MET A 40 31.96 72.38 -53.65
CA MET A 40 31.49 73.17 -52.52
C MET A 40 32.26 72.76 -51.27
N GLU A 41 32.28 73.64 -50.27
CA GLU A 41 33.00 73.34 -49.04
C GLU A 41 32.02 73.36 -47.88
N ILE A 42 31.90 72.23 -47.18
CA ILE A 42 30.91 72.09 -46.11
C ILE A 42 31.53 71.99 -44.71
N PRO A 43 31.71 73.13 -44.02
CA PRO A 43 32.28 73.10 -42.67
C PRO A 43 31.19 72.91 -41.62
N MET A 44 31.43 72.04 -40.63
CA MET A 44 30.39 71.66 -39.66
C MET A 44 30.64 72.24 -38.26
N LEU A 66 34.39 69.40 -44.98
CA LEU A 66 34.12 68.22 -45.81
C LEU A 66 33.56 68.59 -47.19
N ARG A 67 34.46 68.65 -48.17
CA ARG A 67 34.13 69.03 -49.54
C ARG A 67 33.30 67.98 -50.28
N ARG A 68 32.52 68.42 -51.27
CA ARG A 68 31.72 67.53 -52.10
C ARG A 68 32.08 67.65 -53.59
N ASN A 69 33.00 66.82 -54.09
CA ASN A 69 33.45 66.91 -55.48
C ASN A 69 32.39 66.40 -56.45
N PHE A 70 31.95 67.25 -57.37
CA PHE A 70 30.98 66.80 -58.38
C PHE A 70 31.58 65.67 -59.21
N LEU A 71 32.90 65.59 -59.22
CA LEU A 71 33.57 64.60 -60.06
C LEU A 71 33.82 63.28 -59.37
N ASP A 72 32.94 62.91 -58.43
CA ASP A 72 33.08 61.63 -57.75
C ASP A 72 32.09 60.62 -58.31
N LEU A 73 31.71 59.67 -57.47
CA LEU A 73 30.73 58.67 -57.83
C LEU A 73 29.70 58.69 -56.73
N ASN A 74 30.14 58.25 -55.55
CA ASN A 74 29.29 58.24 -54.38
C ASN A 74 28.75 59.64 -54.16
N GLU A 75 29.51 60.62 -54.62
CA GLU A 75 29.20 62.01 -54.32
C GLU A 75 28.43 62.71 -55.44
N ALA A 76 28.54 62.17 -56.65
CA ALA A 76 27.93 62.78 -57.82
C ALA A 76 26.48 63.19 -57.61
N LYS A 77 25.66 62.25 -57.14
CA LYS A 77 24.22 62.51 -57.00
C LYS A 77 23.96 63.50 -55.89
N ARG A 78 24.74 63.38 -54.81
CA ARG A 78 24.59 64.28 -53.66
C ARG A 78 24.69 65.74 -54.07
N PHE A 79 25.28 65.97 -55.25
CA PHE A 79 25.52 67.31 -55.73
C PHE A 79 24.27 67.82 -56.39
N MET A 80 23.91 67.23 -57.51
CA MET A 80 22.77 67.71 -58.25
C MET A 80 21.61 67.93 -57.30
N GLN A 81 21.61 67.22 -56.18
CA GLN A 81 20.53 67.39 -55.22
C GLN A 81 20.64 68.71 -54.47
N THR A 82 21.85 69.08 -54.05
CA THR A 82 22.02 70.37 -53.38
C THR A 82 21.75 71.50 -54.37
N VAL A 83 22.47 71.53 -55.49
CA VAL A 83 22.32 72.62 -56.45
C VAL A 83 20.96 72.62 -57.12
N LEU A 84 20.06 71.78 -56.64
CA LEU A 84 18.68 71.87 -57.09
C LEU A 84 17.90 72.49 -55.96
N MET A 85 17.58 71.70 -54.95
CA MET A 85 16.81 72.17 -53.82
C MET A 85 17.25 73.58 -53.44
N ALA A 86 18.36 74.02 -54.02
CA ALA A 86 18.89 75.37 -53.74
C ALA A 86 18.25 76.40 -54.64
N SER A 87 18.38 76.20 -55.95
CA SER A 87 17.76 77.07 -56.93
C SER A 87 16.25 77.12 -56.70
N ILE A 88 15.64 75.99 -56.39
CA ILE A 88 14.23 75.99 -56.16
C ILE A 88 13.93 77.05 -55.15
N ILE A 89 14.83 77.18 -54.17
CA ILE A 89 14.71 78.19 -53.11
C ILE A 89 14.89 79.58 -53.70
N TYR A 90 16.03 79.79 -54.35
CA TYR A 90 16.39 81.08 -54.91
C TYR A 90 15.39 81.63 -55.89
N ASP A 91 14.68 80.75 -56.59
CA ASP A 91 13.67 81.19 -57.55
C ASP A 91 12.41 81.56 -56.83
N ALA A 92 11.89 80.61 -56.06
CA ALA A 92 10.71 80.88 -55.27
C ALA A 92 10.98 82.10 -54.40
N LEU A 93 12.27 82.42 -54.26
CA LEU A 93 12.68 83.53 -53.42
C LEU A 93 12.41 84.88 -54.08
N VAL A 94 12.85 85.09 -55.31
CA VAL A 94 12.61 86.37 -55.97
C VAL A 94 11.18 86.44 -56.48
N SER A 95 10.51 85.30 -56.48
CA SER A 95 9.20 85.25 -57.09
C SER A 95 8.09 85.51 -56.09
N ASP A 96 8.46 86.04 -54.93
CA ASP A 96 7.51 86.39 -53.86
C ASP A 96 6.55 85.27 -53.47
N GLU A 97 7.11 84.13 -53.13
CA GLU A 97 6.36 83.00 -52.66
C GLU A 97 6.73 82.78 -51.21
N TYR A 98 5.96 81.96 -50.52
CA TYR A 98 6.35 81.58 -49.18
C TYR A 98 6.30 80.08 -49.03
N PRO A 99 7.44 79.43 -49.25
CA PRO A 99 7.56 77.98 -49.42
C PRO A 99 7.63 77.21 -48.10
N THR A 100 6.83 76.16 -47.96
CA THR A 100 7.00 75.30 -46.80
C THR A 100 7.84 74.10 -47.19
N ILE A 101 8.67 73.60 -46.27
CA ILE A 101 9.63 72.51 -46.55
C ILE A 101 9.08 71.39 -47.42
N ARG A 102 7.86 70.92 -47.14
CA ARG A 102 7.25 69.88 -47.95
C ARG A 102 6.89 70.41 -49.34
N ASP A 103 6.19 71.52 -49.41
CA ASP A 103 5.96 72.19 -50.69
C ASP A 103 7.21 72.07 -51.55
N LEU A 104 8.38 72.06 -50.92
CA LEU A 104 9.64 71.96 -51.62
C LEU A 104 10.06 70.53 -51.91
N TYR A 105 9.73 69.62 -51.01
CA TYR A 105 9.99 68.22 -51.27
C TYR A 105 9.33 67.86 -52.57
N TYR A 106 8.08 68.30 -52.72
CA TYR A 106 7.35 68.10 -53.96
C TYR A 106 7.87 68.90 -55.16
N ARG A 107 9.16 68.72 -55.40
CA ARG A 107 9.78 69.01 -56.69
C ARG A 107 10.74 67.85 -57.00
N GLY A 108 10.34 66.65 -56.57
CA GLY A 108 11.09 65.44 -56.88
C GLY A 108 10.62 64.99 -58.24
N LYS A 109 11.56 64.77 -59.15
CA LYS A 109 11.31 64.65 -60.60
C LYS A 109 10.96 66.05 -61.17
N HIS A 110 11.89 66.65 -61.91
CA HIS A 110 11.75 68.04 -62.37
C HIS A 110 11.70 68.12 -63.90
N SER A 111 12.11 67.04 -64.53
CA SER A 111 12.22 67.02 -65.98
C SER A 111 11.60 65.75 -66.60
N LEU A 112 11.37 65.80 -67.90
CA LEU A 112 11.07 64.60 -68.64
C LEU A 112 12.34 63.73 -68.69
N LEU A 113 12.18 62.45 -69.01
CA LEU A 113 13.30 61.50 -69.06
C LEU A 113 14.15 61.71 -70.32
N LEU A 114 15.44 61.93 -70.08
CA LEU A 114 16.42 62.13 -71.14
C LEU A 114 17.10 60.80 -71.45
N LYS A 115 17.21 59.96 -70.42
CA LYS A 115 17.85 58.65 -70.56
C LYS A 115 16.95 57.43 -70.31
N SER A 116 16.66 56.70 -71.39
CA SER A 116 15.84 55.51 -71.36
C SER A 116 16.60 54.26 -70.83
N ILE A 117 16.71 54.17 -69.50
CA ILE A 117 17.40 53.05 -68.81
C ILE A 117 16.65 51.72 -68.98
N GLU A 118 16.38 51.33 -70.22
CA GLU A 118 15.59 50.14 -70.48
C GLU A 118 16.41 48.87 -70.25
N GLU A 126 15.38 56.28 -62.45
CA GLU A 126 15.45 56.69 -61.05
C GLU A 126 14.88 58.09 -60.77
N ASN A 127 14.76 58.44 -59.49
CA ASN A 127 14.19 59.72 -59.07
C ASN A 127 15.22 60.70 -58.53
N THR A 128 14.88 61.97 -58.49
CA THR A 128 15.80 62.98 -57.98
C THR A 128 16.00 62.75 -56.50
N TRP A 129 14.92 62.86 -55.73
CA TRP A 129 14.96 62.39 -54.34
C TRP A 129 13.71 61.56 -54.02
N ASP A 130 13.80 60.70 -53.01
CA ASP A 130 12.78 59.67 -52.84
C ASP A 130 11.98 59.75 -51.55
N GLU A 131 12.55 60.35 -50.54
CA GLU A 131 11.91 60.37 -49.24
C GLU A 131 12.21 61.70 -48.57
N GLN A 132 11.20 62.33 -47.99
CA GLN A 132 11.38 63.69 -47.46
C GLN A 132 12.68 63.80 -46.68
N LYS A 133 12.94 62.79 -45.86
CA LYS A 133 14.14 62.75 -45.05
C LYS A 133 15.34 63.20 -45.88
N GLU A 134 15.44 62.63 -47.09
CA GLU A 134 16.53 62.91 -48.02
C GLU A 134 16.60 64.39 -48.33
N SER A 135 15.49 64.94 -48.81
CA SER A 135 15.38 66.35 -49.21
C SER A 135 15.84 67.24 -48.08
N ASP A 136 15.33 66.97 -46.88
CA ASP A 136 15.66 67.75 -45.70
C ASP A 136 17.15 67.93 -45.51
N SER A 137 17.89 66.83 -45.43
CA SER A 137 19.33 66.91 -45.26
C SER A 137 19.98 67.88 -46.25
N VAL A 138 19.61 67.78 -47.52
CA VAL A 138 20.13 68.70 -48.54
C VAL A 138 19.92 70.16 -48.12
N ILE A 139 18.77 70.46 -47.52
CA ILE A 139 18.53 71.76 -46.93
C ILE A 139 19.68 72.05 -46.01
N VAL A 140 19.68 71.37 -44.87
CA VAL A 140 20.63 71.63 -43.79
C VAL A 140 22.05 71.86 -44.29
N ASP A 141 22.42 71.14 -45.35
CA ASP A 141 23.72 71.30 -45.95
C ASP A 141 23.86 72.72 -46.51
N ILE A 142 22.97 73.09 -47.43
CA ILE A 142 22.94 74.44 -47.94
C ILE A 142 23.01 75.40 -46.76
N GLU A 143 22.07 75.22 -45.84
CA GLU A 143 21.89 76.06 -44.66
C GLU A 143 23.22 76.45 -44.04
N VAL A 144 24.19 75.55 -44.13
CA VAL A 144 25.53 75.79 -43.63
C VAL A 144 26.38 76.57 -44.64
N PHE A 145 26.46 76.04 -45.85
CA PHE A 145 27.25 76.65 -46.91
C PHE A 145 27.06 78.17 -46.92
N THR A 146 25.83 78.59 -46.65
CA THR A 146 25.47 80.01 -46.74
C THR A 146 25.70 80.79 -45.45
N SER A 147 25.32 80.20 -44.32
CA SER A 147 25.35 80.87 -43.01
C SER A 147 23.95 81.28 -42.59
N LEU A 148 22.99 81.09 -43.49
CA LEU A 148 21.62 81.55 -43.31
C LEU A 148 20.69 80.40 -42.94
N LEU A 149 19.90 80.58 -41.89
CA LEU A 149 18.99 79.53 -41.41
C LEU A 149 17.71 79.58 -42.21
N ARG A 150 17.14 78.43 -42.53
CA ARG A 150 15.90 78.40 -43.30
C ARG A 150 15.11 79.70 -43.15
N GLU A 151 14.49 79.86 -41.97
CA GLU A 151 13.69 81.04 -41.64
C GLU A 151 14.20 82.40 -42.18
N GLU A 152 15.47 82.47 -42.59
CA GLU A 152 16.09 83.73 -43.00
C GLU A 152 16.05 83.80 -44.51
N MET A 153 15.99 82.61 -45.11
CA MET A 153 15.81 82.43 -46.54
C MET A 153 14.31 82.49 -46.86
N LEU A 154 13.52 82.49 -45.79
CA LEU A 154 12.07 82.67 -45.88
C LEU A 154 11.26 81.37 -45.93
N ILE A 155 11.91 80.25 -46.19
CA ILE A 155 11.21 78.98 -46.10
C ILE A 155 10.48 79.00 -44.80
N LEU A 156 9.19 79.30 -44.82
CA LEU A 156 8.49 79.34 -43.55
C LEU A 156 7.92 77.99 -43.25
N SER A 157 8.18 77.58 -41.98
CA SER A 157 7.83 76.21 -41.63
C SER A 157 6.47 76.14 -40.91
N LYS A 158 6.44 75.40 -39.80
CA LYS A 158 5.15 75.09 -39.11
C LYS A 158 5.15 75.25 -37.56
N GLU A 159 5.13 76.53 -37.06
CA GLU A 159 5.26 76.85 -35.59
C GLU A 159 4.00 77.18 -34.73
N LYS A 160 4.16 76.70 -33.50
CA LYS A 160 3.23 76.83 -32.36
C LYS A 160 3.92 77.42 -31.17
N GLY A 161 3.23 77.62 -30.13
CA GLY A 161 3.86 78.17 -28.93
C GLY A 161 3.40 79.59 -28.71
N LYS A 162 2.57 79.72 -27.71
CA LYS A 162 1.97 81.01 -27.34
C LYS A 162 3.00 81.91 -26.64
N VAL A 163 2.58 83.17 -26.27
CA VAL A 163 3.35 84.08 -25.40
C VAL A 163 2.43 85.17 -24.93
N VAL A 164 2.83 85.84 -23.87
CA VAL A 164 1.96 86.79 -23.16
C VAL A 164 2.86 87.55 -22.18
N GLY A 165 2.62 88.84 -21.99
CA GLY A 165 3.38 89.61 -20.99
C GLY A 165 3.39 91.12 -21.14
N ASN A 166 4.17 91.80 -20.29
CA ASN A 166 4.38 93.25 -20.43
C ASN A 166 5.37 93.58 -21.55
N LEU A 167 5.00 93.25 -22.78
CA LEU A 167 5.92 93.42 -23.91
C LEU A 167 5.28 93.97 -25.21
N ARG A 168 5.96 94.92 -25.86
CA ARG A 168 5.43 95.55 -27.07
C ARG A 168 6.33 95.45 -28.29
N ILE A 169 5.82 94.88 -29.37
CA ILE A 169 6.60 94.61 -30.56
C ILE A 169 5.90 95.24 -31.72
N ARG A 170 6.65 95.54 -32.77
CA ARG A 170 6.01 95.69 -34.08
C ARG A 170 6.29 94.43 -34.86
N SER A 171 5.24 93.88 -35.48
CA SER A 171 5.36 92.73 -36.38
C SER A 171 4.72 93.06 -37.70
N GLY A 172 5.53 93.06 -38.75
CA GLY A 172 5.06 93.42 -40.06
C GLY A 172 4.62 94.88 -40.05
N ASN A 173 3.31 95.10 -40.03
CA ASN A 173 2.82 96.45 -40.17
C ASN A 173 2.06 96.94 -38.95
N ASP A 174 1.91 96.07 -37.97
CA ASP A 174 1.18 96.42 -36.77
C ASP A 174 2.11 96.48 -35.55
N VAL A 175 1.68 97.15 -34.50
CA VAL A 175 2.26 96.94 -33.20
C VAL A 175 1.15 96.36 -32.38
N ILE A 176 1.37 95.16 -31.89
CA ILE A 176 0.37 94.52 -31.04
C ILE A 176 0.90 94.33 -29.60
N ASP A 177 0.15 94.84 -28.63
CA ASP A 177 0.58 94.87 -27.22
C ASP A 177 0.26 93.54 -26.58
N LEU A 178 1.20 92.98 -25.83
CA LEU A 178 1.04 91.62 -25.38
C LEU A 178 0.39 91.52 -24.01
N SER A 179 0.13 92.66 -23.39
CA SER A 179 -0.61 92.63 -22.14
C SER A 179 -2.08 92.45 -22.47
N LYS A 180 -2.61 93.43 -23.22
CA LYS A 180 -4.01 93.49 -23.66
C LYS A 180 -4.36 92.37 -24.64
N THR A 181 -4.82 91.24 -24.12
CA THR A 181 -4.90 90.04 -24.91
C THR A 181 -6.08 89.17 -24.53
N GLY A 182 -7.02 89.73 -23.78
CA GLY A 182 -8.11 88.92 -23.23
C GLY A 182 -7.57 87.70 -22.49
N HIS A 183 -8.18 86.54 -22.72
CA HIS A 183 -7.68 85.30 -22.12
C HIS A 183 -6.89 84.53 -23.17
N GLY A 184 -6.81 85.14 -24.35
CA GLY A 184 -6.08 84.55 -25.43
C GLY A 184 -4.59 84.75 -25.24
N ALA A 185 -3.91 84.89 -26.36
CA ALA A 185 -2.50 85.03 -26.33
C ALA A 185 -1.99 84.98 -27.75
N TYR A 186 -1.00 85.84 -28.01
CA TYR A 186 -0.34 85.97 -29.29
C TYR A 186 0.47 84.74 -29.57
N ALA A 187 0.54 84.35 -30.84
CA ALA A 187 1.34 83.18 -31.24
C ALA A 187 2.31 83.57 -32.34
N ILE A 188 3.55 83.83 -31.95
CA ILE A 188 4.68 84.08 -32.86
C ILE A 188 4.58 83.56 -34.30
N GLU A 189 5.39 84.16 -35.16
CA GLU A 189 5.33 83.90 -36.58
C GLU A 189 6.57 83.17 -36.97
N PRO A 190 6.44 82.10 -37.77
CA PRO A 190 7.51 81.14 -37.99
C PRO A 190 8.73 81.84 -38.55
N THR A 191 8.59 83.13 -38.78
CA THR A 191 9.73 83.95 -39.07
C THR A 191 9.79 84.99 -37.96
N PRO A 192 10.49 84.66 -36.85
CA PRO A 192 10.51 85.49 -35.66
C PRO A 192 11.76 86.30 -35.62
N ASP A 193 12.32 86.63 -36.76
CA ASP A 193 13.59 87.35 -36.80
C ASP A 193 13.36 88.75 -37.31
N LEU A 194 12.23 88.92 -38.00
CA LEU A 194 11.77 90.23 -38.44
C LEU A 194 10.68 90.76 -37.47
N ILE A 195 11.10 91.05 -36.25
CA ILE A 195 10.16 91.33 -35.19
C ILE A 195 10.83 92.21 -34.17
N ASP A 196 10.43 93.49 -34.15
CA ASP A 196 11.11 94.54 -33.39
C ASP A 196 10.55 94.76 -32.00
N PHE A 197 11.45 94.91 -31.02
CA PHE A 197 11.06 95.13 -29.63
C PHE A 197 10.91 96.63 -29.43
N ILE A 198 10.04 97.04 -28.52
CA ILE A 198 9.94 98.45 -28.19
C ILE A 198 10.02 98.70 -26.67
N ASP A 199 8.88 98.63 -25.98
CA ASP A 199 8.88 98.78 -24.53
C ASP A 199 8.82 97.40 -23.93
N VAL A 200 9.61 97.20 -22.89
CA VAL A 200 9.63 95.95 -22.19
C VAL A 200 9.36 96.24 -20.75
N ASP A 201 8.96 95.21 -20.00
CA ASP A 201 8.72 95.41 -18.57
C ASP A 201 8.67 94.12 -17.81
N ALA A 202 9.85 93.59 -17.52
CA ALA A 202 9.89 92.37 -16.77
C ALA A 202 11.30 92.06 -16.33
N GLU A 203 11.41 91.07 -15.47
CA GLU A 203 12.68 90.72 -14.92
C GLU A 203 13.07 89.29 -15.25
N PHE A 204 12.12 88.45 -15.64
CA PHE A 204 12.45 87.10 -16.07
C PHE A 204 11.39 86.51 -16.98
N VAL A 205 11.80 85.65 -17.90
CA VAL A 205 10.88 84.95 -18.79
C VAL A 205 10.67 83.55 -18.26
N LEU A 206 9.42 83.13 -18.22
CA LEU A 206 9.14 81.82 -17.66
C LEU A 206 8.49 80.97 -18.73
N VAL A 207 9.16 79.87 -19.08
CA VAL A 207 8.79 78.96 -20.16
C VAL A 207 8.13 77.72 -19.60
N VAL A 208 6.81 77.59 -19.73
CA VAL A 208 6.12 76.41 -19.19
C VAL A 208 5.71 75.43 -20.25
N GLU A 209 5.75 74.16 -19.95
CA GLU A 209 5.65 73.21 -21.01
C GLU A 209 4.25 72.76 -21.27
N LYS A 210 3.39 72.73 -20.27
CA LYS A 210 2.01 72.22 -20.42
C LYS A 210 0.98 73.32 -20.77
N ASP A 211 0.37 73.27 -21.96
CA ASP A 211 -0.57 74.33 -22.33
C ASP A 211 -1.64 74.49 -21.25
N ALA A 212 -2.16 73.37 -20.77
CA ALA A 212 -3.14 73.46 -19.72
C ALA A 212 -2.71 74.28 -18.49
N VAL A 213 -1.48 74.12 -18.00
CA VAL A 213 -1.11 74.88 -16.81
C VAL A 213 -0.91 76.36 -17.15
N PHE A 214 -0.37 76.63 -18.33
CA PHE A 214 -0.21 78.00 -18.84
C PHE A 214 -1.53 78.77 -18.70
N GLN A 215 -2.60 78.20 -19.26
CA GLN A 215 -3.92 78.80 -19.14
C GLN A 215 -4.27 79.11 -17.69
N GLN A 216 -3.62 78.43 -16.75
CA GLN A 216 -3.88 78.63 -15.33
C GLN A 216 -3.07 79.77 -14.77
N LEU A 217 -1.75 79.69 -14.89
CA LEU A 217 -0.89 80.78 -14.45
C LEU A 217 -1.42 82.06 -15.05
N HIS A 218 -1.99 81.96 -16.25
CA HIS A 218 -2.40 83.16 -16.96
C HIS A 218 -3.67 83.76 -16.42
N ARG A 219 -4.66 82.95 -16.09
CA ARG A 219 -5.89 83.58 -15.69
C ARG A 219 -5.93 83.91 -14.21
N ALA A 220 -4.76 83.95 -13.59
CA ALA A 220 -4.64 84.49 -12.25
C ALA A 220 -3.93 85.77 -12.41
N GLY A 221 -2.80 85.75 -13.08
CA GLY A 221 -2.20 87.01 -13.45
C GLY A 221 -0.74 87.05 -13.12
N PHE A 222 -0.20 85.88 -12.87
CA PHE A 222 1.20 85.79 -12.49
C PHE A 222 2.02 86.89 -13.15
N TRP A 223 2.06 86.89 -14.48
CA TRP A 223 3.01 87.71 -15.25
C TRP A 223 2.89 89.17 -14.95
N LYS A 224 1.80 89.57 -14.32
CA LYS A 224 1.60 90.96 -13.96
C LYS A 224 1.97 91.24 -12.51
N GLN A 225 1.61 90.31 -11.63
CA GLN A 225 1.97 90.42 -10.23
C GLN A 225 3.49 90.51 -10.01
N TYR A 226 4.21 89.48 -10.48
CA TYR A 226 5.66 89.47 -10.53
C TYR A 226 6.00 89.83 -11.97
N LYS A 227 6.27 91.10 -12.24
CA LYS A 227 6.45 91.50 -13.64
C LYS A 227 7.32 90.52 -14.43
N SER A 228 6.75 89.84 -15.42
CA SER A 228 7.51 88.85 -16.19
C SER A 228 6.91 88.69 -17.57
N ILE A 229 7.58 87.95 -18.45
CA ILE A 229 6.85 87.39 -19.61
C ILE A 229 6.69 85.86 -19.55
N LEU A 230 5.45 85.39 -19.66
CA LEU A 230 5.12 84.00 -19.49
C LEU A 230 4.82 83.47 -20.86
N ILE A 231 5.56 82.46 -21.29
CA ILE A 231 5.36 81.82 -22.60
C ILE A 231 5.35 80.32 -22.46
N THR A 232 4.52 79.64 -23.23
CA THR A 232 4.58 78.20 -23.23
C THR A 232 5.05 77.78 -24.56
N SER A 233 5.79 76.68 -24.63
CA SER A 233 5.92 75.95 -25.87
C SER A 233 4.63 75.17 -25.91
N ALA A 234 4.62 74.03 -26.60
CA ALA A 234 3.58 73.05 -26.33
C ALA A 234 4.19 71.69 -26.49
N GLY A 235 4.81 71.23 -25.41
CA GLY A 235 5.58 69.97 -25.38
C GLY A 235 6.98 70.16 -25.95
N GLN A 236 7.37 69.29 -26.86
CA GLN A 236 8.59 69.50 -27.61
C GLN A 236 8.61 70.92 -28.17
N PRO A 237 9.64 71.69 -27.83
CA PRO A 237 9.69 73.05 -28.32
C PRO A 237 9.98 73.15 -29.81
N ASP A 238 9.13 73.85 -30.52
CA ASP A 238 9.31 74.10 -31.94
C ASP A 238 10.63 74.84 -32.31
N ARG A 239 10.93 74.88 -33.61
CA ARG A 239 12.20 75.44 -34.16
C ARG A 239 12.35 77.00 -34.03
N ALA A 240 11.40 77.68 -33.40
CA ALA A 240 11.37 79.15 -33.49
C ALA A 240 10.53 79.75 -32.39
N THR A 241 9.93 78.89 -31.59
CA THR A 241 9.46 79.32 -30.30
C THR A 241 10.76 79.39 -29.56
N ARG A 242 11.76 78.72 -30.13
CA ARG A 242 13.13 78.79 -29.63
C ARG A 242 13.66 80.19 -29.92
N ARG A 243 13.95 80.44 -31.19
CA ARG A 243 14.58 81.69 -31.52
C ARG A 243 14.04 82.87 -30.75
N PHE A 244 12.72 82.93 -30.60
CA PHE A 244 12.15 83.99 -29.82
C PHE A 244 12.91 84.02 -28.49
N VAL A 245 12.79 82.96 -27.69
CA VAL A 245 13.44 82.88 -26.38
C VAL A 245 14.87 83.37 -26.36
N ARG A 246 15.76 82.73 -27.10
CA ARG A 246 17.13 83.16 -26.97
C ARG A 246 17.35 84.56 -27.48
N ARG A 247 16.31 85.18 -28.01
CA ARG A 247 16.42 86.55 -28.44
C ARG A 247 16.04 87.45 -27.27
N LEU A 248 15.09 87.02 -26.47
CA LEU A 248 14.72 87.75 -25.29
C LEU A 248 15.94 87.74 -24.42
N ASN A 249 16.50 86.56 -24.23
CA ASN A 249 17.59 86.38 -23.29
C ASN A 249 18.84 87.08 -23.75
N GLU A 250 18.97 87.27 -25.05
CA GLU A 250 20.22 87.76 -25.60
C GLU A 250 20.22 89.28 -25.83
N GLU A 251 19.15 89.79 -26.41
CA GLU A 251 19.04 91.23 -26.73
C GLU A 251 18.42 92.09 -25.63
N LEU A 252 17.70 91.48 -24.69
CA LEU A 252 17.08 92.22 -23.60
C LEU A 252 17.66 91.89 -22.22
N LYS A 253 18.65 90.98 -22.17
CA LYS A 253 19.22 90.54 -20.91
C LYS A 253 18.14 90.08 -19.95
N LEU A 254 17.33 89.10 -20.36
CA LEU A 254 16.38 88.49 -19.45
C LEU A 254 16.67 87.03 -19.12
N PRO A 255 16.64 86.69 -17.84
CA PRO A 255 16.97 85.37 -17.38
C PRO A 255 15.81 84.43 -17.60
N VAL A 256 16.11 83.21 -18.01
CA VAL A 256 15.07 82.28 -18.41
C VAL A 256 14.93 81.04 -17.51
N TYR A 257 13.84 80.96 -16.75
CA TYR A 257 13.54 79.76 -15.99
C TYR A 257 12.45 78.96 -16.71
N ILE A 258 12.57 77.64 -16.71
CA ILE A 258 11.59 76.76 -17.34
C ILE A 258 11.21 75.60 -16.44
N LEU A 259 9.99 75.08 -16.57
CA LEU A 259 9.57 73.98 -15.68
C LEU A 259 8.70 72.90 -16.31
N THR A 260 9.01 71.63 -16.02
CA THR A 260 8.21 70.47 -16.44
C THR A 260 8.17 69.37 -15.39
N ASP A 261 7.89 68.16 -15.87
CA ASP A 261 7.66 66.99 -15.01
C ASP A 261 8.92 66.37 -14.36
N ALA A 262 8.73 65.60 -13.29
CA ALA A 262 9.82 64.91 -12.65
C ALA A 262 10.64 64.15 -13.67
N ASP A 263 9.95 63.32 -14.43
CA ASP A 263 10.56 62.30 -15.30
C ASP A 263 11.80 62.70 -16.13
N PRO A 264 12.42 61.71 -16.78
CA PRO A 264 13.44 61.91 -17.79
C PRO A 264 12.85 62.62 -19.01
N TYR A 265 11.54 62.52 -19.20
CA TYR A 265 10.92 63.29 -20.26
C TYR A 265 11.23 64.76 -20.06
N GLY A 266 10.90 65.28 -18.89
CA GLY A 266 11.08 66.69 -18.60
C GLY A 266 12.51 67.18 -18.73
N TRP A 267 13.46 66.32 -18.41
CA TRP A 267 14.84 66.68 -18.55
C TRP A 267 15.13 66.90 -20.00
N TYR A 268 14.42 66.17 -20.86
CA TYR A 268 14.62 66.31 -22.29
C TYR A 268 14.18 67.68 -22.82
N ILE A 269 12.89 67.99 -22.68
CA ILE A 269 12.40 69.29 -23.07
C ILE A 269 13.52 70.28 -22.85
N PHE A 270 14.01 70.34 -21.61
CA PHE A 270 15.08 71.22 -21.24
C PHE A 270 16.26 71.08 -22.19
N SER A 271 16.73 69.87 -22.38
CA SER A 271 17.86 69.64 -23.28
C SER A 271 17.73 70.42 -24.57
N VAL A 272 16.62 70.19 -25.26
CA VAL A 272 16.36 70.83 -26.54
C VAL A 272 16.52 72.33 -26.44
N PHE A 273 16.08 72.89 -25.31
CA PHE A 273 16.08 74.33 -25.11
C PHE A 273 17.44 74.91 -24.94
N ARG A 274 18.42 74.09 -24.60
CA ARG A 274 19.77 74.58 -24.63
C ARG A 274 20.62 73.89 -25.69
N ILE A 275 20.05 73.75 -26.88
CA ILE A 275 20.79 73.34 -28.09
C ILE A 275 19.91 73.27 -29.36
N GLY A 276 18.99 72.30 -29.45
CA GLY A 276 18.21 72.09 -30.69
C GLY A 276 18.05 70.62 -31.09
N SER A 277 16.89 70.07 -30.71
CA SER A 277 16.39 68.67 -30.98
C SER A 277 17.35 67.61 -31.54
N ILE A 278 17.68 66.63 -30.69
CA ILE A 278 18.49 65.47 -31.11
C ILE A 278 19.84 65.83 -31.77
N SER A 279 20.85 66.01 -30.91
CA SER A 279 22.18 66.53 -31.29
C SER A 279 22.31 67.01 -32.75
N GLU A 285 21.92 75.86 -35.94
CA GLU A 285 23.15 76.51 -35.48
C GLU A 285 23.23 76.76 -33.96
N ARG A 286 23.88 77.87 -33.63
CA ARG A 286 24.19 78.20 -32.27
C ARG A 286 23.18 79.25 -31.92
N LEU A 287 21.97 79.02 -32.41
CA LEU A 287 20.85 79.85 -32.03
C LEU A 287 19.77 78.99 -31.34
N ALA A 288 20.22 78.49 -30.19
CA ALA A 288 19.38 78.07 -29.10
C ALA A 288 20.19 78.36 -27.82
N THR A 289 19.47 78.69 -26.75
CA THR A 289 20.01 79.33 -25.56
C THR A 289 20.61 78.39 -24.54
N PRO A 290 21.92 78.53 -24.23
CA PRO A 290 22.48 77.80 -23.11
C PRO A 290 22.33 78.67 -21.91
N ASP A 291 22.62 78.14 -20.74
CA ASP A 291 22.43 78.85 -19.48
C ASP A 291 20.96 79.22 -19.16
N ALA A 292 20.01 78.57 -19.84
CA ALA A 292 18.65 78.58 -19.37
C ALA A 292 18.66 77.98 -17.97
N LYS A 293 17.52 77.96 -17.30
CA LYS A 293 17.50 77.55 -15.90
C LYS A 293 16.39 76.54 -15.61
N PHE A 294 16.74 75.45 -14.93
CA PHE A 294 15.74 74.43 -14.57
C PHE A 294 15.14 74.66 -13.17
N LEU A 295 13.81 74.73 -13.09
CA LEU A 295 13.18 75.33 -11.89
C LEU A 295 12.43 74.40 -10.97
N GLY A 296 12.48 73.10 -11.24
CA GLY A 296 11.53 72.16 -10.64
C GLY A 296 10.64 71.77 -11.79
N VAL A 297 9.95 70.65 -11.67
CA VAL A 297 9.87 69.93 -10.41
C VAL A 297 11.07 69.01 -10.09
N SER A 298 11.74 69.37 -9.00
CA SER A 298 12.90 68.68 -8.42
C SER A 298 12.61 67.46 -7.53
N MET A 299 13.49 66.44 -7.60
CA MET A 299 13.40 65.25 -6.74
C MET A 299 13.17 65.75 -5.32
N GLY A 300 14.11 66.53 -4.80
CA GLY A 300 13.99 67.12 -3.46
C GLY A 300 12.71 67.95 -3.30
N ASP A 301 12.24 68.51 -4.42
CA ASP A 301 10.92 69.11 -4.46
C ASP A 301 9.89 68.18 -3.82
N ILE A 302 10.06 66.89 -4.00
CA ILE A 302 9.11 65.92 -3.46
C ILE A 302 9.58 65.16 -2.20
N PHE A 303 10.85 65.27 -1.85
CA PHE A 303 11.42 64.38 -0.84
C PHE A 303 12.24 65.15 0.20
N GLY A 304 12.78 66.30 -0.24
CA GLY A 304 13.57 67.18 0.64
C GLY A 304 15.06 66.84 0.75
N ASN A 305 15.75 67.52 1.66
CA ASN A 305 17.14 67.22 2.04
C ASN A 305 17.16 67.43 3.51
N SER A 306 18.20 66.92 4.15
CA SER A 306 18.35 67.16 5.57
C SER A 306 18.58 68.65 5.79
N ARG A 307 19.04 69.32 4.75
CA ARG A 307 19.12 70.77 4.76
C ARG A 307 17.73 71.44 4.58
N LYS A 308 16.95 70.98 3.60
CA LYS A 308 15.82 71.80 3.12
C LYS A 308 14.45 71.13 2.90
N LYS A 309 13.46 71.62 3.66
CA LYS A 309 12.06 71.14 3.68
C LYS A 309 11.46 70.75 2.32
N PRO A 310 10.65 69.65 2.27
CA PRO A 310 9.92 69.16 1.10
C PRO A 310 8.56 69.82 0.87
N TYR A 311 8.03 69.94 -0.23
CA TYR A 311 6.85 70.70 -0.70
C TYR A 311 5.64 69.78 -0.79
N LEU A 312 5.90 68.50 -0.55
CA LEU A 312 4.88 67.46 -0.63
C LEU A 312 4.61 66.81 0.72
N SER A 313 3.33 66.72 1.04
CA SER A 313 2.90 66.07 2.26
C SER A 313 3.21 64.59 2.08
N GLU A 314 3.58 63.95 3.15
CA GLU A 314 3.94 62.53 3.11
C GLU A 314 2.80 61.70 2.50
N ALA A 315 1.59 62.09 2.84
CA ALA A 315 0.36 61.41 2.38
C ALA A 315 0.17 61.54 0.85
N GLU A 316 -0.16 62.74 0.42
CA GLU A 316 -0.40 63.05 -1.01
C GLU A 316 0.58 62.28 -1.90
N ARG A 317 1.80 62.42 -1.55
CA ARG A 317 2.95 61.80 -2.20
C ARG A 317 2.64 60.32 -2.54
N LYS A 318 2.22 59.30 -1.48
CA LYS A 318 1.95 57.89 -1.71
C LYS A 318 1.08 57.68 -2.94
N ASN A 319 0.21 58.64 -3.22
CA ASN A 319 -0.77 58.46 -4.28
C ASN A 319 -0.62 59.34 -5.51
N TYR A 320 0.20 60.37 -5.45
CA TYR A 320 0.41 61.17 -6.65
C TYR A 320 1.59 60.64 -7.44
N ILE A 321 2.51 59.97 -6.75
CA ILE A 321 3.72 59.49 -7.42
C ILE A 321 3.40 58.31 -8.29
N ILE A 322 3.79 58.39 -9.55
CA ILE A 322 3.59 57.28 -10.44
C ILE A 322 4.91 56.53 -10.50
N LYS A 323 4.87 55.26 -10.13
CA LYS A 323 6.11 54.48 -9.95
C LYS A 323 6.84 54.24 -11.27
N ALA A 324 8.15 54.03 -11.20
CA ALA A 324 9.00 54.06 -12.39
C ALA A 324 9.08 52.75 -13.13
N LYS A 325 8.54 52.72 -14.35
CA LYS A 325 8.71 51.58 -15.23
C LYS A 325 10.16 51.51 -15.66
N ASP A 326 10.63 50.30 -15.96
CA ASP A 326 12.06 50.11 -16.23
C ASP A 326 12.47 50.60 -17.60
N ALA A 327 11.53 50.63 -18.52
CA ALA A 327 11.82 51.25 -19.81
C ALA A 327 12.21 52.73 -19.64
N ASP A 328 11.97 53.27 -18.44
CA ASP A 328 12.27 54.68 -18.14
C ASP A 328 13.71 54.83 -17.71
N ILE A 329 14.10 53.96 -16.80
CA ILE A 329 15.43 53.98 -16.21
C ILE A 329 16.52 53.84 -17.28
N LYS A 330 16.11 53.42 -18.47
CA LYS A 330 17.02 53.40 -19.58
C LYS A 330 17.33 54.83 -19.93
N ARG A 331 16.36 55.54 -20.51
CA ARG A 331 16.55 56.92 -20.94
C ARG A 331 17.46 57.69 -19.98
N ALA A 332 17.14 57.65 -18.69
CA ALA A 332 17.94 58.34 -17.67
C ALA A 332 19.41 58.05 -17.83
N GLU A 333 19.75 56.76 -17.83
CA GLU A 333 21.15 56.32 -17.95
C GLU A 333 21.79 56.65 -19.30
N GLU A 334 20.96 56.95 -20.29
CA GLU A 334 21.47 57.42 -21.56
C GLU A 334 21.87 58.88 -21.44
N ILE A 335 20.99 59.70 -20.85
CA ILE A 335 21.28 61.13 -20.69
C ILE A 335 22.37 61.38 -19.66
N LYS A 336 22.28 60.69 -18.51
CA LYS A 336 23.25 60.90 -17.45
C LYS A 336 24.64 60.93 -18.06
N ASN A 337 24.68 60.62 -19.35
CA ASN A 337 25.94 60.54 -20.08
C ASN A 337 26.18 61.71 -21.05
N TYR A 338 25.11 62.40 -21.48
CA TYR A 338 25.25 63.52 -22.41
C TYR A 338 26.27 64.55 -21.94
N GLU A 339 27.18 64.95 -22.82
CA GLU A 339 28.33 65.81 -22.47
C GLU A 339 27.97 67.15 -21.79
N TRP A 340 26.69 67.50 -21.78
CA TRP A 340 26.25 68.72 -21.14
C TRP A 340 25.33 68.47 -19.95
N PHE A 341 25.40 67.26 -19.41
CA PHE A 341 24.82 66.98 -18.12
C PHE A 341 26.01 66.51 -17.31
N LYS A 342 26.85 65.74 -17.96
CA LYS A 342 28.03 65.17 -17.34
C LYS A 342 28.79 66.28 -16.62
N THR A 343 28.74 67.48 -17.19
CA THR A 343 29.54 68.62 -16.71
C THR A 343 29.26 69.05 -15.26
N LYS A 344 27.98 69.16 -14.92
CA LYS A 344 27.55 69.79 -13.68
C LYS A 344 27.32 68.75 -12.58
N ALA A 345 26.98 69.23 -11.38
CA ALA A 345 26.29 68.38 -10.43
C ALA A 345 24.78 68.44 -10.76
N TRP A 346 24.49 68.42 -12.07
CA TRP A 346 23.17 68.15 -12.61
C TRP A 346 23.01 66.70 -12.30
N GLN A 347 24.17 66.04 -12.27
CA GLN A 347 24.32 64.60 -12.03
C GLN A 347 23.58 64.22 -10.76
N GLU A 348 23.97 64.84 -9.65
CA GLU A 348 23.26 64.64 -8.40
C GLU A 348 21.78 64.32 -8.63
N GLU A 349 21.04 65.25 -9.21
CA GLU A 349 19.61 65.04 -9.33
C GLU A 349 19.20 64.00 -10.36
N ILE A 350 20.15 63.43 -11.08
CA ILE A 350 19.80 62.30 -11.94
C ILE A 350 19.65 61.05 -11.08
N ASN A 351 20.74 60.54 -10.52
CA ASN A 351 20.69 59.23 -9.87
C ASN A 351 19.78 59.19 -8.66
N THR A 352 19.63 60.31 -7.98
CA THR A 352 18.66 60.36 -6.90
C THR A 352 17.38 59.72 -7.41
N PHE A 353 17.07 59.99 -8.69
CA PHE A 353 15.94 59.36 -9.37
C PHE A 353 16.24 57.89 -9.73
N LEU A 354 17.35 57.66 -10.43
CA LEU A 354 17.82 56.31 -10.68
C LEU A 354 17.69 55.51 -9.39
N GLN A 355 17.43 56.21 -8.30
CA GLN A 355 17.57 55.62 -6.98
C GLN A 355 16.24 55.48 -6.24
N ARG A 356 15.32 56.41 -6.47
CA ARG A 356 14.01 56.31 -5.82
C ARG A 356 12.95 55.86 -6.80
N LYS A 357 13.36 55.60 -8.04
CA LYS A 357 12.42 55.15 -9.03
C LYS A 357 11.05 55.75 -8.76
N ALA A 358 10.88 57.02 -9.16
CA ALA A 358 9.65 57.77 -8.94
C ALA A 358 9.60 59.10 -9.68
N LYS A 359 8.43 59.45 -10.20
CA LYS A 359 8.23 60.71 -10.92
C LYS A 359 6.82 61.21 -10.68
N LEU A 360 6.58 62.51 -10.87
CA LEU A 360 5.22 63.05 -10.83
C LEU A 360 4.90 64.07 -11.94
N GLU A 361 3.62 64.25 -12.24
CA GLU A 361 3.24 65.14 -13.32
C GLU A 361 3.04 66.55 -12.75
N ILE A 362 3.26 67.59 -13.57
CA ILE A 362 3.21 68.99 -13.09
C ILE A 362 1.83 69.33 -12.57
N GLU A 363 0.81 68.81 -13.25
CA GLU A 363 -0.58 68.89 -12.82
C GLU A 363 -0.74 68.54 -11.33
N ALA A 364 -0.29 67.35 -10.98
CA ALA A 364 -0.29 66.93 -9.61
C ALA A 364 -0.01 68.10 -8.71
N MET A 365 1.18 68.68 -8.83
CA MET A 365 1.58 69.85 -8.02
C MET A 365 0.55 70.99 -8.05
N ALA A 366 0.22 71.49 -9.23
CA ALA A 366 -0.83 72.50 -9.37
C ALA A 366 -2.23 72.12 -8.80
N SER A 367 -2.58 70.86 -8.90
CA SER A 367 -3.77 70.40 -8.23
C SER A 367 -3.73 70.74 -6.73
N LYS A 368 -2.61 71.26 -6.24
CA LYS A 368 -2.63 71.76 -4.87
C LYS A 368 -3.45 73.06 -4.81
N GLY A 369 -3.51 73.77 -5.97
CA GLY A 369 -4.37 74.94 -6.17
C GLY A 369 -3.69 76.30 -6.35
N LEU A 370 -3.83 76.86 -7.55
CA LEU A 370 -3.08 78.05 -8.04
C LEU A 370 -2.44 78.93 -7.00
N LYS A 371 -3.24 79.43 -6.04
CA LYS A 371 -2.72 80.23 -4.86
C LYS A 371 -1.31 79.78 -4.41
N PHE A 372 -1.22 78.52 -4.00
CA PHE A 372 0.06 77.84 -3.84
C PHE A 372 1.01 77.89 -5.08
N LEU A 373 0.60 77.28 -6.19
CA LEU A 373 1.40 77.34 -7.42
C LEU A 373 1.77 78.78 -7.89
N ALA A 374 0.89 79.75 -7.56
CA ALA A 374 1.06 81.16 -7.96
C ALA A 374 1.93 81.99 -7.02
N PHE A 375 1.54 82.05 -5.74
CA PHE A 375 2.18 82.96 -4.83
C PHE A 375 2.98 82.23 -3.79
N GLN A 376 3.47 81.05 -4.16
CA GLN A 376 4.36 80.27 -3.29
C GLN A 376 5.45 79.56 -4.05
N TYR A 377 5.04 78.70 -4.98
CA TYR A 377 6.00 77.80 -5.52
C TYR A 377 7.00 78.66 -6.25
N ILE A 378 6.54 79.29 -7.32
CA ILE A 378 7.46 80.05 -8.16
C ILE A 378 8.25 81.05 -7.31
N PRO A 379 7.54 82.00 -6.72
CA PRO A 379 8.24 83.06 -6.06
C PRO A 379 9.27 82.45 -5.09
N GLU A 380 8.82 81.61 -4.14
CA GLU A 380 9.73 80.93 -3.21
C GLU A 380 10.99 80.42 -3.91
N LYS A 381 10.79 79.46 -4.82
CA LYS A 381 11.92 78.84 -5.51
C LYS A 381 12.82 79.89 -6.13
N ILE A 382 12.22 80.76 -6.96
CA ILE A 382 12.99 81.76 -7.68
C ILE A 382 13.87 82.61 -6.77
N THR A 383 13.29 83.49 -5.96
CA THR A 383 14.14 84.25 -5.03
C THR A 383 15.12 83.34 -4.26
N ASN A 384 14.67 82.11 -3.96
CA ASN A 384 15.43 81.19 -3.12
C ASN A 384 16.73 80.63 -3.72
N LYS A 385 16.85 80.77 -5.03
CA LYS A 385 17.98 80.23 -5.80
C LYS A 385 17.90 78.71 -5.87
N ASP A 386 16.67 78.23 -5.83
CA ASP A 386 16.39 76.80 -5.88
C ASP A 386 16.09 76.37 -7.33
N TYR A 387 17.11 75.82 -7.99
CA TYR A 387 17.07 75.55 -9.45
C TYR A 387 18.47 75.15 -9.84
N ILE A 388 18.71 74.83 -11.12
CA ILE A 388 20.05 74.38 -11.54
C ILE A 388 20.61 75.11 -12.76
N ALA A 389 21.94 75.29 -12.79
CA ALA A 389 22.59 76.25 -13.74
C ALA A 389 24.03 75.93 -14.22
N GLU B 14 60.77 -11.44 -74.69
CA GLU B 14 61.22 -12.21 -73.53
C GLU B 14 60.34 -11.93 -72.30
N PHE B 15 60.44 -10.72 -71.77
CA PHE B 15 59.87 -10.37 -70.46
C PHE B 15 58.34 -10.23 -70.47
N PHE B 16 57.81 -9.58 -71.52
CA PHE B 16 56.39 -9.27 -71.64
C PHE B 16 55.53 -10.54 -71.57
N LYS B 17 56.18 -11.70 -71.62
CA LYS B 17 55.46 -12.97 -71.67
C LYS B 17 54.74 -13.31 -70.35
N ARG B 18 55.38 -13.02 -69.22
CA ARG B 18 54.82 -13.33 -67.90
C ARG B 18 54.53 -12.07 -67.09
N ASN B 19 55.23 -11.00 -67.44
CA ASN B 19 54.99 -9.68 -66.85
C ASN B 19 54.32 -8.72 -67.85
N PRO B 20 53.02 -8.96 -68.15
CA PRO B 20 52.31 -8.16 -69.17
C PRO B 20 52.07 -6.69 -68.77
N GLU B 21 51.44 -6.50 -67.61
CA GLU B 21 50.93 -5.18 -67.17
C GLU B 21 51.92 -4.03 -67.28
N LEU B 22 53.21 -4.36 -67.32
CA LEU B 22 54.29 -3.37 -67.29
C LEU B 22 54.37 -2.49 -68.57
N ALA B 23 54.18 -3.09 -69.74
CA ALA B 23 54.20 -2.29 -70.98
C ALA B 23 52.79 -1.81 -71.38
N GLY B 24 51.80 -2.11 -70.53
CA GLY B 24 50.47 -1.52 -70.67
C GLY B 24 49.36 -2.43 -71.12
N PHE B 25 49.50 -3.73 -70.88
CA PHE B 25 48.45 -4.71 -71.20
C PHE B 25 48.06 -5.55 -69.98
N PRO B 26 47.54 -4.90 -68.93
CA PRO B 26 47.21 -5.62 -67.69
C PRO B 26 46.04 -6.59 -67.84
N ASN B 27 45.02 -6.15 -68.58
CA ASN B 27 43.77 -6.89 -68.68
C ASN B 27 43.05 -6.58 -69.99
N PRO B 28 42.17 -7.49 -70.42
CA PRO B 28 41.37 -7.36 -71.62
C PRO B 28 41.08 -5.92 -72.00
N ALA B 29 40.35 -5.20 -71.16
CA ALA B 29 39.90 -3.84 -71.48
C ALA B 29 41.00 -2.79 -71.81
N ARG B 30 41.87 -2.55 -70.83
CA ARG B 30 42.96 -1.58 -70.96
C ARG B 30 43.82 -1.81 -72.21
N ALA B 31 43.82 -3.06 -72.68
CA ALA B 31 44.61 -3.42 -73.86
C ALA B 31 44.00 -2.85 -75.12
N LEU B 32 42.67 -2.82 -75.16
CA LEU B 32 41.97 -2.22 -76.28
C LEU B 32 42.48 -0.80 -76.46
N TYR B 33 42.34 -0.02 -75.39
CA TYR B 33 42.79 1.36 -75.37
C TYR B 33 44.24 1.48 -75.86
N GLN B 34 45.09 0.58 -75.37
CA GLN B 34 46.48 0.59 -75.77
C GLN B 34 46.59 0.46 -77.28
N THR B 35 46.22 -0.70 -77.81
CA THR B 35 46.29 -0.95 -79.24
C THR B 35 45.80 0.23 -80.07
N VAL B 36 44.74 0.89 -79.63
CA VAL B 36 44.21 2.02 -80.35
C VAL B 36 45.21 3.18 -80.38
N ARG B 37 45.69 3.60 -79.21
CA ARG B 37 46.66 4.70 -79.14
C ARG B 37 48.07 4.35 -79.66
N GLU B 38 48.27 3.09 -80.06
CA GLU B 38 49.53 2.64 -80.64
C GLU B 38 49.47 2.86 -82.14
N LEU B 39 48.29 2.57 -82.71
CA LEU B 39 48.07 2.67 -84.15
C LEU B 39 47.95 4.10 -84.62
N ILE B 40 47.21 4.93 -83.88
CA ILE B 40 47.16 6.35 -84.19
C ILE B 40 48.56 6.95 -84.08
N GLU B 41 49.14 6.85 -82.88
CA GLU B 41 50.50 7.30 -82.61
C GLU B 41 51.30 7.14 -83.87
N ASN B 42 51.43 5.90 -84.33
CA ASN B 42 52.24 5.58 -85.50
C ASN B 42 51.76 6.22 -86.80
N SER B 43 50.45 6.14 -87.07
CA SER B 43 49.92 6.57 -88.36
C SER B 43 50.16 8.02 -88.63
N LEU B 44 50.08 8.85 -87.59
CA LEU B 44 50.47 10.26 -87.71
C LEU B 44 51.94 10.42 -88.13
N ASP B 45 52.86 9.91 -87.30
CA ASP B 45 54.29 9.96 -87.60
C ASP B 45 54.64 9.38 -88.97
N ALA B 46 53.61 8.94 -89.69
CA ALA B 46 53.80 8.46 -91.04
C ALA B 46 53.24 9.47 -92.03
N THR B 47 52.76 10.60 -91.53
CA THR B 47 52.22 11.63 -92.38
C THR B 47 52.74 13.01 -92.04
N ASP B 48 52.29 13.53 -90.91
CA ASP B 48 52.61 14.92 -90.56
C ASP B 48 54.11 15.20 -90.39
N VAL B 49 54.93 14.16 -90.34
CA VAL B 49 56.38 14.32 -90.19
C VAL B 49 57.05 14.34 -91.55
N HIS B 50 56.30 13.95 -92.58
CA HIS B 50 56.80 13.96 -93.94
C HIS B 50 56.01 14.96 -94.77
N GLY B 51 55.16 15.72 -94.11
CA GLY B 51 54.54 16.88 -94.72
C GLY B 51 53.32 16.59 -95.58
N ILE B 52 52.36 15.87 -95.04
CA ILE B 52 51.05 15.69 -95.68
C ILE B 52 49.90 15.85 -94.68
N LEU B 53 48.85 16.53 -95.09
CA LEU B 53 47.66 16.65 -94.27
C LEU B 53 47.00 15.29 -94.11
N PRO B 54 47.09 14.71 -92.91
CA PRO B 54 46.69 13.34 -92.64
C PRO B 54 45.18 13.16 -92.62
N ASN B 55 44.71 11.99 -93.05
CA ASN B 55 43.27 11.62 -93.02
C ASN B 55 43.04 10.26 -92.41
N ILE B 56 43.23 10.14 -91.09
CA ILE B 56 43.14 8.85 -90.42
C ILE B 56 41.70 8.42 -90.19
N LYS B 57 41.45 7.13 -90.33
CA LYS B 57 40.13 6.54 -90.04
C LYS B 57 40.29 5.40 -89.04
N ILE B 58 39.49 5.44 -87.97
CA ILE B 58 39.61 4.45 -86.91
C ILE B 58 38.29 3.74 -86.69
N THR B 59 38.24 2.46 -87.06
CA THR B 59 37.04 1.64 -86.85
C THR B 59 37.31 0.40 -85.98
N ILE B 60 36.52 0.23 -84.92
CA ILE B 60 36.57 -0.98 -84.10
C ILE B 60 35.30 -1.79 -84.30
N ASP B 61 35.47 -3.08 -84.55
CA ASP B 61 34.35 -3.96 -84.81
C ASP B 61 34.25 -5.12 -83.81
N LEU B 62 33.05 -5.66 -83.69
CA LEU B 62 32.79 -6.78 -82.80
C LEU B 62 32.41 -7.99 -83.64
N ILE B 63 33.30 -8.96 -83.74
CA ILE B 63 33.09 -10.11 -84.64
C ILE B 63 32.73 -11.42 -83.94
N ASP B 64 32.76 -11.44 -82.61
CA ASP B 64 32.37 -12.60 -81.82
C ASP B 64 31.93 -12.18 -80.41
N ASP B 65 30.70 -12.54 -80.05
CA ASP B 65 30.10 -12.14 -78.77
C ASP B 65 30.55 -13.01 -77.58
N ALA B 66 30.58 -14.33 -77.79
CA ALA B 66 30.92 -15.27 -76.74
C ALA B 66 32.27 -14.98 -76.07
N ARG B 67 33.29 -14.76 -76.88
CA ARG B 67 34.67 -14.61 -76.39
C ARG B 67 35.13 -13.15 -76.24
N GLN B 68 34.31 -12.21 -76.69
CA GLN B 68 34.67 -10.80 -76.61
C GLN B 68 35.92 -10.51 -77.44
N ILE B 69 35.79 -10.59 -78.76
CA ILE B 69 36.91 -10.29 -79.66
C ILE B 69 36.63 -9.07 -80.53
N TYR B 70 37.60 -8.17 -80.64
CA TYR B 70 37.41 -6.96 -81.41
C TYR B 70 38.43 -6.84 -82.55
N LYS B 71 38.21 -5.87 -83.44
CA LYS B 71 39.06 -5.68 -84.61
C LYS B 71 39.42 -4.20 -84.82
N VAL B 72 40.54 -3.77 -84.24
CA VAL B 72 41.00 -2.40 -84.37
C VAL B 72 41.55 -2.18 -85.75
N ASN B 73 41.24 -1.04 -86.33
CA ASN B 73 41.57 -0.78 -87.72
C ASN B 73 41.91 0.69 -88.02
N VAL B 74 43.11 0.92 -88.54
CA VAL B 74 43.55 2.26 -88.86
C VAL B 74 43.93 2.37 -90.33
N VAL B 75 43.46 3.44 -90.97
CA VAL B 75 43.70 3.65 -92.38
C VAL B 75 44.12 5.10 -92.63
N ASP B 76 45.34 5.29 -93.15
CA ASP B 76 45.88 6.64 -93.38
C ASP B 76 46.13 6.93 -94.84
N ASN B 77 46.70 8.10 -95.10
CA ASN B 77 47.13 8.48 -96.44
C ASN B 77 48.61 8.77 -96.43
N GLY B 78 49.29 8.17 -95.47
CA GLY B 78 50.71 8.39 -95.26
C GLY B 78 51.55 7.65 -96.27
N ILE B 79 52.86 7.63 -96.06
CA ILE B 79 53.80 7.01 -96.99
C ILE B 79 53.65 5.48 -97.08
N GLY B 80 53.97 4.78 -95.99
CA GLY B 80 53.89 3.32 -95.97
C GLY B 80 55.24 2.63 -95.94
N ILE B 81 55.23 1.30 -95.82
CA ILE B 81 56.45 0.53 -95.69
C ILE B 81 56.99 0.09 -97.04
N PRO B 82 58.30 0.26 -97.24
CA PRO B 82 58.98 -0.46 -98.30
C PRO B 82 58.71 -1.96 -98.13
N PRO B 83 57.97 -2.56 -99.07
CA PRO B 83 57.43 -3.91 -99.05
C PRO B 83 58.26 -4.93 -98.27
N GLN B 84 59.54 -5.07 -98.62
CA GLN B 84 60.38 -6.12 -98.03
C GLN B 84 60.54 -5.99 -96.51
N GLU B 85 60.33 -4.79 -95.98
CA GLU B 85 60.51 -4.57 -94.54
C GLU B 85 59.24 -4.75 -93.75
N VAL B 86 58.25 -5.38 -94.37
CA VAL B 86 56.97 -5.64 -93.72
C VAL B 86 57.09 -6.63 -92.56
N PRO B 87 57.63 -7.84 -92.84
CA PRO B 87 57.88 -8.83 -91.80
C PRO B 87 58.80 -8.33 -90.69
N ASN B 88 59.91 -7.69 -91.06
CA ASN B 88 60.85 -7.17 -90.08
C ASN B 88 60.36 -5.91 -89.37
N ALA B 89 59.05 -5.72 -89.35
CA ALA B 89 58.44 -4.59 -88.66
C ALA B 89 57.37 -5.09 -87.68
N PHE B 90 56.73 -6.19 -88.07
CA PHE B 90 55.63 -6.73 -87.29
C PHE B 90 56.02 -8.00 -86.51
N GLY B 91 56.75 -8.89 -87.16
CA GLY B 91 57.10 -10.18 -86.56
C GLY B 91 58.30 -10.16 -85.63
N ARG B 92 59.34 -9.42 -86.02
CA ARG B 92 60.57 -9.34 -85.23
C ARG B 92 60.35 -8.58 -83.91
N VAL B 93 60.82 -9.17 -82.81
CA VAL B 93 60.71 -8.59 -81.49
C VAL B 93 61.94 -7.74 -81.15
N LEU B 94 61.73 -6.43 -81.04
CA LEU B 94 62.83 -5.48 -80.77
C LEU B 94 63.26 -5.44 -79.30
N TYR B 95 64.44 -5.98 -79.04
CA TYR B 95 65.07 -5.92 -77.73
C TYR B 95 64.91 -4.52 -77.14
N SER B 96 65.71 -3.59 -77.68
CA SER B 96 65.88 -2.27 -77.09
C SER B 96 65.24 -1.11 -77.87
N SER B 97 65.42 0.09 -77.33
CA SER B 97 64.97 1.31 -77.98
C SER B 97 66.20 2.11 -78.44
N LYS B 98 66.90 1.57 -79.44
CA LYS B 98 68.06 2.21 -80.06
C LYS B 98 68.10 3.73 -79.84
N TYR B 99 68.99 4.19 -78.97
CA TYR B 99 69.11 5.61 -78.59
C TYR B 99 68.53 6.65 -79.60
N VAL B 100 67.71 7.57 -79.11
CA VAL B 100 66.92 8.45 -79.98
C VAL B 100 67.65 9.71 -80.41
N ASN B 101 67.48 10.10 -81.68
CA ASN B 101 68.17 11.25 -82.25
C ASN B 101 67.27 12.26 -82.97
N ARG B 102 65.97 12.02 -82.96
CA ARG B 102 64.99 13.00 -83.44
C ARG B 102 63.64 12.73 -82.75
N GLN B 103 62.90 13.78 -82.42
CA GLN B 103 61.65 13.58 -81.71
C GLN B 103 60.71 12.64 -82.46
N THR B 104 60.04 11.76 -81.70
CA THR B 104 59.01 10.91 -82.26
C THR B 104 57.92 10.81 -81.24
N ARG B 105 56.75 10.37 -81.69
CA ARG B 105 55.68 9.86 -80.80
C ARG B 105 56.03 8.42 -80.43
N GLY B 106 55.75 8.04 -79.19
CA GLY B 106 55.82 6.60 -78.86
C GLY B 106 56.81 6.10 -77.80
N MET B 107 56.27 5.93 -76.57
CA MET B 107 56.98 5.43 -75.36
C MET B 107 58.18 4.48 -75.58
N TYR B 108 57.92 3.22 -75.21
CA TYR B 108 58.94 2.16 -75.10
C TYR B 108 59.82 1.96 -76.34
N GLY B 109 60.24 0.71 -76.52
CA GLY B 109 60.95 0.29 -77.73
C GLY B 109 60.35 -1.00 -78.29
N LEU B 110 59.12 -1.32 -77.85
CA LEU B 110 58.41 -2.51 -78.35
C LEU B 110 57.15 -2.13 -79.13
N GLY B 111 56.56 -0.99 -78.77
CA GLY B 111 55.42 -0.40 -79.49
C GLY B 111 54.49 -1.34 -80.25
N VAL B 112 54.29 -1.03 -81.53
CA VAL B 112 53.30 -1.74 -82.36
C VAL B 112 53.53 -3.26 -82.42
N LYS B 113 54.74 -3.70 -82.07
CA LYS B 113 55.07 -5.12 -82.06
C LYS B 113 54.29 -5.85 -80.98
N ALA B 114 54.16 -5.23 -79.81
CA ALA B 114 53.46 -5.84 -78.68
C ALA B 114 52.00 -6.20 -79.01
N ALA B 115 51.36 -5.31 -79.76
CA ALA B 115 49.99 -5.52 -80.18
C ALA B 115 49.80 -6.84 -80.89
N VAL B 116 50.65 -7.13 -81.87
CA VAL B 116 50.53 -8.36 -82.65
C VAL B 116 50.83 -9.57 -81.78
N LEU B 117 51.69 -9.37 -80.78
CA LEU B 117 52.08 -10.44 -79.87
C LEU B 117 50.94 -10.84 -78.94
N TYR B 118 50.23 -9.84 -78.42
CA TYR B 118 49.06 -10.06 -77.57
C TYR B 118 47.96 -10.74 -78.38
N SER B 119 48.00 -10.54 -79.69
CA SER B 119 46.95 -11.04 -80.58
C SER B 119 47.05 -12.54 -80.84
N GLN B 120 48.27 -13.08 -80.74
CA GLN B 120 48.52 -14.49 -81.00
C GLN B 120 48.51 -15.33 -79.72
N MET B 121 48.12 -14.71 -78.61
CA MET B 121 48.12 -15.37 -77.31
C MET B 121 46.73 -15.86 -76.88
N HIS B 122 45.69 -15.19 -77.39
CA HIS B 122 44.32 -15.48 -76.95
C HIS B 122 43.32 -15.76 -78.08
N GLN B 123 43.69 -15.42 -79.32
CA GLN B 123 42.82 -15.69 -80.47
C GLN B 123 43.58 -16.25 -81.67
N ASP B 124 42.85 -16.87 -82.60
CA ASP B 124 43.46 -17.62 -83.70
C ASP B 124 43.22 -17.02 -85.09
N LYS B 125 43.27 -15.70 -85.21
CA LYS B 125 43.09 -15.04 -86.51
C LYS B 125 44.28 -14.14 -86.86
N PRO B 126 44.56 -14.01 -88.16
CA PRO B 126 45.75 -13.30 -88.63
C PRO B 126 45.68 -11.77 -88.55
N ILE B 127 46.73 -11.13 -89.03
CA ILE B 127 46.89 -9.67 -88.96
C ILE B 127 46.93 -9.07 -90.37
N GLU B 128 45.77 -8.66 -90.87
CA GLU B 128 45.66 -8.11 -92.23
C GLU B 128 46.35 -6.75 -92.40
N ILE B 129 47.30 -6.70 -93.34
CA ILE B 129 48.09 -5.50 -93.59
C ILE B 129 48.14 -5.16 -95.09
N GLU B 130 48.23 -3.87 -95.40
CA GLU B 130 48.33 -3.40 -96.78
C GLU B 130 49.19 -2.15 -96.83
N THR B 131 50.07 -2.06 -97.81
CA THR B 131 50.84 -0.83 -98.00
C THR B 131 51.02 -0.49 -99.47
N SER B 132 51.35 0.77 -99.73
CA SER B 132 51.62 1.26 -101.08
C SER B 132 52.42 2.56 -100.99
N PRO B 133 53.74 2.47 -101.15
CA PRO B 133 54.65 3.61 -101.07
C PRO B 133 54.29 4.79 -101.95
N VAL B 134 54.97 5.89 -101.71
CA VAL B 134 54.73 7.12 -102.44
C VAL B 134 55.10 6.93 -103.91
N ASN B 135 54.15 7.20 -104.80
CA ASN B 135 54.38 7.10 -106.23
C ASN B 135 54.50 5.62 -106.61
N SER B 136 53.61 4.80 -106.05
CA SER B 136 53.72 3.34 -106.15
C SER B 136 52.99 2.73 -107.34
N LYS B 137 53.54 1.60 -107.79
CA LYS B 137 52.96 0.86 -108.90
C LYS B 137 51.65 0.20 -108.49
N ARG B 138 51.75 -0.77 -107.59
CA ARG B 138 50.59 -1.57 -107.22
C ARG B 138 50.42 -1.56 -105.71
N ILE B 139 49.39 -2.25 -105.23
CA ILE B 139 49.14 -2.36 -103.79
C ILE B 139 49.57 -3.71 -103.27
N TYR B 140 50.60 -3.72 -102.44
CA TYR B 140 51.11 -4.97 -101.89
C TYR B 140 50.33 -5.37 -100.64
N THR B 141 49.73 -6.56 -100.66
CA THR B 141 48.95 -7.05 -99.53
C THR B 141 49.63 -8.19 -98.78
N PHE B 142 49.48 -8.20 -97.48
CA PHE B 142 50.05 -9.23 -96.62
C PHE B 142 48.95 -9.75 -95.69
N LYS B 143 49.30 -10.81 -94.94
CA LYS B 143 48.44 -11.34 -93.89
C LYS B 143 49.31 -12.22 -93.01
N LEU B 144 49.84 -11.63 -91.93
CA LEU B 144 50.95 -12.25 -91.18
C LEU B 144 50.59 -12.88 -89.83
N LYS B 145 51.29 -13.96 -89.50
CA LYS B 145 51.34 -14.53 -88.15
C LYS B 145 52.80 -14.67 -87.73
N ILE B 146 53.03 -15.07 -86.49
CA ILE B 146 54.38 -15.04 -85.95
C ILE B 146 54.80 -16.33 -85.25
N ASP B 147 56.10 -16.61 -85.28
CA ASP B 147 56.67 -17.68 -84.47
C ASP B 147 57.35 -17.03 -83.27
N ILE B 148 56.80 -17.32 -82.09
CA ILE B 148 57.18 -16.64 -80.85
C ILE B 148 58.45 -17.20 -80.20
N ASN B 149 58.68 -18.50 -80.38
CA ASN B 149 59.79 -19.19 -79.71
C ASN B 149 61.17 -18.76 -80.20
N LYS B 150 61.33 -18.59 -81.51
CA LYS B 150 62.64 -18.31 -82.09
C LYS B 150 62.69 -16.97 -82.82
N ASN B 151 61.77 -16.08 -82.47
CA ASN B 151 61.69 -14.74 -83.06
C ASN B 151 61.93 -14.69 -84.58
N GLU B 152 60.85 -14.94 -85.33
CA GLU B 152 60.86 -14.80 -86.78
C GLU B 152 59.44 -14.99 -87.33
N PRO B 153 58.98 -14.04 -88.16
CA PRO B 153 57.60 -14.01 -88.66
C PRO B 153 57.34 -14.97 -89.82
N ILE B 154 56.21 -15.69 -89.76
CA ILE B 154 55.81 -16.58 -90.85
C ILE B 154 54.74 -15.94 -91.74
N ILE B 155 55.05 -15.85 -93.02
CA ILE B 155 54.12 -15.30 -94.01
C ILE B 155 53.02 -16.31 -94.35
N VAL B 156 51.78 -15.96 -94.06
CA VAL B 156 50.65 -16.81 -94.45
C VAL B 156 50.23 -16.47 -95.89
N GLU B 157 50.22 -15.18 -96.22
CA GLU B 157 49.83 -14.75 -97.56
C GLU B 157 50.54 -13.47 -98.02
N ARG B 158 50.97 -13.47 -99.28
CA ARG B 158 51.62 -12.30 -99.89
C ARG B 158 51.21 -12.15 -101.37
N GLY B 159 50.65 -11.00 -101.71
CA GLY B 159 50.22 -10.73 -103.08
C GLY B 159 50.10 -9.24 -103.40
N SER B 160 49.74 -8.93 -104.66
CA SER B 160 49.59 -7.54 -105.12
C SER B 160 48.54 -7.36 -106.25
N VAL B 161 47.79 -6.26 -106.17
CA VAL B 161 46.83 -5.88 -107.22
C VAL B 161 47.17 -4.51 -107.85
N GLU B 162 46.24 -3.94 -108.63
CA GLU B 162 46.47 -2.66 -109.30
C GLU B 162 46.05 -1.45 -108.46
N ASN B 163 46.84 -0.39 -108.58
CA ASN B 163 46.59 0.84 -107.85
C ASN B 163 45.72 1.82 -108.66
N THR B 164 44.53 2.13 -108.13
CA THR B 164 43.72 3.24 -108.67
C THR B 164 44.32 4.62 -108.29
N ARG B 165 44.96 5.22 -109.29
CA ARG B 165 45.99 6.29 -109.21
C ARG B 165 46.18 7.15 -107.94
N GLY B 166 47.42 7.64 -107.80
CA GLY B 166 47.82 8.64 -106.80
C GLY B 166 47.55 8.21 -105.37
N PHE B 167 47.42 6.90 -105.19
CA PHE B 167 47.16 6.37 -103.86
C PHE B 167 48.44 5.92 -103.14
N HIS B 168 48.52 6.29 -101.86
CA HIS B 168 49.53 5.78 -100.94
C HIS B 168 48.97 5.72 -99.51
N GLY B 169 49.22 4.61 -98.83
CA GLY B 169 48.71 4.43 -97.49
C GLY B 169 49.18 3.19 -96.79
N THR B 170 48.70 3.00 -95.57
CA THR B 170 49.06 1.86 -94.75
C THR B 170 47.88 1.41 -93.88
N SER B 171 47.27 0.29 -94.26
CA SER B 171 46.12 -0.25 -93.54
C SER B 171 46.52 -1.39 -92.62
N VAL B 172 46.33 -1.19 -91.32
CA VAL B 172 46.62 -2.22 -90.34
C VAL B 172 45.34 -2.68 -89.68
N ALA B 173 45.15 -4.00 -89.59
CA ALA B 173 43.96 -4.56 -88.97
C ALA B 173 44.29 -5.66 -87.98
N ILE B 174 44.07 -5.40 -86.69
CA ILE B 174 44.45 -6.36 -85.67
C ILE B 174 43.27 -6.73 -84.77
N SER B 175 43.17 -8.02 -84.46
CA SER B 175 42.08 -8.55 -83.62
C SER B 175 42.59 -8.90 -82.23
N ILE B 176 41.91 -8.38 -81.20
CA ILE B 176 42.24 -8.72 -79.82
C ILE B 176 40.99 -8.89 -78.96
N PRO B 177 41.14 -9.49 -77.78
CA PRO B 177 40.05 -9.59 -76.83
C PRO B 177 40.13 -8.48 -75.80
N GLY B 178 39.01 -7.81 -75.54
CA GLY B 178 38.96 -6.73 -74.58
C GLY B 178 37.58 -6.53 -73.97
N ASP B 179 37.34 -5.32 -73.46
CA ASP B 179 36.04 -4.97 -72.90
C ASP B 179 35.64 -3.56 -73.32
N TRP B 180 34.93 -3.47 -74.44
CA TRP B 180 34.52 -2.17 -75.00
C TRP B 180 33.90 -1.24 -73.98
N PRO B 181 32.82 -1.68 -73.30
CA PRO B 181 32.13 -0.79 -72.35
C PRO B 181 33.02 -0.25 -71.20
N LYS B 182 34.01 -1.03 -70.78
CA LYS B 182 34.83 -0.61 -69.64
C LYS B 182 35.80 0.48 -70.05
N ALA B 183 36.21 0.48 -71.31
CA ALA B 183 37.22 1.42 -71.76
C ALA B 183 36.68 2.39 -72.80
N LYS B 184 35.36 2.38 -73.02
CA LYS B 184 34.76 3.27 -74.01
C LYS B 184 35.07 4.72 -73.70
N SER B 185 34.49 5.20 -72.59
CA SER B 185 34.57 6.62 -72.23
C SER B 185 35.99 7.16 -72.16
N ARG B 186 36.96 6.25 -72.10
CA ARG B 186 38.35 6.65 -71.96
C ARG B 186 39.09 6.70 -73.31
N ILE B 187 38.65 5.88 -74.27
CA ILE B 187 39.17 5.95 -75.63
C ILE B 187 38.71 7.23 -76.32
N TYR B 188 37.40 7.49 -76.27
CA TYR B 188 36.85 8.71 -76.86
C TYR B 188 37.64 9.95 -76.44
N GLU B 189 38.27 9.89 -75.28
CA GLU B 189 39.07 11.00 -74.82
C GLU B 189 40.35 11.09 -75.61
N TYR B 190 40.82 9.96 -76.12
CA TYR B 190 42.03 10.00 -76.93
C TYR B 190 41.80 10.82 -78.18
N ILE B 191 41.04 10.27 -79.12
CA ILE B 191 40.63 11.00 -80.32
C ILE B 191 40.42 12.50 -80.04
N LYS B 192 39.37 12.79 -79.26
CA LYS B 192 39.04 14.16 -78.87
C LYS B 192 40.35 14.91 -78.62
N ARG B 193 41.09 14.48 -77.61
CA ARG B 193 42.20 15.29 -77.11
C ARG B 193 43.36 15.37 -78.05
N THR B 194 43.45 14.42 -78.98
CA THR B 194 44.50 14.45 -80.01
C THR B 194 44.10 15.48 -81.06
N TYR B 195 42.78 15.56 -81.26
CA TYR B 195 42.18 16.47 -82.23
C TYR B 195 42.61 17.91 -81.96
N ILE B 196 42.45 18.29 -80.69
CA ILE B 196 42.75 19.61 -80.20
C ILE B 196 44.12 20.14 -80.65
N ILE B 197 45.20 19.46 -80.25
CA ILE B 197 46.53 19.95 -80.52
C ILE B 197 47.03 19.62 -81.93
N THR B 198 46.15 19.01 -82.74
CA THR B 198 46.53 18.61 -84.11
C THR B 198 45.44 18.91 -85.15
N PRO B 199 44.99 20.17 -85.24
CA PRO B 199 43.78 20.50 -86.01
C PRO B 199 44.07 20.50 -87.52
N TYR B 200 45.32 20.18 -87.89
CA TYR B 200 45.66 20.05 -89.30
C TYR B 200 45.33 18.65 -89.81
N ALA B 201 44.48 17.94 -89.06
CA ALA B 201 44.11 16.57 -89.39
C ALA B 201 42.61 16.36 -89.51
N GLU B 202 42.22 15.23 -90.10
CA GLU B 202 40.83 14.89 -90.27
C GLU B 202 40.57 13.45 -89.83
N PHE B 203 39.83 13.30 -88.72
CA PHE B 203 39.65 12.02 -88.08
C PHE B 203 38.23 11.50 -88.24
N ILE B 204 38.09 10.20 -88.43
CA ILE B 204 36.79 9.50 -88.37
C ILE B 204 36.89 8.22 -87.54
N PHE B 205 35.94 8.06 -86.62
CA PHE B 205 35.93 6.94 -85.69
C PHE B 205 34.57 6.26 -85.66
N LYS B 206 34.58 4.94 -85.85
CA LYS B 206 33.36 4.16 -85.95
C LYS B 206 33.39 3.02 -84.93
N ASP B 207 32.70 3.22 -83.82
CA ASP B 207 32.71 2.23 -82.73
C ASP B 207 31.91 0.94 -83.04
N PRO B 208 32.14 -0.12 -82.23
CA PRO B 208 31.55 -1.42 -82.53
C PRO B 208 30.02 -1.38 -82.56
N GLU B 209 29.43 -0.35 -81.93
CA GLU B 209 27.96 -0.23 -81.88
C GLU B 209 27.39 0.28 -83.21
N GLY B 210 28.09 1.25 -83.81
CA GLY B 210 27.66 1.87 -85.05
C GLY B 210 27.61 3.38 -84.92
N ASN B 211 28.32 3.91 -83.92
CA ASN B 211 28.42 5.35 -83.75
C ASN B 211 29.57 5.98 -84.53
N VAL B 212 29.24 6.90 -85.42
CA VAL B 212 30.24 7.56 -86.23
C VAL B 212 30.61 8.91 -85.62
N THR B 213 31.88 9.27 -85.71
CA THR B 213 32.31 10.60 -85.28
C THR B 213 33.33 11.16 -86.28
N TYR B 214 33.11 12.40 -86.70
CA TYR B 214 33.94 13.04 -87.70
C TYR B 214 34.40 14.39 -87.20
N TYR B 215 35.71 14.56 -87.08
CA TYR B 215 36.31 15.84 -86.69
C TYR B 215 37.11 16.37 -87.88
N PRO B 216 36.71 17.54 -88.42
CA PRO B 216 37.17 18.06 -89.70
C PRO B 216 38.38 18.98 -89.60
N ARG B 217 39.23 18.95 -90.63
CA ARG B 217 40.40 19.80 -90.65
C ARG B 217 40.02 21.27 -90.62
N LEU B 218 40.60 22.01 -89.69
CA LEU B 218 40.21 23.39 -89.45
C LEU B 218 41.21 24.37 -90.03
N THR B 219 42.29 23.84 -90.59
CA THR B 219 43.27 24.64 -91.33
C THR B 219 44.17 23.71 -92.09
N ASN B 220 45.43 24.14 -92.31
CA ASN B 220 46.52 23.32 -92.85
C ASN B 220 47.89 23.95 -92.67
N LYS B 221 48.08 24.74 -91.62
CA LYS B 221 49.42 25.18 -91.27
C LYS B 221 50.12 24.05 -90.50
N ILE B 222 50.64 23.06 -91.21
CA ILE B 222 51.38 21.97 -90.57
C ILE B 222 52.74 22.50 -90.11
N PRO B 223 53.12 22.20 -88.86
CA PRO B 223 54.32 22.80 -88.26
C PRO B 223 55.59 22.31 -88.95
N LYS B 224 56.74 22.87 -88.56
CA LYS B 224 57.98 22.32 -89.07
C LYS B 224 58.20 20.96 -88.41
N PRO B 225 58.63 19.98 -89.20
CA PRO B 225 58.90 18.67 -88.66
C PRO B 225 60.26 18.71 -87.95
N PRO B 226 60.57 17.66 -87.22
CA PRO B 226 61.80 17.50 -86.47
C PRO B 226 62.94 16.94 -87.32
N GLN B 227 64.17 17.36 -87.02
CA GLN B 227 65.33 16.99 -87.82
C GLN B 227 66.24 16.03 -87.03
N GLU B 228 66.75 14.99 -87.69
CA GLU B 228 67.70 14.11 -87.00
C GLU B 228 69.01 14.85 -86.75
N VAL B 229 69.74 14.45 -85.70
CA VAL B 229 70.93 15.18 -85.29
C VAL B 229 71.96 14.36 -84.46
N LYS B 230 73.26 14.69 -84.61
CA LYS B 230 74.41 13.97 -84.02
C LYS B 230 74.37 13.92 -82.51
N PRO B 231 74.68 12.75 -81.92
CA PRO B 231 74.62 12.54 -80.47
C PRO B 231 75.41 13.57 -79.67
N HIS B 232 74.95 13.87 -78.45
CA HIS B 232 75.64 14.86 -77.61
C HIS B 232 76.35 14.23 -76.42
N PRO B 233 77.66 14.50 -76.32
CA PRO B 233 78.67 14.00 -75.39
C PRO B 233 78.19 13.73 -73.97
N TYR B 234 77.65 14.76 -73.33
CA TYR B 234 77.30 14.65 -71.91
C TYR B 234 76.26 13.53 -71.63
N GLY B 235 75.54 13.09 -72.66
CA GLY B 235 74.48 12.08 -72.49
C GLY B 235 74.68 10.72 -73.16
N VAL B 236 75.92 10.25 -73.23
CA VAL B 236 76.24 8.92 -73.80
C VAL B 236 77.32 8.20 -73.00
N ASP B 237 77.28 6.87 -73.05
CA ASP B 237 78.16 6.05 -72.20
C ASP B 237 78.69 4.79 -72.89
N ARG B 238 79.34 3.95 -72.09
CA ARG B 238 79.94 2.70 -72.56
C ARG B 238 79.19 2.05 -73.72
N GLU B 239 77.99 1.56 -73.43
CA GLU B 239 77.17 0.83 -74.40
C GLU B 239 77.16 1.46 -75.79
N GLU B 240 76.83 2.75 -75.87
CA GLU B 240 76.69 3.46 -77.16
C GLU B 240 78.01 3.58 -77.92
N ILE B 241 78.95 4.31 -77.33
CA ILE B 241 80.25 4.47 -77.94
C ILE B 241 80.68 3.23 -78.72
N LYS B 242 80.51 2.07 -78.10
CA LYS B 242 80.83 0.81 -78.75
C LYS B 242 80.14 0.66 -80.10
N ILE B 243 78.84 0.94 -80.13
CA ILE B 243 78.03 0.69 -81.32
C ILE B 243 78.15 1.81 -82.35
N LEU B 244 78.63 2.97 -81.94
CA LEU B 244 78.99 4.01 -82.90
C LEU B 244 80.20 3.56 -83.67
N ILE B 245 81.07 2.80 -83.00
CA ILE B 245 82.34 2.37 -83.56
C ILE B 245 82.19 1.16 -84.49
N ASN B 246 81.56 0.10 -83.99
CA ASN B 246 81.40 -1.10 -84.80
C ASN B 246 80.31 -0.93 -85.86
N ASN B 247 79.82 0.29 -86.00
CA ASN B 247 78.83 0.64 -87.01
C ASN B 247 79.44 1.51 -88.12
N LEU B 248 80.76 1.66 -88.11
CA LEU B 248 81.47 2.54 -89.06
C LEU B 248 81.79 1.84 -90.37
N LYS B 249 82.44 2.56 -91.30
CA LYS B 249 82.75 2.01 -92.61
C LYS B 249 84.21 2.10 -92.97
N ARG B 250 84.90 3.10 -92.42
CA ARG B 250 86.32 3.31 -92.74
C ARG B 250 87.22 3.31 -91.50
N ASP B 251 88.48 3.72 -91.67
CA ASP B 251 89.41 3.77 -90.56
C ASP B 251 89.55 5.18 -90.02
N TYR B 252 88.56 5.64 -89.25
CA TYR B 252 88.65 6.92 -88.57
C TYR B 252 89.74 6.84 -87.51
N THR B 253 90.42 7.95 -87.25
CA THR B 253 91.30 8.01 -86.09
C THR B 253 90.45 8.44 -84.93
N ILE B 254 91.02 8.50 -83.73
CA ILE B 254 90.25 8.93 -82.57
C ILE B 254 89.87 10.39 -82.71
N LYS B 255 90.78 11.19 -83.25
CA LYS B 255 90.52 12.60 -83.50
C LYS B 255 89.20 12.76 -84.26
N GLU B 256 89.26 12.56 -85.58
CA GLU B 256 88.07 12.64 -86.41
C GLU B 256 86.88 12.20 -85.59
N PHE B 257 87.03 11.05 -84.94
CA PHE B 257 85.93 10.38 -84.28
C PHE B 257 85.32 11.20 -83.16
N LEU B 258 86.15 11.94 -82.44
CA LEU B 258 85.68 12.76 -81.34
C LEU B 258 85.03 14.06 -81.83
N VAL B 259 85.13 14.32 -83.13
CA VAL B 259 84.68 15.59 -83.68
C VAL B 259 83.50 15.42 -84.62
N ASN B 260 83.72 14.63 -85.68
CA ASN B 260 82.74 14.50 -86.74
C ASN B 260 81.65 13.51 -86.40
N GLU B 261 81.46 13.27 -85.11
CA GLU B 261 80.50 12.25 -84.69
C GLU B 261 79.65 12.68 -83.53
N PHE B 262 79.98 13.82 -82.92
CA PHE B 262 79.22 14.35 -81.77
C PHE B 262 78.90 15.85 -81.94
N GLN B 263 77.81 16.32 -81.32
CA GLN B 263 77.54 17.76 -81.18
C GLN B 263 78.61 18.45 -80.31
N SER B 264 79.19 19.54 -80.80
CA SER B 264 79.94 20.44 -79.91
C SER B 264 81.50 20.29 -79.86
N ILE B 265 82.13 19.89 -80.94
CA ILE B 265 83.53 19.52 -80.76
C ILE B 265 84.60 19.99 -81.80
N GLY B 266 84.95 21.28 -81.73
CA GLY B 266 85.83 21.92 -82.70
C GLY B 266 87.26 21.56 -82.45
N ASP B 267 88.17 22.00 -83.34
CA ASP B 267 89.60 21.69 -83.31
C ASP B 267 90.21 21.84 -81.92
N THR B 268 90.20 23.07 -81.41
CA THR B 268 90.78 23.39 -80.10
C THR B 268 89.90 22.90 -78.96
N THR B 269 88.59 22.93 -79.19
CA THR B 269 87.60 22.46 -78.25
C THR B 269 87.84 20.97 -77.95
N ALA B 270 88.21 20.20 -78.95
CA ALA B 270 88.43 18.76 -78.81
C ALA B 270 89.79 18.37 -78.23
N ASP B 271 90.87 18.90 -78.82
CA ASP B 271 92.24 18.56 -78.40
C ASP B 271 92.38 18.44 -76.90
N LYS B 272 91.69 19.29 -76.17
CA LYS B 272 91.81 19.31 -74.71
C LYS B 272 91.15 18.11 -74.03
N ILE B 273 90.21 17.46 -74.72
CA ILE B 273 89.59 16.25 -74.21
C ILE B 273 90.61 15.11 -74.25
N LEU B 274 91.49 15.15 -75.24
CA LEU B 274 92.56 14.17 -75.37
C LEU B 274 93.66 14.38 -74.33
N GLU B 275 93.76 15.61 -73.83
CA GLU B 275 94.68 15.94 -72.75
C GLU B 275 94.16 15.34 -71.45
N LEU B 276 92.85 15.39 -71.27
CA LEU B 276 92.21 14.82 -70.09
C LEU B 276 92.31 13.30 -70.06
N ALA B 277 91.44 12.63 -70.81
CA ALA B 277 91.44 11.17 -70.88
C ALA B 277 92.85 10.63 -71.11
N GLY B 278 93.74 11.50 -71.55
CA GLY B 278 95.14 11.14 -71.77
C GLY B 278 95.27 10.15 -72.89
N LEU B 279 95.02 10.60 -74.12
CA LEU B 279 95.10 9.73 -75.28
C LEU B 279 95.91 10.35 -76.41
N LYS B 280 96.65 9.51 -77.14
CA LYS B 280 97.29 9.95 -78.36
C LYS B 280 96.20 10.36 -79.35
N PRO B 281 96.45 11.41 -80.17
CA PRO B 281 95.42 11.94 -81.05
C PRO B 281 95.32 11.20 -82.39
N ASN B 282 96.48 10.82 -82.96
CA ASN B 282 96.51 10.11 -84.24
C ASN B 282 96.58 8.59 -84.09
N LYS B 283 95.62 8.03 -83.38
CA LYS B 283 95.54 6.58 -83.17
C LYS B 283 94.29 5.97 -83.82
N LYS B 284 94.50 4.84 -84.48
CA LYS B 284 93.41 4.06 -85.07
C LYS B 284 92.29 3.88 -84.06
N VAL B 285 91.05 3.88 -84.53
CA VAL B 285 89.91 3.78 -83.64
C VAL B 285 89.61 2.33 -83.27
N LYS B 286 89.60 1.47 -84.26
CA LYS B 286 89.26 0.08 -84.04
C LYS B 286 90.13 -0.57 -82.96
N ASN B 287 91.14 0.15 -82.49
CA ASN B 287 92.09 -0.38 -81.50
C ASN B 287 91.93 0.21 -80.10
N LEU B 288 90.73 0.13 -79.55
CA LEU B 288 90.47 0.69 -78.22
C LEU B 288 90.05 -0.36 -77.19
N THR B 289 90.86 -0.52 -76.15
CA THR B 289 90.58 -1.50 -75.10
C THR B 289 89.33 -1.12 -74.33
N GLU B 290 88.87 -2.04 -73.48
CA GLU B 290 87.65 -1.83 -72.69
C GLU B 290 87.81 -0.70 -71.66
N GLU B 291 89.02 -0.51 -71.17
CA GLU B 291 89.29 0.45 -70.11
C GLU B 291 89.57 1.84 -70.66
N GLU B 292 90.35 1.92 -71.73
CA GLU B 292 90.63 3.19 -72.40
C GLU B 292 89.33 3.95 -72.65
N ILE B 293 88.35 3.25 -73.21
CA ILE B 293 87.05 3.84 -73.46
C ILE B 293 86.54 4.56 -72.22
N THR B 294 86.38 3.82 -71.13
CA THR B 294 85.82 4.38 -69.91
C THR B 294 86.56 5.64 -69.48
N ARG B 295 87.89 5.56 -69.44
CA ARG B 295 88.71 6.69 -69.04
C ARG B 295 88.36 7.92 -69.87
N LEU B 296 87.70 7.68 -71.01
CA LEU B 296 87.19 8.76 -71.83
C LEU B 296 85.79 9.18 -71.36
N VAL B 297 84.88 8.22 -71.25
CA VAL B 297 83.50 8.51 -70.86
C VAL B 297 83.40 9.23 -69.51
N GLU B 298 84.46 9.12 -68.70
CA GLU B 298 84.56 9.87 -67.46
C GLU B 298 84.68 11.35 -67.77
N THR B 299 85.75 11.72 -68.46
CA THR B 299 86.03 13.11 -68.80
C THR B 299 84.90 13.75 -69.58
N PHE B 300 84.16 12.92 -70.33
CA PHE B 300 82.94 13.39 -70.98
C PHE B 300 82.01 13.90 -69.91
N LYS B 301 81.74 13.04 -68.93
CA LYS B 301 80.79 13.37 -67.86
C LYS B 301 81.13 14.64 -67.09
N LYS B 302 82.41 14.94 -66.96
CA LYS B 302 82.86 16.07 -66.14
C LYS B 302 83.07 17.38 -66.90
N ASP B 303 83.74 17.33 -68.05
CA ASP B 303 84.09 18.55 -68.78
C ASP B 303 83.00 19.62 -68.61
N GLU B 304 83.43 20.82 -68.27
CA GLU B 304 82.52 21.88 -67.85
C GLU B 304 81.71 22.56 -68.98
N ASP B 305 82.42 23.30 -69.84
CA ASP B 305 81.76 24.13 -70.86
C ASP B 305 81.67 23.47 -72.24
N PHE B 306 80.52 22.89 -72.55
CA PHE B 306 80.20 22.53 -73.92
C PHE B 306 79.27 23.62 -74.39
N ARG B 307 78.52 23.36 -75.45
CA ARG B 307 77.37 24.20 -75.79
C ARG B 307 76.04 23.54 -75.34
N SER B 308 74.92 24.04 -75.84
CA SER B 308 73.64 23.46 -75.50
C SER B 308 73.28 22.36 -76.49
N PRO B 309 72.62 21.29 -75.99
CA PRO B 309 72.10 20.24 -76.86
C PRO B 309 71.08 20.79 -77.86
N SER B 310 71.55 21.14 -79.08
CA SER B 310 70.71 21.79 -80.10
C SER B 310 69.31 21.19 -80.20
N ALA B 311 68.30 22.04 -80.36
CA ALA B 311 66.91 21.59 -80.37
C ALA B 311 66.28 21.51 -81.77
N ASP B 312 67.13 21.39 -82.79
CA ASP B 312 66.65 21.22 -84.15
C ASP B 312 66.09 19.78 -84.34
N SER B 313 66.26 18.93 -83.33
CA SER B 313 65.73 17.56 -83.30
C SER B 313 64.31 17.53 -82.68
N LEU B 314 63.88 18.67 -82.17
CA LEU B 314 62.57 18.78 -81.54
C LEU B 314 61.52 19.30 -82.50
N SER B 315 60.28 19.38 -82.01
CA SER B 315 59.14 19.81 -82.80
C SER B 315 58.11 20.37 -81.85
N VAL B 316 57.43 21.44 -82.25
CA VAL B 316 56.47 22.17 -81.38
C VAL B 316 55.02 22.19 -81.88
N ILE B 317 54.05 22.36 -80.99
CA ILE B 317 52.69 22.56 -81.45
C ILE B 317 52.62 23.88 -82.17
N GLY B 318 52.66 24.96 -81.41
CA GLY B 318 52.59 26.31 -81.95
C GLY B 318 51.69 27.26 -81.18
N GLU B 319 52.24 28.42 -80.82
CA GLU B 319 51.49 29.43 -80.11
C GLU B 319 50.21 29.86 -80.82
N ASP B 320 49.65 29.01 -81.67
CA ASP B 320 48.46 29.39 -82.44
C ASP B 320 47.56 28.23 -82.75
N LEU B 321 48.14 27.12 -83.19
CA LEU B 321 47.40 25.90 -83.44
C LEU B 321 46.83 25.51 -82.10
N ILE B 322 47.57 25.82 -81.04
CA ILE B 322 47.03 25.66 -79.69
C ILE B 322 45.76 26.51 -79.60
N GLU B 323 45.95 27.82 -79.73
CA GLU B 323 44.82 28.73 -79.62
C GLU B 323 43.61 28.21 -80.39
N LEU B 324 43.76 28.06 -81.70
CA LEU B 324 42.69 27.57 -82.55
C LEU B 324 42.15 26.30 -81.97
N GLY B 325 43.00 25.30 -81.85
CA GLY B 325 42.59 23.99 -81.33
C GLY B 325 41.56 24.10 -80.20
N LEU B 326 41.96 24.75 -79.10
CA LEU B 326 41.10 24.87 -77.92
C LEU B 326 40.16 26.05 -77.97
N LYS B 327 39.97 26.64 -79.15
CA LYS B 327 38.99 27.69 -79.31
C LYS B 327 37.83 27.04 -80.04
N LYS B 328 38.17 26.18 -80.99
CA LYS B 328 37.17 25.64 -81.87
C LYS B 328 36.46 24.44 -81.26
N ILE B 329 36.48 24.35 -79.94
CA ILE B 329 35.96 23.17 -79.28
C ILE B 329 35.52 23.49 -77.87
N PHE B 330 36.06 24.56 -77.30
CA PHE B 330 35.56 25.01 -76.01
C PHE B 330 34.76 26.29 -76.14
N ASN B 331 35.07 27.07 -77.19
CA ASN B 331 34.43 28.36 -77.44
C ASN B 331 34.33 29.20 -76.18
N PRO B 332 35.46 29.74 -75.74
CA PRO B 332 35.51 30.50 -74.51
C PRO B 332 35.25 32.00 -74.73
N ASP B 333 35.53 32.82 -73.73
CA ASP B 333 35.43 34.25 -73.94
C ASP B 333 36.82 34.82 -74.11
N PHE B 334 37.84 33.99 -73.89
CA PHE B 334 39.25 34.40 -74.06
C PHE B 334 40.17 33.20 -74.14
N ALA B 335 41.24 33.34 -74.92
CA ALA B 335 42.27 32.31 -75.03
C ALA B 335 43.65 32.92 -75.13
N ALA B 336 44.65 32.12 -74.76
CA ALA B 336 46.06 32.49 -74.87
C ALA B 336 47.00 31.30 -74.71
N SER B 337 48.16 31.39 -75.35
CA SER B 337 49.14 30.33 -75.31
C SER B 337 50.55 30.90 -75.28
N ILE B 338 51.53 30.03 -75.12
CA ILE B 338 52.91 30.46 -75.02
C ILE B 338 53.87 29.30 -75.26
N THR B 339 54.87 29.53 -76.10
CA THR B 339 55.91 28.55 -76.37
C THR B 339 57.24 29.10 -75.90
N ARG B 340 57.86 28.42 -74.95
CA ARG B 340 59.12 28.89 -74.36
C ARG B 340 60.39 28.72 -75.22
N LYS B 341 61.46 29.42 -74.87
CA LYS B 341 62.71 29.11 -75.53
C LYS B 341 63.19 27.78 -74.95
N PRO B 342 64.04 27.04 -75.69
CA PRO B 342 64.42 25.69 -75.29
C PRO B 342 65.49 25.65 -74.23
N LYS B 343 65.28 24.81 -73.21
CA LYS B 343 66.28 24.57 -72.17
C LYS B 343 66.93 23.21 -72.43
N ALA B 344 67.67 22.71 -71.44
CA ALA B 344 68.48 21.51 -71.64
C ALA B 344 68.64 20.64 -70.41
N TYR B 345 68.61 19.34 -70.64
CA TYR B 345 68.59 18.35 -69.57
C TYR B 345 69.39 17.12 -70.01
N GLN B 346 70.23 16.63 -69.11
CA GLN B 346 71.00 15.43 -69.42
C GLN B 346 71.21 15.18 -70.92
N GLY B 347 72.19 15.91 -71.50
CA GLY B 347 72.61 15.82 -72.90
C GLY B 347 71.51 16.02 -73.95
N HIS B 348 70.25 16.20 -73.50
CA HIS B 348 69.12 16.41 -74.40
C HIS B 348 68.43 17.76 -74.21
N PRO B 349 67.72 18.22 -75.23
CA PRO B 349 66.97 19.45 -75.16
C PRO B 349 65.49 19.22 -74.82
N PHE B 350 64.80 20.27 -74.39
CA PHE B 350 63.39 20.17 -74.13
C PHE B 350 62.74 21.55 -74.16
N ILE B 351 61.49 21.61 -74.60
CA ILE B 351 60.68 22.84 -74.49
C ILE B 351 59.32 22.60 -73.85
N VAL B 352 58.84 23.61 -73.16
CA VAL B 352 57.56 23.56 -72.54
C VAL B 352 56.65 24.56 -73.23
N GLU B 353 55.48 24.09 -73.66
CA GLU B 353 54.42 24.96 -74.18
C GLU B 353 53.31 25.00 -73.15
N ALA B 354 52.50 26.04 -73.17
CA ALA B 354 51.43 26.21 -72.19
C ALA B 354 50.30 27.05 -72.73
N GLY B 355 49.08 26.78 -72.28
CA GLY B 355 47.93 27.58 -72.68
C GLY B 355 46.78 27.51 -71.71
N VAL B 356 45.85 28.47 -71.81
CA VAL B 356 44.65 28.48 -70.97
C VAL B 356 43.47 29.05 -71.72
N ALA B 357 42.30 28.50 -71.49
CA ALA B 357 41.08 29.08 -72.04
C ALA B 357 40.09 29.35 -70.92
N PHE B 358 39.28 30.40 -71.10
CA PHE B 358 38.40 30.86 -70.04
C PHE B 358 37.00 31.34 -70.45
N GLY B 359 36.01 30.94 -69.65
CA GLY B 359 34.65 31.44 -69.78
C GLY B 359 33.83 30.83 -70.89
N GLY B 360 32.88 31.61 -71.40
CA GLY B 360 32.07 31.19 -72.54
C GLY B 360 31.30 29.90 -72.32
N SER B 361 31.72 28.86 -73.03
CA SER B 361 30.96 27.63 -73.06
C SER B 361 31.44 26.63 -72.02
N ILE B 362 32.70 26.77 -71.62
CA ILE B 362 33.33 25.92 -70.60
C ILE B 362 32.45 25.75 -69.35
N PRO B 363 32.27 24.49 -68.90
CA PRO B 363 31.38 24.11 -67.81
C PRO B 363 31.81 24.70 -66.47
N VAL B 364 30.86 25.28 -65.75
CA VAL B 364 31.13 25.87 -64.43
C VAL B 364 31.27 24.78 -63.37
N GLY B 365 32.45 24.74 -62.75
CA GLY B 365 32.78 23.73 -61.76
C GLY B 365 33.75 24.32 -60.75
N GLU B 366 34.02 23.57 -59.69
CA GLU B 366 34.85 24.05 -58.58
C GLU B 366 36.38 24.01 -58.84
N GLU B 367 36.78 23.35 -59.92
CA GLU B 367 38.18 23.18 -60.17
C GLU B 367 38.53 23.16 -61.67
N PRO B 368 39.79 23.48 -62.01
CA PRO B 368 40.11 23.63 -63.41
C PRO B 368 40.34 22.27 -64.09
N ILE B 369 40.24 22.23 -65.42
CA ILE B 369 40.50 21.03 -66.20
C ILE B 369 41.92 21.09 -66.74
N VAL B 370 42.63 19.98 -66.64
CA VAL B 370 44.03 19.95 -66.98
C VAL B 370 44.28 18.94 -68.08
N LEU B 371 44.57 19.41 -69.28
CA LEU B 371 45.05 18.53 -70.34
C LEU B 371 46.61 18.44 -70.44
N ARG B 372 47.12 17.21 -70.35
CA ARG B 372 48.55 16.95 -70.39
C ARG B 372 49.03 16.46 -71.75
N TYR B 373 50.19 16.94 -72.13
CA TYR B 373 50.73 16.61 -73.43
C TYR B 373 52.24 16.38 -73.42
N ALA B 374 52.64 15.16 -73.80
CA ALA B 374 54.03 14.80 -73.95
C ALA B 374 54.29 14.33 -75.37
N ASN B 375 55.14 15.08 -76.07
CA ASN B 375 55.55 14.77 -77.45
C ASN B 375 54.42 14.67 -78.45
N LYS B 376 53.46 15.60 -78.38
CA LYS B 376 52.33 15.68 -79.31
C LYS B 376 51.32 14.56 -79.12
N ILE B 377 51.32 13.94 -77.94
CA ILE B 377 50.32 12.93 -77.63
C ILE B 377 49.70 13.13 -76.25
N PRO B 378 48.39 12.92 -76.14
CA PRO B 378 47.70 13.12 -74.89
C PRO B 378 48.08 12.02 -73.93
N LEU B 379 48.08 12.35 -72.65
CA LEU B 379 48.28 11.39 -71.58
C LEU B 379 46.98 11.43 -70.83
N ILE B 380 46.40 10.25 -70.59
CA ILE B 380 45.08 10.13 -69.97
C ILE B 380 45.14 9.56 -68.56
N TYR B 381 45.82 8.41 -68.42
CA TYR B 381 45.91 7.68 -67.16
C TYR B 381 46.96 8.21 -66.17
N ASP B 382 46.56 8.38 -64.92
CA ASP B 382 47.48 8.73 -63.83
C ASP B 382 47.66 10.22 -63.63
N GLU B 383 46.75 11.01 -64.21
CA GLU B 383 46.81 12.47 -64.11
C GLU B 383 47.05 12.93 -62.68
N LYS B 384 46.89 12.02 -61.72
CA LYS B 384 46.97 12.37 -60.31
C LYS B 384 48.41 12.35 -59.81
N SER B 385 49.27 11.60 -60.48
CA SER B 385 50.65 11.44 -60.04
C SER B 385 51.61 12.15 -60.98
N ASP B 386 51.14 13.26 -61.55
CA ASP B 386 51.87 13.96 -62.57
C ASP B 386 52.57 15.18 -62.00
N VAL B 387 53.78 15.44 -62.51
CA VAL B 387 54.54 16.62 -62.12
C VAL B 387 53.75 17.87 -62.48
N ILE B 388 52.89 17.74 -63.49
CA ILE B 388 52.00 18.83 -63.91
C ILE B 388 50.79 19.00 -63.00
N TRP B 389 50.08 17.91 -62.73
CA TRP B 389 48.90 17.98 -61.88
C TRP B 389 49.24 18.61 -60.55
N LYS B 390 50.52 18.54 -60.20
CA LYS B 390 51.02 19.22 -59.01
C LYS B 390 50.98 20.74 -59.22
N VAL B 391 51.89 21.26 -60.03
CA VAL B 391 52.00 22.68 -60.28
C VAL B 391 50.65 23.39 -60.41
N VAL B 392 49.79 22.86 -61.26
CA VAL B 392 48.52 23.53 -61.54
C VAL B 392 47.44 23.34 -60.45
N GLU B 393 47.71 22.51 -59.45
CA GLU B 393 46.86 22.51 -58.29
C GLU B 393 47.57 23.28 -57.18
N GLU B 394 48.87 23.22 -57.20
CA GLU B 394 49.66 23.97 -56.25
C GLU B 394 49.47 25.49 -56.43
N LEU B 395 49.37 25.94 -57.68
CA LEU B 395 49.30 27.36 -58.02
C LEU B 395 48.16 28.13 -57.34
N ASP B 396 48.46 29.34 -56.88
CA ASP B 396 47.50 30.20 -56.17
C ASP B 396 46.64 31.06 -57.11
N TRP B 397 45.44 30.60 -57.45
CA TRP B 397 44.67 31.22 -58.54
C TRP B 397 44.03 32.56 -58.24
N LYS B 398 44.27 33.06 -57.04
CA LYS B 398 43.73 34.37 -56.62
C LYS B 398 44.71 35.50 -56.95
N ARG B 399 46.01 35.23 -56.75
CA ARG B 399 47.03 36.17 -57.13
C ARG B 399 46.93 36.43 -58.64
N TYR B 400 46.05 35.67 -59.28
CA TYR B 400 45.67 35.93 -60.68
C TYR B 400 44.11 36.02 -60.79
N GLY B 401 43.59 37.21 -60.52
CA GLY B 401 42.20 37.54 -60.78
C GLY B 401 41.17 36.72 -60.02
N ILE B 402 41.06 35.45 -60.38
CA ILE B 402 39.96 34.61 -59.89
C ILE B 402 39.41 35.03 -58.53
N GLU B 403 38.19 35.53 -58.53
CA GLU B 403 37.53 35.88 -57.29
C GLU B 403 36.66 34.73 -56.79
N SER B 404 35.99 34.05 -57.71
CA SER B 404 34.91 33.14 -57.31
C SER B 404 35.37 31.77 -56.83
N ASP B 405 34.44 31.10 -56.16
CA ASP B 405 34.61 29.74 -55.64
C ASP B 405 34.61 28.78 -56.82
N GLN B 406 33.53 28.81 -57.59
CA GLN B 406 33.42 27.99 -58.81
C GLN B 406 33.69 28.83 -60.06
N TYR B 407 34.36 28.24 -61.06
CA TYR B 407 34.76 28.96 -62.25
C TYR B 407 35.06 28.00 -63.39
N GLN B 408 35.07 28.52 -64.63
CA GLN B 408 35.41 27.71 -65.83
C GLN B 408 36.78 28.03 -66.43
N MET B 409 37.79 27.29 -66.01
CA MET B 409 39.14 27.43 -66.56
C MET B 409 39.66 26.09 -67.14
N VAL B 410 40.43 26.16 -68.22
CA VAL B 410 41.08 24.98 -68.78
C VAL B 410 42.58 25.27 -68.97
N VAL B 411 43.43 24.27 -68.80
CA VAL B 411 44.86 24.48 -68.82
C VAL B 411 45.64 23.43 -69.65
N MET B 412 46.43 23.88 -70.60
CA MET B 412 47.15 22.94 -71.46
C MET B 412 48.67 23.11 -71.26
N VAL B 413 49.33 22.01 -70.90
CA VAL B 413 50.76 21.98 -70.67
C VAL B 413 51.39 20.89 -71.50
N HIS B 414 52.18 21.30 -72.49
CA HIS B 414 52.96 20.36 -73.33
C HIS B 414 54.45 20.29 -72.95
N LEU B 415 54.99 19.06 -72.97
CA LEU B 415 56.39 18.81 -72.65
C LEU B 415 56.96 17.91 -73.72
N CYS B 416 58.07 18.29 -74.33
CA CYS B 416 58.67 17.47 -75.36
C CYS B 416 60.17 17.54 -75.36
N SER B 417 60.77 16.39 -75.68
CA SER B 417 62.22 16.16 -75.70
C SER B 417 62.46 14.78 -76.30
N THR B 418 63.74 14.44 -76.46
CA THR B 418 64.12 13.12 -76.93
C THR B 418 64.35 12.23 -75.72
N LYS B 419 64.26 12.83 -74.53
CA LYS B 419 64.51 12.12 -73.29
C LYS B 419 63.49 12.48 -72.19
N ILE B 420 62.23 12.08 -72.38
CA ILE B 420 61.19 12.38 -71.42
C ILE B 420 61.32 11.50 -70.19
N PRO B 421 61.60 12.11 -69.01
CA PRO B 421 61.65 11.37 -67.74
C PRO B 421 60.27 10.95 -67.21
N TYR B 422 60.00 9.64 -67.27
CA TYR B 422 58.75 9.05 -66.76
C TYR B 422 58.93 8.49 -65.36
N LYS B 423 57.93 8.72 -64.49
CA LYS B 423 58.07 8.51 -63.05
C LYS B 423 58.24 7.05 -62.62
N SER B 424 57.37 6.18 -63.11
CA SER B 424 57.40 4.79 -62.69
C SER B 424 57.51 3.84 -63.90
N ALA B 425 57.39 2.55 -63.64
CA ALA B 425 57.44 1.54 -64.69
C ALA B 425 56.25 1.72 -65.63
N GLY B 426 56.49 2.46 -66.71
CA GLY B 426 55.47 2.74 -67.74
C GLY B 426 54.06 2.92 -67.20
N LYS B 427 53.82 4.06 -66.55
CA LYS B 427 52.52 4.34 -65.93
C LYS B 427 51.93 5.70 -66.34
N GLU B 428 52.30 6.16 -67.53
CA GLU B 428 51.63 7.28 -68.23
C GLU B 428 51.62 8.65 -67.50
N SER B 429 52.70 8.94 -66.79
CA SER B 429 52.85 10.26 -66.15
C SER B 429 54.31 10.64 -65.93
N ILE B 430 54.54 11.94 -65.82
CA ILE B 430 55.86 12.53 -65.85
C ILE B 430 56.58 12.61 -64.50
N ALA B 431 57.90 12.56 -64.56
CA ALA B 431 58.76 12.51 -63.37
C ALA B 431 59.17 13.88 -62.86
N GLU B 432 59.40 13.98 -61.54
CA GLU B 432 59.63 15.27 -60.88
C GLU B 432 61.05 15.81 -60.99
N VAL B 433 61.61 15.74 -62.19
CA VAL B 433 62.90 16.33 -62.50
C VAL B 433 62.86 17.84 -62.23
N GLU B 434 63.66 18.30 -61.26
CA GLU B 434 63.57 19.69 -60.81
C GLU B 434 63.74 20.70 -61.96
N ASN B 435 64.94 20.77 -62.53
CA ASN B 435 65.17 21.70 -63.63
C ASN B 435 64.05 21.75 -64.67
N ILE B 436 63.30 20.67 -64.82
CA ILE B 436 62.14 20.68 -65.69
C ILE B 436 61.02 21.41 -64.99
N GLU B 437 60.64 20.93 -63.81
CA GLU B 437 59.53 21.50 -63.04
C GLU B 437 59.49 23.03 -62.97
N LYS B 438 60.66 23.67 -62.98
CA LYS B 438 60.74 25.13 -62.95
C LYS B 438 60.37 25.80 -64.28
N GLU B 439 60.74 25.20 -65.40
CA GLU B 439 60.36 25.77 -66.67
C GLU B 439 58.92 25.46 -66.96
N ILE B 440 58.36 24.47 -66.28
CA ILE B 440 56.92 24.17 -66.35
C ILE B 440 56.16 25.20 -65.58
N LYS B 441 56.69 25.61 -64.43
CA LYS B 441 56.05 26.63 -63.63
C LYS B 441 55.98 27.93 -64.44
N ASN B 442 56.98 28.78 -64.29
CA ASN B 442 57.06 30.00 -65.08
C ASN B 442 56.13 30.02 -66.30
N ALA B 443 56.16 28.96 -67.10
CA ALA B 443 55.37 28.88 -68.32
C ALA B 443 53.91 29.14 -68.06
N LEU B 444 53.40 28.56 -66.98
CA LEU B 444 52.03 28.78 -66.53
C LEU B 444 51.80 30.19 -66.04
N MET B 445 52.75 30.70 -65.26
CA MET B 445 52.75 32.10 -64.85
C MET B 445 52.69 33.06 -66.06
N GLU B 446 53.53 32.85 -67.09
CA GLU B 446 53.51 33.67 -68.30
C GLU B 446 52.21 33.66 -69.09
N VAL B 447 51.30 32.71 -68.81
CA VAL B 447 49.91 32.76 -69.31
C VAL B 447 49.04 33.35 -68.24
N ALA B 448 49.14 32.80 -67.04
CA ALA B 448 48.27 33.17 -65.94
C ALA B 448 48.16 34.67 -65.74
N ARG B 449 49.27 35.36 -66.00
CA ARG B 449 49.31 36.82 -65.88
C ARG B 449 48.84 37.49 -67.17
N LYS B 450 48.46 36.69 -68.17
CA LYS B 450 47.69 37.22 -69.31
C LYS B 450 46.22 37.16 -68.93
N LEU B 451 45.89 36.27 -68.03
CA LEU B 451 44.53 36.18 -67.63
C LEU B 451 44.13 37.39 -66.79
N LYS B 452 44.99 37.77 -65.83
CA LYS B 452 44.73 38.93 -64.98
C LYS B 452 44.53 40.21 -65.79
N GLN B 453 45.26 40.31 -66.91
CA GLN B 453 45.17 41.47 -67.78
C GLN B 453 43.77 41.64 -68.37
N TYR B 454 43.29 40.64 -69.07
CA TYR B 454 41.97 40.69 -69.69
C TYR B 454 40.91 40.95 -68.64
N LEU B 455 41.06 40.35 -67.46
CA LEU B 455 40.08 40.56 -66.40
C LEU B 455 40.39 41.80 -65.58
N SER B 456 41.31 42.61 -66.06
CA SER B 456 41.52 43.94 -65.50
C SER B 456 40.93 44.98 -66.43
N GLU B 457 40.77 44.61 -67.70
CA GLU B 457 40.14 45.47 -68.68
C GLU B 457 38.67 45.17 -68.80
N LYS B 458 38.18 44.26 -67.97
CA LYS B 458 36.76 43.97 -67.93
C LYS B 458 36.10 44.87 -66.90
N ARG B 459 36.77 45.07 -65.77
CA ARG B 459 36.29 46.01 -64.78
C ARG B 459 36.40 47.43 -65.34
N LYS B 460 37.42 47.66 -66.17
CA LYS B 460 37.61 48.97 -66.78
C LYS B 460 36.45 49.28 -67.73
N GLU B 461 36.20 48.38 -68.66
CA GLU B 461 35.18 48.55 -69.69
C GLU B 461 33.79 48.69 -69.08
N GLN B 462 33.60 48.10 -67.90
CA GLN B 462 32.32 48.17 -67.21
C GLN B 462 32.26 49.39 -66.34
N GLU B 463 33.42 49.98 -66.06
CA GLU B 463 33.48 51.14 -65.21
C GLU B 463 33.08 52.41 -65.96
N ALA B 464 33.45 52.47 -67.25
CA ALA B 464 33.06 53.60 -68.08
C ALA B 464 31.54 53.65 -68.21
N LYS B 465 30.97 52.64 -68.86
CA LYS B 465 29.52 52.57 -69.03
C LYS B 465 28.78 52.72 -67.71
N LYS B 466 29.51 52.70 -66.60
CA LYS B 466 28.90 52.88 -65.29
C LYS B 466 28.80 54.36 -64.97
N LYS B 467 29.89 55.09 -65.19
CA LYS B 467 29.92 56.54 -64.98
C LYS B 467 29.21 57.23 -66.13
N LEU B 468 29.89 57.25 -67.27
CA LEU B 468 29.40 57.90 -68.47
C LEU B 468 27.92 57.69 -68.68
N LEU B 469 27.37 56.67 -68.06
CA LEU B 469 25.93 56.48 -68.11
C LEU B 469 25.26 57.38 -67.09
N ALA B 470 25.72 57.31 -65.86
CA ALA B 470 25.12 58.10 -64.80
C ALA B 470 25.19 59.60 -65.08
N TYR B 471 26.31 60.05 -65.63
CA TYR B 471 26.51 61.49 -65.85
C TYR B 471 25.52 62.06 -66.84
N LEU B 472 25.26 61.33 -67.92
CA LEU B 472 24.31 61.79 -68.92
C LEU B 472 22.96 62.14 -68.29
N LYS B 473 22.77 61.68 -67.06
CA LYS B 473 21.54 61.96 -66.39
C LYS B 473 21.71 63.17 -65.50
N TYR B 474 22.94 63.44 -65.10
CA TYR B 474 23.19 64.42 -64.05
C TYR B 474 23.70 65.76 -64.53
N ILE B 475 24.11 65.84 -65.79
CA ILE B 475 24.67 67.09 -66.29
C ILE B 475 23.63 68.02 -66.91
N PRO B 476 22.44 67.49 -67.24
CA PRO B 476 21.38 68.42 -67.60
C PRO B 476 20.79 69.09 -66.36
N GLU B 477 20.68 68.35 -65.27
CA GLU B 477 20.04 68.92 -64.11
C GLU B 477 20.85 70.04 -63.48
N VAL B 478 22.10 69.77 -63.12
CA VAL B 478 22.92 70.82 -62.55
C VAL B 478 23.10 71.89 -63.59
N SER B 479 22.89 71.52 -64.85
CA SER B 479 23.00 72.53 -65.89
C SER B 479 21.90 73.55 -65.74
N ARG B 480 20.65 73.11 -65.88
CA ARG B 480 19.52 74.01 -65.66
C ARG B 480 19.64 74.76 -64.35
N SER B 481 19.72 74.01 -63.25
CA SER B 481 19.80 74.62 -61.95
C SER B 481 20.79 75.77 -61.93
N LEU B 482 22.05 75.49 -62.26
CA LEU B 482 23.08 76.52 -62.25
C LEU B 482 22.80 77.69 -63.20
N ALA B 483 21.90 77.51 -64.16
CA ALA B 483 21.58 78.59 -65.09
C ALA B 483 20.53 79.54 -64.53
N THR B 484 19.56 78.98 -63.82
CA THR B 484 18.56 79.81 -63.15
C THR B 484 19.23 80.83 -62.24
N PHE B 485 20.32 80.41 -61.61
CA PHE B 485 21.05 81.31 -60.73
C PHE B 485 21.60 82.52 -61.47
N LEU B 486 21.98 82.34 -62.74
CA LEU B 486 22.54 83.46 -63.50
C LEU B 486 21.52 84.55 -63.72
N ALA B 487 20.86 84.51 -64.87
CA ALA B 487 19.80 85.46 -65.13
C ALA B 487 18.55 85.05 -64.37
N SER B 488 18.03 85.97 -63.57
CA SER B 488 16.83 85.73 -62.79
C SER B 488 15.60 85.76 -63.69
N GLY B 489 15.66 86.63 -64.70
CA GLY B 489 14.60 86.85 -65.67
C GLY B 489 14.40 85.67 -66.59
N ASN B 490 13.14 85.38 -66.88
CA ASN B 490 12.74 84.17 -67.61
C ASN B 490 13.07 84.17 -69.12
N LYS B 491 14.22 84.71 -69.49
CA LYS B 491 14.61 84.71 -70.89
C LYS B 491 15.88 83.91 -71.16
N GLU B 492 16.87 84.03 -70.27
CA GLU B 492 18.14 83.32 -70.42
C GLU B 492 18.02 81.86 -70.03
N LEU B 493 16.97 81.53 -69.27
CA LEU B 493 16.71 80.16 -68.85
C LEU B 493 17.23 79.19 -69.92
N VAL B 494 16.73 79.32 -71.15
CA VAL B 494 17.06 78.38 -72.21
C VAL B 494 18.34 78.70 -72.99
N SER B 495 18.91 79.87 -72.72
CA SER B 495 20.13 80.27 -73.41
C SER B 495 21.36 79.90 -72.59
N LYS B 496 21.33 80.22 -71.31
CA LYS B 496 22.42 79.91 -70.41
C LYS B 496 22.52 78.40 -70.25
N TYR B 497 21.36 77.77 -70.11
CA TYR B 497 21.21 76.33 -70.17
C TYR B 497 22.31 75.69 -71.01
N GLN B 498 22.08 75.64 -72.31
CA GLN B 498 22.92 74.88 -73.23
C GLN B 498 24.37 75.33 -73.31
N ASN B 499 24.62 76.62 -73.19
CA ASN B 499 25.99 77.10 -73.31
C ASN B 499 26.86 76.71 -72.12
N GLU B 500 26.33 75.86 -71.25
CA GLU B 500 27.14 75.26 -70.20
C GLU B 500 26.80 73.78 -70.01
N ILE B 501 25.72 73.32 -70.64
CA ILE B 501 25.48 71.89 -70.72
C ILE B 501 26.68 71.29 -71.43
N SER B 502 26.88 71.68 -72.69
CA SER B 502 28.00 71.18 -73.46
C SER B 502 29.30 71.64 -72.84
N GLU B 503 29.28 72.81 -72.20
CA GLU B 503 30.43 73.28 -71.46
C GLU B 503 30.79 72.26 -70.39
N GLY B 504 29.79 71.91 -69.57
CA GLY B 504 29.95 70.84 -68.60
C GLY B 504 30.44 69.58 -69.30
N LEU B 505 29.62 69.02 -70.18
CA LEU B 505 29.92 67.75 -70.85
C LEU B 505 31.41 67.58 -71.15
N PHE B 506 32.04 68.60 -71.72
CA PHE B 506 33.44 68.47 -72.13
C PHE B 506 34.40 68.37 -70.93
N LYS B 507 34.12 69.13 -69.89
CA LYS B 507 34.91 69.09 -68.67
C LYS B 507 34.95 67.65 -68.14
N LEU B 508 34.17 66.76 -68.75
CA LEU B 508 34.14 65.38 -68.32
C LEU B 508 35.18 64.54 -69.05
N ILE B 509 35.43 64.88 -70.30
CA ILE B 509 36.51 64.21 -71.01
C ILE B 509 37.84 64.60 -70.37
N SER B 510 37.79 64.95 -69.09
CA SER B 510 38.99 65.02 -68.28
C SER B 510 39.50 63.62 -68.07
N LYS B 511 38.62 62.73 -67.61
CA LYS B 511 39.00 61.34 -67.38
C LYS B 511 38.96 60.44 -68.64
N LYS B 512 37.78 60.26 -69.23
CA LYS B 512 37.60 59.36 -70.37
C LYS B 512 36.92 59.99 -71.59
N LEU B 513 37.44 59.66 -72.78
CA LEU B 513 36.99 60.23 -74.05
C LEU B 513 35.99 59.35 -74.79
N ASP B 514 34.75 59.80 -74.91
CA ASP B 514 33.78 59.14 -75.80
C ASP B 514 32.57 60.00 -76.19
N LEU B 515 32.18 59.86 -77.46
CA LEU B 515 30.98 60.50 -78.01
C LEU B 515 29.89 59.44 -78.20
N ILE B 516 28.82 59.54 -77.40
CA ILE B 516 27.83 58.48 -77.30
C ILE B 516 26.38 58.98 -77.38
N ASN B 517 25.62 58.35 -78.28
CA ASN B 517 24.19 58.64 -78.44
C ASN B 517 23.30 57.42 -78.18
N ILE B 518 22.57 57.47 -77.07
CA ILE B 518 21.80 56.32 -76.56
C ILE B 518 20.29 56.58 -76.49
N GLU B 519 19.57 55.97 -77.42
CA GLU B 519 18.13 56.22 -77.67
C GLU B 519 17.36 54.93 -77.94
N ASP C 10 -11.89 93.27 -11.03
CA ASP C 10 -12.61 94.18 -11.97
C ASP C 10 -13.25 93.35 -13.09
N LYS C 11 -13.01 92.02 -12.99
CA LYS C 11 -13.78 90.92 -13.66
C LYS C 11 -15.31 91.17 -13.96
N GLU C 12 -15.77 90.85 -15.18
CA GLU C 12 -17.21 91.08 -15.47
C GLU C 12 -18.05 89.91 -16.02
N ALA C 13 -18.29 89.91 -17.34
CA ALA C 13 -19.01 88.81 -18.01
C ALA C 13 -18.43 87.46 -17.52
N ARG C 14 -17.33 87.53 -16.77
CA ARG C 14 -16.72 86.37 -16.13
C ARG C 14 -17.37 86.05 -14.77
N ARG C 15 -17.40 87.02 -13.86
CA ARG C 15 -18.20 86.88 -12.65
C ARG C 15 -19.70 86.69 -12.96
N LYS C 16 -20.05 86.70 -14.24
CA LYS C 16 -21.38 86.27 -14.67
C LYS C 16 -21.53 84.80 -14.35
N ALA C 17 -20.71 84.00 -15.02
CA ALA C 17 -20.83 82.56 -15.00
C ALA C 17 -20.52 82.00 -13.62
N ALA C 18 -19.43 82.49 -13.04
CA ALA C 18 -19.04 82.04 -11.72
C ALA C 18 -20.22 82.14 -10.74
N ASN C 19 -21.36 82.64 -11.21
CA ASN C 19 -22.56 82.67 -10.40
C ASN C 19 -23.62 81.73 -10.94
N ILE C 20 -23.97 81.91 -12.22
CA ILE C 20 -24.96 81.04 -12.85
C ILE C 20 -24.48 79.60 -12.75
N LEU C 21 -23.21 79.45 -12.38
CA LEU C 21 -22.66 78.14 -12.17
C LEU C 21 -23.18 77.54 -10.88
N ARG C 22 -22.67 78.03 -9.76
CA ARG C 22 -23.13 77.61 -8.47
C ARG C 22 -24.65 77.43 -8.48
N ASP C 23 -25.39 78.49 -8.17
CA ASP C 23 -26.83 78.42 -7.91
C ASP C 23 -27.61 77.43 -8.79
N LYS C 24 -27.32 77.41 -10.09
CA LYS C 24 -28.01 76.49 -11.01
C LYS C 24 -27.25 75.17 -11.10
N PHE C 25 -26.84 74.70 -9.92
CA PHE C 25 -26.00 73.54 -9.77
C PHE C 25 -26.21 72.98 -8.39
N LEU C 26 -25.68 73.71 -7.40
CA LEU C 26 -25.91 73.41 -5.98
C LEU C 26 -27.28 72.81 -5.83
N ASN C 27 -28.27 73.47 -6.40
CA ASN C 27 -29.65 73.01 -6.33
C ASN C 27 -29.84 71.63 -6.98
N LEU C 28 -29.34 71.44 -8.19
CA LEU C 28 -29.56 70.19 -8.92
C LEU C 28 -28.92 68.97 -8.25
N VAL C 29 -27.64 69.09 -7.86
CA VAL C 29 -27.00 67.97 -7.16
C VAL C 29 -27.61 67.76 -5.77
N GLU C 30 -28.03 68.83 -5.11
CA GLU C 30 -28.73 68.62 -3.83
C GLU C 30 -29.99 67.84 -4.06
N GLN C 31 -30.19 66.86 -3.19
CA GLN C 31 -31.38 66.03 -3.25
C GLN C 31 -31.80 65.74 -1.82
N LEU C 32 -30.80 65.60 -0.95
CA LEU C 32 -31.02 65.25 0.45
C LEU C 32 -32.39 64.64 0.59
N LYS C 33 -33.39 65.51 0.43
CA LYS C 33 -34.79 65.16 0.68
C LYS C 33 -34.90 63.82 1.41
N LYS C 34 -34.84 63.94 2.73
CA LYS C 34 -34.89 62.79 3.59
C LYS C 34 -36.33 62.47 3.92
N GLY C 35 -37.08 62.17 2.87
CA GLY C 35 -38.36 61.50 3.00
C GLY C 35 -38.13 60.07 2.54
N GLU C 36 -37.75 59.92 1.28
CA GLU C 36 -37.51 58.61 0.66
C GLU C 36 -36.25 58.62 -0.23
N PRO C 37 -35.67 57.42 -0.47
CA PRO C 37 -34.30 57.24 -0.94
C PRO C 37 -34.11 57.60 -2.39
N LEU C 38 -33.26 58.59 -2.64
CA LEU C 38 -33.15 59.14 -3.99
C LEU C 38 -31.91 58.73 -4.78
N VAL C 39 -31.90 59.20 -6.02
CA VAL C 39 -31.04 58.70 -7.06
C VAL C 39 -30.91 59.81 -8.08
N MET C 40 -29.93 59.69 -8.97
CA MET C 40 -29.76 60.67 -10.03
C MET C 40 -30.33 60.11 -11.33
N GLU C 41 -30.67 61.00 -12.27
CA GLU C 41 -31.23 60.57 -13.55
C GLU C 41 -30.32 61.00 -14.69
N ILE C 42 -29.83 60.03 -15.46
CA ILE C 42 -28.83 60.32 -16.51
C ILE C 42 -29.37 60.10 -17.93
N PRO C 43 -29.92 61.15 -18.56
CA PRO C 43 -30.45 61.03 -19.92
C PRO C 43 -29.36 61.30 -20.96
N MET C 44 -29.27 60.46 -21.99
CA MET C 44 -28.17 60.52 -22.95
C MET C 44 -28.58 61.07 -24.31
N LEU C 66 -31.51 56.79 -17.77
CA LEU C 66 -30.80 55.74 -17.02
C LEU C 66 -30.38 56.19 -15.61
N ARG C 67 -31.22 55.87 -14.64
CA ARG C 67 -31.02 56.27 -13.25
C ARG C 67 -29.89 55.50 -12.57
N ARG C 68 -29.28 56.12 -11.56
CA ARG C 68 -28.21 55.49 -10.77
C ARG C 68 -28.57 55.38 -9.28
N ASN C 69 -29.14 54.25 -8.86
CA ASN C 69 -29.56 54.07 -7.45
C ASN C 69 -28.39 53.88 -6.51
N PHE C 70 -28.23 54.78 -5.54
CA PHE C 70 -27.16 54.62 -4.56
C PHE C 70 -27.34 53.30 -3.81
N LEU C 71 -28.55 52.76 -3.83
CA LEU C 71 -28.84 51.55 -3.07
C LEU C 71 -28.65 50.27 -3.88
N ASP C 72 -27.69 50.29 -4.80
CA ASP C 72 -27.41 49.09 -5.57
C ASP C 72 -26.13 48.43 -5.08
N LEU C 73 -25.45 47.74 -5.98
CA LEU C 73 -24.18 47.12 -5.68
C LEU C 73 -23.22 47.54 -6.75
N ASN C 74 -23.49 47.07 -7.97
CA ASN C 74 -22.71 47.46 -9.13
C ASN C 74 -22.69 48.98 -9.26
N GLU C 75 -23.74 49.60 -8.73
CA GLU C 75 -23.91 51.04 -8.93
C GLU C 75 -23.43 51.87 -7.75
N ALA C 76 -23.34 51.24 -6.58
CA ALA C 76 -22.92 51.94 -5.36
C ALA C 76 -21.70 52.83 -5.55
N LYS C 77 -20.60 52.27 -6.02
CA LYS C 77 -19.36 53.03 -6.16
C LYS C 77 -19.46 54.11 -7.21
N ARG C 78 -20.19 53.82 -8.29
CA ARG C 78 -20.36 54.76 -9.38
C ARG C 78 -20.97 56.07 -8.85
N PHE C 79 -21.59 55.99 -7.68
CA PHE C 79 -22.26 57.15 -7.11
C PHE C 79 -21.26 58.04 -6.41
N MET C 80 -20.72 57.56 -5.29
CA MET C 80 -19.77 58.34 -4.52
C MET C 80 -18.76 59.00 -5.43
N GLN C 81 -18.56 58.42 -6.60
CA GLN C 81 -17.63 59.00 -7.57
C GLN C 81 -18.20 60.24 -8.20
N THR C 82 -19.47 60.20 -8.58
CA THR C 82 -20.08 61.38 -9.18
C THR C 82 -20.21 62.48 -8.12
N VAL C 83 -20.86 62.17 -7.02
CA VAL C 83 -21.06 63.17 -5.98
C VAL C 83 -19.78 63.59 -5.31
N LEU C 84 -18.65 63.14 -5.83
CA LEU C 84 -17.39 63.67 -5.36
C LEU C 84 -16.87 64.62 -6.42
N MET C 85 -16.34 64.06 -7.50
CA MET C 85 -15.78 64.82 -8.58
C MET C 85 -16.67 66.01 -8.88
N ALA C 86 -17.85 66.02 -8.26
CA ALA C 86 -18.82 67.12 -8.43
C ALA C 86 -18.54 68.23 -7.45
N SER C 87 -18.58 67.89 -6.17
CA SER C 87 -18.30 68.86 -5.14
C SER C 87 -16.91 69.45 -5.33
N ILE C 88 -15.95 68.62 -5.68
CA ILE C 88 -14.62 69.12 -5.94
C ILE C 88 -14.73 70.29 -6.87
N ILE C 89 -15.63 70.17 -7.86
CA ILE C 89 -15.88 71.22 -8.84
C ILE C 89 -16.52 72.41 -8.17
N TYR C 90 -17.64 72.15 -7.49
CA TYR C 90 -18.42 73.21 -6.85
C TYR C 90 -17.67 74.03 -5.82
N ASP C 91 -16.69 73.41 -5.16
CA ASP C 91 -15.90 74.11 -4.17
C ASP C 91 -14.84 74.94 -4.84
N ALA C 92 -14.03 74.29 -5.66
CA ALA C 92 -13.02 74.98 -6.42
C ALA C 92 -13.71 76.08 -7.22
N LEU C 93 -15.03 76.00 -7.32
CA LEU C 93 -15.78 76.95 -8.12
C LEU C 93 -16.00 78.28 -7.41
N VAL C 94 -16.46 78.23 -6.17
CA VAL C 94 -16.66 79.47 -5.39
C VAL C 94 -15.34 79.97 -4.84
N SER C 95 -14.31 79.13 -4.91
CA SER C 95 -13.05 79.51 -4.31
C SER C 95 -12.13 80.19 -5.29
N ASP C 96 -12.67 80.63 -6.42
CA ASP C 96 -11.92 81.35 -7.43
C ASP C 96 -10.65 80.65 -7.89
N GLU C 97 -10.81 79.39 -8.29
CA GLU C 97 -9.73 78.60 -8.87
C GLU C 97 -10.03 78.34 -10.33
N TYR C 98 -9.02 77.92 -11.08
CA TYR C 98 -9.26 77.52 -12.46
C TYR C 98 -8.70 76.15 -12.71
N PRO C 99 -9.55 75.14 -12.56
CA PRO C 99 -9.15 73.75 -12.49
C PRO C 99 -8.94 73.12 -13.86
N THR C 100 -7.86 72.39 -14.06
CA THR C 100 -7.76 71.58 -15.27
C THR C 100 -8.12 70.14 -14.95
N ILE C 101 -8.71 69.46 -15.93
CA ILE C 101 -9.24 68.10 -15.75
C ILE C 101 -8.36 67.18 -14.93
N ARG C 102 -7.06 67.16 -15.27
CA ARG C 102 -6.11 66.35 -14.50
C ARG C 102 -5.94 66.88 -13.06
N ASP C 103 -5.68 68.18 -12.92
CA ASP C 103 -5.65 68.77 -11.61
C ASP C 103 -6.75 68.17 -10.77
N LEU C 104 -7.84 67.81 -11.43
CA LEU C 104 -8.98 67.25 -10.72
C LEU C 104 -8.87 65.76 -10.50
N TYR C 105 -8.27 65.06 -11.46
CA TYR C 105 -8.06 63.62 -11.29
C TYR C 105 -7.28 63.40 -10.04
N TYR C 106 -6.24 64.21 -9.84
CA TYR C 106 -5.47 64.20 -8.61
C TYR C 106 -6.25 64.71 -7.40
N ARG C 107 -7.38 64.07 -7.16
CA ARG C 107 -8.03 64.07 -5.87
C ARG C 107 -8.52 62.65 -5.65
N GLY C 108 -7.74 61.68 -6.16
CA GLY C 108 -8.01 60.27 -5.94
C GLY C 108 -7.40 59.91 -4.61
N LYS C 109 -8.22 59.33 -3.74
CA LYS C 109 -7.91 59.22 -2.30
C LYS C 109 -8.04 60.61 -1.66
N HIS C 110 -9.11 60.81 -0.89
CA HIS C 110 -9.46 62.12 -0.31
C HIS C 110 -9.43 62.08 1.21
N SER C 111 -9.43 60.88 1.76
CA SER C 111 -9.49 60.71 3.21
C SER C 111 -8.46 59.68 3.75
N LEU C 112 -8.26 59.73 5.06
CA LEU C 112 -7.55 58.66 5.75
C LEU C 112 -8.46 57.41 5.73
N LEU C 113 -7.84 56.24 5.93
CA LEU C 113 -8.58 54.98 5.89
C LEU C 113 -9.44 54.80 7.15
N LEU C 114 -10.73 54.59 6.92
CA LEU C 114 -11.70 54.36 7.99
C LEU C 114 -11.87 52.85 8.21
N LYS C 115 -11.70 52.09 7.12
CA LYS C 115 -11.86 50.62 7.17
C LYS C 115 -10.60 49.81 6.84
N SER C 116 -10.09 49.14 7.86
CA SER C 116 -8.90 48.30 7.74
C SER C 116 -9.19 46.93 7.10
N ILE C 117 -9.27 46.89 5.77
CA ILE C 117 -9.55 45.66 5.01
C ILE C 117 -8.39 44.66 5.09
N GLU C 118 -7.98 44.30 6.30
CA GLU C 118 -6.82 43.44 6.46
C GLU C 118 -7.16 41.99 6.15
N GLU C 126 -8.87 49.87 -1.08
CA GLU C 126 -9.08 50.30 -2.46
C GLU C 126 -9.03 51.81 -2.63
N ASN C 127 -9.06 52.26 -3.88
CA ASN C 127 -8.98 53.69 -4.22
C ASN C 127 -10.29 54.29 -4.69
N THR C 128 -10.40 55.62 -4.65
CA THR C 128 -11.62 56.28 -5.08
C THR C 128 -11.75 56.10 -6.57
N TRP C 129 -10.80 56.63 -7.33
CA TRP C 129 -10.67 56.29 -8.75
C TRP C 129 -9.22 55.98 -9.13
N ASP C 130 -9.02 55.15 -10.17
CA ASP C 130 -7.72 54.55 -10.42
C ASP C 130 -7.00 55.01 -11.67
N GLU C 131 -7.76 55.47 -12.66
CA GLU C 131 -7.17 55.79 -13.95
C GLU C 131 -7.91 56.98 -14.50
N GLN C 132 -7.19 57.97 -15.00
CA GLN C 132 -7.83 59.21 -15.46
C GLN C 132 -9.11 58.92 -16.25
N LYS C 133 -9.02 57.93 -17.15
CA LYS C 133 -10.16 57.52 -17.98
C LYS C 133 -11.42 57.47 -17.14
N GLU C 134 -11.32 56.81 -15.99
CA GLU C 134 -12.42 56.66 -15.04
C GLU C 134 -12.98 58.02 -14.61
N SER C 135 -12.10 58.87 -14.06
CA SER C 135 -12.50 60.19 -13.59
C SER C 135 -13.27 60.93 -14.65
N ASP C 136 -12.70 60.97 -15.85
CA ASP C 136 -13.32 61.67 -16.99
C ASP C 136 -14.78 61.31 -17.16
N SER C 137 -15.07 60.03 -17.38
CA SER C 137 -16.46 59.64 -17.56
C SER C 137 -17.37 60.24 -16.49
N VAL C 138 -16.94 60.22 -15.23
CA VAL C 138 -17.72 60.79 -14.13
C VAL C 138 -18.04 62.26 -14.40
N ILE C 139 -17.09 62.98 -14.99
CA ILE C 139 -17.35 64.33 -15.50
C ILE C 139 -18.56 64.27 -16.44
N VAL C 140 -18.35 63.70 -17.62
CA VAL C 140 -19.33 63.72 -18.68
C VAL C 140 -20.71 63.44 -18.16
N ASP C 141 -20.80 62.55 -17.18
CA ASP C 141 -22.07 62.21 -16.57
C ASP C 141 -22.68 63.45 -15.92
N ILE C 142 -21.97 64.01 -14.94
CA ILE C 142 -22.40 65.26 -14.33
C ILE C 142 -22.81 66.21 -15.44
N GLU C 143 -21.88 66.45 -16.36
CA GLU C 143 -22.02 67.37 -17.49
C GLU C 143 -23.43 67.32 -18.09
N VAL C 144 -24.02 66.14 -18.08
CA VAL C 144 -25.36 65.94 -18.59
C VAL C 144 -26.39 66.33 -17.54
N PHE C 145 -26.30 65.71 -16.38
CA PHE C 145 -27.23 65.94 -15.29
C PHE C 145 -27.56 67.43 -15.16
N THR C 146 -26.57 68.27 -15.41
CA THR C 146 -26.70 69.70 -15.19
C THR C 146 -27.18 70.44 -16.42
N SER C 147 -26.65 70.09 -17.58
CA SER C 147 -26.94 70.80 -18.82
C SER C 147 -25.79 71.72 -19.21
N LEU C 148 -24.80 71.85 -18.31
CA LEU C 148 -23.65 72.74 -18.47
C LEU C 148 -22.40 71.99 -18.91
N LEU C 149 -21.71 72.53 -19.92
CA LEU C 149 -20.51 71.90 -20.46
C LEU C 149 -19.30 72.33 -19.66
N ARG C 150 -18.37 71.40 -19.43
CA ARG C 150 -17.21 71.72 -18.62
C ARG C 150 -16.92 73.22 -18.70
N GLU C 151 -16.38 73.65 -19.83
CA GLU C 151 -16.06 75.05 -20.07
C GLU C 151 -17.03 76.10 -19.49
N GLU C 152 -18.20 75.69 -19.05
CA GLU C 152 -19.19 76.63 -18.56
C GLU C 152 -19.16 76.60 -17.06
N MET C 153 -18.74 75.47 -16.52
CA MET C 153 -18.48 75.30 -15.09
C MET C 153 -17.10 75.88 -14.75
N LEU C 154 -16.33 76.16 -15.81
CA LEU C 154 -15.04 76.82 -15.70
C LEU C 154 -13.87 75.88 -15.78
N ILE C 155 -14.09 74.59 -15.61
CA ILE C 155 -12.99 73.66 -15.76
C ILE C 155 -12.29 74.01 -17.05
N LEU C 156 -11.19 74.73 -16.98
CA LEU C 156 -10.58 75.10 -18.22
C LEU C 156 -9.59 74.05 -18.59
N SER C 157 -9.69 73.60 -19.84
CA SER C 157 -8.87 72.50 -20.36
C SER C 157 -7.65 73.01 -21.14
N LYS C 158 -7.46 72.51 -22.35
CA LYS C 158 -6.14 72.55 -22.93
C LYS C 158 -6.04 72.84 -24.40
N GLU C 159 -6.45 74.30 -24.67
CA GLU C 159 -7.05 74.79 -25.96
C GLU C 159 -6.13 75.41 -27.04
N LYS C 160 -5.69 74.65 -28.03
CA LYS C 160 -4.75 75.23 -29.08
C LYS C 160 -5.32 75.38 -30.50
N GLY C 161 -5.38 75.89 -31.69
CA GLY C 161 -6.18 76.49 -32.77
C GLY C 161 -6.18 78.02 -32.95
N LYS C 162 -5.47 78.53 -33.96
CA LYS C 162 -5.31 79.96 -34.20
C LYS C 162 -6.58 80.55 -34.79
N VAL C 163 -6.59 81.86 -35.08
CA VAL C 163 -7.64 82.51 -35.89
C VAL C 163 -7.20 83.91 -36.27
N VAL C 164 -7.82 84.47 -37.30
CA VAL C 164 -7.36 85.70 -37.95
C VAL C 164 -8.46 86.14 -38.89
N GLY C 165 -8.67 87.46 -39.02
CA GLY C 165 -9.67 87.96 -39.96
C GLY C 165 -10.24 89.34 -39.66
N ASN C 166 -11.18 89.79 -40.50
CA ASN C 166 -11.88 91.06 -40.24
C ASN C 166 -12.90 90.91 -39.11
N LEU C 167 -12.42 90.69 -37.88
CA LEU C 167 -13.36 90.46 -36.77
C LEU C 167 -12.93 91.11 -35.46
N ARG C 168 -13.89 91.68 -34.75
CA ARG C 168 -13.62 92.36 -33.47
C ARG C 168 -14.43 91.86 -32.29
N ILE C 169 -13.72 91.45 -31.25
CA ILE C 169 -14.31 90.84 -30.08
C ILE C 169 -13.85 91.57 -28.85
N ARG C 170 -14.67 91.54 -27.80
CA ARG C 170 -14.13 91.83 -26.49
C ARG C 170 -13.93 90.49 -25.83
N SER C 171 -12.75 90.30 -25.24
CA SER C 171 -12.45 89.13 -24.41
C SER C 171 -11.95 89.57 -23.07
N GLY C 172 -12.73 89.25 -22.05
CA GLY C 172 -12.40 89.66 -20.69
C GLY C 172 -12.48 91.16 -20.53
N ASN C 173 -11.33 91.81 -20.51
CA ASN C 173 -11.31 93.24 -20.31
C ASN C 173 -10.79 94.06 -21.47
N ASP C 174 -10.35 93.36 -22.52
CA ASP C 174 -9.80 94.01 -23.70
C ASP C 174 -10.73 93.81 -24.91
N VAL C 175 -10.59 94.69 -25.89
CA VAL C 175 -11.03 94.39 -27.26
C VAL C 175 -9.80 94.29 -28.12
N ILE C 176 -9.59 93.10 -28.68
CA ILE C 176 -8.45 92.93 -29.54
C ILE C 176 -8.91 92.64 -30.97
N ASP C 177 -8.41 93.45 -31.91
CA ASP C 177 -8.83 93.39 -33.33
C ASP C 177 -8.04 92.31 -34.05
N LEU C 178 -8.74 91.49 -34.82
CA LEU C 178 -8.12 90.31 -35.38
C LEU C 178 -7.50 90.58 -36.74
N SER C 179 -7.69 91.77 -37.29
CA SER C 179 -7.01 92.10 -38.55
C SER C 179 -5.54 92.41 -38.22
N LYS C 180 -5.37 93.45 -37.39
CA LYS C 180 -4.08 93.99 -36.91
C LYS C 180 -3.35 93.02 -35.99
N THR C 181 -2.53 92.15 -36.58
CA THR C 181 -2.01 91.00 -35.87
C THR C 181 -0.63 90.63 -36.30
N GLY C 182 0.04 91.52 -37.02
CA GLY C 182 1.35 91.19 -37.60
C GLY C 182 1.27 89.90 -38.41
N HIS C 183 2.25 89.01 -38.23
CA HIS C 183 2.22 87.72 -38.92
C HIS C 183 1.77 86.67 -37.96
N GLY C 184 1.47 87.13 -36.75
CA GLY C 184 1.03 86.24 -35.72
C GLY C 184 -0.42 85.94 -35.93
N ALA C 185 -1.11 85.73 -34.82
CA ALA C 185 -2.51 85.39 -34.86
C ALA C 185 -2.98 85.08 -33.46
N TYR C 186 -4.18 85.53 -33.15
CA TYR C 186 -4.84 85.29 -31.88
C TYR C 186 -5.12 83.82 -31.67
N ALA C 187 -5.01 83.36 -30.44
CA ALA C 187 -5.36 81.99 -30.12
C ALA C 187 -6.40 81.95 -29.00
N ILE C 188 -7.66 81.77 -29.40
CA ILE C 188 -8.79 81.53 -28.50
C ILE C 188 -8.50 81.02 -27.09
N GLU C 189 -9.47 81.21 -26.21
CA GLU C 189 -9.31 80.88 -24.82
C GLU C 189 -10.21 79.71 -24.49
N PRO C 190 -9.69 78.73 -23.73
CA PRO C 190 -10.35 77.44 -23.58
C PRO C 190 -11.70 77.61 -22.98
N THR C 191 -12.03 78.84 -22.68
CA THR C 191 -13.38 79.19 -22.34
C THR C 191 -13.87 80.20 -23.37
N PRO C 192 -14.43 79.70 -24.50
CA PRO C 192 -14.75 80.55 -25.62
C PRO C 192 -16.20 80.91 -25.61
N ASP C 193 -16.82 80.91 -24.45
CA ASP C 193 -18.23 81.14 -24.43
C ASP C 193 -18.53 82.51 -23.83
N LEU C 194 -17.54 83.03 -23.12
CA LEU C 194 -17.59 84.37 -22.57
C LEU C 194 -16.75 85.30 -23.50
N ILE C 195 -17.26 85.51 -24.71
CA ILE C 195 -16.47 86.19 -25.73
C ILE C 195 -17.40 86.87 -26.71
N ASP C 196 -17.45 88.20 -26.62
CA ASP C 196 -18.47 88.99 -27.31
C ASP C 196 -18.03 89.44 -28.70
N PHE C 197 -18.95 89.36 -29.66
CA PHE C 197 -18.69 89.81 -31.02
C PHE C 197 -19.06 91.27 -31.12
N ILE C 198 -18.40 92.04 -31.99
CA ILE C 198 -18.82 93.41 -32.24
C ILE C 198 -19.00 93.70 -33.72
N ASP C 199 -17.92 94.09 -34.40
CA ASP C 199 -18.00 94.34 -35.84
C ASP C 199 -17.45 93.15 -36.54
N VAL C 200 -18.17 92.71 -37.56
CA VAL C 200 -17.74 91.59 -38.37
C VAL C 200 -17.55 92.07 -39.79
N ASP C 201 -16.85 91.27 -40.60
CA ASP C 201 -16.72 91.64 -41.99
C ASP C 201 -16.23 90.50 -42.86
N ALA C 202 -17.16 89.64 -43.25
CA ALA C 202 -16.79 88.57 -44.13
C ALA C 202 -18.00 87.82 -44.54
N GLU C 203 -17.80 86.90 -45.47
CA GLU C 203 -18.88 86.13 -46.04
C GLU C 203 -18.74 84.64 -45.85
N PHE C 204 -17.55 84.15 -45.51
CA PHE C 204 -17.39 82.75 -45.13
C PHE C 204 -16.18 82.54 -44.24
N VAL C 205 -16.25 81.52 -43.37
CA VAL C 205 -15.12 81.14 -42.53
C VAL C 205 -14.42 79.95 -43.16
N LEU C 206 -13.10 79.98 -43.21
CA LEU C 206 -12.37 78.91 -43.86
C LEU C 206 -11.44 78.24 -42.89
N VAL C 207 -11.71 76.96 -42.62
CA VAL C 207 -11.04 76.16 -41.60
C VAL C 207 -9.99 75.28 -42.24
N VAL C 208 -8.71 75.63 -42.11
CA VAL C 208 -7.64 74.80 -42.68
C VAL C 208 -6.90 73.96 -41.64
N GLU C 209 -6.50 72.77 -42.03
CA GLU C 209 -6.05 71.81 -41.06
C GLU C 209 -4.58 71.88 -40.81
N LYS C 210 -3.78 72.19 -41.83
CA LYS C 210 -2.32 72.22 -41.66
C LYS C 210 -1.76 73.60 -41.23
N ASP C 211 -1.19 73.72 -40.03
CA ASP C 211 -0.66 75.02 -39.60
C ASP C 211 0.30 75.59 -40.66
N ALA C 212 1.19 74.77 -41.17
CA ALA C 212 2.09 75.26 -42.18
C ALA C 212 1.36 75.97 -43.34
N VAL C 213 0.30 75.40 -43.90
CA VAL C 213 -0.36 76.05 -45.04
C VAL C 213 -1.05 77.36 -44.63
N PHE C 214 -1.61 77.36 -43.42
CA PHE C 214 -2.24 78.54 -42.81
C PHE C 214 -1.29 79.73 -42.84
N GLN C 215 -0.07 79.53 -42.35
CA GLN C 215 0.95 80.56 -42.43
C GLN C 215 1.12 81.05 -43.88
N GLN C 216 0.75 80.22 -44.85
CA GLN C 216 0.87 80.62 -46.25
C GLN C 216 -0.30 81.46 -46.75
N LEU C 217 -1.49 80.89 -46.65
CA LEU C 217 -2.68 81.64 -46.96
C LEU C 217 -2.64 82.98 -46.27
N HIS C 218 -2.02 83.02 -45.10
CA HIS C 218 -2.04 84.22 -44.31
C HIS C 218 -1.08 85.28 -44.80
N ARG C 219 0.15 84.90 -45.14
CA ARG C 219 1.07 85.97 -45.51
C ARG C 219 1.00 86.38 -46.98
N ALA C 220 -0.12 86.04 -47.62
CA ALA C 220 -0.45 86.59 -48.91
C ALA C 220 -1.56 87.57 -48.65
N GLY C 221 -2.63 87.12 -48.01
CA GLY C 221 -3.64 88.05 -47.60
C GLY C 221 -5.01 87.60 -47.99
N PHE C 222 -5.11 86.32 -48.33
CA PHE C 222 -6.39 85.74 -48.67
C PHE C 222 -7.55 86.43 -47.93
N TRP C 223 -7.60 86.30 -46.60
CA TRP C 223 -8.75 86.69 -45.80
C TRP C 223 -9.15 88.12 -45.99
N LYS C 224 -8.25 88.92 -46.55
CA LYS C 224 -8.56 90.32 -46.85
C LYS C 224 -9.06 90.53 -48.26
N GLN C 225 -8.41 89.88 -49.21
CA GLN C 225 -8.82 89.95 -50.60
C GLN C 225 -10.27 89.54 -50.82
N TYR C 226 -10.57 88.27 -50.49
CA TYR C 226 -11.91 87.73 -50.41
C TYR C 226 -12.37 87.84 -48.95
N LYS C 227 -13.03 88.92 -48.58
CA LYS C 227 -13.29 89.15 -47.15
C LYS C 227 -13.75 87.88 -46.44
N SER C 228 -12.95 87.39 -45.51
CA SER C 228 -13.30 86.15 -44.82
C SER C 228 -12.67 86.09 -43.43
N ILE C 229 -13.05 85.11 -42.62
CA ILE C 229 -12.18 84.76 -41.51
C ILE C 229 -11.51 83.37 -41.67
N LEU C 230 -10.18 83.35 -41.56
CA LEU C 230 -9.38 82.19 -41.82
C LEU C 230 -8.86 81.71 -40.49
N ILE C 231 -9.25 80.50 -40.11
CA ILE C 231 -8.79 79.89 -38.86
C ILE C 231 -8.28 78.50 -39.16
N THR C 232 -7.26 78.08 -38.44
CA THR C 232 -6.82 76.72 -38.54
C THR C 232 -7.05 76.04 -37.22
N SER C 233 -7.36 74.75 -37.26
CA SER C 233 -7.22 73.95 -36.06
C SER C 233 -5.72 73.71 -36.03
N ALA C 234 -5.29 72.57 -35.47
CA ALA C 234 -3.96 72.06 -35.82
C ALA C 234 -4.05 70.57 -35.74
N GLY C 235 -4.57 69.99 -36.82
CA GLY C 235 -4.80 68.55 -36.92
C GLY C 235 -6.16 68.19 -36.36
N GLN C 236 -6.19 67.16 -35.51
CA GLN C 236 -7.40 66.88 -34.76
C GLN C 236 -7.96 68.15 -34.11
N PRO C 237 -9.19 68.50 -34.41
CA PRO C 237 -9.69 69.73 -33.83
C PRO C 237 -9.97 69.62 -32.34
N ASP C 238 -9.46 70.57 -31.58
CA ASP C 238 -9.68 70.64 -30.14
C ASP C 238 -11.17 70.87 -29.73
N ARG C 239 -11.46 70.72 -28.44
CA ARG C 239 -12.82 70.74 -27.87
C ARG C 239 -13.44 72.14 -27.83
N ALA C 240 -12.84 73.12 -28.46
CA ALA C 240 -13.33 74.48 -28.28
C ALA C 240 -12.81 75.42 -29.36
N THR C 241 -11.93 74.91 -30.20
CA THR C 241 -11.66 75.60 -31.43
C THR C 241 -12.91 75.27 -32.18
N ARG C 242 -13.63 74.28 -31.66
CA ARG C 242 -14.91 73.88 -32.19
C ARG C 242 -15.87 74.96 -31.80
N ARG C 243 -16.19 75.02 -30.54
CA ARG C 243 -17.23 75.90 -30.12
C ARG C 243 -17.17 77.23 -30.79
N PHE C 244 -15.98 77.81 -30.88
CA PHE C 244 -15.83 79.05 -31.62
C PHE C 244 -16.53 78.92 -32.99
N VAL C 245 -16.08 77.99 -33.84
CA VAL C 245 -16.66 77.79 -35.17
C VAL C 245 -18.16 77.75 -35.16
N ARG C 246 -18.77 76.78 -34.49
CA ARG C 246 -20.21 76.71 -34.61
C ARG C 246 -20.91 77.90 -34.01
N ARG C 247 -20.16 78.80 -33.40
CA ARG C 247 -20.74 80.03 -32.87
C ARG C 247 -20.71 81.11 -33.94
N LEU C 248 -19.66 81.09 -34.75
CA LEU C 248 -19.58 81.94 -35.91
C LEU C 248 -20.73 81.56 -36.80
N ASN C 249 -20.84 80.27 -37.09
CA ASN C 249 -21.82 79.76 -38.03
C ASN C 249 -23.23 79.96 -37.56
N GLU C 250 -23.43 79.98 -36.25
CA GLU C 250 -24.77 79.98 -35.68
C GLU C 250 -25.26 81.39 -35.34
N GLU C 251 -24.39 82.21 -34.74
CA GLU C 251 -24.78 83.54 -34.30
C GLU C 251 -24.57 84.64 -35.34
N LEU C 252 -23.69 84.41 -36.31
CA LEU C 252 -23.40 85.40 -37.34
C LEU C 252 -23.86 84.98 -38.74
N LYS C 253 -24.45 83.79 -38.85
CA LYS C 253 -24.85 83.23 -40.13
C LYS C 253 -23.70 83.25 -41.11
N LEU C 254 -22.60 82.60 -40.77
CA LEU C 254 -21.48 82.47 -41.71
C LEU C 254 -21.25 81.01 -42.15
N PRO C 255 -21.12 80.79 -43.45
CA PRO C 255 -20.99 79.46 -44.00
C PRO C 255 -19.58 78.98 -43.86
N VAL C 256 -19.41 77.70 -43.53
CA VAL C 256 -18.11 77.15 -43.16
C VAL C 256 -17.54 76.10 -44.13
N TYR C 257 -16.51 76.47 -44.88
CA TYR C 257 -15.81 75.51 -45.74
C TYR C 257 -14.52 75.11 -45.12
N ILE C 258 -14.15 73.85 -45.23
CA ILE C 258 -12.92 73.35 -44.61
C ILE C 258 -12.16 72.47 -45.58
N LEU C 259 -10.84 72.41 -45.50
CA LEU C 259 -10.08 71.56 -46.45
C LEU C 259 -8.92 70.76 -45.87
N THR C 260 -8.77 69.50 -46.26
CA THR C 260 -7.59 68.71 -45.88
C THR C 260 -7.12 67.79 -46.98
N ASP C 261 -6.45 66.71 -46.58
CA ASP C 261 -5.83 65.77 -47.54
C ASP C 261 -6.79 64.78 -48.23
N ALA C 262 -6.35 64.21 -49.34
CA ALA C 262 -7.13 63.20 -50.04
C ALA C 262 -7.64 62.11 -49.11
N ASP C 263 -6.69 61.53 -48.37
CA ASP C 263 -6.90 60.30 -47.56
C ASP C 263 -8.17 60.20 -46.73
N PRO C 264 -8.41 59.01 -46.15
CA PRO C 264 -9.42 58.77 -45.15
C PRO C 264 -9.10 59.55 -43.89
N TYR C 265 -7.84 59.91 -43.71
CA TYR C 265 -7.52 60.77 -42.60
C TYR C 265 -8.34 62.02 -42.70
N GLY C 266 -8.25 62.69 -43.85
CA GLY C 266 -8.91 63.99 -44.08
C GLY C 266 -10.41 63.98 -43.92
N TRP C 267 -11.01 62.86 -44.29
CA TRP C 267 -12.42 62.73 -44.11
C TRP C 267 -12.74 62.74 -42.63
N TYR C 268 -11.81 62.24 -41.81
CA TYR C 268 -12.04 62.17 -40.38
C TYR C 268 -12.10 63.56 -39.78
N ILE C 269 -11.02 64.31 -39.89
CA ILE C 269 -11.00 65.68 -39.41
C ILE C 269 -12.39 66.23 -39.57
N PHE C 270 -12.87 66.19 -40.80
CA PHE C 270 -14.19 66.64 -41.12
C PHE C 270 -15.19 66.05 -40.16
N SER C 271 -15.24 64.73 -40.08
CA SER C 271 -16.20 64.06 -39.22
C SER C 271 -16.33 64.75 -37.88
N VAL C 272 -15.20 64.91 -37.20
CA VAL C 272 -15.16 65.49 -35.87
C VAL C 272 -15.87 66.80 -35.89
N PHE C 273 -15.67 67.56 -36.96
CA PHE C 273 -16.16 68.93 -37.04
C PHE C 273 -17.62 69.03 -37.18
N ARG C 274 -18.27 67.96 -37.62
CA ARG C 274 -19.71 67.94 -37.57
C ARG C 274 -20.26 66.90 -36.59
N ILE C 275 -19.66 66.84 -35.40
CA ILE C 275 -20.21 66.15 -34.21
C ILE C 275 -19.34 66.29 -32.96
N GLY C 276 -18.14 65.70 -32.92
CA GLY C 276 -17.32 65.69 -31.69
C GLY C 276 -16.63 64.36 -31.40
N SER C 277 -15.35 64.28 -31.78
CA SER C 277 -14.40 63.14 -31.61
C SER C 277 -14.93 61.79 -31.11
N ILE C 278 -14.91 60.80 -32.01
CA ILE C 278 -15.25 59.39 -31.68
C ILE C 278 -16.61 59.20 -31.02
N SER C 279 -17.63 59.07 -31.87
CA SER C 279 -19.04 59.10 -31.49
C SER C 279 -19.36 59.42 -30.03
N GLU C 285 -22.03 67.57 -26.18
CA GLU C 285 -23.43 67.74 -26.60
C GLU C 285 -23.60 68.04 -28.10
N ARG C 286 -24.60 68.88 -28.36
CA ARG C 286 -25.03 69.22 -29.70
C ARG C 286 -24.45 70.58 -29.98
N LEU C 287 -23.23 70.76 -29.51
CA LEU C 287 -22.47 71.97 -29.80
C LEU C 287 -21.20 71.59 -30.56
N ALA C 288 -21.45 71.01 -31.73
CA ALA C 288 -20.54 71.00 -32.86
C ALA C 288 -21.39 71.10 -34.11
N THR C 289 -20.83 71.72 -35.13
CA THR C 289 -21.56 72.19 -36.31
C THR C 289 -21.83 71.16 -37.42
N PRO C 290 -23.11 70.86 -37.70
CA PRO C 290 -23.39 70.08 -38.87
C PRO C 290 -23.58 71.05 -40.02
N ASP C 291 -23.72 70.52 -41.22
CA ASP C 291 -23.79 71.32 -42.44
C ASP C 291 -22.54 72.19 -42.74
N ALA C 292 -21.44 71.87 -42.08
CA ALA C 292 -20.15 72.41 -42.51
C ALA C 292 -19.97 71.94 -43.93
N LYS C 293 -18.89 72.35 -44.58
CA LYS C 293 -18.74 72.09 -46.01
C LYS C 293 -17.35 71.57 -46.38
N PHE C 294 -17.30 70.52 -47.21
CA PHE C 294 -16.01 69.92 -47.59
C PHE C 294 -15.56 70.44 -48.94
N LEU C 295 -14.32 70.92 -49.02
CA LEU C 295 -13.96 71.80 -50.13
C LEU C 295 -12.87 71.27 -51.05
N GLY C 296 -12.55 69.99 -50.93
CA GLY C 296 -11.32 69.48 -51.54
C GLY C 296 -10.31 69.32 -50.39
N VAL C 297 -9.27 68.53 -50.63
CA VAL C 297 -8.97 68.05 -51.94
C VAL C 297 -9.79 66.80 -52.31
N SER C 298 -10.56 66.94 -53.41
CA SER C 298 -11.42 65.89 -53.98
C SER C 298 -10.73 64.91 -54.93
N MET C 299 -11.22 63.68 -54.99
CA MET C 299 -10.69 62.70 -55.97
C MET C 299 -10.65 63.32 -57.35
N GLY C 300 -11.80 63.80 -57.81
CA GLY C 300 -11.92 64.45 -59.13
C GLY C 300 -11.04 65.68 -59.21
N ASP C 301 -10.83 66.34 -58.07
CA ASP C 301 -9.78 67.34 -57.96
C ASP C 301 -8.51 66.84 -58.66
N ILE C 302 -8.22 65.55 -58.55
CA ILE C 302 -6.99 65.03 -59.11
C ILE C 302 -7.17 64.23 -60.38
N PHE C 303 -8.40 63.92 -60.77
CA PHE C 303 -8.61 62.98 -61.86
C PHE C 303 -9.67 63.47 -62.84
N GLY C 304 -10.56 64.33 -62.34
CA GLY C 304 -11.64 64.91 -63.18
C GLY C 304 -12.90 64.06 -63.33
N ASN C 305 -13.79 64.51 -64.23
CA ASN C 305 -14.99 63.79 -64.63
C ASN C 305 -15.10 64.09 -66.09
N SER C 306 -15.93 63.31 -66.77
CA SER C 306 -16.14 63.57 -68.17
C SER C 306 -16.86 64.90 -68.26
N ARG C 307 -17.50 65.28 -67.17
CA ARG C 307 -18.09 66.62 -67.08
C ARG C 307 -17.05 67.71 -66.83
N LYS C 308 -16.13 67.48 -65.89
CA LYS C 308 -15.37 68.61 -65.36
C LYS C 308 -13.85 68.46 -65.16
N LYS C 309 -13.10 69.32 -65.87
CA LYS C 309 -11.63 69.35 -65.91
C LYS C 309 -10.91 69.13 -64.58
N PRO C 310 -9.79 68.37 -64.59
CA PRO C 310 -8.91 68.08 -63.44
C PRO C 310 -7.87 69.17 -63.19
N TYR C 311 -7.38 69.19 -61.80
CA TYR C 311 -6.59 70.38 -61.48
C TYR C 311 -5.07 70.11 -61.57
N LEU C 312 -4.64 68.87 -61.66
CA LEU C 312 -3.19 68.66 -61.80
C LEU C 312 -2.90 68.12 -63.17
N SER C 313 -1.68 68.35 -63.59
CA SER C 313 -1.21 67.86 -64.87
C SER C 313 -1.13 66.35 -64.72
N GLU C 314 -1.14 65.66 -65.83
CA GLU C 314 -1.08 64.20 -65.78
C GLU C 314 0.27 63.77 -65.19
N ALA C 315 1.30 64.52 -65.55
CA ALA C 315 2.69 64.27 -65.10
C ALA C 315 2.84 64.42 -63.57
N GLU C 316 2.59 65.59 -63.12
CA GLU C 316 2.73 65.80 -61.64
C GLU C 316 2.14 64.71 -60.73
N ARG C 317 0.95 64.31 -61.10
CA ARG C 317 0.26 63.14 -60.53
C ARG C 317 1.10 61.88 -60.34
N LYS C 318 1.79 61.42 -61.46
CA LYS C 318 2.53 60.16 -61.33
C LYS C 318 3.44 60.18 -60.11
N ASN C 319 3.93 61.37 -59.75
CA ASN C 319 4.93 61.46 -58.70
C ASN C 319 4.51 62.14 -57.39
N TYR C 320 3.38 62.82 -57.38
CA TYR C 320 2.92 63.41 -56.12
C TYR C 320 2.00 62.43 -55.40
N ILE C 321 1.34 61.56 -56.15
CA ILE C 321 0.39 60.66 -55.53
C ILE C 321 1.12 59.63 -54.72
N ILE C 322 0.72 59.46 -53.47
CA ILE C 322 1.31 58.41 -52.67
C ILE C 322 0.35 57.25 -52.67
N LYS C 323 0.83 56.09 -53.10
CA LYS C 323 -0.05 54.94 -53.38
C LYS C 323 -0.62 54.35 -52.09
N ALA C 324 -1.81 53.75 -52.19
CA ALA C 324 -2.58 53.40 -51.02
C ALA C 324 -2.16 52.08 -50.38
N LYS C 325 -1.64 52.16 -49.16
CA LYS C 325 -1.40 50.96 -48.35
C LYS C 325 -2.73 50.35 -47.94
N ASP C 326 -2.73 49.04 -47.71
CA ASP C 326 -4.00 48.33 -47.49
C ASP C 326 -4.54 48.53 -46.10
N ALA C 327 -3.67 48.86 -45.17
CA ALA C 327 -4.13 49.23 -43.86
C ALA C 327 -5.02 50.50 -43.92
N ASP C 328 -5.00 51.18 -45.08
CA ASP C 328 -5.78 52.41 -45.29
C ASP C 328 -7.20 52.07 -45.74
N ILE C 329 -7.28 51.20 -46.73
CA ILE C 329 -8.54 50.81 -47.31
C ILE C 329 -9.48 50.20 -46.28
N LYS C 330 -8.95 49.87 -45.12
CA LYS C 330 -9.79 49.44 -44.02
C LYS C 330 -10.59 50.66 -43.58
N ARG C 331 -9.91 51.60 -42.92
CA ARG C 331 -10.57 52.81 -42.39
C ARG C 331 -11.71 53.28 -43.29
N ALA C 332 -11.42 53.46 -44.59
CA ALA C 332 -12.41 53.91 -45.55
C ALA C 332 -13.68 53.07 -45.46
N GLU C 333 -13.53 51.75 -45.53
CA GLU C 333 -14.69 50.85 -45.49
C GLU C 333 -15.38 50.86 -44.12
N GLU C 334 -14.68 51.36 -43.11
CA GLU C 334 -15.31 51.52 -41.81
C GLU C 334 -16.22 52.75 -41.82
N ILE C 335 -15.71 53.87 -42.34
CA ILE C 335 -16.49 55.12 -42.41
C ILE C 335 -17.61 55.04 -43.45
N LYS C 336 -17.29 54.53 -44.63
CA LYS C 336 -18.29 54.45 -45.70
C LYS C 336 -19.58 53.94 -45.10
N ASN C 337 -19.50 53.52 -43.84
CA ASN C 337 -20.63 52.97 -43.12
C ASN C 337 -21.24 53.90 -42.05
N TYR C 338 -20.48 54.91 -41.59
CA TYR C 338 -20.99 55.82 -40.57
C TYR C 338 -22.31 56.45 -40.97
N GLU C 339 -23.30 56.43 -40.06
CA GLU C 339 -24.67 56.87 -40.38
C GLU C 339 -24.80 58.29 -40.99
N TRP C 340 -23.73 59.07 -40.94
CA TRP C 340 -23.77 60.43 -41.49
C TRP C 340 -22.83 60.58 -42.68
N PHE C 341 -22.47 59.47 -43.31
CA PHE C 341 -21.86 59.50 -44.63
C PHE C 341 -22.81 58.72 -45.50
N LYS C 342 -23.34 57.65 -44.91
CA LYS C 342 -24.25 56.75 -45.60
C LYS C 342 -25.35 57.56 -46.24
N THR C 343 -25.70 58.66 -45.58
CA THR C 343 -26.86 59.47 -45.99
C THR C 343 -26.76 60.07 -47.40
N LYS C 344 -25.61 60.65 -47.70
CA LYS C 344 -25.46 61.49 -48.88
C LYS C 344 -24.91 60.69 -50.05
N ALA C 345 -24.76 61.35 -51.20
CA ALA C 345 -23.83 60.86 -52.21
C ALA C 345 -22.43 61.43 -51.86
N TRP C 346 -22.14 61.42 -50.56
CA TRP C 346 -20.78 61.55 -50.02
C TRP C 346 -20.13 60.24 -50.42
N GLN C 347 -20.98 59.21 -50.49
CA GLN C 347 -20.62 57.85 -50.84
C GLN C 347 -19.83 57.84 -52.13
N GLU C 348 -20.41 58.38 -53.19
CA GLU C 348 -19.70 58.52 -54.45
C GLU C 348 -18.20 58.73 -54.22
N GLU C 349 -17.82 59.82 -53.57
CA GLU C 349 -16.39 60.13 -53.45
C GLU C 349 -15.63 59.24 -52.48
N ILE C 350 -16.32 58.32 -51.81
CA ILE C 350 -15.59 57.31 -51.04
C ILE C 350 -15.04 56.25 -52.00
N ASN C 351 -15.90 55.41 -52.57
CA ASN C 351 -15.38 54.27 -53.32
C ASN C 351 -14.53 54.64 -54.51
N THR C 352 -14.76 55.81 -55.09
CA THR C 352 -13.89 56.25 -56.18
C THR C 352 -12.47 56.08 -55.70
N PHE C 353 -12.25 56.35 -54.42
CA PHE C 353 -10.97 56.10 -53.79
C PHE C 353 -10.75 54.61 -53.53
N LEU C 354 -11.69 53.95 -52.86
CA LEU C 354 -11.64 52.50 -52.71
C LEU C 354 -11.27 51.87 -54.05
N GLN C 355 -11.28 52.69 -55.08
CA GLN C 355 -11.23 52.19 -56.44
C GLN C 355 -9.95 52.56 -57.17
N ARG C 356 -9.41 53.74 -56.87
CA ARG C 356 -8.16 54.18 -57.50
C ARG C 356 -6.97 54.08 -56.54
N LYS C 357 -7.24 53.59 -55.34
CA LYS C 357 -6.19 53.42 -54.35
C LYS C 357 -5.15 54.50 -54.58
N ALA C 358 -5.46 55.70 -54.10
CA ALA C 358 -4.56 56.86 -54.24
C ALA C 358 -4.95 58.06 -53.39
N LYS C 359 -3.96 58.76 -52.84
CA LYS C 359 -4.23 59.94 -52.04
C LYS C 359 -3.08 60.91 -52.23
N LEU C 360 -3.31 62.20 -51.94
CA LEU C 360 -2.20 63.18 -51.91
C LEU C 360 -2.27 64.14 -50.74
N GLU C 361 -1.14 64.74 -50.40
CA GLU C 361 -1.06 65.69 -49.29
C GLU C 361 -1.36 67.14 -49.74
N ILE C 362 -1.90 67.95 -48.84
CA ILE C 362 -2.36 69.29 -49.22
C ILE C 362 -1.19 70.10 -49.70
N GLU C 363 -0.04 69.83 -49.09
CA GLU C 363 1.23 70.49 -49.46
C GLU C 363 1.45 70.36 -50.96
N ALA C 364 1.40 69.13 -51.42
CA ALA C 364 1.54 68.83 -52.82
C ALA C 364 0.84 69.90 -53.63
N MET C 365 -0.47 69.97 -53.48
CA MET C 365 -1.23 70.99 -54.21
C MET C 365 -0.61 72.40 -54.08
N ALA C 366 -0.44 72.86 -52.84
CA ALA C 366 0.12 74.17 -52.63
C ALA C 366 1.54 74.38 -53.26
N SER C 367 2.33 73.33 -53.24
CA SER C 367 3.60 73.42 -53.90
C SER C 367 3.38 73.84 -55.34
N LYS C 368 2.14 73.95 -55.79
CA LYS C 368 2.00 74.50 -57.14
C LYS C 368 2.28 76.01 -57.11
N GLY C 369 2.13 76.62 -55.92
CA GLY C 369 2.52 78.02 -55.65
C GLY C 369 1.40 79.03 -55.42
N LEU C 370 1.38 79.56 -54.18
CA LEU C 370 0.26 80.37 -53.58
C LEU C 370 -0.67 81.03 -54.55
N LYS C 371 -0.12 81.82 -55.47
CA LYS C 371 -0.89 82.44 -56.57
C LYS C 371 -2.05 81.54 -57.02
N PHE C 372 -1.68 80.35 -57.51
CA PHE C 372 -2.66 79.31 -57.79
C PHE C 372 -3.54 78.90 -56.57
N LEU C 373 -2.91 78.41 -55.50
CA LEU C 373 -3.69 78.13 -54.27
C LEU C 373 -4.56 79.33 -53.77
N ALA C 374 -4.11 80.56 -54.01
CA ALA C 374 -4.78 81.75 -53.51
C ALA C 374 -5.90 82.27 -54.40
N PHE C 375 -5.54 82.54 -55.65
CA PHE C 375 -6.45 83.27 -56.52
C PHE C 375 -6.98 82.39 -57.66
N GLN C 376 -6.94 81.08 -57.41
CA GLN C 376 -7.54 80.11 -58.33
C GLN C 376 -8.31 79.00 -57.63
N TYR C 377 -7.59 78.26 -56.77
CA TYR C 377 -8.17 77.05 -56.19
C TYR C 377 -9.41 77.40 -55.38
N ILE C 378 -9.19 78.01 -54.22
CA ILE C 378 -10.31 78.40 -53.41
C ILE C 378 -11.38 79.15 -54.27
N PRO C 379 -11.06 80.35 -54.75
CA PRO C 379 -12.10 81.14 -55.39
C PRO C 379 -12.87 80.28 -56.37
N GLU C 380 -12.14 79.70 -57.33
CA GLU C 380 -12.78 78.84 -58.34
C GLU C 380 -13.77 77.86 -57.68
N LYS C 381 -13.22 77.03 -56.77
CA LYS C 381 -14.05 76.00 -56.16
C LYS C 381 -15.28 76.63 -55.51
N ILE C 382 -15.04 77.61 -54.66
CA ILE C 382 -16.11 78.18 -53.87
C ILE C 382 -17.27 78.72 -54.71
N THR C 383 -17.05 79.81 -55.46
CA THR C 383 -18.12 80.29 -56.36
C THR C 383 -18.71 79.17 -57.23
N ASN C 384 -17.88 78.16 -57.54
CA ASN C 384 -18.24 77.07 -58.49
C ASN C 384 -19.24 76.03 -57.98
N LYS C 385 -19.39 76.01 -56.66
CA LYS C 385 -20.27 75.07 -55.98
C LYS C 385 -19.66 73.66 -56.01
N ASP C 386 -18.33 73.64 -56.06
CA ASP C 386 -17.55 72.42 -56.09
C ASP C 386 -17.11 72.08 -54.64
N TYR C 387 -17.85 71.17 -54.03
CA TYR C 387 -17.69 70.83 -52.61
C TYR C 387 -18.85 69.93 -52.25
N ILE C 388 -18.96 69.51 -50.98
CA ILE C 388 -20.05 68.59 -50.62
C ILE C 388 -20.82 69.03 -49.39
N ALA C 389 -22.13 68.72 -49.35
CA ALA C 389 -23.06 69.30 -48.33
C ALA C 389 -24.30 68.45 -47.90
N GLU D 14 -29.42 -29.18 -1.44
CA GLU D 14 -29.66 -29.83 -2.73
C GLU D 14 -29.02 -29.07 -3.88
N PHE D 15 -29.56 -27.88 -4.16
CA PHE D 15 -29.23 -27.13 -5.37
C PHE D 15 -27.85 -26.46 -5.33
N PHE D 16 -27.51 -25.87 -4.19
CA PHE D 16 -26.26 -25.11 -4.01
C PHE D 16 -25.02 -25.96 -4.33
N LYS D 17 -25.21 -27.26 -4.49
CA LYS D 17 -24.10 -28.19 -4.71
C LYS D 17 -23.40 -28.03 -6.07
N ARG D 18 -24.19 -27.78 -7.12
CA ARG D 18 -23.65 -27.63 -8.47
C ARG D 18 -23.86 -26.22 -9.02
N ASN D 19 -24.85 -25.53 -8.47
CA ASN D 19 -25.10 -24.14 -8.81
C ASN D 19 -24.76 -23.21 -7.65
N PRO D 20 -23.45 -23.01 -7.39
CA PRO D 20 -22.98 -22.22 -6.24
C PRO D 20 -23.27 -20.71 -6.35
N GLU D 21 -22.83 -20.10 -7.45
CA GLU D 21 -22.85 -18.64 -7.62
C GLU D 21 -24.17 -17.96 -7.29
N LEU D 22 -25.26 -18.72 -7.32
CA LEU D 22 -26.61 -18.16 -7.16
C LEU D 22 -26.90 -17.62 -5.76
N ALA D 23 -26.44 -18.31 -4.72
CA ALA D 23 -26.62 -17.81 -3.34
C ALA D 23 -25.45 -16.95 -2.85
N GLY D 24 -24.49 -16.68 -3.73
CA GLY D 24 -23.43 -15.71 -3.45
C GLY D 24 -22.04 -16.26 -3.23
N PHE D 25 -21.76 -17.46 -3.74
CA PHE D 25 -20.44 -18.09 -3.61
C PHE D 25 -19.89 -18.50 -4.97
N PRO D 26 -19.69 -17.53 -5.88
CA PRO D 26 -19.20 -17.85 -7.22
C PRO D 26 -17.75 -18.36 -7.23
N ASN D 27 -16.89 -17.73 -6.44
CA ASN D 27 -15.46 -17.97 -6.49
C ASN D 27 -14.80 -17.68 -5.15
N PRO D 28 -13.63 -18.30 -4.90
CA PRO D 28 -12.83 -18.11 -3.70
C PRO D 28 -13.03 -16.76 -3.02
N ALA D 29 -12.69 -15.68 -3.71
CA ALA D 29 -12.68 -14.33 -3.14
C ALA D 29 -14.05 -13.83 -2.65
N ARG D 30 -15.02 -13.73 -3.56
CA ARG D 30 -16.36 -13.25 -3.24
C ARG D 30 -16.99 -14.00 -2.07
N ALA D 31 -16.54 -15.22 -1.85
CA ALA D 31 -17.06 -16.04 -0.75
C ALA D 31 -16.59 -15.53 0.60
N LEU D 32 -15.36 -15.04 0.66
CA LEU D 32 -14.84 -14.45 1.88
C LEU D 32 -15.79 -13.33 2.30
N TYR D 33 -15.98 -12.35 1.42
CA TYR D 33 -16.91 -11.26 1.65
C TYR D 33 -18.24 -11.75 2.15
N GLN D 34 -18.79 -12.78 1.49
CA GLN D 34 -20.07 -13.32 1.89
C GLN D 34 -20.03 -13.74 3.36
N THR D 35 -19.25 -14.76 3.66
CA THR D 35 -19.14 -15.29 5.02
C THR D 35 -19.02 -14.18 6.06
N VAL D 36 -18.28 -13.12 5.73
CA VAL D 36 -18.12 -12.03 6.67
C VAL D 36 -19.44 -11.30 6.91
N ARG D 37 -20.14 -10.92 5.85
CA ARG D 37 -21.42 -10.22 5.99
C ARG D 37 -22.59 -11.14 6.43
N GLU D 38 -22.33 -12.43 6.55
CA GLU D 38 -23.32 -13.37 7.06
C GLU D 38 -23.22 -13.42 8.56
N LEU D 39 -21.98 -13.39 9.07
CA LEU D 39 -21.72 -13.47 10.51
C LEU D 39 -22.09 -12.18 11.23
N ILE D 40 -21.75 -11.04 10.63
CA ILE D 40 -22.11 -9.78 11.26
C ILE D 40 -23.62 -9.71 11.26
N GLU D 41 -24.21 -9.80 10.06
CA GLU D 41 -25.67 -9.78 9.91
C GLU D 41 -26.33 -10.43 11.11
N ASN D 42 -25.99 -11.70 11.33
CA ASN D 42 -26.54 -12.48 12.42
C ASN D 42 -26.22 -11.93 13.81
N SER D 43 -24.95 -11.62 14.05
CA SER D 43 -24.53 -11.27 15.40
C SER D 43 -25.25 -10.05 15.93
N LEU D 44 -25.51 -9.08 15.06
CA LEU D 44 -26.32 -7.94 15.46
C LEU D 44 -27.70 -8.40 15.91
N ASP D 45 -28.46 -9.01 15.00
CA ASP D 45 -29.79 -9.51 15.31
C ASP D 45 -29.84 -10.40 16.56
N ALA D 46 -28.68 -10.60 17.19
CA ALA D 46 -28.63 -11.35 18.42
C ALA D 46 -28.35 -10.43 19.58
N THR D 47 -28.30 -9.14 19.30
CA THR D 47 -28.09 -8.13 20.33
C THR D 47 -29.10 -6.97 20.26
N ASP D 48 -28.96 -6.12 19.25
CA ASP D 48 -29.76 -4.91 19.18
C ASP D 48 -31.25 -5.18 19.06
N VAL D 49 -31.64 -6.42 18.79
CA VAL D 49 -33.05 -6.72 18.68
C VAL D 49 -33.61 -7.17 20.03
N HIS D 50 -32.69 -7.45 20.94
CA HIS D 50 -33.08 -7.86 22.29
C HIS D 50 -32.64 -6.81 23.31
N GLY D 51 -32.18 -5.67 22.80
CA GLY D 51 -31.94 -4.50 23.63
C GLY D 51 -30.64 -4.48 24.42
N ILE D 52 -29.52 -4.71 23.73
CA ILE D 52 -28.21 -4.56 24.33
C ILE D 52 -27.26 -3.81 23.38
N LEU D 53 -26.45 -2.92 23.93
CA LEU D 53 -25.44 -2.26 23.14
C LEU D 53 -24.40 -3.29 22.73
N PRO D 54 -24.36 -3.61 21.43
CA PRO D 54 -23.52 -4.67 20.89
C PRO D 54 -22.03 -4.29 20.82
N ASN D 55 -21.15 -5.29 21.01
CA ASN D 55 -19.69 -5.11 20.93
C ASN D 55 -19.05 -6.19 20.05
N ILE D 56 -19.23 -6.09 18.74
CA ILE D 56 -18.78 -7.15 17.84
C ILE D 56 -17.31 -7.00 17.53
N LYS D 57 -16.60 -8.13 17.44
CA LYS D 57 -15.20 -8.15 17.05
C LYS D 57 -15.00 -9.08 15.85
N ILE D 58 -14.37 -8.56 14.79
CA ILE D 58 -14.20 -9.34 13.57
C ILE D 58 -12.74 -9.53 13.19
N THR D 59 -12.23 -10.76 13.33
CA THR D 59 -10.85 -11.04 12.96
C THR D 59 -10.72 -12.14 11.89
N ILE D 60 -10.00 -11.83 10.81
CA ILE D 60 -9.70 -12.82 9.77
C ILE D 60 -8.21 -13.18 9.82
N ASP D 61 -7.93 -14.47 9.82
CA ASP D 61 -6.55 -14.93 9.90
C ASP D 61 -6.12 -15.78 8.71
N LEU D 62 -4.81 -15.81 8.47
CA LEU D 62 -4.25 -16.58 7.39
C LEU D 62 -3.42 -17.72 7.98
N ILE D 63 -3.91 -18.95 7.88
CA ILE D 63 -3.26 -20.07 8.55
C ILE D 63 -2.52 -21.04 7.62
N ASP D 64 -2.65 -20.82 6.31
CA ASP D 64 -1.92 -21.62 5.31
C ASP D 64 -1.75 -20.85 4.00
N ASP D 65 -0.51 -20.71 3.56
CA ASP D 65 -0.16 -19.89 2.40
C ASP D 65 -0.36 -20.61 1.07
N ALA D 66 0.05 -21.87 1.02
CA ALA D 66 0.00 -22.66 -0.20
C ALA D 66 -1.42 -22.75 -0.78
N ARG D 67 -2.38 -23.06 0.05
CA ARG D 67 -3.75 -23.30 -0.41
C ARG D 67 -4.69 -22.09 -0.28
N GLN D 68 -4.22 -21.01 0.35
CA GLN D 68 -5.06 -19.83 0.54
C GLN D 68 -6.27 -20.15 1.41
N ILE D 69 -6.03 -20.41 2.69
CA ILE D 69 -7.11 -20.68 3.64
C ILE D 69 -7.19 -19.61 4.72
N TYR D 70 -8.40 -19.15 5.00
CA TYR D 70 -8.59 -18.10 6.00
C TYR D 70 -9.51 -18.54 7.12
N LYS D 71 -9.56 -17.75 8.19
CA LYS D 71 -10.37 -18.06 9.37
C LYS D 71 -11.19 -16.84 9.84
N VAL D 72 -12.43 -16.76 9.37
CA VAL D 72 -13.33 -15.69 9.75
C VAL D 72 -13.84 -15.93 11.17
N ASN D 73 -13.89 -14.87 11.95
CA ASN D 73 -14.20 -15.00 13.37
C ASN D 73 -14.98 -13.83 13.95
N VAL D 74 -16.17 -14.12 14.47
CA VAL D 74 -17.03 -13.12 15.04
C VAL D 74 -17.31 -13.40 16.51
N VAL D 75 -17.19 -12.36 17.34
CA VAL D 75 -17.40 -12.49 18.78
C VAL D 75 -18.27 -11.33 19.29
N ASP D 76 -19.42 -11.68 19.86
CA ASP D 76 -20.39 -10.69 20.34
C ASP D 76 -20.63 -10.78 21.84
N ASN D 77 -21.53 -9.92 22.32
CA ASN D 77 -21.97 -9.97 23.71
C ASN D 77 -23.46 -10.24 23.76
N GLY D 78 -23.95 -10.87 22.70
CA GLY D 78 -25.37 -11.14 22.54
C GLY D 78 -25.85 -12.29 23.38
N ILE D 79 -27.09 -12.72 23.15
CA ILE D 79 -27.69 -13.77 23.98
C ILE D 79 -27.05 -15.14 23.78
N GLY D 80 -27.18 -15.69 22.58
CA GLY D 80 -26.60 -17.00 22.29
C GLY D 80 -27.63 -18.11 22.13
N ILE D 81 -27.17 -19.29 21.75
CA ILE D 81 -28.06 -20.40 21.46
C ILE D 81 -28.33 -21.25 22.69
N PRO D 82 -29.60 -21.58 22.92
CA PRO D 82 -29.91 -22.67 23.83
C PRO D 82 -29.16 -23.93 23.38
N PRO D 83 -28.21 -24.39 24.19
CA PRO D 83 -27.24 -25.46 23.92
C PRO D 83 -27.71 -26.54 22.95
N GLN D 84 -28.84 -27.17 23.27
CA GLN D 84 -29.31 -28.33 22.49
C GLN D 84 -29.61 -27.99 21.03
N GLU D 85 -29.85 -26.72 20.73
CA GLU D 85 -30.20 -26.31 19.37
C GLU D 85 -28.99 -25.92 18.55
N VAL D 86 -27.80 -26.26 19.04
CA VAL D 86 -26.55 -25.92 18.34
C VAL D 86 -26.42 -26.67 17.01
N PRO D 87 -26.48 -28.01 17.05
CA PRO D 87 -26.44 -28.82 15.84
C PRO D 87 -27.55 -28.48 14.85
N ASN D 88 -28.78 -28.34 15.34
CA ASN D 88 -29.91 -28.05 14.46
C ASN D 88 -29.94 -26.60 14.00
N ALA D 89 -28.78 -25.95 14.03
CA ALA D 89 -28.64 -24.57 13.56
C ALA D 89 -27.56 -24.49 12.51
N PHE D 90 -26.54 -25.33 12.68
CA PHE D 90 -25.38 -25.29 11.80
C PHE D 90 -25.35 -26.45 10.80
N GLY D 91 -25.68 -27.65 11.27
CA GLY D 91 -25.60 -28.84 10.44
C GLY D 91 -26.80 -29.07 9.53
N ARG D 92 -28.00 -28.84 10.06
CA ARG D 92 -29.23 -29.05 9.30
C ARG D 92 -29.36 -28.05 8.15
N VAL D 93 -29.67 -28.57 6.97
CA VAL D 93 -29.87 -27.74 5.77
C VAL D 93 -31.34 -27.35 5.61
N LEU D 94 -31.61 -26.05 5.76
CA LEU D 94 -32.98 -25.54 5.68
C LEU D 94 -33.50 -25.39 4.25
N TYR D 95 -34.46 -26.25 3.89
CA TYR D 95 -35.14 -26.17 2.61
C TYR D 95 -35.50 -24.71 2.29
N SER D 96 -36.53 -24.21 2.99
CA SER D 96 -37.17 -22.95 2.66
C SER D 96 -36.92 -21.80 3.63
N SER D 97 -37.54 -20.67 3.34
CA SER D 97 -37.51 -19.50 4.21
C SER D 97 -38.91 -19.29 4.82
N LYS D 98 -39.29 -20.19 5.72
CA LYS D 98 -40.56 -20.12 6.45
C LYS D 98 -41.12 -18.70 6.51
N TYR D 99 -42.18 -18.43 5.73
CA TYR D 99 -42.81 -17.09 5.64
C TYR D 99 -42.57 -16.14 6.83
N VAL D 100 -42.14 -14.91 6.54
CA VAL D 100 -41.65 -13.97 7.55
C VAL D 100 -42.75 -13.13 8.22
N ASN D 101 -42.61 -12.93 9.53
CA ASN D 101 -43.60 -12.23 10.32
C ASN D 101 -43.08 -11.11 11.20
N ARG D 102 -41.76 -10.89 11.16
CA ARG D 102 -41.14 -9.74 11.83
C ARG D 102 -39.85 -9.39 11.12
N GLN D 103 -39.53 -8.11 10.98
CA GLN D 103 -38.33 -7.70 10.25
C GLN D 103 -37.05 -8.35 10.78
N THR D 104 -36.23 -8.82 9.87
CA THR D 104 -34.94 -9.35 10.22
C THR D 104 -33.89 -8.86 9.25
N ARG D 105 -32.63 -8.99 9.63
CA ARG D 105 -31.56 -8.93 8.66
C ARG D 105 -31.45 -10.29 8.00
N GLY D 106 -31.09 -10.32 6.71
CA GLY D 106 -30.68 -11.59 6.07
C GLY D 106 -31.50 -12.19 4.94
N MET D 107 -31.05 -11.91 3.71
CA MET D 107 -31.62 -12.43 2.44
C MET D 107 -32.37 -13.77 2.47
N TYR D 108 -31.71 -14.80 1.92
CA TYR D 108 -32.32 -16.10 1.58
C TYR D 108 -33.01 -16.84 2.73
N GLY D 109 -32.93 -18.16 2.67
CA GLY D 109 -33.38 -19.01 3.75
C GLY D 109 -32.35 -20.09 4.07
N LEU D 110 -31.12 -19.88 3.61
CA LEU D 110 -30.02 -20.81 3.88
C LEU D 110 -28.91 -20.13 4.69
N GLY D 111 -28.78 -18.82 4.55
CA GLY D 111 -27.85 -18.02 5.35
C GLY D 111 -26.63 -18.70 5.94
N VAL D 112 -26.47 -18.60 7.26
CA VAL D 112 -25.25 -19.03 7.93
C VAL D 112 -24.92 -20.51 7.69
N LYS D 113 -25.93 -21.28 7.27
CA LYS D 113 -25.74 -22.70 7.00
C LYS D 113 -24.82 -22.91 5.80
N ALA D 114 -24.98 -22.09 4.77
CA ALA D 114 -24.20 -22.20 3.54
C ALA D 114 -22.72 -22.08 3.82
N ALA D 115 -22.36 -21.15 4.70
CA ALA D 115 -20.97 -20.93 5.07
C ALA D 115 -20.29 -22.22 5.52
N VAL D 116 -20.94 -22.95 6.42
CA VAL D 116 -20.36 -24.19 6.95
C VAL D 116 -20.29 -25.24 5.85
N LEU D 117 -21.22 -25.18 4.92
CA LEU D 117 -21.27 -26.14 3.83
C LEU D 117 -20.13 -25.95 2.84
N TYR D 118 -19.84 -24.69 2.52
CA TYR D 118 -18.74 -24.36 1.63
C TYR D 118 -17.41 -24.72 2.30
N SER D 119 -17.43 -24.78 3.63
CA SER D 119 -16.22 -25.04 4.41
C SER D 119 -15.79 -26.51 4.37
N GLN D 120 -16.75 -27.41 4.19
CA GLN D 120 -16.46 -28.85 4.17
C GLN D 120 -16.25 -29.38 2.75
N MET D 121 -16.17 -28.47 1.78
CA MET D 121 -16.04 -28.85 0.38
C MET D 121 -14.59 -28.73 -0.13
N HIS D 122 -13.81 -27.86 0.49
CA HIS D 122 -12.45 -27.57 -0.01
C HIS D 122 -11.34 -27.68 1.03
N GLN D 123 -11.72 -27.75 2.31
CA GLN D 123 -10.73 -27.89 3.39
C GLN D 123 -11.18 -28.88 4.47
N ASP D 124 -10.22 -29.35 5.27
CA ASP D 124 -10.47 -30.45 6.21
C ASP D 124 -10.35 -30.06 7.69
N LYS D 125 -10.85 -28.89 8.06
CA LYS D 125 -10.81 -28.45 9.46
C LYS D 125 -12.21 -28.10 9.99
N PRO D 126 -12.45 -28.32 11.29
CA PRO D 126 -13.77 -28.17 11.89
C PRO D 126 -14.25 -26.72 12.10
N ILE D 127 -15.42 -26.58 12.70
CA ILE D 127 -16.05 -25.28 12.91
C ILE D 127 -16.22 -24.97 14.40
N GLU D 128 -15.24 -24.27 14.97
CA GLU D 128 -15.23 -24.00 16.40
C GLU D 128 -16.32 -23.02 16.83
N ILE D 129 -17.17 -23.47 17.76
CA ILE D 129 -18.29 -22.68 18.23
C ILE D 129 -18.35 -22.64 19.76
N GLU D 130 -18.82 -21.52 20.30
CA GLU D 130 -19.00 -21.36 21.74
C GLU D 130 -20.25 -20.51 22.04
N THR D 131 -21.04 -20.91 23.03
CA THR D 131 -22.16 -20.09 23.44
C THR D 131 -22.37 -20.11 24.95
N SER D 132 -23.10 -19.11 25.45
CA SER D 132 -23.44 -19.01 26.86
C SER D 132 -24.63 -18.08 27.03
N PRO D 133 -25.83 -18.66 27.19
CA PRO D 133 -27.09 -17.93 27.32
C PRO D 133 -27.09 -16.84 28.40
N VAL D 134 -28.14 -16.04 28.41
CA VAL D 134 -28.27 -14.95 29.36
C VAL D 134 -28.43 -15.51 30.74
N ASN D 135 -27.59 -15.07 31.67
CA ASN D 135 -27.67 -15.53 33.05
C ASN D 135 -27.25 -17.01 33.14
N SER D 136 -26.17 -17.35 32.44
CA SER D 136 -25.79 -18.75 32.27
C SER D 136 -24.82 -19.26 33.31
N LYS D 137 -24.88 -20.57 33.53
CA LYS D 137 -24.02 -21.26 34.49
C LYS D 137 -22.59 -21.34 33.98
N ARG D 138 -22.40 -22.10 32.90
CA ARG D 138 -21.08 -22.37 32.37
C ARG D 138 -21.01 -22.00 30.89
N ILE D 139 -19.84 -22.20 30.29
CA ILE D 139 -19.66 -21.96 28.86
C ILE D 139 -19.64 -23.28 28.09
N TYR D 140 -20.65 -23.50 27.26
CA TYR D 140 -20.74 -24.74 26.49
C TYR D 140 -19.97 -24.60 25.17
N THR D 141 -18.97 -25.48 24.97
CA THR D 141 -18.16 -25.45 23.77
C THR D 141 -18.47 -26.60 22.83
N PHE D 142 -18.39 -26.32 21.53
CA PHE D 142 -18.62 -27.32 20.51
C PHE D 142 -17.50 -27.26 19.49
N LYS D 143 -17.50 -28.22 18.57
CA LYS D 143 -16.60 -28.22 17.41
C LYS D 143 -17.18 -29.18 16.39
N LEU D 144 -17.93 -28.63 15.43
CA LEU D 144 -18.81 -29.41 14.57
C LEU D 144 -18.36 -29.62 13.12
N LYS D 145 -18.67 -30.81 12.59
CA LYS D 145 -18.61 -31.12 11.17
C LYS D 145 -19.95 -31.69 10.73
N ILE D 146 -20.12 -31.90 9.43
CA ILE D 146 -21.44 -32.26 8.90
C ILE D 146 -21.42 -33.48 7.99
N ASP D 147 -22.54 -34.21 7.98
CA ASP D 147 -22.77 -35.24 6.98
C ASP D 147 -23.70 -34.67 5.91
N ILE D 148 -23.18 -34.53 4.69
CA ILE D 148 -23.85 -33.82 3.61
C ILE D 148 -24.89 -34.66 2.86
N ASN D 149 -24.65 -35.98 2.79
CA ASN D 149 -25.50 -36.86 2.01
C ASN D 149 -26.91 -37.04 2.57
N LYS D 150 -27.03 -37.18 3.88
CA LYS D 150 -28.31 -37.47 4.52
C LYS D 150 -28.77 -36.39 5.50
N ASN D 151 -28.24 -35.17 5.33
CA ASN D 151 -28.59 -34.03 6.16
C ASN D 151 -28.73 -34.32 7.65
N GLU D 152 -27.59 -34.31 8.34
CA GLU D 152 -27.54 -34.47 9.80
C GLU D 152 -26.11 -34.26 10.30
N PRO D 153 -25.94 -33.36 11.28
CA PRO D 153 -24.63 -32.95 11.79
C PRO D 153 -23.97 -33.96 12.74
N ILE D 154 -22.68 -34.19 12.54
CA ILE D 154 -21.91 -35.06 13.44
C ILE D 154 -21.08 -34.24 14.43
N ILE D 155 -21.31 -34.48 15.72
CA ILE D 155 -20.56 -33.84 16.78
C ILE D 155 -19.18 -34.45 16.93
N VAL D 156 -18.14 -33.64 16.71
CA VAL D 156 -16.78 -34.10 16.93
C VAL D 156 -16.39 -33.91 18.40
N GLU D 157 -16.80 -32.77 18.96
CA GLU D 157 -16.51 -32.47 20.37
C GLU D 157 -17.56 -31.62 21.05
N ARG D 158 -17.89 -31.98 22.29
CA ARG D 158 -18.85 -31.25 23.12
C ARG D 158 -18.42 -31.25 24.59
N GLY D 159 -18.25 -30.05 25.15
CA GLY D 159 -17.84 -29.90 26.55
C GLY D 159 -18.21 -28.55 27.16
N SER D 160 -17.90 -28.37 28.44
CA SER D 160 -18.21 -27.13 29.18
C SER D 160 -17.23 -26.82 30.32
N VAL D 161 -16.92 -25.52 30.48
CA VAL D 161 -16.05 -25.04 31.57
C VAL D 161 -16.79 -24.02 32.46
N GLU D 162 -16.05 -23.31 33.31
CA GLU D 162 -16.64 -22.29 34.19
C GLU D 162 -16.73 -20.88 33.60
N ASN D 163 -17.83 -20.19 33.91
CA ASN D 163 -18.07 -18.85 33.44
C ASN D 163 -17.56 -17.78 34.42
N THR D 164 -16.60 -17.00 33.97
CA THR D 164 -16.18 -15.78 34.69
C THR D 164 -17.27 -14.66 34.59
N ARG D 165 -18.02 -14.57 35.69
CA ARG D 165 -19.34 -13.89 35.81
C ARG D 165 -19.89 -12.91 34.76
N GLY D 166 -21.23 -12.83 34.74
CA GLY D 166 -21.99 -11.89 33.91
C GLY D 166 -21.63 -11.91 32.44
N PHE D 167 -21.11 -13.05 31.98
CA PHE D 167 -20.78 -13.22 30.56
C PHE D 167 -21.89 -13.95 29.78
N HIS D 168 -22.16 -13.43 28.59
CA HIS D 168 -23.00 -14.10 27.60
C HIS D 168 -22.56 -13.69 26.19
N GLY D 169 -22.45 -14.68 25.31
CA GLY D 169 -22.04 -14.42 23.94
C GLY D 169 -22.09 -15.63 23.02
N THR D 170 -21.68 -15.41 21.77
CA THR D 170 -21.66 -16.45 20.76
C THR D 170 -20.45 -16.29 19.84
N SER D 171 -19.47 -17.18 19.99
CA SER D 171 -18.26 -17.13 19.17
C SER D 171 -18.30 -18.16 18.06
N VAL D 172 -18.27 -17.69 16.82
CA VAL D 172 -18.25 -18.57 15.67
C VAL D 172 -16.93 -18.43 14.94
N ALA D 173 -16.31 -19.55 14.60
CA ALA D 173 -15.04 -19.53 13.88
C ALA D 173 -15.08 -20.48 12.69
N ILE D 174 -15.04 -19.94 11.48
CA ILE D 174 -15.12 -20.77 10.29
C ILE D 174 -13.96 -20.54 9.35
N SER D 175 -13.45 -21.64 8.79
CA SER D 175 -12.32 -21.59 7.87
C SER D 175 -12.77 -21.85 6.43
N ILE D 176 -12.36 -20.96 5.52
CA ILE D 176 -12.64 -21.13 4.09
C ILE D 176 -11.47 -20.68 3.23
N PRO D 177 -11.47 -21.10 1.95
CA PRO D 177 -10.48 -20.63 0.99
C PRO D 177 -11.02 -19.43 0.21
N GLY D 178 -10.20 -18.39 0.10
CA GLY D 178 -10.60 -17.19 -0.63
C GLY D 178 -9.43 -16.44 -1.21
N ASP D 179 -9.64 -15.15 -1.47
CA ASP D 179 -8.57 -14.29 -1.97
C ASP D 179 -8.66 -12.92 -1.30
N TRP D 180 -7.94 -12.79 -0.19
CA TRP D 180 -7.96 -11.58 0.62
C TRP D 180 -7.78 -10.30 -0.20
N PRO D 181 -6.67 -10.20 -0.98
CA PRO D 181 -6.38 -8.99 -1.75
C PRO D 181 -7.43 -8.62 -2.79
N LYS D 182 -8.14 -9.59 -3.35
CA LYS D 182 -9.14 -9.27 -4.37
C LYS D 182 -10.42 -8.68 -3.77
N ALA D 183 -10.70 -9.04 -2.52
CA ALA D 183 -11.94 -8.60 -1.89
C ALA D 183 -11.70 -7.69 -0.69
N LYS D 184 -10.45 -7.31 -0.47
CA LYS D 184 -10.13 -6.45 0.68
C LYS D 184 -10.93 -5.15 0.65
N SER D 185 -10.64 -4.31 -0.34
CA SER D 185 -11.21 -2.96 -0.40
C SER D 185 -12.73 -2.94 -0.39
N ARG D 186 -13.35 -4.10 -0.61
CA ARG D 186 -14.80 -4.20 -0.67
C ARG D 186 -15.39 -4.61 0.70
N ILE D 187 -14.65 -5.42 1.45
CA ILE D 187 -15.07 -5.80 2.81
C ILE D 187 -15.04 -4.59 3.71
N TYR D 188 -13.90 -3.89 3.72
CA TYR D 188 -13.75 -2.67 4.52
C TYR D 188 -14.94 -1.74 4.35
N GLU D 189 -15.58 -1.80 3.19
CA GLU D 189 -16.75 -0.98 2.96
C GLU D 189 -17.95 -1.48 3.74
N TYR D 190 -17.98 -2.79 4.00
CA TYR D 190 -19.04 -3.32 4.83
C TYR D 190 -18.96 -2.71 6.21
N ILE D 191 -17.98 -3.11 6.99
CA ILE D 191 -17.78 -2.53 8.32
C ILE D 191 -18.10 -1.03 8.33
N LYS D 192 -17.30 -0.27 7.60
CA LYS D 192 -17.52 1.18 7.49
C LYS D 192 -18.99 1.56 7.37
N ARG D 193 -19.64 1.08 6.32
CA ARG D 193 -21.02 1.51 6.04
C ARG D 193 -22.07 0.96 6.99
N THR D 194 -21.76 -0.12 7.69
CA THR D 194 -22.64 -0.64 8.70
C THR D 194 -22.56 0.27 9.91
N TYR D 195 -21.37 0.79 10.15
CA TYR D 195 -21.11 1.65 11.29
C TYR D 195 -21.93 2.90 11.28
N ILE D 196 -22.09 3.45 10.08
CA ILE D 196 -22.77 4.69 9.87
C ILE D 196 -24.22 4.63 10.39
N ILE D 197 -25.01 3.70 9.87
CA ILE D 197 -26.41 3.63 10.26
C ILE D 197 -26.63 2.87 11.57
N THR D 198 -25.56 2.54 12.26
CA THR D 198 -25.66 1.78 13.50
C THR D 198 -24.67 2.25 14.59
N PRO D 199 -24.70 3.55 14.91
CA PRO D 199 -23.69 4.12 15.78
C PRO D 199 -23.83 3.73 17.22
N TYR D 200 -24.85 2.94 17.54
CA TYR D 200 -25.06 2.46 18.91
C TYR D 200 -24.22 1.19 19.14
N ALA D 201 -23.22 0.99 18.28
CA ALA D 201 -22.41 -0.22 18.34
C ALA D 201 -20.91 0.09 18.41
N GLU D 202 -20.13 -0.91 18.78
CA GLU D 202 -18.69 -0.77 18.86
C GLU D 202 -17.99 -1.94 18.15
N PHE D 203 -17.33 -1.63 17.04
CA PHE D 203 -16.74 -2.63 16.16
C PHE D 203 -15.23 -2.63 16.21
N ILE D 204 -14.63 -3.83 16.16
CA ILE D 204 -13.19 -4.02 15.98
C ILE D 204 -12.90 -5.09 14.92
N PHE D 205 -12.03 -4.74 13.99
CA PHE D 205 -11.70 -5.60 12.86
C PHE D 205 -10.19 -5.73 12.70
N LYS D 206 -9.73 -6.98 12.61
CA LYS D 206 -8.30 -7.27 12.55
C LYS D 206 -8.03 -8.13 11.34
N ASP D 207 -7.49 -7.53 10.28
CA ASP D 207 -7.26 -8.26 9.02
C ASP D 207 -6.06 -9.22 9.08
N PRO D 208 -5.95 -10.10 8.09
CA PRO D 208 -4.94 -11.15 8.12
C PRO D 208 -3.51 -10.59 8.16
N GLU D 209 -3.36 -9.33 7.76
CA GLU D 209 -2.05 -8.70 7.73
C GLU D 209 -1.59 -8.27 9.13
N GLY D 210 -2.52 -7.71 9.90
CA GLY D 210 -2.19 -7.19 11.22
C GLY D 210 -2.66 -5.75 11.36
N ASN D 211 -3.60 -5.36 10.51
CA ASN D 211 -4.23 -4.04 10.63
C ASN D 211 -5.47 -4.00 11.49
N VAL D 212 -5.41 -3.22 12.56
CA VAL D 212 -6.51 -3.12 13.48
C VAL D 212 -7.37 -1.90 13.15
N THR D 213 -8.69 -2.03 13.30
CA THR D 213 -9.58 -0.89 13.13
C THR D 213 -10.64 -0.90 14.22
N TYR D 214 -10.84 0.25 14.87
CA TYR D 214 -11.79 0.36 15.99
C TYR D 214 -12.71 1.54 15.74
N TYR D 215 -14.00 1.26 15.66
CA TYR D 215 -15.02 2.29 15.53
C TYR D 215 -15.88 2.31 16.80
N PRO D 216 -15.88 3.43 17.54
CA PRO D 216 -16.38 3.49 18.90
C PRO D 216 -17.84 3.94 18.96
N ARG D 217 -18.56 3.46 19.97
CA ARG D 217 -19.95 3.84 20.15
C ARG D 217 -20.09 5.33 20.41
N LEU D 218 -20.95 5.96 19.63
CA LEU D 218 -21.09 7.41 19.67
C LEU D 218 -22.33 7.84 20.40
N THR D 219 -23.12 6.88 20.87
CA THR D 219 -24.27 7.13 21.76
C THR D 219 -24.72 5.83 22.37
N ASN D 220 -26.04 5.75 22.61
CA ASN D 220 -26.72 4.51 23.01
C ASN D 220 -28.25 4.63 22.98
N LYS D 221 -28.75 5.50 22.12
CA LYS D 221 -30.18 5.50 21.82
C LYS D 221 -30.47 4.35 20.84
N ILE D 222 -30.56 3.12 21.34
CA ILE D 222 -30.96 1.99 20.50
C ILE D 222 -32.46 2.09 20.18
N PRO D 223 -32.78 1.90 18.88
CA PRO D 223 -34.16 2.13 18.40
C PRO D 223 -35.15 1.12 18.97
N LYS D 224 -36.43 1.34 18.68
CA LYS D 224 -37.39 0.31 19.06
C LYS D 224 -37.13 -0.92 18.17
N PRO D 225 -37.21 -2.12 18.77
CA PRO D 225 -37.03 -3.32 18.00
C PRO D 225 -38.36 -3.65 17.29
N PRO D 226 -38.32 -4.61 16.35
CA PRO D 226 -39.49 -5.10 15.63
C PRO D 226 -40.30 -6.14 16.41
N GLN D 227 -41.61 -6.17 16.15
CA GLN D 227 -42.55 -6.99 16.88
C GLN D 227 -43.16 -8.02 15.96
N GLU D 228 -43.20 -9.28 16.37
CA GLU D 228 -43.82 -10.29 15.51
C GLU D 228 -45.32 -10.03 15.42
N VAL D 229 -45.94 -10.43 14.32
CA VAL D 229 -47.35 -10.11 14.09
C VAL D 229 -48.09 -11.09 13.16
N LYS D 230 -49.40 -11.26 13.44
CA LYS D 230 -50.28 -12.20 12.72
C LYS D 230 -50.33 -11.93 11.22
N PRO D 231 -50.29 -12.99 10.41
CA PRO D 231 -50.30 -12.90 8.95
C PRO D 231 -51.47 -12.06 8.41
N HIS D 232 -51.26 -11.40 7.27
CA HIS D 232 -52.28 -10.55 6.66
C HIS D 232 -52.87 -11.16 5.38
N PRO D 233 -54.20 -11.31 5.37
CA PRO D 233 -55.08 -11.93 4.38
C PRO D 233 -54.66 -11.75 2.94
N TYR D 234 -54.52 -10.51 2.50
CA TYR D 234 -54.28 -10.20 1.10
C TYR D 234 -52.97 -10.82 0.57
N GLY D 235 -52.09 -11.21 1.49
CA GLY D 235 -50.79 -11.76 1.09
C GLY D 235 -50.50 -13.20 1.46
N VAL D 236 -51.51 -14.07 1.46
CA VAL D 236 -51.31 -15.50 1.72
C VAL D 236 -52.15 -16.38 0.81
N ASP D 237 -51.69 -17.60 0.58
CA ASP D 237 -52.32 -18.48 -0.41
C ASP D 237 -52.35 -19.95 0.00
N ARG D 238 -52.77 -20.79 -0.94
CA ARG D 238 -52.88 -22.23 -0.74
C ARG D 238 -51.87 -22.82 0.25
N GLU D 239 -50.60 -22.83 -0.17
CA GLU D 239 -49.52 -23.42 0.62
C GLU D 239 -49.59 -23.09 2.12
N GLU D 240 -49.70 -21.80 2.45
CA GLU D 240 -49.67 -21.36 3.85
C GLU D 240 -50.88 -21.81 4.63
N ILE D 241 -52.06 -21.34 4.24
CA ILE D 241 -53.29 -21.72 4.91
C ILE D 241 -53.22 -23.17 5.42
N LYS D 242 -52.76 -24.08 4.57
CA LYS D 242 -52.59 -25.47 4.94
C LYS D 242 -51.76 -25.64 6.22
N ILE D 243 -50.61 -24.98 6.26
CA ILE D 243 -49.66 -25.16 7.36
C ILE D 243 -50.05 -24.38 8.62
N LEU D 244 -50.91 -23.38 8.46
CA LEU D 244 -51.50 -22.71 9.62
C LEU D 244 -52.45 -23.67 10.31
N ILE D 245 -53.07 -24.54 9.52
CA ILE D 245 -54.09 -25.46 10.01
C ILE D 245 -53.49 -26.71 10.65
N ASN D 246 -52.60 -27.38 9.94
CA ASN D 246 -51.97 -28.59 10.47
C ASN D 246 -50.90 -28.27 11.51
N ASN D 247 -50.83 -27.01 11.90
CA ASN D 247 -49.91 -26.56 12.93
C ASN D 247 -50.66 -26.15 14.21
N LEU D 248 -51.95 -26.47 14.26
CA LEU D 248 -52.80 -26.08 15.38
C LEU D 248 -52.78 -27.09 16.53
N LYS D 249 -53.52 -26.80 17.60
CA LYS D 249 -53.54 -27.67 18.78
C LYS D 249 -54.93 -28.12 19.18
N ARG D 250 -55.95 -27.32 18.86
CA ARG D 250 -57.32 -27.67 19.24
C ARG D 250 -58.28 -27.72 18.05
N ASP D 251 -59.57 -27.79 18.34
CA ASP D 251 -60.58 -27.85 17.29
C ASP D 251 -61.20 -26.47 17.07
N TYR D 252 -60.49 -25.59 16.40
CA TYR D 252 -61.05 -24.30 16.01
C TYR D 252 -62.15 -24.54 14.97
N THR D 253 -63.17 -23.70 14.97
CA THR D 253 -64.12 -23.69 13.85
C THR D 253 -63.55 -22.78 12.78
N ILE D 254 -64.22 -22.70 11.63
CA ILE D 254 -63.74 -21.82 10.58
C ILE D 254 -63.83 -20.37 11.02
N LYS D 255 -64.91 -20.03 11.72
CA LYS D 255 -65.07 -18.69 12.25
C LYS D 255 -63.83 -18.25 13.01
N GLU D 256 -63.70 -18.71 14.26
CA GLU D 256 -62.52 -18.42 15.05
C GLU D 256 -61.32 -18.28 14.13
N PHE D 257 -61.17 -19.27 13.27
CA PHE D 257 -59.98 -19.40 12.45
C PHE D 257 -59.76 -18.20 11.51
N LEU D 258 -60.85 -17.65 10.99
CA LEU D 258 -60.73 -16.49 10.09
C LEU D 258 -60.53 -15.18 10.83
N VAL D 259 -60.57 -15.23 12.15
CA VAL D 259 -60.53 -14.02 12.94
C VAL D 259 -59.30 -13.97 13.84
N ASN D 260 -59.15 -14.98 14.69
CA ASN D 260 -58.07 -15.02 15.67
C ASN D 260 -56.74 -15.54 15.11
N GLU D 261 -56.56 -15.42 13.79
CA GLU D 261 -55.38 -15.95 13.14
C GLU D 261 -54.79 -15.02 12.08
N PHE D 262 -55.52 -13.95 11.74
CA PHE D 262 -55.09 -12.99 10.71
C PHE D 262 -55.27 -11.55 11.18
N GLN D 263 -54.50 -10.63 10.62
CA GLN D 263 -54.72 -9.19 10.82
C GLN D 263 -56.02 -8.75 10.15
N SER D 264 -56.88 -8.05 10.88
CA SER D 264 -57.92 -7.26 10.23
C SER D 264 -59.31 -7.91 10.13
N ILE D 265 -59.73 -8.70 11.11
CA ILE D 265 -60.95 -9.46 10.87
C ILE D 265 -61.95 -9.55 12.03
N GLY D 266 -62.71 -8.47 12.25
CA GLY D 266 -63.69 -8.39 13.34
C GLY D 266 -64.95 -9.16 13.07
N ASP D 267 -65.84 -9.19 14.07
CA ASP D 267 -67.10 -9.96 13.99
C ASP D 267 -67.87 -9.75 12.68
N THR D 268 -68.28 -8.51 12.42
CA THR D 268 -69.05 -8.16 11.22
C THR D 268 -68.15 -8.09 9.99
N THR D 269 -66.92 -7.67 10.20
CA THR D 269 -65.93 -7.60 9.13
C THR D 269 -65.72 -9.00 8.53
N ALA D 270 -65.76 -10.03 9.37
CA ALA D 270 -65.50 -11.40 8.95
C ALA D 270 -66.70 -12.11 8.32
N ASP D 271 -67.83 -12.10 9.02
CA ASP D 271 -69.04 -12.79 8.57
C ASP D 271 -69.27 -12.66 7.08
N LYS D 272 -68.96 -11.50 6.52
CA LYS D 272 -69.20 -11.24 5.11
C LYS D 272 -68.26 -12.00 4.18
N ILE D 273 -67.12 -12.42 4.71
CA ILE D 273 -66.20 -13.25 3.94
C ILE D 273 -66.80 -14.64 3.75
N LEU D 274 -67.54 -15.08 4.76
CA LEU D 274 -68.21 -16.36 4.69
C LEU D 274 -69.40 -16.32 3.75
N GLU D 275 -69.92 -15.12 3.53
CA GLU D 275 -71.00 -14.92 2.57
C GLU D 275 -70.44 -15.06 1.16
N LEU D 276 -69.23 -14.57 0.96
CA LEU D 276 -68.56 -14.63 -0.33
C LEU D 276 -68.18 -16.06 -0.68
N ALA D 277 -67.08 -16.53 -0.08
CA ALA D 277 -66.60 -17.89 -0.33
C ALA D 277 -67.74 -18.91 -0.20
N GLY D 278 -68.84 -18.48 0.43
CA GLY D 278 -70.01 -19.32 0.59
C GLY D 278 -69.71 -20.51 1.47
N LEU D 279 -69.54 -20.26 2.77
CA LEU D 279 -69.23 -21.31 3.72
C LEU D 279 -70.08 -21.21 4.97
N LYS D 280 -70.44 -22.36 5.53
CA LYS D 280 -71.09 -22.40 6.84
C LYS D 280 -70.10 -21.85 7.87
N PRO D 281 -70.61 -21.12 8.88
CA PRO D 281 -69.73 -20.46 9.85
C PRO D 281 -69.26 -21.37 10.99
N ASN D 282 -70.17 -22.22 11.49
CA ASN D 282 -69.86 -23.12 12.59
C ASN D 282 -69.46 -24.51 12.12
N LYS D 283 -68.42 -24.58 11.29
CA LYS D 283 -67.92 -25.87 10.79
C LYS D 283 -66.50 -26.15 11.27
N LYS D 284 -66.27 -27.39 11.69
CA LYS D 284 -64.94 -27.84 12.06
C LYS D 284 -63.90 -27.47 11.01
N VAL D 285 -62.70 -27.13 11.44
CA VAL D 285 -61.66 -26.66 10.52
C VAL D 285 -60.93 -27.82 9.85
N LYS D 286 -60.56 -28.83 10.64
CA LYS D 286 -59.82 -29.97 10.12
C LYS D 286 -60.53 -30.65 8.95
N ASN D 287 -61.77 -30.23 8.67
CA ASN D 287 -62.59 -30.84 7.61
C ASN D 287 -62.74 -29.97 6.36
N LEU D 288 -61.62 -29.54 5.78
CA LEU D 288 -61.67 -28.68 4.60
C LEU D 288 -61.03 -29.31 3.37
N THR D 289 -61.84 -29.53 2.34
CA THR D 289 -61.36 -30.13 1.09
C THR D 289 -60.36 -29.22 0.39
N GLU D 290 -59.71 -29.74 -0.65
CA GLU D 290 -58.72 -29.00 -1.40
C GLU D 290 -59.30 -27.80 -2.16
N GLU D 291 -60.55 -27.94 -2.58
CA GLU D 291 -61.21 -26.93 -3.40
C GLU D 291 -61.87 -25.85 -2.57
N GLU D 292 -62.54 -26.25 -1.49
CA GLU D 292 -63.17 -25.30 -0.57
C GLU D 292 -62.17 -24.22 -0.19
N ILE D 293 -60.96 -24.64 0.18
CA ILE D 293 -59.89 -23.71 0.54
C ILE D 293 -59.74 -22.64 -0.53
N THR D 294 -59.47 -23.05 -1.75
CA THR D 294 -59.22 -22.12 -2.85
C THR D 294 -60.36 -21.12 -2.99
N ARG D 295 -61.59 -21.63 -3.02
CA ARG D 295 -62.77 -20.77 -3.15
C ARG D 295 -62.76 -19.68 -2.07
N LEU D 296 -61.96 -19.90 -1.04
CA LEU D 296 -61.73 -18.89 -0.01
C LEU D 296 -60.60 -17.95 -0.43
N VAL D 297 -59.43 -18.52 -0.75
CA VAL D 297 -58.26 -17.73 -1.09
C VAL D 297 -58.52 -16.78 -2.26
N GLU D 298 -59.55 -17.07 -3.04
CA GLU D 298 -59.99 -16.17 -4.10
C GLU D 298 -60.56 -14.90 -3.49
N THR D 299 -61.61 -15.06 -2.69
CA THR D 299 -62.31 -13.93 -2.08
C THR D 299 -61.37 -13.11 -1.20
N PHE D 300 -60.35 -13.77 -0.65
CA PHE D 300 -59.28 -13.07 0.04
C PHE D 300 -58.67 -12.06 -0.91
N LYS D 301 -58.21 -12.56 -2.05
CA LYS D 301 -57.53 -11.75 -3.06
C LYS D 301 -58.33 -10.56 -3.54
N LYS D 302 -59.65 -10.69 -3.55
CA LYS D 302 -60.51 -9.65 -4.11
C LYS D 302 -61.06 -8.65 -3.10
N ASP D 303 -61.56 -9.13 -1.97
CA ASP D 303 -62.20 -8.25 -0.98
C ASP D 303 -61.54 -6.86 -0.95
N GLU D 304 -62.36 -5.83 -1.05
CA GLU D 304 -61.88 -4.46 -1.24
C GLU D 304 -61.25 -3.80 -0.02
N ASP D 305 -62.07 -3.51 0.98
CA ASP D 305 -61.63 -2.73 2.15
C ASP D 305 -61.18 -3.56 3.36
N PHE D 306 -59.88 -3.74 3.49
CA PHE D 306 -59.30 -4.22 4.73
C PHE D 306 -58.72 -2.99 5.39
N ARG D 307 -57.85 -3.19 6.36
CA ARG D 307 -57.05 -2.08 6.89
C ARG D 307 -55.65 -2.20 6.30
N SER D 308 -54.70 -1.46 6.87
CA SER D 308 -53.32 -1.51 6.40
C SER D 308 -52.53 -2.60 7.13
N PRO D 309 -51.65 -3.30 6.41
CA PRO D 309 -50.75 -4.26 7.03
C PRO D 309 -49.89 -3.59 8.09
N SER D 310 -50.30 -3.66 9.36
CA SER D 310 -49.61 -2.99 10.46
C SER D 310 -48.10 -3.12 10.43
N ALA D 311 -47.41 -2.02 10.74
CA ALA D 311 -45.95 -1.96 10.64
C ALA D 311 -45.24 -2.06 11.97
N ASP D 312 -45.91 -2.67 12.97
CA ASP D 312 -45.29 -2.90 14.26
C ASP D 312 -44.34 -4.08 14.14
N SER D 313 -44.33 -4.69 12.97
CA SER D 313 -43.39 -5.75 12.65
C SER D 313 -42.12 -5.16 12.08
N LEU D 314 -42.14 -3.85 11.83
CA LEU D 314 -41.00 -3.17 11.22
C LEU D 314 -40.10 -2.51 12.25
N SER D 315 -38.98 -1.96 11.77
CA SER D 315 -37.98 -1.28 12.61
C SER D 315 -37.29 -0.21 11.78
N VAL D 316 -36.99 0.94 12.39
CA VAL D 316 -36.41 2.07 11.67
C VAL D 316 -35.05 2.53 12.18
N ILE D 317 -34.25 3.19 11.33
CA ILE D 317 -32.98 3.74 11.80
C ILE D 317 -33.30 4.85 12.78
N GLY D 318 -33.80 5.96 12.24
CA GLY D 318 -34.14 7.12 13.05
C GLY D 318 -33.68 8.45 12.46
N GLU D 319 -34.61 9.40 12.39
CA GLU D 319 -34.30 10.74 11.91
C GLU D 319 -33.16 11.45 12.66
N ASP D 320 -32.28 10.69 13.29
CA ASP D 320 -31.23 11.30 14.11
C ASP D 320 -29.96 10.45 14.13
N LEU D 321 -30.11 9.14 14.38
CA LEU D 321 -28.97 8.23 14.33
C LEU D 321 -28.39 8.35 12.94
N ILE D 322 -29.28 8.58 11.98
CA ILE D 322 -28.85 8.88 10.63
C ILE D 322 -27.96 10.09 10.71
N GLU D 323 -28.55 11.23 11.07
CA GLU D 323 -27.79 12.48 11.15
C GLU D 323 -26.43 12.25 11.81
N LEU D 324 -26.44 11.85 13.08
CA LEU D 324 -25.20 11.55 13.79
C LEU D 324 -24.28 10.68 12.95
N GLY D 325 -24.75 9.48 12.63
CA GLY D 325 -24.00 8.55 11.81
C GLY D 325 -23.18 9.23 10.73
N LEU D 326 -23.86 9.91 9.81
CA LEU D 326 -23.17 10.50 8.68
C LEU D 326 -22.69 11.90 8.97
N LYS D 327 -22.68 12.29 10.23
CA LYS D 327 -22.06 13.55 10.59
C LYS D 327 -20.65 13.24 11.12
N LYS D 328 -20.58 12.16 11.89
CA LYS D 328 -19.38 11.85 12.62
C LYS D 328 -18.41 11.05 11.77
N ILE D 329 -18.52 11.23 10.47
CA ILE D 329 -17.68 10.45 9.57
C ILE D 329 -17.42 11.18 8.25
N PHE D 330 -18.31 12.09 7.91
CA PHE D 330 -18.13 12.93 6.72
C PHE D 330 -17.78 14.36 7.11
N ASN D 331 -18.23 14.77 8.29
CA ASN D 331 -18.04 16.13 8.80
C ASN D 331 -18.36 17.18 7.76
N PRO D 332 -19.65 17.37 7.46
CA PRO D 332 -20.06 18.28 6.41
C PRO D 332 -20.28 19.68 6.94
N ASP D 333 -20.93 20.54 6.16
CA ASP D 333 -21.30 21.85 6.64
C ASP D 333 -22.79 21.86 6.95
N PHE D 334 -23.49 20.80 6.54
CA PHE D 334 -24.92 20.66 6.81
C PHE D 334 -25.40 19.21 6.64
N ALA D 335 -26.39 18.82 7.43
CA ALA D 335 -26.96 17.49 7.36
C ALA D 335 -28.48 17.52 7.61
N ALA D 336 -29.18 16.53 7.08
CA ALA D 336 -30.61 16.39 7.31
C ALA D 336 -31.12 15.02 6.90
N SER D 337 -32.20 14.59 7.53
CA SER D 337 -32.75 13.27 7.31
C SER D 337 -34.25 13.30 7.44
N ILE D 338 -34.89 12.19 7.09
CA ILE D 338 -36.35 12.12 7.10
C ILE D 338 -36.84 10.69 7.12
N THR D 339 -37.79 10.42 8.01
CA THR D 339 -38.43 9.11 8.09
C THR D 339 -39.91 9.23 7.76
N ARG D 340 -40.35 8.56 6.69
CA ARG D 340 -41.73 8.69 6.22
C ARG D 340 -42.74 7.91 7.06
N LYS D 341 -44.02 8.24 6.87
CA LYS D 341 -45.06 7.42 7.45
C LYS D 341 -45.12 6.16 6.59
N PRO D 342 -45.57 5.04 7.17
CA PRO D 342 -45.49 3.75 6.50
C PRO D 342 -46.58 3.54 5.48
N LYS D 343 -46.19 3.04 4.31
CA LYS D 343 -47.13 2.66 3.26
C LYS D 343 -47.29 1.14 3.26
N ALA D 344 -47.93 0.63 2.22
CA ALA D 344 -48.27 -0.80 2.16
C ALA D 344 -48.19 -1.40 0.76
N TYR D 345 -47.65 -2.61 0.69
CA TYR D 345 -47.45 -3.34 -0.56
C TYR D 345 -47.75 -4.83 -0.37
N GLN D 346 -48.55 -5.40 -1.28
CA GLN D 346 -48.84 -6.83 -1.25
C GLN D 346 -48.83 -7.43 0.15
N GLY D 347 -49.85 -7.10 0.94
CA GLY D 347 -50.07 -7.70 2.26
C GLY D 347 -49.03 -7.35 3.33
N HIS D 348 -48.03 -6.57 2.94
CA HIS D 348 -46.91 -6.23 3.81
C HIS D 348 -46.75 -4.72 3.90
N PRO D 349 -46.16 -4.24 5.02
CA PRO D 349 -45.85 -2.82 5.16
C PRO D 349 -44.41 -2.48 4.75
N PHE D 350 -44.16 -1.20 4.54
CA PHE D 350 -42.81 -0.75 4.26
C PHE D 350 -42.66 0.74 4.58
N ILE D 351 -41.44 1.14 4.96
CA ILE D 351 -41.13 2.56 5.10
C ILE D 351 -39.85 2.91 4.40
N VAL D 352 -39.77 4.16 3.95
CA VAL D 352 -38.58 4.68 3.33
C VAL D 352 -38.00 5.78 4.20
N GLU D 353 -36.72 5.66 4.52
CA GLU D 353 -35.98 6.73 5.16
C GLU D 353 -35.00 7.33 4.16
N ALA D 354 -34.59 8.57 4.40
CA ALA D 354 -33.75 9.28 3.46
C ALA D 354 -32.95 10.36 4.15
N GLY D 355 -31.74 10.61 3.65
CA GLY D 355 -30.90 11.67 4.20
C GLY D 355 -29.90 12.19 3.18
N VAL D 356 -29.33 13.35 3.47
CA VAL D 356 -28.26 13.94 2.64
C VAL D 356 -27.27 14.74 3.47
N ALA D 357 -26.01 14.70 3.10
CA ALA D 357 -25.02 15.51 3.75
C ALA D 357 -24.25 16.30 2.71
N PHE D 358 -23.81 17.49 3.08
CA PHE D 358 -23.24 18.42 2.12
C PHE D 358 -22.06 19.25 2.62
N GLY D 359 -21.08 19.41 1.74
CA GLY D 359 -19.96 20.32 1.96
C GLY D 359 -18.93 19.81 2.95
N GLY D 360 -18.21 20.75 3.56
CA GLY D 360 -17.22 20.43 4.59
C GLY D 360 -16.05 19.59 4.11
N SER D 361 -16.00 18.35 4.59
CA SER D 361 -14.88 17.45 4.30
C SER D 361 -15.12 16.53 3.12
N ILE D 362 -16.39 16.36 2.74
CA ILE D 362 -16.78 15.55 1.58
C ILE D 362 -15.99 15.92 0.31
N PRO D 363 -15.45 14.90 -0.36
CA PRO D 363 -14.59 15.05 -1.53
C PRO D 363 -15.30 15.70 -2.69
N VAL D 364 -14.68 16.71 -3.30
CA VAL D 364 -15.25 17.39 -4.45
C VAL D 364 -15.13 16.52 -5.70
N GLY D 365 -16.27 16.19 -6.29
CA GLY D 365 -16.32 15.34 -7.46
C GLY D 365 -17.48 15.77 -8.33
N GLU D 366 -17.60 15.16 -9.51
CA GLU D 366 -18.61 15.56 -10.50
C GLU D 366 -20.00 14.95 -10.25
N GLU D 367 -20.08 14.00 -9.33
CA GLU D 367 -21.34 13.32 -9.11
C GLU D 367 -21.52 12.90 -7.64
N PRO D 368 -22.77 12.69 -7.20
CA PRO D 368 -23.01 12.45 -5.79
C PRO D 368 -22.70 11.02 -5.42
N ILE D 369 -22.43 10.78 -4.14
CA ILE D 369 -22.23 9.43 -3.61
C ILE D 369 -23.55 8.88 -3.09
N VAL D 370 -23.84 7.63 -3.40
CA VAL D 370 -25.12 7.04 -3.05
C VAL D 370 -24.96 5.82 -2.14
N LEU D 371 -25.40 5.93 -0.90
CA LEU D 371 -25.41 4.78 -0.01
C LEU D 371 -26.79 4.12 0.08
N ARG D 372 -26.83 2.84 -0.25
CA ARG D 372 -28.09 2.10 -0.28
C ARG D 372 -28.26 1.25 0.96
N TYR D 373 -29.48 1.22 1.48
CA TYR D 373 -29.78 0.46 2.68
C TYR D 373 -31.11 -0.27 2.61
N ALA D 374 -31.03 -1.60 2.74
CA ALA D 374 -32.22 -2.46 2.84
C ALA D 374 -32.23 -3.27 4.15
N ASN D 375 -33.21 -2.98 4.99
CA ASN D 375 -33.37 -3.67 6.28
C ASN D 375 -32.17 -3.56 7.23
N LYS D 376 -31.61 -2.36 7.35
CA LYS D 376 -30.50 -2.08 8.27
C LYS D 376 -29.20 -2.76 7.87
N ILE D 377 -29.07 -3.06 6.57
CA ILE D 377 -27.82 -3.59 6.03
C ILE D 377 -27.42 -2.93 4.72
N PRO D 378 -26.11 -2.68 4.54
CA PRO D 378 -25.65 -2.01 3.36
C PRO D 378 -25.76 -2.94 2.18
N LEU D 379 -25.97 -2.38 1.01
CA LEU D 379 -25.90 -3.13 -0.23
C LEU D 379 -24.73 -2.54 -1.00
N ILE D 380 -23.84 -3.39 -1.48
CA ILE D 380 -22.61 -2.93 -2.13
C ILE D 380 -22.58 -3.21 -3.64
N TYR D 381 -22.90 -4.45 -4.00
CA TYR D 381 -22.81 -4.90 -5.38
C TYR D 381 -24.06 -4.61 -6.20
N ASP D 382 -23.85 -4.08 -7.41
CA ASP D 382 -24.92 -3.85 -8.39
C ASP D 382 -25.61 -2.50 -8.25
N GLU D 383 -24.96 -1.57 -7.55
CA GLU D 383 -25.51 -0.22 -7.36
C GLU D 383 -26.02 0.38 -8.65
N LYS D 384 -25.64 -0.24 -9.77
CA LYS D 384 -25.92 0.32 -11.08
C LYS D 384 -27.31 -0.09 -11.58
N SER D 385 -27.81 -1.19 -11.04
CA SER D 385 -29.09 -1.74 -11.49
C SER D 385 -30.13 -1.58 -10.40
N ASP D 386 -30.01 -0.51 -9.64
CA ASP D 386 -30.87 -0.31 -8.48
C ASP D 386 -32.00 0.67 -8.78
N VAL D 387 -33.17 0.39 -8.21
CA VAL D 387 -34.30 1.30 -8.34
C VAL D 387 -33.92 2.65 -7.77
N ILE D 388 -32.97 2.64 -6.83
CA ILE D 388 -32.51 3.86 -6.19
C ILE D 388 -31.53 4.62 -7.06
N TRP D 389 -30.51 3.91 -7.53
CA TRP D 389 -29.49 4.54 -8.37
C TRP D 389 -30.14 5.27 -9.53
N LYS D 390 -31.35 4.82 -9.89
CA LYS D 390 -32.11 5.50 -10.91
C LYS D 390 -32.57 6.87 -10.38
N VAL D 391 -33.51 6.84 -9.44
CA VAL D 391 -34.10 8.06 -8.90
C VAL D 391 -33.07 9.18 -8.65
N VAL D 392 -32.01 8.85 -7.91
CA VAL D 392 -31.02 9.85 -7.54
C VAL D 392 -30.07 10.27 -8.67
N GLU D 393 -30.09 9.57 -9.79
CA GLU D 393 -29.39 10.09 -10.95
C GLU D 393 -30.38 10.77 -11.88
N GLU D 394 -31.62 10.30 -11.83
CA GLU D 394 -32.71 10.86 -12.62
C GLU D 394 -33.07 12.27 -12.14
N LEU D 395 -32.95 12.49 -10.84
CA LEU D 395 -33.31 13.77 -10.20
C LEU D 395 -32.54 15.01 -10.72
N ASP D 396 -33.28 16.09 -10.97
CA ASP D 396 -32.72 17.35 -11.49
C ASP D 396 -32.16 18.24 -10.37
N TRP D 397 -30.85 18.21 -10.18
CA TRP D 397 -30.23 18.84 -9.00
C TRP D 397 -30.10 20.36 -9.06
N LYS D 398 -30.56 20.96 -10.14
CA LYS D 398 -30.53 22.42 -10.25
C LYS D 398 -31.80 23.04 -9.67
N ARG D 399 -32.93 22.36 -9.87
CA ARG D 399 -34.20 22.79 -9.27
C ARG D 399 -34.08 22.77 -7.75
N TYR D 400 -32.92 22.31 -7.28
CA TYR D 400 -32.57 22.39 -5.88
C TYR D 400 -31.17 22.97 -5.74
N GLY D 401 -31.07 24.29 -5.79
CA GLY D 401 -29.83 25.01 -5.48
C GLY D 401 -28.63 24.79 -6.39
N ILE D 402 -28.04 23.60 -6.28
CA ILE D 402 -26.79 23.29 -6.97
C ILE D 402 -26.55 24.11 -8.24
N GLU D 403 -25.57 25.00 -8.17
CA GLU D 403 -25.17 25.78 -9.34
C GLU D 403 -24.02 25.13 -10.07
N SER D 404 -23.07 24.59 -9.32
CA SER D 404 -21.79 24.20 -9.90
C SER D 404 -21.81 22.85 -10.65
N ASP D 405 -20.77 22.67 -11.47
CA ASP D 405 -20.54 21.45 -12.22
C ASP D 405 -20.12 20.33 -11.26
N GLN D 406 -19.06 20.59 -10.49
CA GLN D 406 -18.58 19.66 -9.48
C GLN D 406 -19.01 20.11 -8.08
N TYR D 407 -19.30 19.13 -7.22
CA TYR D 407 -19.87 19.41 -5.89
C TYR D 407 -19.74 18.19 -4.95
N GLN D 408 -19.87 18.44 -3.65
CA GLN D 408 -19.75 17.37 -2.65
C GLN D 408 -21.07 17.04 -1.97
N MET D 409 -21.82 16.10 -2.53
CA MET D 409 -23.08 15.68 -1.93
C MET D 409 -23.07 14.18 -1.65
N VAL D 410 -23.75 13.78 -0.56
CA VAL D 410 -23.92 12.37 -0.22
C VAL D 410 -25.41 12.10 0.02
N VAL D 411 -25.87 10.91 -0.37
CA VAL D 411 -27.29 10.59 -0.29
C VAL D 411 -27.55 9.20 0.31
N MET D 412 -28.39 9.14 1.33
CA MET D 412 -28.70 7.89 2.02
C MET D 412 -30.17 7.55 1.86
N VAL D 413 -30.43 6.37 1.29
CA VAL D 413 -31.79 5.91 1.06
C VAL D 413 -32.01 4.51 1.66
N HIS D 414 -32.86 4.43 2.68
CA HIS D 414 -33.15 3.15 3.34
C HIS D 414 -34.53 2.63 2.98
N LEU D 415 -34.62 1.33 2.78
CA LEU D 415 -35.89 0.68 2.46
C LEU D 415 -36.02 -0.54 3.33
N CYS D 416 -37.17 -0.69 3.99
CA CYS D 416 -37.40 -1.84 4.86
C CYS D 416 -38.84 -2.33 4.86
N SER D 417 -38.98 -3.65 4.90
CA SER D 417 -40.26 -4.33 4.94
C SER D 417 -40.00 -5.81 5.27
N THR D 418 -41.06 -6.59 5.36
CA THR D 418 -40.91 -8.02 5.54
C THR D 418 -40.91 -8.70 4.18
N LYS D 419 -41.13 -7.90 3.14
CA LYS D 419 -41.23 -8.41 1.79
C LYS D 419 -40.51 -7.48 0.78
N ILE D 420 -39.19 -7.48 0.84
CA ILE D 420 -38.37 -6.65 -0.06
C ILE D 420 -38.30 -7.27 -1.45
N PRO D 421 -38.84 -6.57 -2.46
CA PRO D 421 -38.77 -7.04 -3.84
C PRO D 421 -37.38 -6.87 -4.45
N TYR D 422 -36.69 -7.99 -4.68
CA TYR D 422 -35.36 -7.99 -5.31
C TYR D 422 -35.44 -8.28 -6.81
N LYS D 423 -34.66 -7.54 -7.61
CA LYS D 423 -34.85 -7.53 -9.06
C LYS D 423 -34.55 -8.86 -9.76
N SER D 424 -33.40 -9.46 -9.48
CA SER D 424 -33.01 -10.68 -10.18
C SER D 424 -32.68 -11.79 -9.21
N ALA D 425 -32.13 -12.89 -9.73
CA ALA D 425 -31.74 -14.04 -8.93
C ALA D 425 -30.62 -13.69 -7.96
N GLY D 426 -31.01 -13.29 -6.75
CA GLY D 426 -30.07 -12.87 -5.69
C GLY D 426 -28.86 -12.10 -6.19
N LYS D 427 -29.08 -10.85 -6.59
CA LYS D 427 -28.01 -10.02 -7.16
C LYS D 427 -27.86 -8.65 -6.48
N GLU D 428 -28.29 -8.57 -5.23
CA GLU D 428 -27.97 -7.44 -4.32
C GLU D 428 -28.49 -6.05 -4.74
N SER D 429 -29.65 -5.99 -5.38
CA SER D 429 -30.27 -4.72 -5.72
C SER D 429 -31.78 -4.83 -5.88
N ILE D 430 -32.44 -3.68 -5.71
CA ILE D 430 -33.87 -3.64 -5.54
C ILE D 430 -34.67 -3.55 -6.83
N ALA D 431 -35.89 -4.06 -6.79
CA ALA D 431 -36.76 -4.16 -7.96
C ALA D 431 -37.64 -2.92 -8.16
N GLU D 432 -38.05 -2.70 -9.41
CA GLU D 432 -38.74 -1.48 -9.80
C GLU D 432 -40.24 -1.50 -9.56
N VAL D 433 -40.64 -1.93 -8.37
CA VAL D 433 -42.04 -1.89 -7.93
C VAL D 433 -42.54 -0.46 -7.86
N GLU D 434 -43.52 -0.11 -8.70
CA GLU D 434 -43.93 1.30 -8.85
C GLU D 434 -44.33 1.96 -7.55
N ASN D 435 -45.40 1.48 -6.94
CA ASN D 435 -45.86 2.05 -5.66
C ASN D 435 -44.73 2.31 -4.66
N ILE D 436 -43.65 1.54 -4.76
CA ILE D 436 -42.49 1.76 -3.92
C ILE D 436 -41.71 2.95 -4.45
N GLU D 437 -41.34 2.87 -5.73
CA GLU D 437 -40.56 3.92 -6.36
C GLU D 437 -41.06 5.35 -6.10
N LYS D 438 -42.37 5.51 -5.96
CA LYS D 438 -42.95 6.84 -5.70
C LYS D 438 -42.71 7.34 -4.28
N GLU D 439 -42.76 6.44 -3.30
CA GLU D 439 -42.45 6.83 -1.94
C GLU D 439 -40.94 7.00 -1.76
N ILE D 440 -40.15 6.42 -2.66
CA ILE D 440 -38.72 6.63 -2.65
C ILE D 440 -38.39 8.00 -3.19
N LYS D 441 -39.13 8.40 -4.22
CA LYS D 441 -38.94 9.71 -4.79
C LYS D 441 -39.24 10.75 -3.74
N ASN D 442 -40.49 11.18 -3.66
CA ASN D 442 -40.92 12.16 -2.66
C ASN D 442 -39.97 12.27 -1.46
N ALA D 443 -39.58 11.14 -0.89
CA ALA D 443 -38.71 11.12 0.29
C ALA D 443 -37.44 11.92 0.04
N LEU D 444 -36.86 11.75 -1.14
CA LEU D 444 -35.68 12.50 -1.55
C LEU D 444 -36.00 13.98 -1.70
N MET D 445 -37.11 14.26 -2.36
CA MET D 445 -37.58 15.62 -2.50
C MET D 445 -37.72 16.28 -1.12
N GLU D 446 -38.32 15.58 -0.16
CA GLU D 446 -38.50 16.12 1.20
C GLU D 446 -37.20 16.45 1.92
N VAL D 447 -36.07 15.95 1.42
CA VAL D 447 -34.76 16.39 1.93
C VAL D 447 -34.17 17.42 1.01
N ALA D 448 -34.18 17.11 -0.28
CA ALA D 448 -33.58 17.98 -1.30
C ALA D 448 -34.03 19.43 -1.19
N ARG D 449 -35.28 19.65 -0.78
CA ARG D 449 -35.82 21.00 -0.58
C ARG D 449 -35.46 21.53 0.81
N LYS D 450 -34.73 20.73 1.59
CA LYS D 450 -34.10 21.20 2.82
C LYS D 450 -32.66 21.61 2.57
N LEU D 451 -31.86 20.73 1.98
CA LEU D 451 -30.48 21.07 1.62
C LEU D 451 -30.46 22.40 0.87
N LYS D 452 -31.40 22.58 -0.05
CA LYS D 452 -31.55 23.84 -0.77
C LYS D 452 -31.74 25.02 0.17
N GLN D 453 -32.43 24.77 1.28
CA GLN D 453 -32.69 25.82 2.27
C GLN D 453 -31.40 26.38 2.86
N TYR D 454 -30.60 25.49 3.45
CA TYR D 454 -29.34 25.91 4.07
C TYR D 454 -28.44 26.58 3.07
N LEU D 455 -28.44 26.09 1.84
CA LEU D 455 -27.61 26.68 0.80
C LEU D 455 -28.31 27.85 0.11
N SER D 456 -29.42 28.30 0.67
CA SER D 456 -30.04 29.54 0.23
C SER D 456 -29.79 30.61 1.28
N GLU D 457 -29.47 30.19 2.49
CA GLU D 457 -29.14 31.11 3.56
C GLU D 457 -27.64 31.27 3.65
N LYS D 458 -26.91 30.64 2.73
CA LYS D 458 -25.46 30.82 2.67
C LYS D 458 -25.17 31.97 1.74
N ARG D 459 -25.89 32.04 0.63
CA ARG D 459 -25.76 33.20 -0.26
C ARG D 459 -26.31 34.44 0.42
N LYS D 460 -27.30 34.24 1.28
CA LYS D 460 -27.89 35.36 2.03
C LYS D 460 -26.86 35.92 3.01
N GLU D 461 -26.30 35.05 3.85
CA GLU D 461 -25.35 35.45 4.89
C GLU D 461 -24.09 36.07 4.29
N GLN D 462 -23.75 35.68 3.08
CA GLN D 462 -22.59 36.22 2.37
C GLN D 462 -22.95 37.49 1.62
N GLU D 463 -24.24 37.70 1.40
CA GLU D 463 -24.68 38.88 0.66
C GLU D 463 -24.69 40.12 1.55
N ALA D 464 -25.00 39.95 2.82
CA ALA D 464 -24.97 41.05 3.77
C ALA D 464 -23.54 41.57 3.91
N LYS D 465 -22.65 40.73 4.44
CA LYS D 465 -21.25 41.10 4.61
C LYS D 465 -20.63 41.61 3.32
N LYS D 466 -21.34 41.44 2.21
CA LYS D 466 -20.86 41.92 0.93
C LYS D 466 -21.25 43.38 0.77
N LYS D 467 -22.51 43.71 1.06
CA LYS D 467 -23.00 45.08 1.00
C LYS D 467 -22.51 45.84 2.21
N LEU D 468 -23.12 45.54 3.35
CA LEU D 468 -22.82 46.20 4.60
C LEU D 468 -21.33 46.45 4.79
N LEU D 469 -20.51 45.71 4.05
CA LEU D 469 -19.09 45.97 4.11
C LEU D 469 -18.77 47.16 3.20
N ALA D 470 -19.21 47.06 1.94
CA ALA D 470 -18.91 48.10 0.97
C ALA D 470 -19.45 49.46 1.40
N TYR D 471 -20.64 49.47 2.00
CA TYR D 471 -21.28 50.73 2.38
C TYR D 471 -20.49 51.50 3.43
N LEU D 472 -19.96 50.80 4.40
CA LEU D 472 -19.18 51.45 5.43
C LEU D 472 -18.04 52.27 4.86
N LYS D 473 -17.73 52.02 3.61
CA LYS D 473 -16.66 52.74 2.95
C LYS D 473 -17.22 53.91 2.17
N TYR D 474 -18.49 53.81 1.78
CA TYR D 474 -19.06 54.77 0.83
C TYR D 474 -19.95 55.83 1.46
N ILE D 475 -20.36 55.64 2.71
CA ILE D 475 -21.26 56.60 3.34
C ILE D 475 -20.54 57.74 4.06
N PRO D 476 -19.24 57.58 4.33
CA PRO D 476 -18.51 58.75 4.77
C PRO D 476 -18.19 59.69 3.60
N GLU D 477 -17.91 59.14 2.43
CA GLU D 477 -17.51 59.98 1.32
C GLU D 477 -18.65 60.83 0.82
N VAL D 478 -19.75 60.20 0.44
CA VAL D 478 -20.88 60.98 -0.01
C VAL D 478 -21.34 61.87 1.11
N SER D 479 -21.02 61.48 2.34
CA SER D 479 -21.39 62.30 3.47
C SER D 479 -20.65 63.62 3.40
N ARG D 480 -19.33 63.59 3.50
CA ARG D 480 -18.56 64.82 3.41
C ARG D 480 -18.95 65.60 2.19
N SER D 481 -18.85 64.97 1.03
CA SER D 481 -19.13 65.62 -0.22
C SER D 481 -20.43 66.40 -0.12
N LEU D 482 -21.53 65.71 0.18
CA LEU D 482 -22.83 66.38 0.27
C LEU D 482 -22.89 67.48 1.31
N ALA D 483 -21.97 67.48 2.27
CA ALA D 483 -21.97 68.52 3.29
C ALA D 483 -21.30 69.79 2.79
N THR D 484 -20.21 69.64 2.04
CA THR D 484 -19.54 70.80 1.46
C THR D 484 -20.53 71.62 0.67
N PHE D 485 -21.48 70.94 0.01
CA PHE D 485 -22.46 71.63 -0.78
C PHE D 485 -23.34 72.55 0.06
N LEU D 486 -23.62 72.14 1.30
CA LEU D 486 -24.46 72.97 2.16
C LEU D 486 -23.82 74.31 2.48
N ALA D 487 -23.13 74.38 3.61
CA ALA D 487 -22.41 75.58 3.97
C ALA D 487 -21.11 75.66 3.17
N SER D 488 -20.93 76.76 2.48
CA SER D 488 -19.74 77.00 1.69
C SER D 488 -18.57 77.38 2.58
N GLY D 489 -18.87 78.07 3.68
CA GLY D 489 -17.88 78.50 4.66
C GLY D 489 -17.29 77.33 5.44
N ASN D 490 -16.00 77.42 5.72
CA ASN D 490 -15.24 76.33 6.33
C ASN D 490 -15.50 76.08 7.84
N LYS D 491 -16.75 76.21 8.27
CA LYS D 491 -17.08 75.95 9.66
C LYS D 491 -18.03 74.77 9.83
N GLU D 492 -19.04 74.67 8.95
CA GLU D 492 -20.02 73.58 9.05
C GLU D 492 -19.45 72.27 8.52
N LEU D 493 -18.38 72.37 7.75
CA LEU D 493 -17.73 71.19 7.19
C LEU D 493 -17.91 70.02 8.16
N VAL D 494 -17.43 70.18 9.39
CA VAL D 494 -17.40 69.08 10.35
C VAL D 494 -18.69 68.91 11.16
N SER D 495 -19.60 69.87 11.02
CA SER D 495 -20.86 69.78 11.74
C SER D 495 -21.95 69.15 10.89
N LYS D 496 -22.03 69.58 9.63
CA LYS D 496 -23.01 69.02 8.70
C LYS D 496 -22.65 67.58 8.38
N TYR D 497 -21.35 67.37 8.17
CA TYR D 497 -20.75 66.03 8.11
C TYR D 497 -21.58 65.00 8.87
N GLN D 498 -21.30 64.90 10.16
CA GLN D 498 -21.82 63.82 10.99
C GLN D 498 -23.33 63.79 11.09
N ASN D 499 -23.98 64.95 11.12
CA ASN D 499 -25.43 64.98 11.30
C ASN D 499 -26.17 64.45 10.08
N GLU D 500 -25.43 63.90 9.13
CA GLU D 500 -26.04 63.17 8.04
C GLU D 500 -25.29 61.90 7.70
N ILE D 501 -24.11 61.74 8.32
CA ILE D 501 -23.40 60.48 8.25
C ILE D 501 -24.32 59.46 8.87
N SER D 502 -24.60 59.65 10.16
CA SER D 502 -25.49 58.75 10.88
C SER D 502 -26.90 58.83 10.31
N GLU D 503 -27.25 60.00 9.77
CA GLU D 503 -28.52 60.15 9.09
C GLU D 503 -28.57 59.17 7.91
N GLY D 504 -27.54 59.23 7.06
CA GLY D 504 -27.38 58.25 5.99
C GLY D 504 -27.43 56.83 6.54
N LEU D 505 -26.45 56.48 7.37
CA LEU D 505 -26.33 55.13 7.92
C LEU D 505 -27.68 54.47 8.19
N PHE D 506 -28.58 55.18 8.87
CA PHE D 506 -29.85 54.59 9.28
C PHE D 506 -30.75 54.30 8.08
N LYS D 507 -30.76 55.22 7.13
CA LYS D 507 -31.54 55.04 5.91
C LYS D 507 -31.16 53.72 5.24
N LEU D 508 -30.12 53.06 5.75
CA LEU D 508 -29.66 51.79 5.19
C LEU D 508 -30.35 50.61 5.83
N ILE D 509 -30.68 50.73 7.10
CA ILE D 509 -31.47 49.70 7.74
C ILE D 509 -32.89 49.69 7.16
N SER D 510 -32.99 50.17 5.92
CA SER D 510 -34.17 49.95 5.11
C SER D 510 -34.22 48.48 4.76
N LYS D 511 -33.12 47.97 4.22
CA LYS D 511 -33.05 46.56 3.85
C LYS D 511 -32.69 45.61 5.02
N LYS D 512 -31.50 45.78 5.58
CA LYS D 512 -31.02 44.86 6.62
C LYS D 512 -30.53 45.55 7.90
N LEU D 513 -30.87 44.95 9.04
CA LEU D 513 -30.59 45.50 10.38
C LEU D 513 -29.34 44.90 11.04
N ASP D 514 -28.29 45.71 11.19
CA ASP D 514 -27.13 45.32 12.01
C ASP D 514 -26.24 46.48 12.47
N LEU D 515 -25.79 46.36 13.72
CA LEU D 515 -24.84 47.30 14.32
C LEU D 515 -23.47 46.62 14.42
N ILE D 516 -22.52 47.11 13.64
CA ILE D 516 -21.25 46.43 13.45
C ILE D 516 -20.03 47.33 13.59
N ASN D 517 -19.08 46.90 14.41
CA ASN D 517 -17.82 47.61 14.59
C ASN D 517 -16.61 46.75 14.19
N ILE D 518 -15.95 47.13 13.09
CA ILE D 518 -14.88 46.34 12.49
C ILE D 518 -13.53 47.12 12.42
N GLU D 519 -12.58 46.64 13.27
CA GLU D 519 -11.39 47.40 13.73
C GLU D 519 -9.98 46.60 13.86
N ASP E 10 23.36 -91.14 35.09
CA ASP E 10 23.22 -92.10 33.95
C ASP E 10 22.79 -91.35 32.66
N LYS E 11 22.62 -90.03 32.82
CA LYS E 11 22.53 -89.01 31.76
C LYS E 11 23.39 -89.27 30.50
N GLU E 12 22.84 -89.01 29.31
CA GLU E 12 23.65 -89.25 28.07
C GLU E 12 23.80 -88.11 27.01
N ALA E 13 22.99 -88.20 25.94
CA ALA E 13 23.02 -87.18 24.90
C ALA E 13 22.87 -85.80 25.56
N ARG E 14 22.63 -85.82 26.87
CA ARG E 14 22.56 -84.61 27.70
C ARG E 14 23.96 -84.14 28.21
N ARG E 15 24.71 -85.05 28.83
CA ARG E 15 26.13 -84.80 29.11
C ARG E 15 26.94 -84.64 27.81
N LYS E 16 26.26 -84.76 26.67
CA LYS E 16 26.84 -84.34 25.40
C LYS E 16 27.08 -82.86 25.44
N ALA E 17 25.98 -82.12 25.50
CA ALA E 17 26.00 -80.67 25.36
C ALA E 17 26.69 -80.00 26.54
N ALA E 18 26.38 -80.45 27.75
CA ALA E 18 27.00 -79.88 28.93
C ALA E 18 28.53 -79.88 28.79
N ASN E 19 29.03 -80.41 27.67
CA ASN E 19 30.46 -80.36 27.39
C ASN E 19 30.73 -79.46 26.21
N ILE E 20 30.09 -79.75 25.08
CA ILE E 20 30.28 -78.92 23.89
C ILE E 20 29.90 -77.48 24.24
N LEU E 21 29.27 -77.33 25.39
CA LEU E 21 28.94 -76.02 25.85
C LEU E 21 30.18 -75.30 26.34
N ARG E 22 30.63 -75.69 27.53
CA ARG E 22 31.86 -75.15 28.07
C ARG E 22 32.89 -74.94 26.96
N ASP E 23 33.69 -75.98 26.70
CA ASP E 23 34.89 -75.86 25.85
C ASP E 23 34.75 -74.96 24.62
N LYS E 24 33.63 -75.06 23.93
CA LYS E 24 33.36 -74.21 22.76
C LYS E 24 32.65 -72.91 23.18
N PHE E 25 33.19 -72.32 24.23
CA PHE E 25 32.63 -71.14 24.88
C PHE E 25 33.74 -70.49 25.67
N LEU E 26 34.12 -71.13 26.78
CA LEU E 26 35.25 -70.71 27.60
C LEU E 26 36.28 -70.08 26.68
N ASN E 27 36.60 -70.77 25.59
CA ASN E 27 37.59 -70.29 24.65
C ASN E 27 37.20 -68.97 23.98
N LEU E 28 35.96 -68.90 23.49
CA LEU E 28 35.53 -67.70 22.76
C LEU E 28 35.46 -66.45 23.63
N VAL E 29 34.84 -66.53 24.80
CA VAL E 29 34.81 -65.36 25.70
C VAL E 29 36.20 -65.01 26.26
N GLU E 30 37.05 -66.01 26.51
CA GLU E 30 38.43 -65.71 26.87
C GLU E 30 39.12 -64.94 25.78
N GLN E 31 39.82 -63.90 26.18
CA GLN E 31 40.53 -63.08 25.23
C GLN E 31 41.79 -62.65 25.93
N LEU E 32 41.70 -62.45 27.24
CA LEU E 32 42.82 -61.95 28.04
C LEU E 32 43.83 -61.32 27.12
N LYS E 33 44.48 -62.18 26.33
CA LYS E 33 45.61 -61.80 25.49
C LYS E 33 46.12 -60.41 25.83
N LYS E 34 47.03 -60.40 26.81
CA LYS E 34 47.59 -59.18 27.32
C LYS E 34 48.82 -58.82 26.50
N GLY E 35 48.59 -58.59 25.22
CA GLY E 35 49.53 -57.89 24.38
C GLY E 35 48.95 -56.51 24.14
N GLU E 36 47.76 -56.49 23.53
CA GLU E 36 47.05 -55.24 23.20
C GLU E 36 45.54 -55.33 23.46
N PRO E 37 44.87 -54.17 23.65
CA PRO E 37 43.56 -54.04 24.30
C PRO E 37 42.42 -54.52 23.44
N LEU E 38 41.72 -55.55 23.91
CA LEU E 38 40.72 -56.23 23.08
C LEU E 38 39.26 -55.93 23.40
N VAL E 39 38.40 -56.50 22.57
CA VAL E 39 37.03 -56.10 22.43
C VAL E 39 36.31 -57.28 21.85
N MET E 40 34.98 -57.26 21.91
CA MET E 40 34.18 -58.33 21.34
C MET E 40 33.61 -57.87 20.00
N GLU E 41 33.24 -58.83 19.16
CA GLU E 41 32.70 -58.51 17.84
C GLU E 41 31.28 -59.06 17.73
N ILE E 42 30.31 -58.16 17.52
CA ILE E 42 28.89 -58.55 17.50
C ILE E 42 28.24 -58.45 16.11
N PRO E 43 28.27 -59.55 15.33
CA PRO E 43 27.66 -59.54 14.00
C PRO E 43 26.18 -59.90 14.06
N MET E 44 25.33 -59.17 13.35
CA MET E 44 23.87 -59.33 13.49
C MET E 44 23.22 -60.04 12.29
N LEU E 66 29.48 -54.85 14.60
CA LEU E 66 29.46 -53.75 15.55
C LEU E 66 30.18 -54.09 16.86
N ARG E 67 31.44 -53.67 16.93
CA ARG E 67 32.32 -53.93 18.08
C ARG E 67 31.95 -53.13 19.33
N ARG E 68 32.30 -53.68 20.50
CA ARG E 68 32.06 -53.00 21.77
C ARG E 68 33.37 -52.76 22.52
N ASN E 69 33.98 -51.59 22.37
CA ASN E 69 35.26 -51.29 23.04
C ASN E 69 35.07 -51.05 24.53
N PHE E 70 35.74 -51.84 25.37
CA PHE E 70 35.67 -51.63 26.81
C PHE E 70 36.25 -50.25 27.15
N LEU E 71 37.04 -49.69 26.24
CA LEU E 71 37.69 -48.41 26.50
C LEU E 71 36.88 -47.21 26.03
N ASP E 72 35.57 -47.31 26.08
CA ASP E 72 34.72 -46.19 25.69
C ASP E 72 34.12 -45.53 26.93
N LEU E 73 32.96 -44.94 26.75
CA LEU E 73 32.24 -44.32 27.85
C LEU E 73 30.83 -44.86 27.79
N ASN E 74 30.12 -44.50 26.73
CA ASN E 74 28.77 -44.99 26.50
C ASN E 74 28.79 -46.51 26.50
N GLU E 75 29.94 -47.06 26.13
CA GLU E 75 30.04 -48.50 25.93
C GLU E 75 30.58 -49.23 27.15
N ALA E 76 31.29 -48.51 28.02
CA ALA E 76 31.96 -49.12 29.18
C ALA E 76 31.07 -50.05 29.96
N LYS E 77 29.91 -49.56 30.39
CA LYS E 77 29.02 -50.34 31.23
C LYS E 77 28.42 -51.53 30.46
N ARG E 78 28.14 -51.30 29.18
CA ARG E 78 27.56 -52.34 28.33
C ARG E 78 28.45 -53.57 28.31
N PHE E 79 29.70 -53.39 28.69
CA PHE E 79 30.67 -54.46 28.67
C PHE E 79 30.54 -55.29 29.92
N MET E 80 30.90 -54.72 31.05
CA MET E 80 30.84 -55.46 32.30
C MET E 80 29.54 -56.23 32.40
N GLN E 81 28.50 -55.77 31.70
CA GLN E 81 27.21 -56.46 31.73
C GLN E 81 27.22 -57.73 30.91
N THR E 82 27.85 -57.69 29.75
CA THR E 82 27.97 -58.91 28.98
C THR E 82 28.90 -59.91 29.67
N VAL E 83 30.13 -59.49 29.97
CA VAL E 83 31.10 -60.39 30.59
C VAL E 83 30.72 -60.75 32.01
N LEU E 84 29.53 -60.40 32.43
CA LEU E 84 29.02 -60.92 33.67
C LEU E 84 27.95 -61.95 33.31
N MET E 85 26.78 -61.49 32.92
CA MET E 85 25.67 -62.36 32.63
C MET E 85 26.17 -63.53 31.82
N ALA E 86 27.43 -63.47 31.40
CA ALA E 86 28.05 -64.58 30.65
C ALA E 86 28.67 -65.62 31.57
N SER E 87 29.58 -65.17 32.43
CA SER E 87 30.20 -66.05 33.40
C SER E 87 29.14 -66.68 34.27
N ILE E 88 28.16 -65.90 34.66
CA ILE E 88 27.08 -66.45 35.46
C ILE E 88 26.58 -67.71 34.79
N ILE E 89 26.48 -67.67 33.46
CA ILE E 89 26.02 -68.81 32.67
C ILE E 89 27.05 -69.90 32.75
N TYR E 90 28.29 -69.56 32.41
CA TYR E 90 29.39 -70.52 32.32
C TYR E 90 29.65 -71.27 33.60
N ASP E 91 29.39 -70.62 34.74
CA ASP E 91 29.60 -71.24 36.05
C ASP E 91 28.43 -72.15 36.40
N ALA E 92 27.25 -71.58 36.43
CA ALA E 92 26.07 -72.38 36.61
C ALA E 92 26.08 -73.51 35.57
N LEU E 93 26.90 -73.38 34.54
CA LEU E 93 26.94 -74.38 33.48
C LEU E 93 27.71 -75.64 33.88
N VAL E 94 28.93 -75.49 34.42
CA VAL E 94 29.69 -76.66 34.87
C VAL E 94 29.20 -77.13 36.24
N SER E 95 28.37 -76.33 36.88
CA SER E 95 27.94 -76.66 38.20
C SER E 95 26.65 -77.46 38.22
N ASP E 96 26.27 -77.99 37.07
CA ASP E 96 25.06 -78.81 36.94
C ASP E 96 23.78 -78.21 37.48
N GLU E 97 23.48 -76.99 37.02
CA GLU E 97 22.27 -76.30 37.41
C GLU E 97 21.44 -76.18 36.17
N TYR E 98 20.17 -75.83 36.32
CA TYR E 98 19.33 -75.53 35.15
C TYR E 98 18.64 -74.18 35.29
N PRO E 99 19.27 -73.13 34.75
CA PRO E 99 18.98 -71.73 35.03
C PRO E 99 17.85 -71.20 34.20
N THR E 100 16.85 -70.58 34.82
CA THR E 100 15.85 -69.89 34.03
C THR E 100 16.20 -68.41 33.93
N ILE E 101 15.88 -67.79 32.79
CA ILE E 101 16.27 -66.41 32.49
C ILE E 101 16.16 -65.44 33.67
N ARG E 102 15.01 -65.47 34.35
CA ARG E 102 14.83 -64.61 35.52
C ARG E 102 15.77 -65.02 36.64
N ASP E 103 15.79 -66.30 37.00
CA ASP E 103 16.76 -66.79 37.97
C ASP E 103 18.10 -66.11 37.75
N LEU E 104 18.38 -65.77 36.49
CA LEU E 104 19.62 -65.11 36.12
C LEU E 104 19.57 -63.61 36.27
N TYR E 105 18.42 -63.01 35.99
CA TYR E 105 18.25 -61.58 36.20
C TYR E 105 18.63 -61.25 37.64
N TYR E 106 18.11 -62.05 38.57
CA TYR E 106 18.43 -61.95 39.98
C TYR E 106 19.86 -62.33 40.29
N ARG E 107 20.77 -61.67 39.60
CA ARG E 107 22.15 -61.56 40.02
C ARG E 107 22.55 -60.09 39.75
N GLY E 108 21.57 -59.20 39.88
CA GLY E 108 21.79 -57.75 39.83
C GLY E 108 22.30 -57.31 41.17
N LYS E 109 23.46 -56.65 41.17
CA LYS E 109 24.26 -56.42 42.39
C LYS E 109 24.90 -57.74 42.81
N HIS E 110 26.21 -57.85 42.59
CA HIS E 110 26.97 -59.10 42.79
C HIS E 110 28.04 -58.95 43.86
N SER E 111 28.36 -57.70 44.20
CA SER E 111 29.42 -57.40 45.16
C SER E 111 29.00 -56.39 46.23
N LEU E 112 29.80 -56.31 47.29
CA LEU E 112 29.69 -55.21 48.21
C LEU E 112 30.21 -53.94 47.51
N LEU E 113 29.87 -52.76 48.05
CA LEU E 113 30.25 -51.49 47.42
C LEU E 113 31.72 -51.19 47.66
N LEU E 114 32.44 -50.96 46.57
CA LEU E 114 33.86 -50.62 46.62
C LEU E 114 34.01 -49.11 46.57
N LYS E 115 33.07 -48.45 45.91
CA LYS E 115 33.10 -46.99 45.76
C LYS E 115 31.94 -46.20 46.40
N SER E 116 32.25 -45.45 47.45
CA SER E 116 31.28 -44.66 48.19
C SER E 116 30.92 -43.33 47.48
N ILE E 117 30.02 -43.42 46.50
CA ILE E 117 29.56 -42.26 45.70
C ILE E 117 28.74 -41.29 46.55
N GLU E 118 29.30 -40.84 47.66
CA GLU E 118 28.54 -39.98 48.57
C GLU E 118 28.47 -38.55 48.04
N GLU E 126 25.07 -46.96 42.15
CA GLU E 126 24.27 -47.53 41.04
C GLU E 126 24.24 -49.07 41.02
N ASN E 127 23.39 -49.62 40.16
CA ASN E 127 23.21 -51.07 40.06
C ASN E 127 23.81 -51.68 38.81
N THR E 128 24.03 -52.99 38.83
CA THR E 128 24.61 -53.67 37.67
C THR E 128 23.63 -53.62 36.53
N TRP E 129 22.46 -54.22 36.72
CA TRP E 129 21.36 -53.99 35.81
C TRP E 129 20.07 -53.72 36.57
N ASP E 130 19.11 -53.04 35.95
CA ASP E 130 17.97 -52.50 36.69
C ASP E 130 16.60 -53.08 36.35
N GLU E 131 16.46 -53.61 35.14
CA GLU E 131 15.15 -54.03 34.67
C GLU E 131 15.35 -55.25 33.78
N GLN E 132 14.57 -56.30 34.00
CA GLN E 132 14.81 -57.53 33.29
C GLN E 132 15.13 -57.27 31.82
N LYS E 133 14.33 -56.40 31.19
CA LYS E 133 14.50 -56.04 29.79
C LYS E 133 16.00 -55.91 29.48
N GLU E 134 16.68 -55.17 30.33
CA GLU E 134 18.11 -54.89 30.18
C GLU E 134 18.89 -56.20 30.14
N SER E 135 18.73 -57.02 31.18
CA SER E 135 19.46 -58.27 31.29
C SER E 135 19.28 -59.08 30.03
N ASP E 136 18.04 -59.18 29.57
CA ASP E 136 17.71 -59.98 28.40
C ASP E 136 18.57 -59.62 27.21
N SER E 137 18.56 -58.35 26.82
CA SER E 137 19.37 -57.95 25.68
C SER E 137 20.80 -58.46 25.79
N VAL E 138 21.41 -58.33 26.96
CA VAL E 138 22.78 -58.81 27.17
C VAL E 138 22.92 -60.30 26.83
N ILE E 139 21.89 -61.07 27.13
CA ILE E 139 21.81 -62.45 26.66
C ILE E 139 21.97 -62.44 25.16
N VAL E 140 20.92 -62.00 24.47
CA VAL E 140 20.86 -62.06 23.03
C VAL E 140 22.18 -61.70 22.38
N ASP E 141 22.86 -60.72 22.94
CA ASP E 141 24.16 -60.32 22.43
C ASP E 141 25.14 -61.49 22.51
N ILE E 142 25.38 -61.98 23.71
CA ILE E 142 26.21 -63.18 23.89
C ILE E 142 25.76 -64.22 22.88
N GLU E 143 24.48 -64.55 22.93
CA GLU E 143 23.86 -65.55 22.07
C GLU E 143 24.38 -65.51 20.65
N VAL E 144 24.73 -64.33 20.19
CA VAL E 144 25.27 -64.16 18.86
C VAL E 144 26.77 -64.43 18.86
N PHE E 145 27.49 -63.73 19.74
CA PHE E 145 28.96 -63.84 19.82
C PHE E 145 29.40 -65.30 19.74
N THR E 146 28.62 -66.18 20.34
CA THR E 146 28.97 -67.59 20.44
C THR E 146 28.49 -68.42 19.25
N SER E 147 27.26 -68.20 18.82
CA SER E 147 26.62 -68.97 17.76
C SER E 147 25.59 -69.92 18.37
N LEU E 148 25.57 -69.96 19.71
CA LEU E 148 24.73 -70.89 20.46
C LEU E 148 23.47 -70.23 21.02
N LEU E 149 22.32 -70.86 20.83
CA LEU E 149 21.06 -70.31 21.29
C LEU E 149 20.84 -70.67 22.74
N ARG E 150 20.28 -69.78 23.54
CA ARG E 150 20.02 -70.08 24.93
C ARG E 150 19.87 -71.58 25.14
N GLU E 151 18.72 -72.12 24.76
CA GLU E 151 18.45 -73.56 24.87
C GLU E 151 19.63 -74.54 24.66
N GLU E 152 20.74 -74.07 24.09
CA GLU E 152 21.84 -74.96 23.76
C GLU E 152 22.91 -74.82 24.80
N MET E 153 22.90 -73.66 25.47
CA MET E 153 23.72 -73.34 26.65
C MET E 153 23.03 -73.87 27.91
N LEU E 154 21.77 -74.27 27.73
CA LEU E 154 21.01 -74.97 28.75
C LEU E 154 20.08 -74.06 29.52
N ILE E 155 20.24 -72.76 29.41
CA ILE E 155 19.29 -71.88 30.05
C ILE E 155 17.90 -72.38 29.65
N LEU E 156 17.23 -73.13 30.49
CA LEU E 156 15.94 -73.59 30.09
C LEU E 156 14.91 -72.59 30.49
N SER E 157 14.06 -72.23 29.54
CA SER E 157 13.04 -71.21 29.73
C SER E 157 11.68 -71.82 30.08
N LYS E 158 10.62 -71.45 29.36
CA LYS E 158 9.29 -71.57 29.93
C LYS E 158 8.22 -71.98 28.97
N GLU E 159 8.35 -73.16 28.36
CA GLU E 159 7.48 -73.51 27.18
C GLU E 159 6.30 -74.52 27.27
N LYS E 160 5.24 -74.15 26.58
CA LYS E 160 3.98 -74.89 26.51
C LYS E 160 3.93 -75.72 25.24
N GLY E 161 2.77 -75.75 24.59
CA GLY E 161 2.64 -76.44 23.29
C GLY E 161 2.64 -77.97 23.25
N LYS E 162 1.45 -78.56 23.05
CA LYS E 162 1.26 -80.01 23.04
C LYS E 162 1.73 -80.62 21.72
N VAL E 163 1.67 -81.95 21.57
CA VAL E 163 1.87 -82.65 20.28
C VAL E 163 1.38 -84.06 20.44
N VAL E 164 1.11 -84.72 19.32
CA VAL E 164 0.40 -86.01 19.26
C VAL E 164 0.51 -86.53 17.84
N GLY E 165 0.72 -87.83 17.65
CA GLY E 165 0.79 -88.37 16.28
C GLY E 165 1.45 -89.73 16.16
N ASN E 166 1.56 -90.25 14.95
CA ASN E 166 2.31 -91.48 14.70
C ASN E 166 3.83 -91.26 14.74
N LEU E 167 4.36 -90.88 15.90
CA LEU E 167 5.78 -90.55 15.98
C LEU E 167 6.49 -91.07 17.26
N ARG E 168 7.70 -91.61 17.09
CA ARG E 168 8.46 -92.19 18.22
C ARG E 168 9.83 -91.57 18.44
N ILE E 169 10.04 -91.07 19.65
CA ILE E 169 11.25 -90.35 20.00
C ILE E 169 11.87 -90.97 21.22
N ARG E 170 13.19 -90.86 21.33
CA ARG E 170 13.78 -90.99 22.65
C ARG E 170 14.03 -89.58 23.19
N SER E 171 13.61 -89.37 24.44
CA SER E 171 13.90 -88.15 25.17
C SER E 171 14.58 -88.50 26.47
N GLY E 172 15.82 -88.04 26.61
CA GLY E 172 16.57 -88.30 27.82
C GLY E 172 16.83 -89.78 27.91
N ASN E 173 16.10 -90.46 28.80
CA ASN E 173 16.36 -91.88 29.01
C ASN E 173 15.23 -92.80 28.64
N ASP E 174 14.13 -92.22 28.17
CA ASP E 174 12.96 -92.99 27.81
C ASP E 174 12.71 -92.90 26.31
N VAL E 175 11.96 -93.86 25.78
CA VAL E 175 11.29 -93.66 24.50
C VAL E 175 9.82 -93.64 24.81
N ILE E 176 9.16 -92.54 24.48
CA ILE E 176 7.72 -92.44 24.69
C ILE E 176 6.97 -92.28 23.37
N ASP E 177 6.01 -93.17 23.10
CA ASP E 177 5.33 -93.25 21.82
C ASP E 177 4.21 -92.24 21.82
N LEU E 178 4.06 -91.49 20.73
CA LEU E 178 3.13 -90.36 20.71
C LEU E 178 1.74 -90.75 20.24
N SER E 179 1.58 -91.99 19.78
CA SER E 179 0.25 -92.47 19.45
C SER E 179 -0.47 -92.75 20.76
N LYS E 180 0.05 -93.73 21.50
CA LYS E 180 -0.49 -94.23 22.77
C LYS E 180 -0.42 -93.18 23.87
N THR E 181 -1.47 -92.39 23.99
CA THR E 181 -1.41 -91.19 24.77
C THR E 181 -2.71 -90.88 25.47
N GLY E 182 -3.61 -91.85 25.55
CA GLY E 182 -4.96 -91.57 26.05
C GLY E 182 -5.57 -90.35 25.37
N HIS E 183 -6.23 -89.49 26.15
CA HIS E 183 -6.79 -88.27 25.59
C HIS E 183 -5.86 -87.13 25.88
N GLY E 184 -4.77 -87.48 26.55
CA GLY E 184 -3.74 -86.52 26.87
C GLY E 184 -2.90 -86.16 25.66
N ALA E 185 -1.63 -85.87 25.92
CA ALA E 185 -0.73 -85.51 24.87
C ALA E 185 0.56 -85.07 25.49
N TYR E 186 1.65 -85.49 24.87
CA TYR E 186 2.99 -85.12 25.25
C TYR E 186 3.22 -83.62 25.09
N ALA E 187 4.02 -83.03 25.98
CA ALA E 187 4.36 -81.62 25.89
C ALA E 187 5.87 -81.44 25.93
N ILE E 188 6.46 -81.28 24.75
CA ILE E 188 7.88 -81.00 24.52
C ILE E 188 8.64 -80.33 25.66
N GLU E 189 9.95 -80.45 25.61
CA GLU E 189 10.80 -80.00 26.69
C GLU E 189 11.57 -78.80 26.22
N PRO E 190 11.70 -77.76 27.07
CA PRO E 190 12.15 -76.46 26.63
C PRO E 190 13.54 -76.55 26.06
N THR E 191 14.12 -77.73 26.13
CA THR E 191 15.30 -78.00 25.38
C THR E 191 14.93 -79.12 24.40
N PRO E 192 14.50 -78.76 23.18
CA PRO E 192 13.98 -79.68 22.22
C PRO E 192 15.02 -79.97 21.18
N ASP E 193 16.28 -79.88 21.55
CA ASP E 193 17.32 -80.11 20.58
C ASP E 193 18.04 -81.40 20.87
N LEU E 194 17.87 -81.87 22.11
CA LEU E 194 18.39 -83.17 22.50
C LEU E 194 17.24 -84.17 22.51
N ILE E 195 16.73 -84.47 21.33
CA ILE E 195 15.51 -85.27 21.21
C ILE E 195 15.54 -86.03 19.90
N ASP E 196 15.73 -87.34 19.99
CA ASP E 196 15.99 -88.19 18.83
C ASP E 196 14.74 -88.78 18.18
N PHE E 197 14.68 -88.76 16.84
CA PHE E 197 13.57 -89.33 16.12
C PHE E 197 13.90 -90.78 15.85
N ILE E 198 12.89 -91.64 15.77
CA ILE E 198 13.08 -93.05 15.36
C ILE E 198 12.16 -93.47 14.21
N ASP E 199 10.95 -93.93 14.51
CA ASP E 199 9.99 -94.29 13.47
C ASP E 199 9.01 -93.18 13.32
N VAL E 200 8.73 -92.82 12.08
CA VAL E 200 7.77 -91.78 11.78
C VAL E 200 6.68 -92.37 10.97
N ASP E 201 5.55 -91.68 10.87
CA ASP E 201 4.48 -92.18 10.01
C ASP E 201 3.44 -91.14 9.70
N ALA E 202 3.78 -90.27 8.77
CA ALA E 202 2.84 -89.28 8.37
C ALA E 202 3.33 -88.55 7.13
N GLU E 203 2.44 -87.73 6.60
CA GLU E 203 2.68 -87.02 5.39
C GLU E 203 2.59 -85.53 5.58
N PHE E 204 2.00 -85.06 6.68
CA PHE E 204 2.01 -83.65 6.99
C PHE E 204 1.82 -83.36 8.47
N VAL E 205 2.42 -82.27 8.95
CA VAL E 205 2.19 -81.78 10.32
C VAL E 205 1.16 -80.66 10.31
N LEU E 206 0.19 -80.71 11.21
CA LEU E 206 -0.83 -79.71 11.20
C LEU E 206 -0.81 -78.94 12.48
N VAL E 207 -0.55 -77.64 12.40
CA VAL E 207 -0.36 -76.77 13.57
C VAL E 207 -1.64 -75.97 13.85
N VAL E 208 -2.40 -76.34 14.88
CA VAL E 208 -3.60 -75.57 15.20
C VAL E 208 -3.45 -74.68 16.42
N GLU E 209 -4.10 -73.52 16.37
CA GLU E 209 -3.77 -72.51 17.32
C GLU E 209 -4.61 -72.56 18.57
N LYS E 210 -5.84 -73.04 18.48
CA LYS E 210 -6.76 -73.05 19.64
C LYS E 210 -6.74 -74.37 20.44
N ASP E 211 -6.29 -74.35 21.69
CA ASP E 211 -6.22 -75.61 22.43
C ASP E 211 -7.57 -76.29 22.36
N ALA E 212 -8.63 -75.55 22.62
CA ALA E 212 -9.96 -76.13 22.55
C ALA E 212 -10.27 -76.93 21.26
N VAL E 213 -9.92 -76.40 20.09
CA VAL E 213 -10.21 -77.13 18.87
C VAL E 213 -9.33 -78.37 18.75
N PHE E 214 -8.10 -78.27 19.25
CA PHE E 214 -7.15 -79.39 19.26
C PHE E 214 -7.74 -80.61 19.95
N GLN E 215 -8.25 -80.40 21.14
CA GLN E 215 -8.95 -81.44 21.86
C GLN E 215 -10.08 -82.04 21.03
N GLN E 216 -10.55 -81.32 20.03
CA GLN E 216 -11.62 -81.85 19.19
C GLN E 216 -11.12 -82.70 18.04
N LEU E 217 -10.25 -82.13 17.22
CA LEU E 217 -9.60 -82.89 16.18
C LEU E 217 -9.03 -84.17 16.77
N HIS E 218 -8.57 -84.09 18.01
CA HIS E 218 -7.90 -85.23 18.59
C HIS E 218 -8.84 -86.33 19.01
N ARG E 219 -9.95 -86.00 19.63
CA ARG E 219 -10.81 -87.08 20.11
C ARG E 219 -11.74 -87.62 19.04
N ALA E 220 -11.45 -87.31 17.79
CA ALA E 220 -12.12 -87.96 16.69
C ALA E 220 -11.12 -88.91 16.08
N GLY E 221 -9.95 -88.38 15.75
CA GLY E 221 -8.90 -89.28 15.37
C GLY E 221 -8.21 -88.82 14.13
N PHE E 222 -8.44 -87.58 13.78
CA PHE E 222 -7.88 -87.02 12.57
C PHE E 222 -6.50 -87.61 12.29
N TRP E 223 -5.55 -87.40 13.20
CA TRP E 223 -4.15 -87.69 12.92
C TRP E 223 -3.90 -89.12 12.56
N LYS E 224 -4.87 -89.98 12.86
CA LYS E 224 -4.78 -91.41 12.51
C LYS E 224 -5.42 -91.77 11.17
N GLN E 225 -6.59 -91.18 10.92
CA GLN E 225 -7.30 -91.36 9.67
C GLN E 225 -6.50 -90.92 8.47
N TYR E 226 -6.12 -89.66 8.45
CA TYR E 226 -5.20 -89.13 7.49
C TYR E 226 -3.85 -89.07 8.18
N LYS E 227 -3.02 -90.08 7.98
CA LYS E 227 -1.80 -90.19 8.79
C LYS E 227 -1.05 -88.86 8.87
N SER E 228 -0.91 -88.30 10.08
CA SER E 228 -0.29 -86.99 10.22
C SER E 228 0.23 -86.82 11.62
N ILE E 229 1.00 -85.76 11.88
CA ILE E 229 1.14 -85.35 13.29
C ILE E 229 0.47 -83.99 13.61
N LEU E 230 -0.33 -83.98 14.66
CA LEU E 230 -1.20 -82.86 14.99
C LEU E 230 -0.62 -82.25 16.24
N ILE E 231 -0.24 -81.00 16.16
CA ILE E 231 0.31 -80.30 17.31
C ILE E 231 -0.35 -78.96 17.42
N THR E 232 -0.59 -78.52 18.64
CA THR E 232 -1.05 -77.17 18.84
C THR E 232 0.03 -76.38 19.52
N SER E 233 0.10 -75.10 19.21
CA SER E 233 0.78 -74.18 20.08
C SER E 233 -0.26 -73.94 21.15
N ALA E 234 -0.23 -72.78 21.80
CA ALA E 234 -1.44 -72.32 22.48
C ALA E 234 -1.38 -70.83 22.37
N GLY E 235 -1.90 -70.34 21.25
CA GLY E 235 -1.90 -68.91 20.92
C GLY E 235 -0.59 -68.48 20.30
N GLN E 236 -0.02 -67.38 20.81
CA GLN E 236 1.33 -67.01 20.45
C GLN E 236 2.26 -68.22 20.61
N PRO E 237 2.95 -68.61 19.53
CA PRO E 237 3.82 -69.77 19.62
C PRO E 237 5.09 -69.50 20.41
N ASP E 238 5.31 -70.35 21.39
CA ASP E 238 6.50 -70.29 22.24
C ASP E 238 7.82 -70.43 21.45
N ARG E 239 8.94 -70.20 22.14
CA ARG E 239 10.30 -70.14 21.53
C ARG E 239 10.87 -71.53 21.15
N ALA E 240 10.10 -72.59 21.27
CA ALA E 240 10.65 -73.94 21.10
C ALA E 240 9.60 -74.99 20.84
N THR E 241 8.35 -74.56 20.84
CA THR E 241 7.32 -75.31 20.15
C THR E 241 7.59 -75.02 18.69
N ARG E 242 8.37 -73.98 18.47
CA ARG E 242 8.87 -73.62 17.17
C ARG E 242 9.91 -74.65 16.85
N ARG E 243 11.07 -74.56 17.47
CA ARG E 243 12.15 -75.43 17.08
C ARG E 243 11.72 -76.82 16.74
N PHE E 244 10.84 -77.38 17.54
CA PHE E 244 10.34 -78.69 17.22
C PHE E 244 9.87 -78.67 15.75
N VAL E 245 8.88 -77.83 15.44
CA VAL E 245 8.29 -77.74 14.09
C VAL E 245 9.33 -77.70 12.98
N ARG E 246 10.15 -76.66 12.95
CA ARG E 246 11.07 -76.57 11.84
C ARG E 246 12.07 -77.68 11.84
N ARG E 247 12.06 -78.51 12.87
CA ARG E 247 12.92 -79.68 12.87
C ARG E 247 12.21 -80.85 12.20
N LEU E 248 10.89 -80.90 12.40
CA LEU E 248 10.06 -81.86 11.69
C LEU E 248 10.23 -81.57 10.22
N ASN E 249 9.97 -80.32 9.87
CA ASN E 249 9.97 -79.88 8.48
C ASN E 249 11.33 -80.05 7.83
N GLU E 250 12.38 -79.97 8.63
CA GLU E 250 13.70 -79.87 8.06
C GLU E 250 14.41 -81.22 8.03
N GLU E 251 14.27 -82.00 9.10
CA GLU E 251 14.97 -83.29 9.18
C GLU E 251 14.17 -84.49 8.71
N LEU E 252 12.85 -84.35 8.66
CA LEU E 252 11.97 -85.42 8.18
C LEU E 252 11.27 -85.14 6.83
N LYS E 253 11.50 -83.95 6.27
CA LYS E 253 10.81 -83.51 5.06
C LYS E 253 9.29 -83.62 5.19
N LEU E 254 8.72 -82.97 6.20
CA LEU E 254 7.29 -82.94 6.32
C LEU E 254 6.73 -81.54 6.12
N PRO E 255 5.68 -81.43 5.31
CA PRO E 255 5.05 -80.17 4.97
C PRO E 255 4.14 -79.68 6.08
N VAL E 256 4.19 -78.39 6.35
CA VAL E 256 3.51 -77.84 7.51
C VAL E 256 2.35 -76.89 7.18
N TYR E 257 1.12 -77.34 7.43
CA TYR E 257 -0.03 -76.46 7.29
C TYR E 257 -0.46 -76.01 8.65
N ILE E 258 -0.92 -74.77 8.75
CA ILE E 258 -1.39 -74.19 10.01
C ILE E 258 -2.71 -73.44 9.82
N LEU E 259 -3.55 -73.40 10.85
CA LEU E 259 -4.82 -72.68 10.71
C LEU E 259 -5.28 -71.89 11.95
N THR E 260 -5.80 -70.66 11.70
CA THR E 260 -6.38 -69.80 12.74
C THR E 260 -7.55 -68.97 12.23
N ASP E 261 -7.83 -67.88 12.94
CA ASP E 261 -8.99 -67.02 12.69
C ASP E 261 -8.91 -66.10 11.47
N ALA E 262 -10.05 -65.65 10.98
CA ALA E 262 -10.10 -64.69 9.89
C ALA E 262 -9.15 -63.56 10.15
N ASP E 263 -9.33 -62.90 11.28
CA ASP E 263 -8.70 -61.62 11.62
C ASP E 263 -7.21 -61.44 11.29
N PRO E 264 -6.74 -60.18 11.45
CA PRO E 264 -5.32 -59.84 11.41
C PRO E 264 -4.60 -60.49 12.55
N TYR E 265 -5.32 -60.85 13.59
CA TYR E 265 -4.69 -61.62 14.64
C TYR E 265 -4.08 -62.89 14.07
N GLY E 266 -4.92 -63.68 13.40
CA GLY E 266 -4.49 -64.97 12.85
C GLY E 266 -3.35 -64.90 11.86
N TRP E 267 -3.30 -63.82 11.10
CA TRP E 267 -2.22 -63.62 10.18
C TRP E 267 -0.94 -63.50 10.97
N TYR E 268 -1.03 -62.93 12.17
CA TYR E 268 0.15 -62.75 13.01
C TYR E 268 0.74 -64.08 13.49
N ILE E 269 -0.04 -64.86 14.23
CA ILE E 269 0.42 -66.17 14.66
C ILE E 269 1.31 -66.70 13.57
N PHE E 270 0.76 -66.74 12.36
CA PHE E 270 1.48 -67.21 11.19
C PHE E 270 2.82 -66.50 11.05
N SER E 271 2.80 -65.19 11.03
CA SER E 271 4.04 -64.45 10.89
C SER E 271 5.11 -65.05 11.78
N VAL E 272 4.79 -65.18 13.06
CA VAL E 272 5.77 -65.61 14.04
C VAL E 272 6.37 -66.90 13.62
N PHE E 273 5.52 -67.76 13.07
CA PHE E 273 5.91 -69.12 12.73
C PHE E 273 6.85 -69.21 11.56
N ARG E 274 6.89 -68.18 10.73
CA ARG E 274 7.94 -68.14 9.73
C ARG E 274 8.92 -66.99 9.97
N ILE E 275 9.36 -66.84 11.24
CA ILE E 275 10.54 -66.04 11.63
C ILE E 275 10.86 -66.10 13.12
N GLY E 276 10.01 -65.52 13.98
CA GLY E 276 10.34 -65.40 15.42
C GLY E 276 9.97 -64.05 16.07
N SER E 277 8.83 -64.05 16.74
CA SER E 277 8.20 -62.90 17.46
C SER E 277 8.79 -61.49 17.33
N ILE E 278 8.05 -60.61 16.69
CA ILE E 278 8.41 -59.18 16.59
C ILE E 278 9.83 -58.92 16.05
N SER E 279 9.92 -58.87 14.71
CA SER E 279 11.18 -58.79 13.94
C SER E 279 12.47 -58.96 14.76
N GLU E 285 17.63 -66.75 15.91
CA GLU E 285 18.33 -66.92 14.63
C GLU E 285 17.41 -67.37 13.49
N ARG E 286 17.98 -68.19 12.63
CA ARG E 286 17.35 -68.61 11.41
C ARG E 286 16.86 -70.00 11.73
N LEU E 287 16.36 -70.14 12.95
CA LEU E 287 15.72 -71.36 13.35
C LEU E 287 14.27 -71.09 13.75
N ALA E 288 13.55 -70.64 12.72
CA ALA E 288 12.10 -70.73 12.58
C ALA E 288 11.82 -70.94 11.09
N THR E 289 10.74 -71.64 10.79
CA THR E 289 10.46 -72.21 9.47
C THR E 289 9.76 -71.28 8.45
N PRO E 290 10.45 -70.98 7.34
CA PRO E 290 9.74 -70.30 6.29
C PRO E 290 9.10 -71.36 5.42
N ASP E 291 8.27 -70.95 4.47
CA ASP E 291 7.53 -71.88 3.60
C ASP E 291 6.51 -72.76 4.32
N ALA E 292 6.15 -72.37 5.53
CA ALA E 292 5.02 -72.96 6.22
C ALA E 292 3.85 -72.63 5.34
N LYS E 293 2.68 -73.14 5.68
CA LYS E 293 1.52 -73.03 4.79
C LYS E 293 0.27 -72.54 5.51
N PHE E 294 -0.41 -71.54 4.95
CA PHE E 294 -1.62 -71.01 5.58
C PHE E 294 -2.87 -71.66 5.01
N LEU E 295 -3.74 -72.21 5.86
CA LEU E 295 -4.74 -73.16 5.36
C LEU E 295 -6.21 -72.74 5.45
N GLY E 296 -6.46 -71.47 5.71
CA GLY E 296 -7.78 -71.07 6.16
C GLY E 296 -7.65 -70.83 7.65
N VAL E 297 -8.57 -70.07 8.22
CA VAL E 297 -9.75 -69.64 7.49
C VAL E 297 -9.56 -68.43 6.57
N SER E 298 -9.81 -68.67 5.28
CA SER E 298 -9.73 -67.68 4.19
C SER E 298 -10.98 -66.82 3.99
N MET E 299 -10.77 -65.58 3.56
CA MET E 299 -11.89 -64.69 3.20
C MET E 299 -12.85 -65.44 2.28
N GLY E 300 -12.35 -65.91 1.14
CA GLY E 300 -13.17 -66.67 0.20
C GLY E 300 -13.75 -67.90 0.88
N ASP E 301 -13.03 -68.41 1.88
CA ASP E 301 -13.58 -69.46 2.73
C ASP E 301 -15.00 -69.08 3.12
N ILE E 302 -15.26 -67.79 3.32
CA ILE E 302 -16.55 -67.39 3.82
C ILE E 302 -17.42 -66.71 2.78
N PHE E 303 -16.85 -66.37 1.62
CA PHE E 303 -17.54 -65.52 0.64
C PHE E 303 -17.50 -66.09 -0.77
N GLY E 304 -16.44 -66.87 -1.06
CA GLY E 304 -16.29 -67.51 -2.36
C GLY E 304 -15.57 -66.69 -3.42
N ASN E 305 -15.53 -67.21 -4.66
CA ASN E 305 -15.02 -66.49 -5.82
C ASN E 305 -15.97 -66.91 -6.89
N SER E 306 -15.96 -66.19 -8.00
CA SER E 306 -16.78 -66.58 -9.14
C SER E 306 -16.24 -67.91 -9.68
N ARG E 307 -14.97 -68.18 -9.37
CA ARG E 307 -14.41 -69.49 -9.66
C ARG E 307 -14.90 -70.56 -8.67
N LYS E 308 -14.84 -70.27 -7.37
CA LYS E 308 -14.90 -71.36 -6.38
C LYS E 308 -15.84 -71.25 -5.14
N LYS E 309 -16.77 -72.19 -5.04
CA LYS E 309 -17.85 -72.21 -4.02
C LYS E 309 -17.43 -71.88 -2.60
N PRO E 310 -18.31 -71.16 -1.84
CA PRO E 310 -18.12 -70.80 -0.43
C PRO E 310 -18.58 -71.87 0.56
N TYR E 311 -17.87 -71.99 1.69
CA TYR E 311 -18.17 -72.95 2.74
C TYR E 311 -19.21 -72.41 3.70
N LEU E 312 -19.60 -71.34 4.09
CA LEU E 312 -20.82 -71.18 4.90
C LEU E 312 -22.05 -70.87 4.06
N SER E 313 -23.18 -71.16 4.72
CA SER E 313 -24.49 -70.83 4.12
C SER E 313 -24.54 -69.28 4.21
N GLU E 314 -25.39 -68.70 3.39
CA GLU E 314 -25.50 -67.22 3.41
C GLU E 314 -26.06 -66.80 4.76
N ALA E 315 -26.99 -67.54 5.30
CA ALA E 315 -27.59 -67.26 6.60
C ALA E 315 -26.55 -67.17 7.71
N GLU E 316 -26.00 -68.42 7.97
CA GLU E 316 -25.02 -68.51 9.10
C GLU E 316 -24.03 -67.33 9.22
N ARG E 317 -23.51 -66.96 8.10
CA ARG E 317 -22.72 -65.73 7.94
C ARG E 317 -23.23 -64.47 8.61
N LYS E 318 -24.61 -64.09 8.32
CA LYS E 318 -25.12 -62.84 8.88
C LYS E 318 -24.86 -62.76 10.38
N ASN E 319 -24.86 -63.90 11.04
CA ASN E 319 -24.79 -63.93 12.50
C ASN E 319 -23.52 -64.50 13.13
N TYR E 320 -22.68 -65.16 12.35
CA TYR E 320 -21.41 -65.62 12.92
C TYR E 320 -20.32 -64.60 12.71
N ILE E 321 -20.47 -63.74 11.69
CA ILE E 321 -19.43 -62.78 11.38
C ILE E 321 -19.45 -61.65 12.38
N ILE E 322 -18.30 -61.39 12.98
CA ILE E 322 -18.19 -60.30 13.91
C ILE E 322 -17.60 -59.14 13.13
N LYS E 323 -18.32 -58.03 13.12
CA LYS E 323 -18.00 -56.89 12.25
C LYS E 323 -16.72 -56.20 12.70
N ALA E 324 -16.03 -55.56 11.75
CA ALA E 324 -14.67 -55.10 11.99
C ALA E 324 -14.59 -53.74 12.65
N LYS E 325 -14.07 -53.71 13.87
CA LYS E 325 -13.76 -52.46 14.55
C LYS E 325 -12.59 -51.81 13.85
N ASP E 326 -12.53 -50.48 13.90
CA ASP E 326 -11.55 -49.74 13.12
C ASP E 326 -10.15 -49.84 13.71
N ALA E 327 -10.08 -50.07 15.02
CA ALA E 327 -8.80 -50.31 15.62
C ALA E 327 -8.14 -51.54 14.99
N ASP E 328 -8.93 -52.31 14.24
CA ASP E 328 -8.46 -53.54 13.60
C ASP E 328 -7.81 -53.23 12.26
N ILE E 329 -8.51 -52.42 11.48
CA ILE E 329 -8.09 -52.08 10.13
C ILE E 329 -6.74 -51.39 10.12
N LYS E 330 -6.31 -50.95 11.30
CA LYS E 330 -4.96 -50.44 11.45
C LYS E 330 -4.01 -51.60 11.25
N ARG E 331 -3.93 -52.50 12.24
CA ARG E 331 -3.01 -53.64 12.19
C ARG E 331 -2.83 -54.15 10.77
N ALA E 332 -3.95 -54.44 10.10
CA ALA E 332 -3.90 -54.97 8.74
C ALA E 332 -3.01 -54.12 7.86
N GLU E 333 -3.28 -52.81 7.83
CA GLU E 333 -2.51 -51.90 6.98
C GLU E 333 -1.07 -51.75 7.43
N GLU E 334 -0.76 -52.18 8.64
CA GLU E 334 0.63 -52.19 9.09
C GLU E 334 1.33 -53.40 8.49
N ILE E 335 0.66 -54.56 8.54
CA ILE E 335 1.24 -55.81 8.02
C ILE E 335 1.28 -55.81 6.50
N LYS E 336 0.17 -55.40 5.88
CA LYS E 336 0.10 -55.43 4.43
C LYS E 336 1.38 -54.85 3.89
N ASN E 337 2.21 -54.33 4.81
CA ASN E 337 3.47 -53.69 4.46
C ASN E 337 4.72 -54.51 4.79
N TYR E 338 4.62 -55.46 5.73
CA TYR E 338 5.77 -56.28 6.09
C TYR E 338 6.44 -56.92 4.86
N GLU E 339 7.76 -56.81 4.78
CA GLU E 339 8.53 -57.28 3.60
C GLU E 339 8.31 -58.75 3.19
N TRP E 340 7.66 -59.53 4.03
CA TRP E 340 7.38 -60.93 3.71
C TRP E 340 5.88 -61.21 3.56
N PHE E 341 5.11 -60.15 3.33
CA PHE E 341 3.75 -60.30 2.86
C PHE E 341 3.72 -59.57 1.54
N LYS E 342 4.44 -58.46 1.52
CA LYS E 342 4.50 -57.62 0.34
C LYS E 342 4.86 -58.48 -0.86
N THR E 343 5.66 -59.50 -0.61
CA THR E 343 6.25 -60.31 -1.70
C THR E 343 5.22 -61.05 -2.58
N LYS E 344 4.23 -61.66 -1.94
CA LYS E 344 3.35 -62.61 -2.59
C LYS E 344 2.07 -61.94 -3.07
N ALA E 345 1.19 -62.70 -3.71
CA ALA E 345 -0.22 -62.35 -3.75
C ALA E 345 -0.91 -62.90 -2.47
N TRP E 346 -0.19 -62.75 -1.35
CA TRP E 346 -0.71 -62.87 0.01
C TRP E 346 -1.54 -61.61 0.16
N GLN E 347 -1.09 -60.58 -0.57
CA GLN E 347 -1.70 -59.26 -0.64
C GLN E 347 -3.17 -59.37 -0.96
N GLU E 348 -3.48 -59.98 -2.10
CA GLU E 348 -4.87 -60.25 -2.44
C GLU E 348 -5.73 -60.45 -1.20
N GLU E 349 -5.44 -61.50 -0.42
CA GLU E 349 -6.31 -61.82 0.70
C GLU E 349 -6.25 -60.85 1.85
N ILE E 350 -5.35 -59.87 1.79
CA ILE E 350 -5.38 -58.82 2.80
C ILE E 350 -6.53 -57.86 2.50
N ASN E 351 -6.43 -57.06 1.44
CA ASN E 351 -7.40 -55.99 1.23
C ASN E 351 -8.82 -56.47 1.03
N THR E 352 -8.98 -57.67 0.49
CA THR E 352 -10.30 -58.23 0.40
C THR E 352 -10.96 -58.04 1.75
N PHE E 353 -10.16 -58.19 2.80
CA PHE E 353 -10.61 -57.91 4.16
C PHE E 353 -10.68 -56.40 4.43
N LEU E 354 -9.59 -55.68 4.15
CA LEU E 354 -9.64 -54.23 4.21
C LEU E 354 -10.91 -53.74 3.55
N GLN E 355 -11.59 -54.65 2.86
CA GLN E 355 -12.64 -54.28 1.94
C GLN E 355 -14.04 -54.74 2.39
N ARG E 356 -14.12 -55.89 3.03
CA ARG E 356 -15.40 -56.37 3.51
C ARG E 356 -15.55 -56.19 5.01
N LYS E 357 -14.53 -55.61 5.63
CA LYS E 357 -14.56 -55.39 7.06
C LYS E 357 -15.37 -56.49 7.72
N ALA E 358 -14.72 -57.64 7.93
CA ALA E 358 -15.38 -58.81 8.52
C ALA E 358 -14.39 -59.92 8.87
N LYS E 359 -14.61 -60.57 10.02
CA LYS E 359 -13.78 -61.70 10.43
C LYS E 359 -14.63 -62.73 11.15
N LEU E 360 -14.16 -63.97 11.26
CA LEU E 360 -14.83 -64.93 12.13
C LEU E 360 -13.87 -65.80 12.96
N GLU E 361 -14.37 -66.37 14.06
CA GLU E 361 -13.56 -67.19 14.94
C GLU E 361 -13.56 -68.66 14.46
N ILE E 362 -12.50 -69.41 14.74
CA ILE E 362 -12.35 -70.78 14.20
C ILE E 362 -13.43 -71.68 14.75
N GLU E 363 -13.79 -71.40 15.99
CA GLU E 363 -14.90 -72.07 16.66
C GLU E 363 -16.16 -72.07 15.78
N ALA E 364 -16.60 -70.86 15.43
CA ALA E 364 -17.71 -70.71 14.54
C ALA E 364 -17.71 -71.82 13.52
N MET E 365 -16.63 -71.91 12.75
CA MET E 365 -16.55 -72.94 11.71
C MET E 365 -16.77 -74.33 12.30
N ALA E 366 -16.00 -74.69 13.30
CA ALA E 366 -16.14 -75.98 13.88
C ALA E 366 -17.54 -76.25 14.45
N SER E 367 -18.15 -75.24 15.02
CA SER E 367 -19.54 -75.38 15.47
C SER E 367 -20.41 -75.96 14.33
N LYS E 368 -19.85 -76.14 13.15
CA LYS E 368 -20.66 -76.77 12.13
C LYS E 368 -20.73 -78.25 12.46
N GLY E 369 -19.74 -78.75 13.23
CA GLY E 369 -19.73 -80.14 13.73
C GLY E 369 -18.67 -81.08 13.16
N LEU E 370 -17.68 -81.42 14.00
CA LEU E 370 -16.43 -82.19 13.64
C LEU E 370 -16.44 -82.93 12.33
N LYS E 371 -17.40 -83.85 12.15
CA LYS E 371 -17.61 -84.57 10.85
C LYS E 371 -17.23 -83.68 9.65
N PHE E 372 -17.90 -82.54 9.53
CA PHE E 372 -17.52 -81.50 8.59
C PHE E 372 -16.07 -80.99 8.79
N LEU E 373 -15.76 -80.40 9.94
CA LEU E 373 -14.38 -80.00 10.20
C LEU E 373 -13.32 -81.15 10.02
N ALA E 374 -13.71 -82.38 10.32
CA ALA E 374 -12.80 -83.53 10.19
C ALA E 374 -12.66 -84.12 8.76
N PHE E 375 -13.76 -84.56 8.18
CA PHE E 375 -13.67 -85.30 6.95
C PHE E 375 -14.18 -84.50 5.75
N GLN E 376 -14.12 -83.17 5.88
CA GLN E 376 -14.43 -82.29 4.75
C GLN E 376 -13.46 -81.14 4.63
N TYR E 377 -13.41 -80.31 5.66
CA TYR E 377 -12.72 -79.04 5.53
C TYR E 377 -11.28 -79.33 5.20
N ILE E 378 -10.56 -79.86 6.19
CA ILE E 378 -9.14 -80.14 6.03
C ILE E 378 -8.92 -80.92 4.72
N PRO E 379 -9.44 -82.13 4.69
CA PRO E 379 -9.12 -82.93 3.53
C PRO E 379 -9.38 -82.13 2.28
N GLU E 380 -10.63 -81.68 2.06
CA GLU E 380 -10.95 -80.91 0.84
C GLU E 380 -9.87 -79.88 0.51
N LYS E 381 -9.64 -78.98 1.47
CA LYS E 381 -8.70 -77.87 1.26
C LYS E 381 -7.33 -78.40 0.92
N ILE E 382 -6.84 -79.33 1.74
CA ILE E 382 -5.49 -79.86 1.55
C ILE E 382 -5.28 -80.44 0.15
N THR E 383 -5.87 -81.59 -0.15
CA THR E 383 -5.68 -82.13 -1.47
C THR E 383 -5.98 -81.07 -2.56
N ASN E 384 -6.86 -80.11 -2.25
CA ASN E 384 -7.34 -79.13 -3.26
C ASN E 384 -6.34 -78.05 -3.66
N LYS E 385 -5.29 -77.94 -2.87
CA LYS E 385 -4.30 -76.91 -3.05
C LYS E 385 -4.91 -75.53 -2.75
N ASP E 386 -5.80 -75.53 -1.75
CA ASP E 386 -6.46 -74.33 -1.25
C ASP E 386 -5.74 -73.87 0.01
N TYR E 387 -4.93 -72.81 -0.12
CA TYR E 387 -4.02 -72.36 0.91
C TYR E 387 -3.01 -71.39 0.32
N ILE E 388 -2.10 -70.82 1.10
CA ILE E 388 -1.12 -69.88 0.52
C ILE E 388 0.36 -70.15 0.86
N ALA E 389 1.27 -69.84 -0.08
CA ALA E 389 2.69 -70.33 -0.03
C ALA E 389 3.77 -69.44 -0.72
N GLU F 14 42.85 33.32 32.71
CA GLU F 14 42.08 34.09 31.76
C GLU F 14 40.70 33.45 31.50
N PHE F 15 40.72 32.30 30.83
CA PHE F 15 39.51 31.66 30.30
C PHE F 15 38.63 31.00 31.35
N PHE F 16 39.26 30.30 32.29
CA PHE F 16 38.55 29.54 33.33
C PHE F 16 37.61 30.41 34.17
N LYS F 17 37.73 31.73 34.00
CA LYS F 17 36.94 32.70 34.78
C LYS F 17 35.43 32.68 34.49
N ARG F 18 35.07 32.55 33.21
CA ARG F 18 33.66 32.54 32.79
C ARG F 18 33.24 31.20 32.20
N ASN F 19 34.23 30.45 31.71
CA ASN F 19 34.01 29.08 31.22
C ASN F 19 34.61 28.03 32.15
N PRO F 20 33.99 27.83 33.32
CA PRO F 20 34.53 26.93 34.35
C PRO F 20 34.50 25.45 33.98
N GLU F 21 33.30 24.96 33.59
CA GLU F 21 33.05 23.52 33.39
C GLU F 21 34.08 22.78 32.53
N LEU F 22 34.79 23.54 31.68
CA LEU F 22 35.70 22.97 30.68
C LEU F 22 36.91 22.29 31.29
N ALA F 23 37.49 22.90 32.33
CA ALA F 23 38.64 22.26 33.02
C ALA F 23 38.22 21.35 34.19
N GLY F 24 36.91 21.20 34.39
CA GLY F 24 36.37 20.19 35.30
C GLY F 24 35.74 20.72 36.58
N PHE F 25 35.31 21.98 36.56
CA PHE F 25 34.63 22.56 37.72
C PHE F 25 33.27 23.11 37.35
N PRO F 26 32.36 22.25 36.88
CA PRO F 26 31.03 22.71 36.46
C PRO F 26 30.16 23.23 37.61
N ASN F 27 30.20 22.51 38.73
CA ASN F 27 29.30 22.77 39.84
C ASN F 27 29.91 22.36 41.17
N PRO F 28 29.44 22.94 42.27
CA PRO F 28 29.86 22.63 43.64
C PRO F 28 30.40 21.21 43.81
N ALA F 29 29.55 20.22 43.59
CA ALA F 29 29.88 18.82 43.87
C ALA F 29 31.07 18.27 43.08
N ARG F 30 30.93 18.24 41.75
CA ARG F 30 31.96 17.72 40.86
C ARG F 30 33.35 18.33 41.13
N ALA F 31 33.36 19.52 41.70
CA ALA F 31 34.59 20.21 42.01
C ALA F 31 35.31 19.55 43.18
N LEU F 32 34.54 19.07 44.15
CA LEU F 32 35.12 18.37 45.28
C LEU F 32 35.94 17.23 44.73
N TYR F 33 35.29 16.34 43.98
CA TYR F 33 35.94 15.22 43.33
C TYR F 33 37.22 15.63 42.60
N GLN F 34 37.13 16.71 41.84
CA GLN F 34 38.29 17.22 41.11
C GLN F 34 39.44 17.48 42.07
N THR F 35 39.30 18.50 42.90
CA THR F 35 40.33 18.86 43.88
C THR F 35 40.97 17.64 44.55
N VAL F 36 40.16 16.64 44.87
CA VAL F 36 40.69 15.43 45.50
C VAL F 36 41.62 14.68 44.56
N ARG F 37 41.17 14.42 43.33
CA ARG F 37 42.02 13.71 42.38
C ARG F 37 43.18 14.57 41.81
N GLU F 38 43.22 15.85 42.17
CA GLU F 38 44.32 16.73 41.78
C GLU F 38 45.44 16.64 42.80
N LEU F 39 45.06 16.56 44.07
CA LEU F 39 46.03 16.45 45.16
C LEU F 39 46.70 15.10 45.24
N ILE F 40 45.93 14.02 45.08
CA ILE F 40 46.52 12.70 45.09
C ILE F 40 47.44 12.59 43.90
N GLU F 41 46.88 12.79 42.70
CA GLU F 41 47.68 12.80 41.46
C GLU F 41 49.09 13.33 41.72
N ASN F 42 49.16 14.56 42.19
CA ASN F 42 50.41 15.24 42.48
C ASN F 42 51.24 14.56 43.56
N SER F 43 50.62 14.24 44.69
CA SER F 43 51.37 13.72 45.83
C SER F 43 52.13 12.43 45.52
N LEU F 44 51.55 11.57 44.70
CA LEU F 44 52.27 10.38 44.25
C LEU F 44 53.52 10.78 43.48
N ASP F 45 53.34 11.48 42.36
CA ASP F 45 54.46 11.92 41.53
C ASP F 45 55.51 12.69 42.32
N ALA F 46 55.30 12.82 43.63
CA ALA F 46 56.29 13.45 44.47
C ALA F 46 56.93 12.41 45.36
N THR F 47 56.58 11.15 45.13
CA THR F 47 57.16 10.04 45.87
C THR F 47 57.62 8.89 44.99
N ASP F 48 56.67 8.18 44.41
CA ASP F 48 57.01 6.96 43.68
C ASP F 48 57.89 7.21 42.44
N VAL F 49 58.04 8.47 42.05
CA VAL F 49 58.86 8.80 40.89
C VAL F 49 60.28 9.11 41.31
N HIS F 50 60.47 9.28 42.61
CA HIS F 50 61.78 9.54 43.16
C HIS F 50 62.19 8.39 44.08
N GLY F 51 61.40 7.33 44.04
CA GLY F 51 61.78 6.06 44.66
C GLY F 51 61.59 5.96 46.16
N ILE F 52 60.39 6.24 46.63
CA ILE F 52 60.05 6.03 48.03
C ILE F 52 58.66 5.42 48.11
N LEU F 53 58.50 4.49 49.04
CA LEU F 53 57.19 3.92 49.31
C LEU F 53 56.32 4.98 49.97
N PRO F 54 55.30 5.45 49.23
CA PRO F 54 54.45 6.56 49.62
C PRO F 54 53.45 6.21 50.73
N ASN F 55 53.16 7.18 51.60
CA ASN F 55 52.16 7.05 52.67
C ASN F 55 51.19 8.22 52.68
N ILE F 56 50.27 8.27 51.72
CA ILE F 56 49.38 9.40 51.60
C ILE F 56 48.21 9.29 52.56
N LYS F 57 47.81 10.44 53.12
CA LYS F 57 46.62 10.54 53.98
C LYS F 57 45.66 11.61 53.45
N ILE F 58 44.40 11.23 53.26
CA ILE F 58 43.39 12.11 52.67
C ILE F 58 42.19 12.32 53.61
N THR F 59 42.09 13.51 54.18
CA THR F 59 40.96 13.82 55.05
C THR F 59 40.16 15.02 54.54
N ILE F 60 38.85 14.83 54.42
CA ILE F 60 37.93 15.93 54.08
C ILE F 60 37.08 16.29 55.29
N ASP F 61 37.01 17.59 55.60
CA ASP F 61 36.27 18.04 56.76
C ASP F 61 35.16 19.01 56.40
N LEU F 62 34.17 19.09 57.28
CA LEU F 62 33.03 19.99 57.12
C LEU F 62 33.06 21.06 58.21
N ILE F 63 33.40 22.28 57.84
CA ILE F 63 33.62 23.34 58.83
C ILE F 63 32.53 24.41 58.88
N ASP F 64 31.56 24.32 57.97
CA ASP F 64 30.41 25.23 57.97
C ASP F 64 29.21 24.61 57.26
N ASP F 65 28.09 24.53 57.97
CA ASP F 65 26.90 23.83 57.47
C ASP F 65 26.06 24.68 56.53
N ALA F 66 25.86 25.94 56.90
CA ALA F 66 25.01 26.86 56.13
C ALA F 66 25.43 27.00 54.67
N ARG F 67 26.74 27.20 54.44
CA ARG F 67 27.25 27.49 53.10
C ARG F 67 27.82 26.28 52.38
N GLN F 68 27.91 25.14 53.07
CA GLN F 68 28.47 23.93 52.47
C GLN F 68 29.93 24.15 52.07
N ILE F 69 30.81 24.28 53.06
CA ILE F 69 32.24 24.47 52.81
C ILE F 69 33.05 23.29 53.34
N TYR F 70 33.99 22.80 52.53
CA TYR F 70 34.79 21.65 52.92
C TYR F 70 36.28 21.96 52.93
N LYS F 71 37.06 21.04 53.49
CA LYS F 71 38.51 21.23 53.63
C LYS F 71 39.29 19.98 53.20
N VAL F 72 39.68 19.94 51.93
CA VAL F 72 40.44 18.80 51.40
C VAL F 72 41.87 18.87 51.89
N ASN F 73 42.43 17.73 52.26
CA ASN F 73 43.73 17.71 52.90
C ASN F 73 44.57 16.48 52.55
N VAL F 74 45.74 16.72 51.98
CA VAL F 74 46.64 15.63 51.58
C VAL F 74 47.98 15.75 52.28
N VAL F 75 48.46 14.64 52.83
CA VAL F 75 49.72 14.62 53.58
C VAL F 75 50.57 13.42 53.16
N ASP F 76 51.76 13.71 52.61
CA ASP F 76 52.63 12.65 52.09
C ASP F 76 53.95 12.57 52.85
N ASN F 77 54.81 11.66 52.38
CA ASN F 77 56.17 11.55 52.89
C ASN F 77 57.14 11.79 51.75
N GLY F 78 56.66 12.52 50.74
CA GLY F 78 57.44 12.81 49.54
C GLY F 78 58.51 13.87 49.75
N ILE F 79 59.13 14.30 48.67
CA ILE F 79 60.24 15.26 48.77
C ILE F 79 59.79 16.64 49.24
N GLY F 80 59.01 17.34 48.43
CA GLY F 80 58.53 18.67 48.77
C GLY F 80 59.14 19.77 47.91
N ILE F 81 58.66 21.01 48.14
CA ILE F 81 59.10 22.13 47.34
C ILE F 81 60.30 22.85 47.95
N PRO F 82 61.31 23.15 47.12
CA PRO F 82 62.30 24.13 47.51
C PRO F 82 61.57 25.42 47.89
N PRO F 83 61.66 25.81 49.17
CA PRO F 83 60.92 26.89 49.83
C PRO F 83 60.56 28.07 48.92
N GLN F 84 61.56 28.66 48.26
CA GLN F 84 61.37 29.89 47.49
C GLN F 84 60.41 29.71 46.32
N GLU F 85 60.20 28.47 45.87
CA GLU F 85 59.33 28.22 44.74
C GLU F 85 57.90 27.93 45.18
N VAL F 86 57.59 28.22 46.43
CA VAL F 86 56.25 27.96 46.95
C VAL F 86 55.20 28.85 46.26
N PRO F 87 55.38 30.18 46.34
CA PRO F 87 54.47 31.11 45.67
C PRO F 87 54.36 30.87 44.16
N ASN F 88 55.49 30.67 43.50
CA ASN F 88 55.47 30.46 42.05
C ASN F 88 55.00 29.06 41.66
N ALA F 89 54.24 28.43 42.56
CA ALA F 89 53.68 27.12 42.29
C ALA F 89 52.17 27.17 42.49
N PHE F 90 51.74 28.00 43.43
CA PHE F 90 50.34 28.05 43.81
C PHE F 90 49.64 29.30 43.29
N GLY F 91 50.32 30.45 43.37
CA GLY F 91 49.73 31.72 42.99
C GLY F 91 49.79 32.05 41.51
N ARG F 92 50.93 31.75 40.88
CA ARG F 92 51.12 32.04 39.46
C ARG F 92 50.22 31.16 38.57
N VAL F 93 49.53 31.80 37.63
CA VAL F 93 48.65 31.10 36.70
C VAL F 93 49.39 30.71 35.41
N LEU F 94 49.56 29.40 35.22
CA LEU F 94 50.30 28.88 34.07
C LEU F 94 49.49 28.88 32.78
N TYR F 95 49.87 29.77 31.86
CA TYR F 95 49.30 29.81 30.53
C TYR F 95 49.16 28.39 29.97
N SER F 96 50.30 27.83 29.55
CA SER F 96 50.32 26.60 28.76
C SER F 96 50.83 25.35 29.49
N SER F 97 50.87 24.26 28.74
CA SER F 97 51.43 23.00 29.23
C SER F 97 52.75 22.72 28.52
N LYS F 98 53.75 23.55 28.80
CA LYS F 98 55.11 23.38 28.27
C LYS F 98 55.41 21.94 27.78
N TYR F 99 55.41 21.74 26.46
CA TYR F 99 55.62 20.43 25.82
C TYR F 99 56.31 19.36 26.70
N VAL F 100 55.70 18.17 26.78
CA VAL F 100 56.11 17.14 27.75
C VAL F 100 57.26 16.26 27.26
N ASN F 101 58.16 15.90 28.17
CA ASN F 101 59.32 15.12 27.80
C ASN F 101 59.58 13.91 28.68
N ARG F 102 58.74 13.70 29.69
CA ARG F 102 58.76 12.48 30.51
C ARG F 102 57.35 12.22 31.05
N GLN F 103 56.94 10.95 31.14
CA GLN F 103 55.60 10.63 31.61
C GLN F 103 55.29 11.22 32.98
N THR F 104 54.13 11.83 33.09
CA THR F 104 53.64 12.30 34.38
C THR F 104 52.19 11.96 34.52
N ARG F 105 51.70 12.03 35.76
CA ARG F 105 50.27 12.06 36.02
C ARG F 105 49.82 13.49 35.77
N GLY F 106 48.64 13.67 35.21
CA GLY F 106 48.02 15.01 35.23
C GLY F 106 47.68 15.75 33.93
N MET F 107 46.39 15.62 33.54
CA MET F 107 45.77 16.25 32.35
C MET F 107 46.37 17.57 31.86
N TYR F 108 45.59 18.63 32.05
CA TYR F 108 45.84 19.98 31.48
C TYR F 108 47.25 20.57 31.70
N GLY F 109 47.28 21.89 31.79
CA GLY F 109 48.50 22.59 32.17
C GLY F 109 48.21 23.62 33.25
N LEU F 110 47.06 23.47 33.91
CA LEU F 110 46.66 24.38 35.00
C LEU F 110 46.55 23.63 36.34
N GLY F 111 46.26 22.34 36.26
CA GLY F 111 46.23 21.46 37.43
C GLY F 111 45.99 22.10 38.79
N VAL F 112 46.91 21.85 39.73
CA VAL F 112 46.72 22.24 41.13
C VAL F 112 46.45 23.72 41.32
N LYS F 113 46.81 24.52 40.32
CA LYS F 113 46.60 25.96 40.38
C LYS F 113 45.12 26.31 40.37
N ALA F 114 44.34 25.59 39.56
CA ALA F 114 42.90 25.85 39.44
C ALA F 114 42.16 25.70 40.77
N ALA F 115 42.56 24.70 41.55
CA ALA F 115 41.98 24.45 42.85
C ALA F 115 42.01 25.68 43.73
N VAL F 116 43.18 26.31 43.83
CA VAL F 116 43.34 27.49 44.67
C VAL F 116 42.54 28.66 44.12
N LEU F 117 42.37 28.70 42.81
CA LEU F 117 41.65 29.77 42.14
C LEU F 117 40.15 29.71 42.40
N TYR F 118 39.61 28.49 42.37
CA TYR F 118 38.20 28.24 42.68
C TYR F 118 37.93 28.55 44.16
N SER F 119 38.98 28.46 44.96
CA SER F 119 38.87 28.64 46.41
C SER F 119 38.71 30.10 46.81
N GLN F 120 39.24 31.00 46.00
CA GLN F 120 39.18 32.44 46.29
C GLN F 120 37.99 33.13 45.62
N MET F 121 37.11 32.32 45.03
CA MET F 121 35.96 32.84 44.30
C MET F 121 34.66 32.79 45.10
N HIS F 122 34.58 31.86 46.04
CA HIS F 122 33.33 31.64 46.78
C HIS F 122 33.47 31.65 48.30
N GLN F 123 34.70 31.57 48.79
CA GLN F 123 34.95 31.60 50.24
C GLN F 123 36.16 32.47 50.62
N ASP F 124 36.21 32.86 51.89
CA ASP F 124 37.19 33.86 52.35
C ASP F 124 38.25 33.32 53.33
N LYS F 125 38.73 32.10 53.09
CA LYS F 125 39.77 31.53 53.97
C LYS F 125 41.01 31.13 53.17
N PRO F 126 42.19 31.18 53.80
CA PRO F 126 43.46 30.96 53.12
C PRO F 126 43.80 29.50 52.80
N ILE F 127 44.98 29.28 52.23
CA ILE F 127 45.42 27.96 51.79
C ILE F 127 46.65 27.51 52.57
N GLU F 128 46.43 26.77 53.65
CA GLU F 128 47.51 26.33 54.53
C GLU F 128 48.45 25.30 53.87
N ILE F 129 49.74 25.62 53.82
CA ILE F 129 50.74 24.79 53.17
C ILE F 129 51.96 24.59 54.06
N GLU F 130 52.59 23.43 53.95
CA GLU F 130 53.81 23.12 54.69
C GLU F 130 54.74 22.25 53.86
N THR F 131 56.03 22.55 53.87
CA THR F 131 57.00 21.68 53.19
C THR F 131 58.32 21.54 53.95
N SER F 132 59.06 20.48 53.64
CA SER F 132 60.35 20.22 54.24
C SER F 132 61.11 19.25 53.36
N PRO F 133 62.02 19.79 52.54
CA PRO F 133 62.84 19.03 51.59
C PRO F 133 63.61 17.87 52.19
N VAL F 134 64.17 17.04 51.32
CA VAL F 134 64.90 15.86 51.74
C VAL F 134 66.14 16.26 52.50
N ASN F 135 66.30 15.75 53.72
CA ASN F 135 67.46 16.04 54.52
C ASN F 135 67.40 17.50 55.00
N SER F 136 66.22 17.93 55.41
CA SER F 136 65.98 19.35 55.71
C SER F 136 66.24 19.76 57.15
N LYS F 137 66.57 21.03 57.32
CA LYS F 137 66.84 21.61 58.62
C LYS F 137 65.55 21.75 59.43
N ARG F 138 64.66 22.63 58.95
CA ARG F 138 63.45 22.96 59.67
C ARG F 138 62.22 22.75 58.79
N ILE F 139 61.04 23.02 59.34
CA ILE F 139 59.80 22.93 58.58
C ILE F 139 59.32 24.33 58.21
N TYR F 140 59.32 24.64 56.91
CA TYR F 140 58.87 25.95 56.46
C TYR F 140 57.36 25.96 56.24
N THR F 141 56.67 26.87 56.93
CA THR F 141 55.22 26.97 56.85
C THR F 141 54.78 28.21 56.09
N PHE F 142 53.70 28.06 55.33
CA PHE F 142 53.13 29.17 54.57
C PHE F 142 51.62 29.22 54.81
N LYS F 143 50.98 30.26 54.29
CA LYS F 143 49.54 30.39 54.32
C LYS F 143 49.17 31.46 53.29
N LEU F 144 48.85 31.01 52.07
CA LEU F 144 48.80 31.90 50.91
C LEU F 144 47.41 32.27 50.39
N LYS F 145 47.31 33.49 49.87
CA LYS F 145 46.18 33.94 49.06
C LYS F 145 46.72 34.53 47.77
N ILE F 146 45.84 34.89 46.86
CA ILE F 146 46.27 35.30 45.53
C ILE F 146 45.65 36.61 45.05
N ASP F 147 46.39 37.32 44.20
CA ASP F 147 45.84 38.47 43.47
C ASP F 147 45.54 38.00 42.04
N ILE F 148 44.26 38.00 41.70
CA ILE F 148 43.76 37.41 40.46
C ILE F 148 43.89 38.31 39.24
N ASN F 149 43.81 39.62 39.46
CA ASN F 149 43.80 40.59 38.35
C ASN F 149 45.12 40.70 37.60
N LYS F 150 46.23 40.69 38.35
CA LYS F 150 47.54 40.92 37.75
C LYS F 150 48.49 39.73 37.92
N ASN F 151 47.92 38.55 38.18
CA ASN F 151 48.70 37.31 38.33
C ASN F 151 49.97 37.43 39.17
N GLU F 152 49.80 37.36 40.49
CA GLU F 152 50.92 37.37 41.43
C GLU F 152 50.40 37.11 42.85
N PRO F 153 51.00 36.13 43.54
CA PRO F 153 50.55 35.67 44.85
C PRO F 153 50.97 36.56 46.00
N ILE F 154 50.03 36.83 46.92
CA ILE F 154 50.33 37.61 48.12
C ILE F 154 50.51 36.69 49.33
N ILE F 155 51.68 36.80 49.97
CA ILE F 155 52.00 36.04 51.18
C ILE F 155 51.31 36.64 52.39
N VAL F 156 50.43 35.86 53.02
CA VAL F 156 49.79 36.31 54.26
C VAL F 156 50.66 35.96 55.45
N GLU F 157 51.27 34.78 55.42
CA GLU F 157 52.16 34.34 56.50
C GLU F 157 53.28 33.41 56.03
N ARG F 158 54.47 33.63 56.58
CA ARG F 158 55.64 32.80 56.27
C ARG F 158 56.51 32.63 57.52
N GLY F 159 56.73 31.38 57.91
CA GLY F 159 57.55 31.08 59.09
C GLY F 159 58.14 29.67 59.08
N SER F 160 58.94 29.36 60.11
CA SER F 160 59.60 28.05 60.24
C SER F 160 59.84 27.62 61.71
N VAL F 161 59.66 26.32 61.96
CA VAL F 161 59.94 25.72 63.28
C VAL F 161 61.01 24.60 63.17
N GLU F 162 61.16 23.82 64.24
CA GLU F 162 62.15 22.72 64.27
C GLU F 162 61.60 21.40 63.74
N ASN F 163 62.47 20.66 63.05
CA ASN F 163 62.10 19.37 62.47
C ASN F 163 62.45 18.20 63.41
N THR F 164 61.43 17.44 63.82
CA THR F 164 61.65 16.18 64.55
C THR F 164 62.13 15.07 63.58
N ARG F 165 63.43 14.81 63.68
CA ARG F 165 64.30 14.16 62.67
C ARG F 165 63.74 13.31 61.52
N GLY F 166 64.55 13.22 60.46
CA GLY F 166 64.30 12.38 59.28
C GLY F 166 62.97 12.59 58.61
N PHE F 167 62.36 13.76 58.83
CA PHE F 167 61.07 14.06 58.24
C PHE F 167 61.21 14.85 56.94
N HIS F 168 60.40 14.47 55.96
CA HIS F 168 60.21 15.25 54.75
C HIS F 168 58.81 15.00 54.20
N GLY F 169 58.14 16.07 53.78
CA GLY F 169 56.79 15.96 53.26
C GLY F 169 56.21 17.25 52.72
N THR F 170 54.95 17.18 52.28
CA THR F 170 54.25 18.31 51.72
C THR F 170 52.77 18.26 52.10
N SER F 171 52.35 19.13 53.01
CA SER F 171 50.96 19.19 53.43
C SER F 171 50.20 20.33 52.77
N VAL F 172 49.19 19.98 51.99
CA VAL F 172 48.35 20.98 51.34
C VAL F 172 46.95 20.91 51.92
N ALA F 173 46.40 22.07 52.28
CA ALA F 173 45.05 22.14 52.84
C ALA F 173 44.25 23.22 52.13
N ILE F 174 43.24 22.81 51.37
CA ILE F 174 42.43 23.77 50.63
C ILE F 174 40.93 23.66 50.96
N SER F 175 40.28 24.82 51.11
CA SER F 175 38.86 24.86 51.41
C SER F 175 38.03 25.26 50.19
N ILE F 176 37.00 24.48 49.90
CA ILE F 176 36.07 24.80 48.80
C ILE F 176 34.63 24.47 49.14
N PRO F 177 33.68 25.03 48.38
CA PRO F 177 32.28 24.67 48.52
C PRO F 177 31.90 23.55 47.55
N GLY F 178 31.24 22.52 48.06
CA GLY F 178 30.79 21.40 47.23
C GLY F 178 29.55 20.73 47.74
N ASP F 179 29.35 19.47 47.34
CA ASP F 179 28.23 18.69 47.82
C ASP F 179 28.69 17.26 48.08
N TRP F 180 29.09 17.01 49.33
CA TRP F 180 29.62 15.71 49.72
C TRP F 180 28.77 14.52 49.28
N PRO F 181 27.47 14.51 49.67
CA PRO F 181 26.58 13.39 49.34
C PRO F 181 26.39 13.11 47.84
N LYS F 182 26.43 14.14 47.01
CA LYS F 182 26.25 13.93 45.58
C LYS F 182 27.46 13.29 44.91
N ALA F 183 28.65 13.50 45.49
CA ALA F 183 29.87 13.00 44.89
C ALA F 183 30.56 11.97 45.77
N LYS F 184 29.94 11.58 46.86
CA LYS F 184 30.55 10.61 47.76
C LYS F 184 30.90 9.33 47.02
N SER F 185 29.88 8.61 46.55
CA SER F 185 30.07 7.28 46.00
C SER F 185 31.04 7.23 44.83
N ARG F 186 31.33 8.40 44.27
CA ARG F 186 32.21 8.48 43.11
C ARG F 186 33.68 8.76 43.48
N ILE F 187 33.90 9.49 44.57
CA ILE F 187 35.24 9.70 45.13
C ILE F 187 35.82 8.39 45.66
N TYR F 188 35.06 7.69 46.51
CA TYR F 188 35.48 6.40 47.05
C TYR F 188 35.97 5.47 45.96
N GLU F 189 35.50 5.66 44.74
CA GLU F 189 35.97 4.87 43.61
C GLU F 189 37.37 5.30 43.18
N TYR F 190 37.72 6.55 43.41
CA TYR F 190 39.04 6.98 43.11
C TYR F 190 40.00 6.19 43.99
N ILE F 191 40.08 6.53 45.27
CA ILE F 191 40.96 5.82 46.19
C ILE F 191 41.00 4.34 45.88
N LYS F 192 39.87 3.66 46.02
CA LYS F 192 39.79 2.24 45.72
C LYS F 192 40.57 1.88 44.46
N ARG F 193 40.21 2.48 43.31
CA ARG F 193 40.79 2.07 42.03
C ARG F 193 42.25 2.49 41.82
N THR F 194 42.70 3.49 42.55
CA THR F 194 44.08 3.89 42.53
C THR F 194 44.90 2.86 43.29
N TYR F 195 44.31 2.34 44.35
CA TYR F 195 44.94 1.36 45.22
C TYR F 195 45.33 0.09 44.47
N ILE F 196 44.44 -0.32 43.57
CA ILE F 196 44.61 -1.56 42.83
C ILE F 196 45.89 -1.59 42.03
N ILE F 197 46.06 -0.63 41.12
CA ILE F 197 47.24 -0.58 40.26
C ILE F 197 48.47 0.04 40.94
N THR F 198 48.35 0.33 42.24
CA THR F 198 49.45 0.96 42.97
C THR F 198 49.65 0.36 44.38
N PRO F 199 49.82 -0.97 44.47
CA PRO F 199 49.81 -1.63 45.77
C PRO F 199 51.08 -1.39 46.59
N TYR F 200 52.02 -0.64 46.02
CA TYR F 200 53.25 -0.32 46.73
C TYR F 200 53.02 0.91 47.61
N ALA F 201 51.75 1.23 47.86
CA ALA F 201 51.40 2.43 48.62
C ALA F 201 50.49 2.12 49.80
N GLU F 202 50.39 3.08 50.71
CA GLU F 202 49.56 2.94 51.89
C GLU F 202 48.68 4.17 52.07
N PHE F 203 47.36 3.98 51.90
CA PHE F 203 46.43 5.10 51.88
C PHE F 203 45.53 5.10 53.11
N ILE F 204 45.21 6.30 53.60
CA ILE F 204 44.18 6.48 54.63
C ILE F 204 43.26 7.65 54.28
N PHE F 205 41.95 7.42 54.36
CA PHE F 205 40.94 8.39 53.97
C PHE F 205 39.90 8.57 55.08
N LYS F 206 39.67 9.82 55.47
CA LYS F 206 38.77 10.17 56.57
C LYS F 206 37.71 11.17 56.10
N ASP F 207 36.51 10.67 55.82
CA ASP F 207 35.44 11.52 55.27
C ASP F 207 34.82 12.48 56.30
N PRO F 208 34.05 13.47 55.83
CA PRO F 208 33.54 14.51 56.71
C PRO F 208 32.66 13.95 57.80
N GLU F 209 32.15 12.74 57.60
CA GLU F 209 31.24 12.11 58.58
C GLU F 209 32.00 11.53 59.77
N GLY F 210 33.14 10.93 59.48
CA GLY F 210 33.94 10.28 60.51
C GLY F 210 34.21 8.83 60.14
N ASN F 211 34.10 8.52 58.85
CA ASN F 211 34.45 7.18 58.35
C ASN F 211 35.90 7.05 57.92
N VAL F 212 36.61 6.16 58.59
CA VAL F 212 38.02 5.91 58.28
C VAL F 212 38.18 4.72 57.33
N THR F 213 39.12 4.84 56.41
CA THR F 213 39.46 3.72 55.53
C THR F 213 40.97 3.62 55.33
N TYR F 214 41.49 2.41 55.52
CA TYR F 214 42.93 2.16 55.46
C TYR F 214 43.23 1.00 54.53
N TYR F 215 43.97 1.27 53.46
CA TYR F 215 44.40 0.26 52.52
C TYR F 215 45.92 0.13 52.64
N PRO F 216 46.40 -1.07 53.04
CA PRO F 216 47.78 -1.30 53.48
C PRO F 216 48.70 -1.77 52.37
N ARG F 217 49.98 -1.41 52.46
CA ARG F 217 50.95 -1.78 51.44
C ARG F 217 51.12 -3.29 51.40
N LEU F 218 50.95 -3.85 50.21
CA LEU F 218 50.95 -5.31 50.02
C LEU F 218 52.27 -5.81 49.47
N THR F 219 53.19 -4.90 49.18
CA THR F 219 54.56 -5.27 48.84
C THR F 219 55.47 -4.04 48.91
N ASN F 220 56.48 -4.02 48.03
CA ASN F 220 57.33 -2.85 47.83
C ASN F 220 58.28 -2.96 46.62
N LYS F 221 57.84 -3.71 45.61
CA LYS F 221 58.49 -3.68 44.30
C LYS F 221 58.01 -2.43 43.52
N ILE F 222 58.55 -1.26 43.85
CA ILE F 222 58.18 -0.06 43.13
C ILE F 222 58.85 -0.11 41.74
N PRO F 223 58.06 0.20 40.67
CA PRO F 223 58.53 0.01 39.28
C PRO F 223 59.71 0.95 38.92
N LYS F 224 60.27 0.77 37.74
CA LYS F 224 61.24 1.76 37.32
C LYS F 224 60.49 3.05 37.03
N PRO F 225 61.09 4.18 37.43
CA PRO F 225 60.46 5.46 37.15
C PRO F 225 60.79 5.86 35.70
N PRO F 226 60.11 6.91 35.20
CA PRO F 226 60.30 7.45 33.86
C PRO F 226 61.49 8.40 33.77
N GLN F 227 62.11 8.44 32.60
CA GLN F 227 63.34 9.19 32.34
C GLN F 227 63.11 10.31 31.35
N GLU F 228 63.56 11.53 31.66
CA GLU F 228 63.35 12.62 30.73
C GLU F 228 64.16 12.37 29.47
N VAL F 229 63.68 12.86 28.33
CA VAL F 229 64.32 12.62 27.05
C VAL F 229 64.04 13.72 26.03
N LYS F 230 65.03 14.14 25.28
CA LYS F 230 64.93 15.24 24.33
C LYS F 230 63.74 15.17 23.37
N PRO F 231 63.16 16.33 23.02
CA PRO F 231 62.02 16.42 22.11
C PRO F 231 62.26 15.73 20.78
N HIS F 232 61.19 15.19 20.18
CA HIS F 232 61.30 14.49 18.90
C HIS F 232 60.71 15.27 17.72
N PRO F 233 61.55 15.49 16.69
CA PRO F 233 61.38 16.26 15.47
C PRO F 233 59.98 16.25 14.88
N TYR F 234 59.47 15.05 14.60
CA TYR F 234 58.22 14.92 13.87
C TYR F 234 57.04 15.54 14.63
N GLY F 235 57.20 15.77 15.93
CA GLY F 235 56.12 16.29 16.77
C GLY F 235 56.31 17.68 17.40
N VAL F 236 57.00 18.57 16.71
CA VAL F 236 57.17 19.95 17.19
C VAL F 236 57.03 20.96 16.06
N ASP F 237 56.64 22.19 16.40
CA ASP F 237 56.32 23.22 15.41
C ASP F 237 56.74 24.61 15.84
N ARG F 238 56.34 25.60 15.03
CA ARG F 238 56.66 27.02 15.23
C ARG F 238 56.83 27.42 16.69
N GLU F 239 55.72 27.43 17.42
CA GLU F 239 55.71 27.85 18.83
C GLU F 239 56.89 27.34 19.65
N GLU F 240 57.13 26.02 19.63
CA GLU F 240 58.16 25.41 20.46
C GLU F 240 59.57 25.84 20.05
N ILE F 241 59.97 25.49 18.83
CA ILE F 241 61.28 25.84 18.34
C ILE F 241 61.71 27.19 18.89
N LYS F 242 60.83 28.19 18.81
CA LYS F 242 61.11 29.51 19.34
C LYS F 242 61.59 29.47 20.79
N ILE F 243 60.88 28.73 21.63
CA ILE F 243 61.14 28.73 23.06
C ILE F 243 62.32 27.83 23.45
N LEU F 244 62.68 26.91 22.56
CA LEU F 244 63.89 26.13 22.75
C LEU F 244 65.07 27.06 22.57
N ILE F 245 64.90 28.06 21.70
CA ILE F 245 65.97 28.96 21.30
C ILE F 245 66.16 30.07 22.32
N ASN F 246 65.09 30.77 22.65
CA ASN F 246 65.18 31.87 23.60
C ASN F 246 65.32 31.36 25.04
N ASN F 247 65.49 30.06 25.17
CA ASN F 247 65.70 29.43 26.46
C ASN F 247 67.14 28.94 26.62
N LEU F 248 68.02 29.33 25.69
CA LEU F 248 69.39 28.84 25.67
C LEU F 248 70.32 29.68 26.54
N LYS F 249 71.60 29.32 26.57
CA LYS F 249 72.58 30.02 27.39
C LYS F 249 73.80 30.51 26.60
N ARG F 250 74.14 29.82 25.52
CA ARG F 250 75.31 30.17 24.73
C ARG F 250 74.99 30.40 23.26
N ASP F 251 76.02 30.53 22.44
CA ASP F 251 75.84 30.77 21.02
C ASP F 251 75.96 29.48 20.24
N TYR F 252 74.94 28.64 20.28
CA TYR F 252 74.90 27.44 19.45
C TYR F 252 74.78 27.85 17.99
N THR F 253 75.36 27.07 17.07
CA THR F 253 75.11 27.27 15.65
C THR F 253 73.87 26.48 15.32
N ILE F 254 73.40 26.57 14.08
CA ILE F 254 72.25 25.79 13.69
C ILE F 254 72.54 24.29 13.72
N LYS F 255 73.73 23.93 13.27
CA LYS F 255 74.17 22.55 13.32
C LYS F 255 73.95 21.97 14.71
N GLU F 256 74.87 22.24 15.64
CA GLU F 256 74.73 21.79 17.01
C GLU F 256 73.26 21.71 17.35
N PHE F 257 72.55 22.78 17.04
CA PHE F 257 71.18 22.95 17.49
C PHE F 257 70.25 21.89 16.95
N LEU F 258 70.49 21.46 15.72
CA LEU F 258 69.67 20.42 15.10
C LEU F 258 70.05 19.03 15.57
N VAL F 259 71.08 18.91 16.37
CA VAL F 259 71.59 17.60 16.75
C VAL F 259 71.50 17.38 18.25
N ASN F 260 72.12 18.28 19.00
CA ASN F 260 72.22 18.11 20.45
C ASN F 260 71.00 18.62 21.18
N GLU F 261 69.86 18.65 20.50
CA GLU F 261 68.64 19.20 21.08
C GLU F 261 67.40 18.39 20.77
N PHE F 262 67.53 17.43 19.85
CA PHE F 262 66.42 16.57 19.43
C PHE F 262 66.79 15.08 19.42
N GLN F 263 65.82 14.20 19.65
CA GLN F 263 65.98 12.76 19.40
C GLN F 263 66.21 12.49 17.93
N SER F 264 67.32 11.83 17.58
CA SER F 264 67.41 11.13 16.30
C SER F 264 68.20 11.86 15.24
N ILE F 265 69.26 12.54 15.63
CA ILE F 265 69.91 13.36 14.61
C ILE F 265 71.46 13.36 14.54
N GLY F 266 72.03 12.31 13.97
CA GLY F 266 73.49 12.15 13.86
C GLY F 266 74.14 13.02 12.79
N ASP F 267 75.47 12.97 12.71
CA ASP F 267 76.24 13.79 11.78
C ASP F 267 75.63 13.79 10.39
N THR F 268 75.65 12.62 9.76
CA THR F 268 75.18 12.47 8.37
C THR F 268 73.66 12.52 8.28
N THR F 269 73.01 12.00 9.32
CA THR F 269 71.57 12.00 9.43
C THR F 269 71.03 13.45 9.41
N ALA F 270 71.80 14.36 10.00
CA ALA F 270 71.43 15.77 10.11
C ALA F 270 71.75 16.62 8.88
N ASP F 271 72.98 16.56 8.42
CA ASP F 271 73.43 17.36 7.27
C ASP F 271 72.40 17.44 6.15
N LYS F 272 71.70 16.34 5.91
CA LYS F 272 70.72 16.26 4.83
C LYS F 272 69.46 17.11 5.08
N ILE F 273 69.17 17.38 6.35
CA ILE F 273 68.04 18.24 6.70
C ILE F 273 68.36 19.67 6.29
N LEU F 274 69.64 20.03 6.36
CA LEU F 274 70.10 21.34 5.94
C LEU F 274 70.11 21.47 4.42
N GLU F 275 70.20 20.35 3.74
CA GLU F 275 70.11 20.33 2.29
C GLU F 275 68.67 20.61 1.88
N LEU F 276 67.73 20.07 2.63
CA LEU F 276 66.30 20.28 2.37
C LEU F 276 65.88 21.72 2.62
N ALA F 277 65.67 22.06 3.89
CA ALA F 277 65.27 23.41 4.27
C ALA F 277 66.16 24.45 3.60
N GLY F 278 67.29 24.00 3.08
CA GLY F 278 68.21 24.86 2.38
C GLY F 278 68.78 25.91 3.32
N LEU F 279 69.66 25.49 4.22
CA LEU F 279 70.29 26.41 5.16
C LEU F 279 71.80 26.20 5.26
N LYS F 280 72.53 27.30 5.44
CA LYS F 280 73.95 27.23 5.76
C LYS F 280 74.09 26.50 7.09
N PRO F 281 75.16 25.69 7.25
CA PRO F 281 75.30 24.87 8.44
C PRO F 281 75.96 25.60 9.61
N ASN F 282 76.96 26.41 9.31
CA ASN F 282 77.70 27.15 10.34
C ASN F 282 77.17 28.57 10.54
N LYS F 283 75.88 28.69 10.84
CA LYS F 283 75.27 30.00 11.07
C LYS F 283 74.76 30.14 12.49
N LYS F 284 75.02 31.30 13.07
CA LYS F 284 74.51 31.65 14.40
C LYS F 284 73.01 31.33 14.52
N VAL F 285 72.57 30.90 15.69
CA VAL F 285 71.18 30.50 15.87
C VAL F 285 70.27 31.67 16.16
N LYS F 286 70.70 32.55 17.08
CA LYS F 286 69.90 33.70 17.46
C LYS F 286 69.49 34.56 16.26
N ASN F 287 70.02 34.25 15.08
CA ASN F 287 69.75 35.03 13.85
C ASN F 287 68.82 34.32 12.86
N LEU F 288 67.64 33.91 13.32
CA LEU F 288 66.70 33.19 12.44
C LEU F 288 65.39 33.94 12.24
N THR F 289 65.11 34.34 11.01
CA THR F 289 63.89 35.07 10.69
C THR F 289 62.66 34.20 10.91
N GLU F 290 61.48 34.83 10.85
CA GLU F 290 60.22 34.13 11.08
C GLU F 290 59.93 33.05 10.02
N GLU F 291 60.40 33.30 8.80
CA GLU F 291 60.10 32.44 7.66
C GLU F 291 61.09 31.29 7.53
N GLU F 292 62.38 31.61 7.74
CA GLU F 292 63.41 30.59 7.71
C GLU F 292 63.00 29.42 8.58
N ILE F 293 62.57 29.73 9.80
CA ILE F 293 62.13 28.71 10.74
C ILE F 293 61.16 27.75 10.06
N THR F 294 60.04 28.30 9.58
CA THR F 294 58.97 27.49 9.00
C THR F 294 59.50 26.57 7.91
N ARG F 295 60.29 27.14 7.00
CA ARG F 295 60.86 26.38 5.89
C ARG F 295 61.61 25.18 6.44
N LEU F 296 61.94 25.23 7.73
CA LEU F 296 62.54 24.10 8.41
C LEU F 296 61.45 23.17 8.90
N VAL F 297 60.51 23.70 9.68
CA VAL F 297 59.47 22.89 10.30
C VAL F 297 58.66 22.10 9.26
N GLU F 298 58.72 22.54 8.00
CA GLU F 298 58.10 21.79 6.92
C GLU F 298 58.85 20.48 6.70
N THR F 299 60.13 20.60 6.37
CA THR F 299 60.98 19.44 6.09
C THR F 299 61.01 18.46 7.26
N PHE F 300 60.84 18.99 8.47
CA PHE F 300 60.68 18.15 9.66
C PHE F 300 59.50 17.26 9.42
N LYS F 301 58.37 17.87 9.13
CA LYS F 301 57.11 17.16 8.96
C LYS F 301 57.16 16.07 7.89
N LYS F 302 58.00 16.27 6.87
CA LYS F 302 58.02 15.36 5.74
C LYS F 302 59.09 14.27 5.83
N ASP F 303 60.31 14.64 6.19
CA ASP F 303 61.43 13.68 6.18
C ASP F 303 60.95 12.27 6.56
N GLU F 304 61.33 11.31 5.74
CA GLU F 304 60.78 9.96 5.83
C GLU F 304 61.31 9.13 6.99
N ASP F 305 62.59 8.77 6.94
CA ASP F 305 63.16 7.83 7.90
C ASP F 305 63.87 8.49 9.08
N PHE F 306 63.17 8.56 10.21
CA PHE F 306 63.78 8.83 11.50
C PHE F 306 63.82 7.50 12.23
N ARG F 307 64.09 7.53 13.52
CA ARG F 307 63.94 6.33 14.33
C ARG F 307 62.62 6.45 15.07
N SER F 308 62.42 5.60 16.06
CA SER F 308 61.20 5.63 16.85
C SER F 308 61.34 6.60 18.03
N PRO F 309 60.26 7.33 18.36
CA PRO F 309 60.27 8.17 19.57
C PRO F 309 60.52 7.32 20.80
N SER F 310 61.76 7.27 21.27
CA SER F 310 62.15 6.41 22.40
C SER F 310 61.19 6.43 23.57
N ALA F 311 60.95 5.27 24.18
CA ALA F 311 59.95 5.16 25.23
C ALA F 311 60.53 5.08 26.63
N ASP F 312 61.74 5.58 26.79
CA ASP F 312 62.37 5.63 28.11
C ASP F 312 61.78 6.76 28.91
N SER F 313 60.97 7.55 28.22
CA SER F 313 60.22 8.62 28.84
C SER F 313 58.96 8.07 29.45
N LEU F 314 58.67 6.80 29.16
CA LEU F 314 57.46 6.16 29.65
C LEU F 314 57.69 5.34 30.91
N SER F 315 56.59 4.83 31.47
CA SER F 315 56.60 4.03 32.69
C SER F 315 55.41 3.06 32.70
N VAL F 316 55.61 1.84 33.20
CA VAL F 316 54.58 0.78 33.10
C VAL F 316 54.14 0.27 34.46
N ILE F 317 52.94 -0.31 34.53
CA ILE F 317 52.51 -0.94 35.77
C ILE F 317 53.38 -2.16 35.99
N GLY F 318 53.17 -3.20 35.18
CA GLY F 318 53.91 -4.45 35.28
C GLY F 318 53.06 -5.71 35.18
N GLU F 319 53.44 -6.61 34.28
CA GLU F 319 52.74 -7.87 34.11
C GLU F 319 52.64 -8.69 35.40
N ASP F 320 52.69 -8.04 36.55
CA ASP F 320 52.65 -8.77 37.83
C ASP F 320 51.99 -7.97 38.94
N LEU F 321 52.39 -6.71 39.09
CA LEU F 321 51.76 -5.84 40.05
C LEU F 321 50.31 -5.80 39.68
N ILE F 322 50.04 -5.89 38.39
CA ILE F 322 48.67 -6.02 37.90
C ILE F 322 48.10 -7.26 38.54
N GLU F 323 48.65 -8.42 38.19
CA GLU F 323 48.17 -9.68 38.73
C GLU F 323 47.87 -9.58 40.22
N LEU F 324 48.91 -9.34 41.00
CA LEU F 324 48.77 -9.15 42.43
C LEU F 324 47.62 -8.18 42.74
N GLY F 325 47.75 -6.95 42.29
CA GLY F 325 46.75 -5.94 42.54
C GLY F 325 45.36 -6.51 42.48
N LEU F 326 44.99 -7.07 41.32
CA LEU F 326 43.63 -7.56 41.12
C LEU F 326 43.41 -9.00 41.57
N LYS F 327 44.38 -9.55 42.28
CA LYS F 327 44.18 -10.86 42.90
C LYS F 327 43.84 -10.63 44.36
N LYS F 328 44.51 -9.66 44.96
CA LYS F 328 44.38 -9.43 46.40
C LYS F 328 43.19 -8.54 46.71
N ILE F 329 42.18 -8.56 45.86
CA ILE F 329 41.04 -7.71 46.08
C ILE F 329 39.78 -8.27 45.44
N PHE F 330 39.96 -9.12 44.44
CA PHE F 330 38.83 -9.79 43.82
C PHE F 330 38.81 -11.26 44.20
N ASN F 331 40.00 -11.79 44.49
CA ASN F 331 40.16 -13.21 44.80
C ASN F 331 39.41 -14.12 43.83
N PRO F 332 39.90 -14.25 42.60
CA PRO F 332 39.22 -15.02 41.57
C PRO F 332 39.69 -16.46 41.57
N ASP F 333 39.35 -17.20 40.53
CA ASP F 333 39.85 -18.55 40.37
C ASP F 333 40.99 -18.56 39.35
N PHE F 334 41.19 -17.43 38.68
CA PHE F 334 42.26 -17.28 37.69
C PHE F 334 42.54 -15.81 37.36
N ALA F 335 43.80 -15.51 37.06
CA ALA F 335 44.20 -14.16 36.67
C ALA F 335 45.29 -14.20 35.62
N ALA F 336 45.39 -13.13 34.84
CA ALA F 336 46.43 -13.01 33.84
C ALA F 336 46.52 -11.59 33.33
N SER F 337 47.72 -11.22 32.87
CA SER F 337 48.00 -9.86 32.43
C SER F 337 48.99 -9.90 31.29
N ILE F 338 49.20 -8.74 30.66
CA ILE F 338 50.08 -8.64 29.51
C ILE F 338 50.52 -7.21 29.27
N THR F 339 51.82 -7.01 29.05
CA THR F 339 52.37 -5.69 28.72
C THR F 339 53.00 -5.71 27.32
N ARG F 340 52.46 -4.90 26.42
CA ARG F 340 52.88 -4.96 25.02
C ARG F 340 54.22 -4.29 24.78
N LYS F 341 54.80 -4.57 23.62
CA LYS F 341 55.96 -3.79 23.18
C LYS F 341 55.43 -2.40 22.75
N PRO F 342 56.29 -1.37 22.84
CA PRO F 342 55.81 -0.01 22.62
C PRO F 342 55.64 0.34 21.15
N LYS F 343 54.51 0.95 20.82
CA LYS F 343 54.28 1.50 19.48
C LYS F 343 54.49 3.02 19.48
N ALA F 344 54.08 3.68 18.40
CA ALA F 344 54.36 5.11 18.26
C ALA F 344 53.24 5.89 17.56
N TYR F 345 52.97 7.08 18.09
CA TYR F 345 51.92 7.97 17.58
C TYR F 345 52.32 9.44 17.61
N GLN F 346 52.14 10.11 16.47
CA GLN F 346 52.49 11.53 16.36
C GLN F 346 53.66 11.95 17.25
N GLY F 347 54.88 11.59 16.83
CA GLY F 347 56.11 11.99 17.54
C GLY F 347 56.32 11.46 18.95
N HIS F 348 55.34 10.72 19.46
CA HIS F 348 55.34 10.23 20.85
C HIS F 348 55.18 8.72 20.91
N PRO F 349 55.69 8.10 21.98
CA PRO F 349 55.52 6.68 22.17
C PRO F 349 54.31 6.36 23.05
N PHE F 350 53.84 5.12 23.00
CA PHE F 350 52.76 4.67 23.88
C PHE F 350 52.78 3.17 24.04
N ILE F 351 52.38 2.68 25.21
CA ILE F 351 52.16 1.24 25.40
C ILE F 351 50.81 0.94 25.99
N VAL F 352 50.30 -0.23 25.66
CA VAL F 352 49.03 -0.71 26.19
C VAL F 352 49.28 -1.93 27.07
N GLU F 353 48.81 -1.86 28.31
CA GLU F 353 48.77 -3.03 29.18
C GLU F 353 47.33 -3.52 29.30
N ALA F 354 47.17 -4.79 29.66
CA ALA F 354 45.85 -5.40 29.71
C ALA F 354 45.83 -6.56 30.67
N GLY F 355 44.69 -6.77 31.31
CA GLY F 355 44.51 -7.90 32.22
C GLY F 355 43.06 -8.31 32.42
N VAL F 356 42.86 -9.52 32.92
CA VAL F 356 41.52 -10.02 33.18
C VAL F 356 41.54 -10.92 34.41
N ALA F 357 40.48 -10.88 35.20
CA ALA F 357 40.33 -11.81 36.31
C ALA F 357 38.98 -12.49 36.23
N PHE F 358 38.91 -13.73 36.69
CA PHE F 358 37.71 -14.53 36.48
C PHE F 358 37.33 -15.43 37.64
N GLY F 359 36.03 -15.49 37.90
CA GLY F 359 35.47 -16.46 38.84
C GLY F 359 35.64 -16.12 40.30
N GLY F 360 35.62 -17.16 41.13
CA GLY F 360 35.86 -17.00 42.57
C GLY F 360 34.87 -16.09 43.28
N SER F 361 35.37 -14.94 43.69
CA SER F 361 34.59 -14.02 44.54
C SER F 361 33.87 -12.97 43.73
N ILE F 362 34.34 -12.73 42.51
CA ILE F 362 33.70 -11.77 41.59
C ILE F 362 32.19 -12.02 41.45
N PRO F 363 31.39 -10.93 41.59
CA PRO F 363 29.93 -10.98 41.59
C PRO F 363 29.36 -11.45 40.26
N VAL F 364 28.40 -12.36 40.32
CA VAL F 364 27.78 -12.89 39.11
C VAL F 364 26.80 -11.88 38.54
N GLY F 365 27.05 -11.45 37.32
CA GLY F 365 26.20 -10.48 36.65
C GLY F 365 26.17 -10.75 35.16
N GLU F 366 25.33 -10.01 34.44
CA GLU F 366 25.11 -10.26 33.01
C GLU F 366 26.20 -9.63 32.09
N GLU F 367 27.06 -8.81 32.67
CA GLU F 367 28.07 -8.12 31.87
C GLU F 367 29.41 -7.88 32.61
N PRO F 368 30.51 -7.70 31.86
CA PRO F 368 31.79 -7.63 32.55
C PRO F 368 32.00 -6.27 33.17
N ILE F 369 32.91 -6.20 34.14
CA ILE F 369 33.32 -4.93 34.74
C ILE F 369 34.56 -4.44 34.05
N VAL F 370 34.58 -3.14 33.73
CA VAL F 370 35.68 -2.56 32.97
C VAL F 370 36.43 -1.48 33.75
N LEU F 371 37.68 -1.74 34.11
CA LEU F 371 38.48 -0.70 34.75
C LEU F 371 39.44 -0.03 33.76
N ARG F 372 39.31 1.30 33.65
CA ARG F 372 40.10 2.08 32.72
C ARG F 372 41.26 2.79 33.39
N TYR F 373 42.42 2.77 32.73
CA TYR F 373 43.64 3.36 33.26
C TYR F 373 44.44 4.13 32.23
N ALA F 374 44.62 5.42 32.49
CA ALA F 374 45.46 6.29 31.67
C ALA F 374 46.58 6.91 32.51
N ASN F 375 47.82 6.54 32.21
CA ASN F 375 48.99 7.08 32.90
C ASN F 375 49.00 6.85 34.41
N LYS F 376 48.70 5.61 34.81
CA LYS F 376 48.73 5.21 36.22
C LYS F 376 47.67 5.90 37.06
N ILE F 377 46.59 6.34 36.45
CA ILE F 377 45.48 6.90 37.20
C ILE F 377 44.16 6.39 36.67
N PRO F 378 43.21 6.13 37.58
CA PRO F 378 41.92 5.61 37.18
C PRO F 378 41.10 6.70 36.53
N LEU F 379 40.25 6.30 35.58
CA LEU F 379 39.29 7.21 34.97
C LEU F 379 37.96 6.68 35.42
N ILE F 380 37.10 7.58 35.90
CA ILE F 380 35.81 7.17 36.46
C ILE F 380 34.62 7.64 35.63
N TYR F 381 34.62 8.91 35.28
CA TYR F 381 33.51 9.54 34.57
C TYR F 381 33.54 9.37 33.06
N ASP F 382 32.41 8.99 32.48
CA ASP F 382 32.24 8.91 31.03
C ASP F 382 32.65 7.56 30.42
N GLU F 383 32.75 6.54 31.26
CA GLU F 383 33.13 5.20 30.81
C GLU F 383 32.33 4.78 29.57
N LYS F 384 31.29 5.54 29.25
CA LYS F 384 30.36 5.15 28.20
C LYS F 384 30.82 5.64 26.83
N SER F 385 31.65 6.68 26.85
CA SER F 385 32.09 7.29 25.61
C SER F 385 33.59 7.03 25.42
N ASP F 386 34.05 5.88 25.87
CA ASP F 386 35.46 5.56 25.85
C ASP F 386 35.80 4.67 24.66
N VAL F 387 36.97 4.89 24.07
CA VAL F 387 37.44 4.01 23.02
C VAL F 387 37.57 2.59 23.53
N ILE F 388 37.79 2.46 24.84
CA ILE F 388 37.91 1.17 25.49
C ILE F 388 36.54 0.50 25.72
N TRP F 389 35.63 1.23 26.35
CA TRP F 389 34.30 0.67 26.58
C TRP F 389 33.72 0.11 25.29
N LYS F 390 34.16 0.64 24.16
CA LYS F 390 33.74 0.10 22.89
C LYS F 390 34.32 -1.29 22.73
N VAL F 391 35.62 -1.38 22.51
CA VAL F 391 36.28 -2.65 22.25
C VAL F 391 35.75 -3.80 23.11
N VAL F 392 35.74 -3.60 24.43
CA VAL F 392 35.40 -4.66 25.35
C VAL F 392 33.90 -5.00 25.36
N GLU F 393 33.09 -4.16 24.75
CA GLU F 393 31.68 -4.52 24.60
C GLU F 393 31.50 -5.03 23.20
N GLU F 394 32.34 -4.52 22.30
CA GLU F 394 32.31 -4.97 20.90
C GLU F 394 32.77 -6.42 20.76
N LEU F 395 33.73 -6.80 21.59
CA LEU F 395 34.34 -8.13 21.57
C LEU F 395 33.36 -9.32 21.76
N ASP F 396 33.52 -10.35 20.93
CA ASP F 396 32.68 -11.56 20.96
C ASP F 396 33.18 -12.60 21.96
N TRP F 397 32.54 -12.62 23.14
CA TRP F 397 33.03 -13.42 24.27
C TRP F 397 32.74 -14.93 24.20
N LYS F 398 32.10 -15.38 23.14
CA LYS F 398 31.86 -16.81 22.95
C LYS F 398 33.02 -17.49 22.21
N ARG F 399 33.60 -16.78 21.24
CA ARG F 399 34.81 -17.24 20.55
C ARG F 399 35.96 -17.42 21.55
N TYR F 400 35.70 -17.01 22.79
CA TYR F 400 36.60 -17.27 23.91
C TYR F 400 35.82 -17.91 25.08
N GLY F 401 35.58 -19.21 24.98
CA GLY F 401 35.02 -19.98 26.07
C GLY F 401 33.61 -19.66 26.52
N ILE F 402 33.44 -18.51 27.16
CA ILE F 402 32.18 -18.14 27.80
C ILE F 402 30.95 -18.81 27.17
N GLU F 403 30.36 -19.73 27.91
CA GLU F 403 29.14 -20.36 27.46
C GLU F 403 27.93 -19.63 28.02
N SER F 404 28.01 -19.21 29.28
CA SER F 404 26.82 -18.77 30.00
C SER F 404 26.32 -17.36 29.70
N ASP F 405 25.06 -17.12 30.06
CA ASP F 405 24.41 -15.82 29.91
C ASP F 405 25.06 -14.85 30.90
N GLN F 406 24.99 -15.21 32.17
CA GLN F 406 25.60 -14.43 33.24
C GLN F 406 26.93 -15.03 33.67
N TYR F 407 27.89 -14.18 34.03
CA TYR F 407 29.25 -14.60 34.35
C TYR F 407 30.01 -13.53 35.12
N GLN F 408 31.10 -13.94 35.78
CA GLN F 408 31.92 -12.99 36.54
C GLN F 408 33.29 -12.70 35.93
N MET F 409 33.36 -11.69 35.07
CA MET F 409 34.63 -11.33 34.46
C MET F 409 34.97 -9.88 34.78
N VAL F 410 36.27 -9.59 34.91
CA VAL F 410 36.75 -8.22 35.09
C VAL F 410 37.88 -7.94 34.09
N VAL F 411 37.94 -6.71 33.59
CA VAL F 411 38.89 -6.38 32.52
C VAL F 411 39.63 -5.08 32.79
N MET F 412 40.96 -5.13 32.72
CA MET F 412 41.82 -3.97 32.99
C MET F 412 42.60 -3.57 31.76
N VAL F 413 42.39 -2.34 31.33
CA VAL F 413 43.07 -1.80 30.16
C VAL F 413 43.80 -0.48 30.48
N HIS F 414 45.13 -0.51 30.39
CA HIS F 414 45.96 0.68 30.67
C HIS F 414 46.54 1.28 29.39
N LEU F 415 46.50 2.60 29.28
CA LEU F 415 47.08 3.31 28.15
C LEU F 415 47.98 4.42 28.66
N CYS F 416 49.20 4.49 28.15
CA CYS F 416 50.12 5.53 28.62
C CYS F 416 51.03 6.04 27.54
N SER F 417 51.30 7.35 27.60
CA SER F 417 52.10 8.08 26.63
C SER F 417 52.32 9.48 27.19
N THR F 418 53.12 10.27 26.49
CA THR F 418 53.28 11.68 26.84
C THR F 418 52.26 12.51 26.07
N LYS F 419 51.47 11.85 25.23
CA LYS F 419 50.49 12.55 24.39
C LYS F 419 49.21 11.76 24.27
N ILE F 420 48.45 11.69 25.37
CA ILE F 420 47.20 10.93 25.41
C ILE F 420 46.09 11.71 24.72
N PRO F 421 45.53 11.16 23.63
CA PRO F 421 44.43 11.81 22.92
C PRO F 421 43.08 11.72 23.63
N TYR F 422 42.59 12.84 24.17
CA TYR F 422 41.29 12.87 24.86
C TYR F 422 40.19 13.35 23.94
N LYS F 423 39.04 12.70 24.00
CA LYS F 423 37.99 12.88 23.00
C LYS F 423 37.36 14.28 22.94
N SER F 424 36.94 14.80 24.09
CA SER F 424 36.26 16.09 24.10
C SER F 424 36.92 17.08 25.06
N ALA F 425 36.26 18.22 25.28
CA ALA F 425 36.78 19.25 26.16
C ALA F 425 36.87 18.74 27.59
N GLY F 426 38.03 18.18 27.95
CA GLY F 426 38.28 17.62 29.28
C GLY F 426 37.12 16.88 29.90
N LYS F 427 36.81 15.70 29.36
CA LYS F 427 35.66 14.93 29.82
C LYS F 427 36.00 13.51 30.20
N GLU F 428 37.26 13.28 30.59
CA GLU F 428 37.68 12.03 31.28
C GLU F 428 37.54 10.71 30.50
N SER F 429 37.67 10.77 29.19
CA SER F 429 37.65 9.55 28.37
C SER F 429 38.44 9.71 27.08
N ILE F 430 38.91 8.59 26.55
CA ILE F 430 39.92 8.56 25.50
C ILE F 430 39.36 8.66 24.08
N ALA F 431 40.18 9.16 23.17
CA ALA F 431 39.76 9.44 21.81
C ALA F 431 40.00 8.27 20.86
N GLU F 432 39.22 8.22 19.79
CA GLU F 432 39.21 7.06 18.89
C GLU F 432 40.29 7.09 17.82
N VAL F 433 41.53 7.38 18.24
CA VAL F 433 42.72 7.32 17.38
C VAL F 433 42.98 5.91 16.89
N GLU F 434 42.83 5.69 15.58
CA GLU F 434 42.80 4.33 15.04
C GLU F 434 44.03 3.51 15.44
N ASN F 435 45.21 3.92 14.95
CA ASN F 435 46.46 3.23 15.28
C ASN F 435 46.61 2.86 16.74
N ILE F 436 45.90 3.59 17.62
CA ILE F 436 45.85 3.22 19.03
C ILE F 436 44.86 2.11 19.21
N GLU F 437 43.63 2.31 18.76
CA GLU F 437 42.55 1.32 18.93
C GLU F 437 42.92 -0.12 18.55
N LYS F 438 43.82 -0.29 17.59
CA LYS F 438 44.26 -1.62 17.17
C LYS F 438 45.21 -2.30 18.15
N GLU F 439 46.07 -1.54 18.81
CA GLU F 439 46.96 -2.13 19.79
C GLU F 439 46.20 -2.35 21.09
N ILE F 440 45.08 -1.65 21.26
CA ILE F 440 44.21 -1.89 22.41
C ILE F 440 43.46 -3.18 22.20
N LYS F 441 43.04 -3.42 20.97
CA LYS F 441 42.35 -4.67 20.65
C LYS F 441 43.28 -5.83 20.93
N ASN F 442 44.05 -6.24 19.92
CA ASN F 442 45.04 -7.31 20.08
C ASN F 442 45.40 -7.60 21.55
N ALA F 443 45.76 -6.56 22.29
CA ALA F 443 46.15 -6.70 23.69
C ALA F 443 45.12 -7.47 24.51
N LEU F 444 43.84 -7.20 24.29
CA LEU F 444 42.74 -7.93 24.91
C LEU F 444 42.67 -9.37 24.41
N MET F 445 42.82 -9.52 23.11
CA MET F 445 42.88 -10.84 22.51
C MET F 445 44.00 -11.67 23.13
N GLU F 446 45.19 -11.09 23.28
CA GLU F 446 46.31 -11.81 23.91
C GLU F 446 46.08 -12.22 25.36
N VAL F 447 45.05 -11.70 26.01
CA VAL F 447 44.63 -12.22 27.31
C VAL F 447 43.44 -13.14 27.15
N ALA F 448 42.45 -12.66 26.41
CA ALA F 448 41.22 -13.41 26.21
C ALA F 448 41.45 -14.86 25.79
N ARG F 449 42.49 -15.10 24.98
CA ARG F 449 42.84 -16.44 24.54
C ARG F 449 43.69 -17.18 25.59
N LYS F 450 43.97 -16.48 26.69
CA LYS F 450 44.47 -17.14 27.88
C LYS F 450 43.21 -17.58 28.63
N LEU F 451 42.03 -17.03 28.21
CA LEU F 451 40.72 -17.43 28.78
C LEU F 451 40.21 -18.78 28.22
N LYS F 452 40.19 -18.93 26.90
CA LYS F 452 39.82 -20.20 26.29
C LYS F 452 40.71 -21.33 26.80
N GLN F 453 41.97 -21.01 27.09
CA GLN F 453 42.92 -22.00 27.58
C GLN F 453 42.51 -22.58 28.92
N TYR F 454 42.33 -21.72 29.91
CA TYR F 454 41.94 -22.15 31.24
C TYR F 454 40.63 -22.92 31.20
N LEU F 455 39.70 -22.47 30.37
CA LEU F 455 38.41 -23.15 30.26
C LEU F 455 38.48 -24.30 29.27
N SER F 456 39.67 -24.67 28.86
CA SER F 456 39.86 -25.89 28.09
C SER F 456 40.51 -26.91 29.00
N GLU F 457 41.14 -26.44 30.07
CA GLU F 457 41.73 -27.34 31.05
C GLU F 457 40.77 -27.58 32.20
N LYS F 458 39.56 -27.03 32.10
CA LYS F 458 38.52 -27.27 33.10
C LYS F 458 37.72 -28.48 32.67
N ARG F 459 37.42 -28.57 31.39
CA ARG F 459 36.75 -29.76 30.87
C ARG F 459 37.69 -30.96 30.94
N LYS F 460 39.00 -30.70 30.82
CA LYS F 460 40.00 -31.74 30.91
C LYS F 460 40.04 -32.30 32.34
N GLU F 461 40.21 -31.41 33.30
CA GLU F 461 40.33 -31.79 34.71
C GLU F 461 39.07 -32.48 35.21
N GLN F 462 37.93 -32.16 34.61
CA GLN F 462 36.66 -32.78 34.98
C GLN F 462 36.44 -34.07 34.22
N GLU F 463 37.18 -34.25 33.12
CA GLU F 463 37.02 -35.44 32.30
C GLU F 463 37.74 -36.64 32.91
N ALA F 464 38.86 -36.39 33.56
CA ALA F 464 39.57 -37.46 34.24
C ALA F 464 38.73 -38.01 35.36
N LYS F 465 38.45 -37.18 36.37
CA LYS F 465 37.65 -37.60 37.51
C LYS F 465 36.32 -38.16 37.07
N LYS F 466 36.00 -38.05 35.78
CA LYS F 466 34.77 -38.61 35.25
C LYS F 466 34.99 -40.07 34.86
N LYS F 467 36.08 -40.33 34.14
CA LYS F 467 36.47 -41.70 33.76
C LYS F 467 37.05 -42.41 34.96
N LEU F 468 38.28 -42.04 35.29
CA LEU F 468 39.03 -42.65 36.38
C LEU F 468 38.14 -42.95 37.58
N LEU F 469 37.00 -42.28 37.66
CA LEU F 469 36.07 -42.59 38.73
C LEU F 469 35.25 -43.80 38.33
N ALA F 470 34.65 -43.75 37.15
CA ALA F 470 33.81 -44.86 36.68
C ALA F 470 34.57 -46.19 36.61
N TYR F 471 35.81 -46.15 36.14
CA TYR F 471 36.61 -47.35 35.96
C TYR F 471 36.87 -48.09 37.24
N LEU F 472 37.19 -47.36 38.31
CA LEU F 472 37.43 -47.99 39.60
C LEU F 472 36.27 -48.86 40.04
N LYS F 473 35.14 -48.69 39.39
CA LYS F 473 33.98 -49.47 39.72
C LYS F 473 33.89 -50.67 38.77
N TYR F 474 34.46 -50.53 37.59
CA TYR F 474 34.23 -51.50 36.52
C TYR F 474 35.36 -52.49 36.31
N ILE F 475 36.53 -52.25 36.89
CA ILE F 475 37.66 -53.14 36.66
C ILE F 475 37.74 -54.26 37.68
N PRO F 476 37.02 -54.14 38.80
CA PRO F 476 36.91 -55.31 39.65
C PRO F 476 35.91 -56.32 39.08
N GLU F 477 34.83 -55.84 38.50
CA GLU F 477 33.80 -56.75 38.00
C GLU F 477 34.29 -57.59 36.83
N VAL F 478 34.73 -56.93 35.77
CA VAL F 478 35.23 -57.70 34.64
C VAL F 478 36.43 -58.50 35.10
N SER F 479 37.07 -58.06 36.17
CA SER F 479 38.20 -58.81 36.68
C SER F 479 37.73 -60.17 37.17
N ARG F 480 36.88 -60.17 38.20
CA ARG F 480 36.35 -61.41 38.72
C ARG F 480 35.79 -62.25 37.58
N SER F 481 34.84 -61.68 36.87
CA SER F 481 34.16 -62.39 35.79
C SER F 481 35.16 -63.11 34.90
N LEU F 482 36.11 -62.37 34.33
CA LEU F 482 37.10 -62.97 33.46
C LEU F 482 37.97 -64.04 34.15
N ALA F 483 38.03 -64.04 35.48
CA ALA F 483 38.84 -65.03 36.18
C ALA F 483 38.13 -66.35 36.35
N THR F 484 36.82 -66.28 36.62
CA THR F 484 36.00 -67.48 36.70
C THR F 484 36.15 -68.30 35.42
N PHE F 485 36.25 -67.62 34.28
CA PHE F 485 36.39 -68.33 33.04
C PHE F 485 37.66 -69.15 32.99
N LEU F 486 38.72 -68.70 33.65
CA LEU F 486 39.99 -69.42 33.64
C LEU F 486 39.87 -70.77 34.32
N ALA F 487 40.23 -70.80 35.59
CA ALA F 487 40.09 -72.02 36.35
C ALA F 487 38.64 -72.18 36.74
N SER F 488 38.07 -73.35 36.41
CA SER F 488 36.67 -73.66 36.70
C SER F 488 36.53 -74.00 38.19
N GLY F 489 37.58 -74.62 38.72
CA GLY F 489 37.63 -75.03 40.11
C GLY F 489 37.72 -73.85 41.06
N ASN F 490 37.03 -73.99 42.19
CA ASN F 490 36.86 -72.91 43.17
C ASN F 490 38.12 -72.60 44.03
N LYS F 491 39.30 -72.66 43.42
CA LYS F 491 40.51 -72.33 44.13
C LYS F 491 41.23 -71.10 43.57
N GLU F 492 41.28 -71.00 42.25
CA GLU F 492 41.95 -69.88 41.59
C GLU F 492 41.11 -68.62 41.62
N LEU F 493 39.82 -68.79 41.88
CA LEU F 493 38.89 -67.67 41.96
C LEU F 493 39.62 -66.43 42.49
N VAL F 494 40.21 -66.54 43.68
CA VAL F 494 40.82 -65.41 44.37
C VAL F 494 42.28 -65.15 43.99
N SER F 495 42.88 -66.07 43.25
CA SER F 495 44.27 -65.92 42.83
C SER F 495 44.36 -65.28 41.45
N LYS F 496 43.55 -65.77 40.51
CA LYS F 496 43.51 -65.22 39.17
C LYS F 496 42.93 -63.81 39.21
N TYR F 497 41.88 -63.65 39.99
CA TYR F 497 41.32 -62.35 40.36
C TYR F 497 42.38 -61.26 40.29
N GLN F 498 43.12 -61.12 41.39
CA GLN F 498 44.03 -59.99 41.59
C GLN F 498 45.16 -59.88 40.58
N ASN F 499 45.67 -61.01 40.12
CA ASN F 499 46.80 -60.98 39.18
C ASN F 499 46.40 -60.45 37.80
N GLU F 500 45.17 -59.99 37.69
CA GLU F 500 44.75 -59.29 36.48
C GLU F 500 43.89 -58.08 36.81
N ILE F 501 43.49 -57.93 38.07
CA ILE F 501 42.89 -56.69 38.52
C ILE F 501 43.92 -55.60 38.29
N SER F 502 45.05 -55.71 38.99
CA SER F 502 46.14 -54.75 38.83
C SER F 502 46.71 -54.81 37.42
N GLU F 503 46.64 -55.99 36.80
CA GLU F 503 47.03 -56.12 35.40
C GLU F 503 46.17 -55.20 34.56
N GLY F 504 44.85 -55.33 34.71
CA GLY F 504 43.92 -54.41 34.08
C GLY F 504 44.27 -52.98 34.43
N LEU F 505 44.14 -52.64 35.71
CA LEU F 505 44.37 -51.27 36.17
C LEU F 505 45.46 -50.55 35.38
N PHE F 506 46.61 -51.20 35.20
CA PHE F 506 47.74 -50.53 34.56
C PHE F 506 47.48 -50.27 33.07
N LYS F 507 46.85 -51.23 32.42
CA LYS F 507 46.49 -51.07 31.01
C LYS F 507 45.66 -49.80 30.82
N LEU F 508 45.29 -49.15 31.92
CA LEU F 508 44.50 -47.93 31.84
C LEU F 508 45.37 -46.69 31.78
N ILE F 509 46.51 -46.73 32.44
CA ILE F 509 47.46 -45.64 32.30
C ILE F 509 48.01 -45.62 30.87
N SER F 510 47.21 -46.14 29.94
CA SER F 510 47.43 -45.92 28.53
C SER F 510 47.13 -44.48 28.25
N LYS F 511 45.95 -44.03 28.66
CA LYS F 511 45.54 -42.63 28.46
C LYS F 511 46.09 -41.63 29.52
N LYS F 512 45.68 -41.83 30.78
CA LYS F 512 46.05 -40.88 31.84
C LYS F 512 46.67 -41.54 33.10
N LEU F 513 47.71 -40.88 33.63
CA LEU F 513 48.50 -41.39 34.75
C LEU F 513 48.07 -40.82 36.10
N ASP F 514 47.51 -41.66 36.97
CA ASP F 514 47.28 -41.26 38.36
C ASP F 514 47.08 -42.42 39.34
N LEU F 515 47.66 -42.26 40.54
CA LEU F 515 47.50 -43.21 41.64
C LEU F 515 46.59 -42.58 42.69
N ILE F 516 45.39 -43.14 42.84
CA ILE F 516 44.33 -42.51 43.63
C ILE F 516 43.63 -43.45 44.61
N ASN F 517 43.57 -43.03 45.86
CA ASN F 517 42.87 -43.77 46.91
C ASN F 517 41.71 -42.99 47.52
N ILE F 518 40.48 -43.45 47.25
CA ILE F 518 39.25 -42.72 47.60
C ILE F 518 38.27 -43.50 48.50
N GLU F 519 38.05 -42.95 49.70
CA GLU F 519 37.29 -43.56 50.81
C GLU F 519 36.18 -42.62 51.30
N ASP G 10 -14.21 -98.96 19.65
CA ASP G 10 -13.65 -99.87 20.71
C ASP G 10 -13.56 -99.16 22.08
N LYS G 11 -13.97 -97.89 22.05
CA LYS G 11 -14.35 -97.04 23.22
C LYS G 11 -14.98 -97.79 24.44
N GLU G 12 -14.55 -97.45 25.66
CA GLU G 12 -15.16 -98.13 26.83
C GLU G 12 -15.74 -97.26 27.96
N ALA G 13 -14.95 -97.08 29.03
CA ALA G 13 -15.38 -96.27 30.19
C ALA G 13 -15.90 -94.92 29.67
N ARG G 14 -15.71 -94.72 28.37
CA ARG G 14 -16.15 -93.51 27.68
C ARG G 14 -17.60 -93.63 27.19
N ARG G 15 -17.91 -94.67 26.43
CA ARG G 15 -19.31 -95.04 26.17
C ARG G 15 -20.10 -95.36 27.47
N LYS G 16 -19.41 -95.29 28.61
CA LYS G 16 -20.08 -95.30 29.91
C LYS G 16 -20.94 -94.07 29.99
N ALA G 17 -20.25 -92.93 30.04
CA ALA G 17 -20.87 -91.65 30.30
C ALA G 17 -21.82 -91.23 29.20
N ALA G 18 -21.40 -91.43 27.95
CA ALA G 18 -22.24 -91.05 26.83
C ALA G 18 -23.61 -91.72 26.94
N ASN G 19 -23.81 -92.52 27.99
CA ASN G 19 -25.10 -93.14 28.27
C ASN G 19 -25.70 -92.56 29.53
N ILE G 20 -24.97 -92.66 30.64
CA ILE G 20 -25.45 -92.09 31.90
C ILE G 20 -25.74 -90.60 31.70
N LEU G 21 -25.29 -90.08 30.57
CA LEU G 21 -25.55 -88.70 30.27
C LEU G 21 -26.99 -88.53 29.82
N ARG G 22 -27.27 -88.97 28.61
CA ARG G 22 -28.62 -88.97 28.09
C ARG G 22 -29.62 -89.35 29.20
N ASP G 23 -29.90 -90.65 29.32
CA ASP G 23 -30.99 -91.14 30.16
C ASP G 23 -31.23 -90.39 31.47
N LYS G 24 -30.14 -90.07 32.19
CA LYS G 24 -30.26 -89.31 33.45
C LYS G 24 -30.22 -87.81 33.18
N PHE G 25 -30.95 -87.41 32.15
CA PHE G 25 -30.96 -86.06 31.64
C PHE G 25 -32.26 -85.85 30.90
N LEU G 26 -32.37 -86.48 29.74
CA LEU G 26 -33.61 -86.50 28.93
C LEU G 26 -34.79 -86.47 29.87
N ASN G 27 -34.76 -87.34 30.87
CA ASN G 27 -35.82 -87.43 31.87
C ASN G 27 -35.99 -86.13 32.66
N LEU G 28 -34.89 -85.60 33.20
CA LEU G 28 -34.99 -84.41 34.05
C LEU G 28 -35.49 -83.17 33.30
N VAL G 29 -34.91 -82.89 32.13
CA VAL G 29 -35.40 -81.73 31.37
C VAL G 29 -36.82 -81.96 30.86
N GLU G 30 -37.18 -83.19 30.51
CA GLU G 30 -38.57 -83.46 30.12
C GLU G 30 -39.51 -83.18 31.27
N GLN G 31 -40.61 -82.52 30.95
CA GLN G 31 -41.56 -82.15 31.95
C GLN G 31 -42.90 -82.27 31.27
N LEU G 32 -42.95 -81.90 30.00
CA LEU G 32 -44.20 -81.87 29.23
C LEU G 32 -45.37 -81.83 30.18
N LYS G 33 -45.57 -82.97 30.85
CA LYS G 33 -46.72 -83.20 31.71
C LYS G 33 -47.78 -82.13 31.49
N LYS G 34 -48.63 -82.41 30.52
CA LYS G 34 -49.69 -81.52 30.13
C LYS G 34 -50.93 -81.81 30.96
N GLY G 35 -50.77 -81.63 32.26
CA GLY G 35 -51.90 -81.49 33.14
C GLY G 35 -51.95 -80.02 33.52
N GLU G 36 -50.89 -79.54 34.16
CA GLU G 36 -50.78 -78.15 34.63
C GLU G 36 -49.39 -77.55 34.38
N PRO G 37 -49.28 -76.21 34.33
CA PRO G 37 -48.17 -75.46 33.72
C PRO G 37 -46.91 -75.50 34.55
N LEU G 38 -45.85 -76.08 33.98
CA LEU G 38 -44.64 -76.33 34.76
C LEU G 38 -43.45 -75.40 34.51
N VAL G 39 -42.43 -75.63 35.31
CA VAL G 39 -41.36 -74.68 35.52
C VAL G 39 -40.17 -75.50 35.99
N MET G 40 -38.99 -74.90 35.93
CA MET G 40 -37.80 -75.57 36.42
C MET G 40 -37.45 -75.04 37.80
N GLU G 41 -36.68 -75.82 38.56
CA GLU G 41 -36.30 -75.43 39.91
C GLU G 41 -34.77 -75.30 40.02
N ILE G 42 -34.28 -74.11 40.34
CA ILE G 42 -32.83 -73.86 40.35
C ILE G 42 -32.26 -73.63 41.74
N PRO G 43 -31.81 -74.71 42.41
CA PRO G 43 -31.23 -74.58 43.74
C PRO G 43 -29.73 -74.25 43.67
N MET G 44 -29.27 -73.28 44.47
CA MET G 44 -27.88 -72.80 44.36
C MET G 44 -26.99 -73.24 45.52
N LEU G 66 -34.76 -71.16 43.70
CA LEU G 66 -35.24 -70.05 42.87
C LEU G 66 -35.79 -70.51 41.53
N ARG G 67 -37.11 -70.67 41.50
CA ARG G 67 -37.82 -71.17 40.32
C ARG G 67 -37.86 -70.17 39.16
N ARG G 68 -37.99 -70.68 37.94
CA ARG G 68 -38.09 -69.83 36.74
C ARG G 68 -39.40 -70.09 35.99
N ASN G 69 -40.45 -69.32 36.26
CA ASN G 69 -41.74 -69.53 35.60
C ASN G 69 -41.73 -69.08 34.14
N PHE G 70 -42.04 -69.99 33.22
CA PHE G 70 -42.11 -69.61 31.82
C PHE G 70 -43.20 -68.57 31.62
N LEU G 71 -44.14 -68.52 32.56
CA LEU G 71 -45.28 -67.62 32.42
C LEU G 71 -45.05 -66.24 33.05
N ASP G 72 -43.80 -65.78 33.03
CA ASP G 72 -43.49 -64.46 33.55
C ASP G 72 -43.29 -63.47 32.41
N LEU G 73 -42.48 -62.45 32.68
CA LEU G 73 -42.13 -61.48 31.67
C LEU G 73 -40.63 -61.37 31.68
N ASN G 74 -40.12 -60.85 32.79
CA ASN G 74 -38.69 -60.74 32.98
C ASN G 74 -38.05 -62.11 32.81
N GLU G 75 -38.84 -63.15 33.09
CA GLU G 75 -38.31 -64.49 33.13
C GLU G 75 -38.53 -65.26 31.83
N ALA G 76 -39.53 -64.85 31.06
CA ALA G 76 -39.89 -65.53 29.82
C ALA G 76 -38.70 -65.90 28.94
N LYS G 77 -37.87 -64.91 28.61
CA LYS G 77 -36.74 -65.14 27.71
C LYS G 77 -35.68 -66.04 28.35
N ARG G 78 -35.46 -65.84 29.65
CA ARG G 78 -34.47 -66.62 30.38
C ARG G 78 -34.76 -68.10 30.25
N PHE G 79 -35.99 -68.43 29.86
CA PHE G 79 -36.40 -69.81 29.75
C PHE G 79 -35.95 -70.37 28.42
N MET G 80 -36.57 -69.90 27.35
CA MET G 80 -36.26 -70.41 26.03
C MET G 80 -34.75 -70.53 25.85
N GLN G 81 -33.99 -69.76 26.61
CA GLN G 81 -32.54 -69.82 26.51
C GLN G 81 -32.02 -71.06 27.18
N THR G 82 -32.57 -71.41 28.32
CA THR G 82 -32.11 -72.63 28.98
C THR G 82 -32.52 -73.84 28.18
N VAL G 83 -33.82 -73.97 27.93
CA VAL G 83 -34.30 -75.14 27.19
C VAL G 83 -33.83 -75.15 25.74
N LEU G 84 -32.93 -74.25 25.39
CA LEU G 84 -32.33 -74.37 24.09
C LEU G 84 -30.94 -74.90 24.33
N MET G 85 -30.05 -74.04 24.78
CA MET G 85 -28.65 -74.38 25.05
C MET G 85 -28.56 -75.74 25.73
N ALA G 86 -29.72 -76.27 26.12
CA ALA G 86 -29.80 -77.59 26.74
C ALA G 86 -29.94 -78.70 25.69
N SER G 87 -30.98 -78.59 24.87
CA SER G 87 -31.19 -79.52 23.79
C SER G 87 -30.01 -79.54 22.85
N ILE G 88 -29.46 -78.38 22.55
CA ILE G 88 -28.28 -78.33 21.73
C ILE G 88 -27.26 -79.30 22.27
N ILE G 89 -27.17 -79.35 23.61
CA ILE G 89 -26.26 -80.27 24.30
C ILE G 89 -26.72 -81.70 24.10
N TYR G 90 -27.97 -81.96 24.47
CA TYR G 90 -28.53 -83.30 24.38
C TYR G 90 -28.46 -83.92 23.00
N ASP G 91 -28.55 -83.10 21.96
CA ASP G 91 -28.51 -83.60 20.60
C ASP G 91 -27.10 -83.92 20.20
N ALA G 92 -26.24 -82.91 20.28
CA ALA G 92 -24.83 -83.10 20.03
C ALA G 92 -24.30 -84.21 20.91
N LEU G 93 -25.10 -84.58 21.92
CA LEU G 93 -24.70 -85.61 22.86
C LEU G 93 -24.87 -87.01 22.29
N VAL G 94 -26.04 -87.32 21.74
CA VAL G 94 -26.25 -88.65 21.17
C VAL G 94 -25.63 -88.74 19.79
N SER G 95 -25.25 -87.59 19.24
CA SER G 95 -24.74 -87.56 17.88
C SER G 95 -23.23 -87.69 17.82
N ASP G 96 -22.63 -88.14 18.91
CA ASP G 96 -21.21 -88.40 18.97
C ASP G 96 -20.35 -87.24 18.50
N GLU G 97 -20.60 -86.08 19.08
CA GLU G 97 -19.80 -84.88 18.82
C GLU G 97 -19.04 -84.55 20.10
N TYR G 98 -18.06 -83.65 20.00
CA TYR G 98 -17.39 -83.18 21.19
C TYR G 98 -17.34 -81.69 21.18
N PRO G 99 -18.34 -81.07 21.82
CA PRO G 99 -18.67 -79.65 21.72
C PRO G 99 -17.83 -78.77 22.62
N THR G 100 -17.27 -77.70 22.09
CA THR G 100 -16.62 -76.73 22.97
C THR G 100 -17.57 -75.57 23.24
N ILE G 101 -17.49 -75.02 24.44
CA ILE G 101 -18.41 -73.99 24.91
C ILE G 101 -18.76 -72.96 23.84
N ARG G 102 -17.74 -72.44 23.16
CA ARG G 102 -17.96 -71.46 22.10
C ARG G 102 -18.67 -72.08 20.90
N ASP G 103 -18.17 -73.22 20.44
CA ASP G 103 -18.87 -73.97 19.40
C ASP G 103 -20.36 -73.94 19.68
N LEU G 104 -20.70 -73.90 20.97
CA LEU G 104 -22.10 -73.87 21.38
C LEU G 104 -22.70 -72.47 21.36
N TYR G 105 -21.90 -71.48 21.74
CA TYR G 105 -22.39 -70.10 21.71
C TYR G 105 -22.88 -69.83 20.32
N TYR G 106 -22.08 -70.23 19.34
CA TYR G 106 -22.47 -70.15 17.94
C TYR G 106 -23.63 -71.06 17.57
N ARG G 107 -24.73 -70.92 18.30
CA ARG G 107 -26.04 -71.34 17.86
C ARG G 107 -27.00 -70.24 18.26
N GLY G 108 -26.52 -69.00 18.24
CA GLY G 108 -27.34 -67.82 18.47
C GLY G 108 -28.02 -67.50 17.17
N LYS G 109 -29.35 -67.36 17.20
CA LYS G 109 -30.20 -67.36 16.01
C LYS G 109 -30.23 -68.78 15.43
N HIS G 110 -31.36 -69.46 15.60
CA HIS G 110 -31.50 -70.89 15.25
C HIS G 110 -32.57 -71.09 14.17
N SER G 111 -33.39 -70.05 13.99
CA SER G 111 -34.51 -70.14 13.06
C SER G 111 -34.61 -68.92 12.14
N LEU G 112 -35.41 -69.08 11.08
CA LEU G 112 -35.81 -67.95 10.25
C LEU G 112 -36.78 -67.11 11.10
N LEU G 113 -36.98 -65.85 10.70
CA LEU G 113 -37.85 -64.94 11.43
C LEU G 113 -39.34 -65.27 11.20
N LEU G 114 -40.05 -65.50 12.31
CA LEU G 114 -41.47 -65.80 12.27
C LEU G 114 -42.27 -64.51 12.49
N LYS G 115 -41.68 -63.58 13.24
CA LYS G 115 -42.32 -62.29 13.55
C LYS G 115 -41.62 -61.03 13.02
N SER G 116 -42.25 -60.39 12.06
CA SER G 116 -41.72 -59.18 11.43
C SER G 116 -41.94 -57.92 12.28
N ILE G 117 -41.06 -57.71 13.27
CA ILE G 117 -41.13 -56.56 14.20
C ILE G 117 -40.83 -55.24 13.48
N GLU G 118 -41.55 -54.96 12.40
CA GLU G 118 -41.27 -53.77 11.60
C GLU G 118 -41.79 -52.50 12.29
N GLU G 126 -34.96 -59.26 17.29
CA GLU G 126 -33.97 -59.54 18.33
C GLU G 126 -33.28 -60.89 18.19
N ASN G 127 -32.25 -61.12 19.02
CA ASN G 127 -31.46 -62.34 18.96
C ASN G 127 -31.73 -63.28 20.12
N THR G 128 -31.35 -64.55 19.96
CA THR G 128 -31.58 -65.54 21.02
C THR G 128 -30.67 -65.22 22.18
N TRP G 129 -29.36 -65.23 21.94
CA TRP G 129 -28.41 -64.65 22.89
C TRP G 129 -27.37 -63.79 22.19
N ASP G 130 -26.80 -62.81 22.90
CA ASP G 130 -26.02 -61.75 22.25
C ASP G 130 -24.53 -61.73 22.56
N GLU G 131 -24.14 -62.29 23.68
CA GLU G 131 -22.76 -62.16 24.12
C GLU G 131 -22.41 -63.43 24.86
N GLN G 132 -21.25 -64.01 24.54
CA GLN G 132 -20.90 -65.30 25.12
C GLN G 132 -21.23 -65.36 26.61
N LYS G 133 -20.88 -64.30 27.32
CA LYS G 133 -21.16 -64.22 28.75
C LYS G 133 -22.56 -64.75 29.04
N GLU G 134 -23.53 -64.28 28.26
CA GLU G 134 -24.93 -64.66 28.41
C GLU G 134 -25.06 -66.17 28.32
N SER G 135 -24.61 -66.73 27.19
CA SER G 135 -24.73 -68.17 26.93
C SER G 135 -24.18 -68.96 28.10
N ASP G 136 -23.00 -68.59 28.55
CA ASP G 136 -22.34 -69.29 29.64
C ASP G 136 -23.26 -69.45 30.84
N SER G 137 -23.74 -68.35 31.39
CA SER G 137 -24.61 -68.46 32.54
C SER G 137 -25.70 -69.52 32.35
N VAL G 138 -26.34 -69.53 31.19
CA VAL G 138 -27.39 -70.50 30.91
C VAL G 138 -26.87 -71.90 31.12
N ILE G 139 -25.62 -72.15 30.75
CA ILE G 139 -24.95 -73.42 31.03
C ILE G 139 -25.02 -73.69 32.53
N VAL G 140 -24.28 -72.89 33.29
CA VAL G 140 -24.14 -73.09 34.72
C VAL G 140 -25.47 -73.38 35.39
N ASP G 141 -26.52 -72.73 34.91
CA ASP G 141 -27.85 -72.97 35.43
C ASP G 141 -28.24 -74.43 35.21
N ILE G 142 -28.31 -74.86 33.95
CA ILE G 142 -28.55 -76.27 33.63
C ILE G 142 -27.67 -77.10 34.54
N GLU G 143 -26.36 -76.83 34.48
CA GLU G 143 -25.35 -77.57 35.22
C GLU G 143 -25.80 -77.93 36.62
N VAL G 144 -26.62 -77.06 37.21
CA VAL G 144 -27.13 -77.28 38.54
C VAL G 144 -28.38 -78.16 38.50
N PHE G 145 -29.36 -77.74 37.71
CA PHE G 145 -30.62 -78.46 37.56
C PHE G 145 -30.40 -79.98 37.47
N THR G 146 -29.32 -80.37 36.79
CA THR G 146 -29.04 -81.77 36.53
C THR G 146 -28.21 -82.44 37.62
N SER G 147 -27.18 -81.74 38.09
CA SER G 147 -26.24 -82.30 39.06
C SER G 147 -24.92 -82.66 38.37
N LEU G 148 -24.92 -82.54 37.04
CA LEU G 148 -23.78 -82.94 36.20
C LEU G 148 -22.95 -81.73 35.72
N LEU G 149 -21.63 -81.81 35.90
CA LEU G 149 -20.73 -80.72 35.52
C LEU G 149 -20.43 -80.80 34.02
N ARG G 150 -20.37 -79.66 33.34
CA ARG G 150 -20.06 -79.71 31.93
C ARG G 150 -19.29 -80.98 31.57
N GLU G 151 -18.02 -81.01 31.94
CA GLU G 151 -17.14 -82.12 31.66
C GLU G 151 -17.79 -83.52 31.69
N GLU G 152 -18.96 -83.63 32.30
CA GLU G 152 -19.56 -84.94 32.52
C GLU G 152 -20.59 -85.14 31.48
N MET G 153 -21.09 -84.02 30.96
CA MET G 153 -22.00 -83.99 29.81
C MET G 153 -21.19 -84.06 28.51
N LEU G 154 -19.88 -83.90 28.68
CA LEU G 154 -18.93 -84.10 27.60
C LEU G 154 -18.49 -82.80 26.94
N ILE G 155 -19.18 -81.71 27.22
CA ILE G 155 -18.74 -80.44 26.70
C ILE G 155 -17.27 -80.33 27.05
N LEU G 156 -16.38 -80.61 26.11
CA LEU G 156 -15.00 -80.55 26.48
C LEU G 156 -14.49 -79.17 26.20
N SER G 157 -13.83 -78.60 27.20
CA SER G 157 -13.35 -77.21 27.18
C SER G 157 -11.89 -77.09 26.76
N LYS G 158 -11.11 -76.34 27.54
CA LYS G 158 -9.86 -75.82 27.03
C LYS G 158 -8.68 -75.82 28.03
N GLU G 159 -8.27 -77.01 28.51
CA GLU G 159 -7.34 -77.06 29.64
C GLU G 159 -5.87 -77.42 29.44
N LYS G 160 -5.04 -76.73 30.21
CA LYS G 160 -3.59 -76.86 30.22
C LYS G 160 -3.11 -77.75 31.39
N GLY G 161 -2.07 -77.31 32.09
CA GLY G 161 -1.59 -77.98 33.30
C GLY G 161 -0.93 -79.34 33.17
N LYS G 162 0.39 -79.39 33.34
CA LYS G 162 1.19 -80.61 33.16
C LYS G 162 1.05 -81.51 34.38
N VAL G 163 1.69 -82.68 34.38
CA VAL G 163 1.87 -83.52 35.60
C VAL G 163 2.94 -84.55 35.33
N VAL G 164 3.46 -85.15 36.39
CA VAL G 164 4.63 -86.02 36.31
C VAL G 164 4.77 -86.70 37.65
N GLY G 165 5.20 -87.97 37.67
CA GLY G 165 5.45 -88.64 38.95
C GLY G 165 5.40 -90.15 38.94
N ASN G 166 5.55 -90.78 40.11
CA ASN G 166 5.41 -92.23 40.22
C ASN G 166 3.95 -92.66 40.16
N LEU G 167 3.29 -92.47 39.03
CA LEU G 167 1.86 -92.77 38.97
C LEU G 167 1.44 -93.39 37.64
N ARG G 168 0.57 -94.40 37.70
CA ARG G 168 0.10 -95.15 36.49
C ARG G 168 -1.40 -95.17 36.30
N ILE G 169 -1.84 -94.66 35.16
CA ILE G 169 -3.24 -94.51 34.86
C ILE G 169 -3.58 -95.21 33.55
N ARG G 170 -4.81 -95.67 33.42
CA ARG G 170 -5.31 -95.91 32.09
C ARG G 170 -6.14 -94.71 31.69
N SER G 171 -5.88 -94.20 30.50
CA SER G 171 -6.71 -93.18 29.87
C SER G 171 -7.19 -93.64 28.52
N GLY G 172 -8.51 -93.77 28.40
CA GLY G 172 -9.11 -94.19 27.16
C GLY G 172 -8.72 -95.62 26.93
N ASN G 173 -7.78 -95.84 26.02
CA ASN G 173 -7.40 -97.20 25.64
C ASN G 173 -5.96 -97.56 25.93
N ASP G 174 -5.22 -96.61 26.49
CA ASP G 174 -3.81 -96.81 26.77
C ASP G 174 -3.59 -96.76 28.26
N VAL G 175 -2.48 -97.31 28.71
CA VAL G 175 -1.97 -97.00 30.05
C VAL G 175 -0.67 -96.31 29.80
N ILE G 176 -0.55 -95.08 30.27
CA ILE G 176 0.70 -94.37 30.08
C ILE G 176 1.36 -94.07 31.41
N ASP G 177 2.60 -94.51 31.59
CA ASP G 177 3.29 -94.41 32.89
C ASP G 177 3.90 -93.02 33.06
N LEU G 178 3.70 -92.39 34.22
CA LEU G 178 4.04 -90.98 34.34
C LEU G 178 5.46 -90.76 34.81
N SER G 179 6.16 -91.86 35.09
CA SER G 179 7.59 -91.74 35.41
C SER G 179 8.38 -91.56 34.12
N LYS G 180 8.28 -92.57 33.26
CA LYS G 180 8.99 -92.63 31.99
C LYS G 180 8.44 -91.60 31.03
N THR G 181 9.03 -90.42 31.00
CA THR G 181 8.39 -89.29 30.35
C THR G 181 9.41 -88.37 29.70
N GLY G 182 10.64 -88.83 29.57
CA GLY G 182 11.71 -87.94 29.10
C GLY G 182 11.74 -86.64 29.90
N HIS G 183 11.95 -85.51 29.23
CA HIS G 183 11.94 -84.24 29.93
C HIS G 183 10.58 -83.59 29.74
N GLY G 184 9.73 -84.29 29.03
CA GLY G 184 8.41 -83.77 28.78
C GLY G 184 7.55 -84.00 30.01
N ALA G 185 6.27 -84.24 29.76
CA ALA G 185 5.32 -84.46 30.82
C ALA G 185 3.94 -84.55 30.21
N TYR G 186 3.14 -85.42 30.80
CA TYR G 186 1.77 -85.68 30.39
C TYR G 186 0.92 -84.48 30.67
N ALA G 187 -0.07 -84.25 29.83
CA ALA G 187 -0.98 -83.14 30.06
C ALA G 187 -2.40 -83.62 29.99
N ILE G 188 -2.96 -83.94 31.16
CA ILE G 188 -4.38 -84.23 31.39
C ILE G 188 -5.40 -83.82 30.29
N GLU G 189 -6.54 -84.48 30.33
CA GLU G 189 -7.51 -84.34 29.29
C GLU G 189 -8.71 -83.66 29.86
N PRO G 190 -9.26 -82.68 29.15
CA PRO G 190 -10.24 -81.76 29.72
C PRO G 190 -11.43 -82.52 30.24
N THR G 191 -11.41 -83.82 30.07
CA THR G 191 -12.37 -84.67 30.74
C THR G 191 -11.55 -85.60 31.58
N PRO G 192 -11.30 -85.21 32.85
CA PRO G 192 -10.39 -85.92 33.74
C PRO G 192 -11.15 -86.78 34.70
N ASP G 193 -12.34 -87.21 34.32
CA ASP G 193 -13.15 -87.95 35.25
C ASP G 193 -13.26 -89.38 34.78
N LEU G 194 -12.95 -89.58 33.51
CA LEU G 194 -12.86 -90.91 32.97
C LEU G 194 -11.38 -91.29 32.88
N ILE G 195 -10.77 -91.53 34.03
CA ILE G 195 -9.33 -91.72 34.09
C ILE G 195 -8.99 -92.54 35.32
N ASP G 196 -8.59 -93.79 35.09
CA ASP G 196 -8.43 -94.77 36.16
C ASP G 196 -7.03 -94.81 36.75
N PHE G 197 -6.94 -94.94 38.08
CA PHE G 197 -5.67 -95.03 38.78
C PHE G 197 -5.31 -96.48 38.88
N ILE G 198 -4.01 -96.80 38.91
CA ILE G 198 -3.58 -98.19 39.13
C ILE G 198 -2.55 -98.34 40.25
N ASP G 199 -1.26 -98.17 39.92
CA ASP G 199 -0.21 -98.21 40.94
C ASP G 199 0.19 -96.80 41.23
N VAL G 200 0.31 -96.49 42.51
CA VAL G 200 0.72 -95.16 42.95
C VAL G 200 1.97 -95.30 43.72
N ASP G 201 2.67 -94.20 43.95
CA ASP G 201 3.87 -94.29 44.77
C ASP G 201 4.38 -92.94 45.21
N ALA G 202 3.77 -92.41 46.24
CA ALA G 202 4.19 -91.12 46.74
C ALA G 202 3.46 -90.81 48.02
N GLU G 203 3.90 -89.72 48.65
CA GLU G 203 3.41 -89.36 49.94
C GLU G 203 2.81 -87.96 49.94
N PHE G 204 3.13 -87.17 48.93
CA PHE G 204 2.50 -85.85 48.76
C PHE G 204 2.51 -85.36 47.31
N VAL G 205 1.51 -84.57 46.95
CA VAL G 205 1.45 -83.89 45.65
C VAL G 205 1.85 -82.45 45.78
N LEU G 206 2.76 -82.01 44.94
CA LEU G 206 3.25 -80.69 45.07
C LEU G 206 2.86 -79.93 43.83
N VAL G 207 2.03 -78.90 44.00
CA VAL G 207 1.47 -78.07 42.92
C VAL G 207 2.27 -76.78 42.78
N VAL G 208 3.09 -76.65 41.74
CA VAL G 208 3.82 -75.39 41.54
C VAL G 208 3.27 -74.50 40.42
N GLU G 209 3.35 -73.20 40.64
CA GLU G 209 2.61 -72.34 39.79
C GLU G 209 3.37 -71.89 38.56
N LYS G 210 4.69 -71.77 38.65
CA LYS G 210 5.47 -71.25 37.51
C LYS G 210 6.03 -72.36 36.59
N ASP G 211 5.58 -72.40 35.32
CA ASP G 211 6.03 -73.48 34.44
C ASP G 211 7.55 -73.50 34.45
N ALA G 212 8.17 -72.33 34.36
CA ALA G 212 9.62 -72.29 34.34
C ALA G 212 10.27 -73.04 35.51
N VAL G 213 9.76 -72.86 36.71
CA VAL G 213 10.38 -73.52 37.87
C VAL G 213 10.14 -75.06 37.85
N PHE G 214 8.94 -75.44 37.42
CA PHE G 214 8.58 -76.84 37.25
C PHE G 214 9.63 -77.57 36.45
N GLN G 215 9.96 -77.04 35.27
CA GLN G 215 11.03 -77.61 34.45
C GLN G 215 12.34 -77.78 35.24
N GLN G 216 12.49 -77.01 36.32
CA GLN G 216 13.69 -77.08 37.12
C GLN G 216 13.64 -78.18 38.16
N LEU G 217 12.65 -78.13 39.02
CA LEU G 217 12.41 -79.20 39.96
C LEU G 217 12.42 -80.53 39.22
N HIS G 218 11.93 -80.52 37.99
CA HIS G 218 11.82 -81.77 37.26
C HIS G 218 13.13 -82.31 36.77
N ARG G 219 13.99 -81.46 36.20
CA ARG G 219 15.19 -82.02 35.64
C ARG G 219 16.31 -82.20 36.65
N ALA G 220 15.95 -82.18 37.92
CA ALA G 220 16.88 -82.62 38.94
C ALA G 220 16.37 -83.96 39.39
N GLY G 221 15.10 -84.01 39.75
CA GLY G 221 14.51 -85.30 40.02
C GLY G 221 13.77 -85.32 41.31
N PHE G 222 13.44 -84.14 41.80
CA PHE G 222 12.71 -84.02 43.06
C PHE G 222 11.75 -85.20 43.24
N TRP G 223 10.75 -85.30 42.38
CA TRP G 223 9.63 -86.21 42.58
C TRP G 223 10.06 -87.65 42.79
N LYS G 224 11.29 -87.96 42.40
CA LYS G 224 11.82 -89.32 42.57
C LYS G 224 12.59 -89.45 43.88
N GLN G 225 13.37 -88.43 44.20
CA GLN G 225 14.14 -88.42 45.44
C GLN G 225 13.30 -88.51 46.70
N TYR G 226 12.41 -87.54 46.86
CA TYR G 226 11.33 -87.60 47.83
C TYR G 226 10.06 -88.09 47.09
N LYS G 227 9.77 -89.38 47.16
CA LYS G 227 8.70 -89.90 46.30
C LYS G 227 7.45 -89.05 46.33
N SER G 228 7.10 -88.45 45.22
CA SER G 228 5.95 -87.54 45.18
C SER G 228 5.36 -87.46 43.78
N ILE G 229 4.22 -86.79 43.61
CA ILE G 229 3.85 -86.38 42.24
C ILE G 229 3.84 -84.87 42.09
N LEU G 230 4.61 -84.37 41.12
CA LEU G 230 4.88 -82.96 40.95
C LEU G 230 4.07 -82.50 39.76
N ILE G 231 3.15 -81.56 39.96
CA ILE G 231 2.34 -81.07 38.85
C ILE G 231 2.35 -79.58 38.92
N THR G 232 2.32 -78.94 37.76
CA THR G 232 2.15 -77.50 37.73
C THR G 232 0.82 -77.19 37.09
N SER G 233 0.17 -76.11 37.52
CA SER G 233 -0.88 -75.50 36.71
C SER G 233 -0.08 -74.73 35.68
N ALA G 234 -0.63 -73.64 35.15
CA ALA G 234 0.25 -72.62 34.58
C ALA G 234 -0.40 -71.29 34.84
N GLY G 235 -0.12 -70.75 36.02
CA GLY G 235 -0.73 -69.51 36.51
C GLY G 235 -2.08 -69.76 37.16
N GLN G 236 -3.06 -68.99 36.74
CA GLN G 236 -4.44 -69.27 37.12
C GLN G 236 -4.76 -70.74 36.81
N PRO G 237 -5.21 -71.50 37.82
CA PRO G 237 -5.46 -72.91 37.59
C PRO G 237 -6.73 -73.16 36.80
N ASP G 238 -6.61 -73.93 35.75
CA ASP G 238 -7.72 -74.29 34.88
C ASP G 238 -8.84 -75.09 35.58
N ARG G 239 -9.96 -75.27 34.89
CA ARG G 239 -11.20 -75.87 35.48
C ARG G 239 -11.12 -77.38 35.68
N ALA G 240 -9.97 -78.00 35.44
CA ALA G 240 -9.87 -79.47 35.46
C ALA G 240 -8.46 -79.98 35.65
N THR G 241 -7.51 -79.06 35.76
CA THR G 241 -6.24 -79.37 36.37
C THR G 241 -6.61 -79.39 37.84
N ARG G 242 -7.76 -78.77 38.13
CA ARG G 242 -8.35 -78.80 39.45
C ARG G 242 -8.81 -80.21 39.65
N ARG G 243 -9.92 -80.56 39.05
CA ARG G 243 -10.47 -81.86 39.32
C ARG G 243 -9.43 -82.94 39.52
N PHE G 244 -8.41 -82.97 38.68
CA PHE G 244 -7.41 -83.98 38.86
C PHE G 244 -6.95 -83.95 40.33
N VAL G 245 -6.39 -82.81 40.77
CA VAL G 245 -5.89 -82.64 42.14
C VAL G 245 -6.84 -83.13 43.21
N ARG G 246 -8.03 -82.55 43.32
CA ARG G 246 -8.87 -82.99 44.41
C ARG G 246 -9.30 -84.42 44.29
N ARG G 247 -8.92 -85.07 43.20
CA ARG G 247 -9.21 -86.48 43.06
C ARG G 247 -8.03 -87.29 43.61
N LEU G 248 -6.83 -86.78 43.44
CA LEU G 248 -5.65 -87.37 44.04
C LEU G 248 -5.86 -87.31 45.52
N ASN G 249 -6.16 -86.12 46.01
CA ASN G 249 -6.32 -85.87 47.44
C ASN G 249 -7.48 -86.63 48.06
N GLU G 250 -8.48 -86.96 47.27
CA GLU G 250 -9.70 -87.50 47.85
C GLU G 250 -9.78 -89.02 47.74
N GLU G 251 -9.35 -89.57 46.59
CA GLU G 251 -9.43 -91.01 46.31
C GLU G 251 -8.15 -91.79 46.66
N LEU G 252 -7.03 -91.08 46.76
CA LEU G 252 -5.74 -91.68 47.13
C LEU G 252 -5.19 -91.25 48.51
N LYS G 253 -5.91 -90.39 49.22
CA LYS G 253 -5.43 -89.82 50.47
C LYS G 253 -4.02 -89.26 50.32
N LEU G 254 -3.85 -88.28 49.46
CA LEU G 254 -2.58 -87.60 49.36
C LEU G 254 -2.68 -86.12 49.72
N PRO G 255 -1.76 -85.67 50.56
CA PRO G 255 -1.74 -84.32 51.05
C PRO G 255 -1.17 -83.40 50.01
N VAL G 256 -1.75 -82.21 49.88
CA VAL G 256 -1.40 -81.30 48.80
C VAL G 256 -0.75 -79.99 49.26
N TYR G 257 0.54 -79.81 48.98
CA TYR G 257 1.22 -78.55 49.24
C TYR G 257 1.40 -77.81 47.94
N ILE G 258 1.28 -76.48 47.98
CA ILE G 258 1.42 -75.66 46.78
C ILE G 258 2.25 -74.43 47.06
N LEU G 259 2.99 -73.92 46.09
CA LEU G 259 3.79 -72.73 46.34
C LEU G 259 3.82 -71.65 45.21
N THR G 260 3.77 -70.38 45.61
CA THR G 260 3.92 -69.26 44.68
C THR G 260 4.64 -68.07 45.29
N ASP G 261 4.40 -66.90 44.71
CA ASP G 261 5.08 -65.65 45.08
C ASP G 261 4.60 -64.98 46.37
N ALA G 262 5.43 -64.12 46.93
CA ALA G 262 5.07 -63.40 48.14
C ALA G 262 3.72 -62.75 47.99
N ASP G 263 3.57 -61.99 46.91
CA ASP G 263 2.45 -61.05 46.70
C ASP G 263 1.06 -61.56 47.05
N PRO G 264 0.06 -60.65 46.98
CA PRO G 264 -1.36 -60.93 47.01
C PRO G 264 -1.78 -61.71 45.80
N TYR G 265 -1.01 -61.61 44.73
CA TYR G 265 -1.25 -62.49 43.60
C TYR G 265 -1.22 -63.95 44.05
N GLY G 266 -0.09 -64.35 44.63
CA GLY G 266 0.12 -65.73 45.06
C GLY G 266 -0.92 -66.26 46.00
N TRP G 267 -1.41 -65.39 46.87
CA TRP G 267 -2.46 -65.81 47.75
C TRP G 267 -3.68 -66.19 46.95
N TYR G 268 -3.89 -65.49 45.83
CA TYR G 268 -5.06 -65.75 44.99
C TYR G 268 -5.03 -67.16 44.38
N ILE G 269 -4.02 -67.44 43.58
CA ILE G 269 -3.86 -68.77 43.02
C ILE G 269 -4.42 -69.73 44.02
N PHE G 270 -3.85 -69.67 45.22
CA PHE G 270 -4.26 -70.53 46.31
C PHE G 270 -5.77 -70.50 46.49
N SER G 271 -6.34 -69.31 46.67
CA SER G 271 -7.77 -69.18 46.84
C SER G 271 -8.52 -70.08 45.88
N VAL G 272 -8.23 -69.92 44.59
CA VAL G 272 -8.93 -70.64 43.55
C VAL G 272 -8.88 -72.12 43.81
N PHE G 273 -7.72 -72.58 44.28
CA PHE G 273 -7.49 -74.00 44.45
C PHE G 273 -8.27 -74.60 45.56
N ARG G 274 -8.75 -73.77 46.49
CA ARG G 274 -9.66 -74.29 47.48
C ARG G 274 -11.07 -73.68 47.34
N ILE G 275 -11.55 -73.64 46.11
CA ILE G 275 -12.96 -73.38 45.79
C ILE G 275 -13.26 -73.38 44.27
N GLY G 276 -12.77 -72.38 43.53
CA GLY G 276 -13.11 -72.26 42.11
C GLY G 276 -13.38 -70.84 41.64
N SER G 277 -12.36 -70.24 41.03
CA SER G 277 -12.33 -68.89 40.39
C SER G 277 -13.48 -67.91 40.62
N ILE G 278 -13.20 -66.86 41.40
CA ILE G 278 -14.14 -65.76 41.64
C ILE G 278 -15.51 -66.21 42.17
N SER G 279 -15.57 -66.33 43.49
CA SER G 279 -16.74 -66.88 44.22
C SER G 279 -17.83 -67.52 43.35
N GLU G 285 -19.17 -76.57 41.23
CA GLU G 285 -19.65 -77.19 42.47
C GLU G 285 -18.64 -77.28 43.63
N ARG G 286 -18.78 -78.36 44.40
CA ARG G 286 -17.98 -78.60 45.57
C ARG G 286 -16.93 -79.61 45.12
N LEU G 287 -16.46 -79.42 43.89
CA LEU G 287 -15.34 -80.18 43.36
C LEU G 287 -14.14 -79.27 43.07
N ALA G 288 -13.66 -78.67 44.15
CA ALA G 288 -12.33 -78.13 44.29
C ALA G 288 -11.95 -78.34 45.75
N THR G 289 -10.67 -78.54 45.99
CA THR G 289 -10.15 -79.08 47.25
C THR G 289 -9.89 -78.08 48.37
N PRO G 290 -10.61 -78.20 49.51
CA PRO G 290 -10.25 -77.37 50.64
C PRO G 290 -9.19 -78.11 51.39
N ASP G 291 -8.61 -77.49 52.41
CA ASP G 291 -7.52 -78.10 53.20
C ASP G 291 -6.25 -78.39 52.39
N ALA G 292 -6.13 -77.76 51.23
CA ALA G 292 -4.85 -77.73 50.54
C ALA G 292 -3.90 -77.01 51.47
N LYS G 293 -2.64 -76.92 51.11
CA LYS G 293 -1.64 -76.41 52.04
C LYS G 293 -0.73 -75.36 51.40
N PHE G 294 -0.54 -74.23 52.07
CA PHE G 294 0.31 -73.16 51.54
C PHE G 294 1.75 -73.24 52.09
N LEU G 295 2.75 -73.26 51.21
CA LEU G 295 4.07 -73.75 51.60
C LEU G 295 5.18 -72.73 51.60
N GLY G 296 4.84 -71.47 51.47
CA GLY G 296 5.85 -70.47 51.15
C GLY G 296 5.61 -70.14 49.70
N VAL G 297 6.13 -69.02 49.21
CA VAL G 297 7.03 -68.21 49.97
C VAL G 297 6.33 -67.33 51.02
N SER G 298 6.68 -67.57 52.29
CA SER G 298 6.19 -66.82 53.46
C SER G 298 6.94 -65.53 53.77
N MET G 299 6.23 -64.55 54.33
CA MET G 299 6.86 -63.30 54.81
C MET G 299 8.07 -63.66 55.65
N GLY G 300 7.86 -64.43 56.73
CA GLY G 300 8.93 -64.89 57.65
C GLY G 300 10.00 -65.65 56.89
N ASP G 301 9.57 -66.36 55.83
CA ASP G 301 10.49 -66.91 54.84
C ASP G 301 11.60 -65.89 54.53
N ILE G 302 11.25 -64.61 54.42
CA ILE G 302 12.22 -63.59 54.04
C ILE G 302 12.74 -62.75 55.22
N PHE G 303 12.11 -62.85 56.38
CA PHE G 303 12.39 -61.89 57.44
C PHE G 303 12.61 -62.58 58.78
N GLY G 304 12.03 -63.78 58.91
CA GLY G 304 12.18 -64.58 60.16
C GLY G 304 11.22 -64.24 61.30
N ASN G 305 11.43 -64.85 62.48
CA ASN G 305 10.70 -64.54 63.70
C ASN G 305 11.75 -64.63 64.73
N SER G 306 11.45 -64.11 65.91
CA SER G 306 12.40 -64.19 67.01
C SER G 306 12.49 -65.68 67.39
N ARG G 307 11.46 -66.41 67.00
CA ARG G 307 11.51 -67.85 67.17
C ARG G 307 12.40 -68.49 66.08
N LYS G 308 12.19 -68.12 64.81
CA LYS G 308 12.71 -68.97 63.75
C LYS G 308 13.46 -68.30 62.56
N LYS G 309 14.72 -68.69 62.40
CA LYS G 309 15.67 -68.20 61.35
C LYS G 309 15.09 -67.95 59.95
N PRO G 310 15.54 -66.84 59.29
CA PRO G 310 15.17 -66.42 57.93
C PRO G 310 16.03 -67.06 56.82
N TYR G 311 15.44 -67.32 55.69
CA TYR G 311 16.11 -68.05 54.61
C TYR G 311 16.85 -67.09 53.68
N LEU G 312 16.67 -65.82 53.92
CA LEU G 312 17.28 -64.79 53.10
C LEU G 312 18.37 -64.05 53.85
N SER G 313 19.42 -63.76 53.14
CA SER G 313 20.51 -62.98 53.70
C SER G 313 20.06 -61.54 53.59
N GLU G 314 20.42 -60.78 54.55
CA GLU G 314 20.05 -59.35 54.51
C GLU G 314 20.62 -58.71 53.24
N ALA G 315 21.70 -59.33 52.79
CA ALA G 315 22.43 -58.88 51.58
C ALA G 315 21.54 -59.00 50.35
N GLU G 316 21.04 -60.20 50.13
CA GLU G 316 20.17 -60.50 48.99
C GLU G 316 18.82 -59.77 49.12
N ARG G 317 18.38 -59.66 50.35
CA ARG G 317 17.08 -59.03 50.70
C ARG G 317 16.85 -57.65 50.02
N LYS G 318 17.82 -56.75 50.23
CA LYS G 318 17.77 -55.35 49.73
C LYS G 318 17.55 -55.20 48.21
N ASN G 319 18.06 -56.13 47.42
CA ASN G 319 17.93 -55.98 45.95
C ASN G 319 17.00 -57.01 45.27
N TYR G 320 16.55 -58.02 45.97
CA TYR G 320 15.63 -59.00 45.35
C TYR G 320 14.18 -58.60 45.64
N ILE G 321 13.98 -57.84 46.73
CA ILE G 321 12.63 -57.47 47.10
C ILE G 321 12.15 -56.36 46.20
N ILE G 322 10.99 -56.56 45.59
CA ILE G 322 10.40 -55.52 44.79
C ILE G 322 9.39 -54.79 45.67
N LYS G 323 9.56 -53.49 45.81
CA LYS G 323 8.78 -52.72 46.80
C LYS G 323 7.32 -52.60 46.42
N ALA G 324 6.44 -52.45 47.41
CA ALA G 324 5.01 -52.59 47.19
C ALA G 324 4.33 -51.34 46.67
N LYS G 325 3.82 -51.42 45.44
CA LYS G 325 2.99 -50.35 44.89
C LYS G 325 1.66 -50.33 45.64
N ASP G 326 1.03 -49.17 45.70
CA ASP G 326 -0.16 -49.03 46.54
C ASP G 326 -1.40 -49.64 45.92
N ALA G 327 -1.38 -49.76 44.60
CA ALA G 327 -2.46 -50.48 43.94
C ALA G 327 -2.51 -51.93 44.42
N ASP G 328 -1.45 -52.38 45.10
CA ASP G 328 -1.33 -53.76 45.60
C ASP G 328 -2.01 -53.89 46.93
N ILE G 329 -1.68 -52.95 47.82
CA ILE G 329 -2.18 -52.96 49.19
C ILE G 329 -3.70 -52.92 49.23
N LYS G 330 -4.31 -52.59 48.10
CA LYS G 330 -5.75 -52.69 47.97
C LYS G 330 -6.09 -54.17 48.03
N ARG G 331 -5.78 -54.91 46.96
CA ARG G 331 -6.14 -56.33 46.85
C ARG G 331 -6.05 -57.03 48.20
N ALA G 332 -4.90 -56.87 48.86
CA ALA G 332 -4.68 -57.48 50.17
C ALA G 332 -5.82 -57.20 51.12
N GLU G 333 -6.14 -55.92 51.31
CA GLU G 333 -7.22 -55.53 52.21
C GLU G 333 -8.60 -56.00 51.75
N GLU G 334 -8.71 -56.39 50.47
CA GLU G 334 -9.95 -56.96 49.98
C GLU G 334 -10.06 -58.39 50.43
N ILE G 335 -8.97 -59.14 50.26
CA ILE G 335 -8.92 -60.56 50.67
C ILE G 335 -8.91 -60.74 52.18
N LYS G 336 -8.06 -59.98 52.88
CA LYS G 336 -7.98 -60.11 54.32
C LYS G 336 -9.38 -60.20 54.89
N ASN G 337 -10.36 -59.98 54.02
CA ASN G 337 -11.77 -60.00 54.40
C ASN G 337 -12.56 -61.24 53.95
N TYR G 338 -12.07 -61.95 52.94
CA TYR G 338 -12.75 -63.18 52.43
C TYR G 338 -13.03 -64.20 53.52
N GLU G 339 -14.28 -64.65 53.58
CA GLU G 339 -14.75 -65.51 54.69
C GLU G 339 -13.91 -66.75 54.97
N TRP G 340 -12.97 -67.04 54.09
CA TRP G 340 -12.12 -68.22 54.27
C TRP G 340 -10.67 -67.84 54.43
N PHE G 341 -10.41 -66.58 54.77
CA PHE G 341 -9.11 -66.19 55.25
C PHE G 341 -9.35 -65.69 56.64
N LYS G 342 -10.47 -65.00 56.78
CA LYS G 342 -10.87 -64.40 58.04
C LYS G 342 -10.80 -65.45 59.14
N THR G 343 -11.10 -66.69 58.77
CA THR G 343 -11.24 -67.78 59.73
C THR G 343 -9.98 -68.08 60.55
N LYS G 344 -8.84 -68.14 59.86
CA LYS G 344 -7.61 -68.67 60.43
C LYS G 344 -6.74 -67.54 60.99
N ALA G 345 -5.59 -67.91 61.58
CA ALA G 345 -4.49 -66.97 61.70
C ALA G 345 -3.65 -67.05 60.40
N TRP G 346 -4.38 -67.13 59.29
CA TRP G 346 -3.90 -66.85 57.93
C TRP G 346 -3.71 -65.36 57.93
N GLN G 347 -4.54 -64.71 58.76
CA GLN G 347 -4.57 -63.28 58.99
C GLN G 347 -3.17 -62.76 59.34
N GLU G 348 -2.61 -63.27 60.42
CA GLU G 348 -1.24 -62.97 60.77
C GLU G 348 -0.38 -62.65 59.54
N GLU G 349 -0.23 -63.60 58.62
CA GLU G 349 0.66 -63.41 57.47
C GLU G 349 0.12 -62.47 56.42
N ILE G 350 -1.10 -61.97 56.59
CA ILE G 350 -1.55 -60.92 55.69
C ILE G 350 -0.92 -59.60 56.11
N ASN G 351 -1.34 -59.05 57.25
CA ASN G 351 -0.91 -57.70 57.60
C ASN G 351 0.59 -57.54 57.79
N THR G 352 1.27 -58.60 58.20
CA THR G 352 2.72 -58.52 58.26
C THR G 352 3.20 -57.92 56.96
N PHE G 353 2.51 -58.28 55.87
CA PHE G 353 2.76 -57.68 54.56
C PHE G 353 2.16 -56.28 54.45
N LEU G 354 0.87 -56.13 54.76
CA LEU G 354 0.29 -54.80 54.87
C LEU G 354 1.23 -53.89 55.63
N GLN G 355 2.26 -54.48 56.21
CA GLN G 355 3.06 -53.78 57.20
C GLN G 355 4.49 -53.56 56.75
N ARG G 356 5.05 -54.48 55.97
CA ARG G 356 6.41 -54.31 55.48
C ARG G 356 6.43 -53.94 54.00
N LYS G 357 5.25 -53.79 53.44
CA LYS G 357 5.13 -53.42 52.03
C LYS G 357 6.31 -53.99 51.27
N ALA G 358 6.23 -55.28 50.95
CA ALA G 358 7.32 -55.97 50.24
C ALA G 358 6.93 -57.37 49.76
N LYS G 359 7.40 -57.73 48.57
CA LYS G 359 7.12 -59.05 48.01
C LYS G 359 8.32 -59.51 47.19
N LEU G 360 8.42 -60.82 46.95
CA LEU G 360 9.43 -61.32 46.00
C LEU G 360 8.91 -62.42 45.07
N GLU G 361 9.58 -62.61 43.94
CA GLU G 361 9.18 -63.59 42.95
C GLU G 361 9.82 -64.97 43.23
N ILE G 362 9.17 -66.07 42.88
CA ILE G 362 9.65 -67.40 43.28
C ILE G 362 10.99 -67.65 42.67
N GLU G 363 11.19 -67.12 41.47
CA GLU G 363 12.46 -67.20 40.76
C GLU G 363 13.60 -66.74 41.67
N ALA G 364 13.44 -65.55 42.22
CA ALA G 364 14.41 -65.00 43.11
C ALA G 364 14.94 -66.11 43.97
N MET G 365 14.04 -66.72 44.74
CA MET G 365 14.45 -67.78 45.66
C MET G 365 15.27 -68.83 44.94
N ALA G 366 14.71 -69.40 43.87
CA ALA G 366 15.40 -70.45 43.13
C ALA G 366 16.73 -70.02 42.48
N SER G 367 16.81 -68.76 42.09
CA SER G 367 18.09 -68.25 41.66
C SER G 367 19.15 -68.50 42.77
N LYS G 368 18.73 -69.03 43.91
CA LYS G 368 19.75 -69.39 44.88
C LYS G 368 20.49 -70.67 44.41
N GLY G 369 19.82 -71.45 43.56
CA GLY G 369 20.43 -72.62 42.91
C GLY G 369 19.89 -73.98 43.36
N LEU G 370 19.20 -74.66 42.44
CA LEU G 370 18.38 -75.88 42.67
C LEU G 370 18.73 -76.67 43.91
N LYS G 371 20.00 -77.06 44.04
CA LYS G 371 20.47 -77.76 45.25
C LYS G 371 19.76 -77.30 46.52
N PHE G 372 19.84 -75.99 46.74
CA PHE G 372 19.06 -75.35 47.78
C PHE G 372 17.54 -75.53 47.63
N LEU G 373 16.99 -74.99 46.55
CA LEU G 373 15.56 -75.18 46.24
C LEU G 373 15.08 -76.68 46.33
N ALA G 374 15.96 -77.60 45.92
CA ALA G 374 15.68 -79.05 45.91
C ALA G 374 15.87 -79.77 47.26
N PHE G 375 17.06 -79.67 47.84
CA PHE G 375 17.36 -80.53 48.95
C PHE G 375 17.50 -79.74 50.25
N GLN G 376 16.88 -78.56 50.25
CA GLN G 376 16.79 -77.74 51.48
C GLN G 376 15.45 -77.11 51.72
N TYR G 377 14.98 -76.34 50.72
CA TYR G 377 13.79 -75.53 50.93
C TYR G 377 12.62 -76.46 51.21
N ILE G 378 12.16 -77.12 50.15
CA ILE G 378 11.04 -78.05 50.29
C ILE G 378 11.20 -79.00 51.51
N PRO G 379 12.21 -79.85 51.45
CA PRO G 379 12.31 -80.82 52.51
C PRO G 379 12.23 -80.14 53.85
N GLU G 380 13.10 -79.16 54.08
CA GLU G 380 13.10 -78.50 55.38
C GLU G 380 11.67 -78.13 55.75
N LYS G 381 11.08 -77.25 54.94
CA LYS G 381 9.78 -76.70 55.28
C LYS G 381 8.76 -77.80 55.54
N ILE G 382 8.61 -78.69 54.57
CA ILE G 382 7.67 -79.80 54.71
C ILE G 382 7.82 -80.54 56.07
N THR G 383 8.85 -81.37 56.25
CA THR G 383 8.96 -82.10 57.49
C THR G 383 8.81 -81.16 58.69
N ASN G 384 9.20 -79.88 58.50
CA ASN G 384 9.22 -78.89 59.63
C ASN G 384 7.85 -78.41 60.11
N LYS G 385 6.82 -78.63 59.28
CA LYS G 385 5.46 -78.19 59.54
C LYS G 385 5.34 -76.68 59.34
N ASP G 386 6.14 -76.19 58.41
CA ASP G 386 6.24 -74.77 58.13
C ASP G 386 5.39 -74.48 56.89
N TYR G 387 4.15 -74.02 57.09
CA TYR G 387 3.14 -73.86 56.02
C TYR G 387 1.84 -73.46 56.69
N ILE G 388 0.73 -73.32 55.98
CA ILE G 388 -0.52 -72.96 56.67
C ILE G 388 -1.74 -73.81 56.31
N ALA G 389 -2.67 -74.01 57.26
CA ALA G 389 -3.74 -75.05 57.08
C ALA G 389 -5.10 -74.83 57.82
N GLU H 14 -69.03 6.35 51.41
CA GLU H 14 -68.38 6.88 52.60
C GLU H 14 -66.92 6.43 52.70
N PHE H 15 -66.73 5.14 52.92
CA PHE H 15 -65.42 4.57 53.28
C PHE H 15 -64.45 4.48 52.10
N PHE H 16 -64.96 4.05 50.95
CA PHE H 16 -64.14 3.84 49.75
C PHE H 16 -63.37 5.09 49.32
N LYS H 17 -63.70 6.23 49.92
CA LYS H 17 -63.11 7.52 49.56
C LYS H 17 -61.62 7.66 49.92
N ARG H 18 -61.24 7.15 51.09
CA ARG H 18 -59.86 7.23 51.56
C ARG H 18 -59.19 5.85 51.67
N ASN H 19 -60.02 4.82 51.81
CA ASN H 19 -59.56 3.44 51.81
C ASN H 19 -59.99 2.69 50.54
N PRO H 20 -59.35 3.01 49.39
CA PRO H 20 -59.73 2.45 48.10
C PRO H 20 -59.43 0.96 47.94
N GLU H 21 -58.17 0.57 48.20
CA GLU H 21 -57.67 -0.78 47.92
C GLU H 21 -58.56 -1.92 48.43
N LEU H 22 -59.39 -1.63 49.43
CA LEU H 22 -60.18 -2.66 50.10
C LEU H 22 -61.28 -3.29 49.24
N ALA H 23 -61.96 -2.49 48.41
CA ALA H 23 -62.98 -3.03 47.52
C ALA H 23 -62.42 -3.38 46.12
N GLY H 24 -61.11 -3.26 45.96
CA GLY H 24 -60.41 -3.77 44.79
C GLY H 24 -59.91 -2.75 43.79
N PHE H 25 -59.67 -1.52 44.26
CA PHE H 25 -59.11 -0.43 43.44
C PHE H 25 -57.84 0.18 44.04
N PRO H 26 -56.77 -0.63 44.22
CA PRO H 26 -55.56 -0.13 44.86
C PRO H 26 -54.80 0.88 44.00
N ASN H 27 -54.73 0.61 42.70
CA ASN H 27 -53.91 1.40 41.81
C ASN H 27 -54.45 1.37 40.37
N PRO H 28 -54.08 2.38 39.57
CA PRO H 28 -54.46 2.50 38.18
C PRO H 28 -54.75 1.16 37.50
N ALA H 29 -53.72 0.32 37.40
CA ALA H 29 -53.81 -0.95 36.64
C ALA H 29 -54.89 -1.91 37.14
N ARG H 30 -54.74 -2.36 38.38
CA ARG H 30 -55.66 -3.33 38.98
C ARG H 30 -57.12 -2.90 38.86
N ALA H 31 -57.34 -1.59 38.72
CA ALA H 31 -58.68 -1.05 38.60
C ALA H 31 -59.29 -1.37 37.24
N LEU H 32 -58.46 -1.36 36.20
CA LEU H 32 -58.93 -1.73 34.87
C LEU H 32 -59.55 -3.12 34.94
N TYR H 33 -58.73 -4.09 35.36
CA TYR H 33 -59.17 -5.47 35.57
C TYR H 33 -60.49 -5.53 36.31
N GLN H 34 -60.59 -4.78 37.41
CA GLN H 34 -61.81 -4.77 38.21
C GLN H 34 -63.00 -4.38 37.34
N THR H 35 -63.01 -3.13 36.88
CA THR H 35 -64.10 -2.62 36.06
C THR H 35 -64.53 -3.62 34.99
N VAL H 36 -63.58 -4.29 34.39
CA VAL H 36 -63.90 -5.27 33.37
C VAL H 36 -64.68 -6.44 33.94
N ARG H 37 -64.19 -7.05 35.01
CA ARG H 37 -64.89 -8.19 35.61
C ARG H 37 -66.14 -7.80 36.37
N GLU H 38 -66.43 -6.50 36.47
CA GLU H 38 -67.66 -6.01 37.10
C GLU H 38 -68.78 -5.94 36.06
N LEU H 39 -68.39 -5.53 34.85
CA LEU H 39 -69.34 -5.36 33.76
C LEU H 39 -69.78 -6.69 33.19
N ILE H 40 -68.83 -7.60 32.97
CA ILE H 40 -69.17 -8.92 32.50
C ILE H 40 -70.07 -9.58 33.53
N GLU H 41 -69.56 -9.70 34.75
CA GLU H 41 -70.31 -10.27 35.88
C GLU H 41 -71.79 -9.92 35.73
N ASN H 42 -72.07 -8.62 35.69
CA ASN H 42 -73.45 -8.13 35.59
C ASN H 42 -74.15 -8.50 34.29
N SER H 43 -73.48 -8.32 33.16
CA SER H 43 -74.14 -8.52 31.87
C SER H 43 -74.66 -9.93 31.67
N LEU H 44 -73.90 -10.91 32.16
CA LEU H 44 -74.41 -12.29 32.15
C LEU H 44 -75.70 -12.41 32.95
N ASP H 45 -75.63 -12.12 34.26
CA ASP H 45 -76.79 -12.16 35.14
C ASP H 45 -77.99 -11.37 34.62
N ALA H 46 -77.82 -10.76 33.45
CA ALA H 46 -78.91 -10.04 32.80
C ALA H 46 -79.39 -10.82 31.58
N THR H 47 -78.81 -12.00 31.37
CA THR H 47 -79.18 -12.85 30.24
C THR H 47 -79.44 -14.29 30.67
N ASP H 48 -78.38 -15.00 31.02
CA ASP H 48 -78.49 -16.44 31.27
C ASP H 48 -79.37 -16.78 32.48
N VAL H 49 -79.73 -15.77 33.27
CA VAL H 49 -80.59 -16.01 34.43
C VAL H 49 -82.05 -15.83 34.06
N HIS H 50 -82.27 -15.23 32.91
CA HIS H 50 -83.62 -15.03 32.42
C HIS H 50 -83.85 -15.86 31.15
N GLY H 51 -82.89 -16.73 30.84
CA GLY H 51 -83.05 -17.73 29.78
C GLY H 51 -82.84 -17.28 28.35
N ILE H 52 -81.73 -16.61 28.09
CA ILE H 52 -81.35 -16.25 26.70
C ILE H 52 -79.87 -16.55 26.48
N LEU H 53 -79.55 -17.07 25.30
CA LEU H 53 -78.17 -17.29 24.93
C LEU H 53 -77.49 -15.94 24.73
N PRO H 54 -76.58 -15.59 25.65
CA PRO H 54 -75.94 -14.30 25.70
C PRO H 54 -74.90 -14.08 24.61
N ASN H 55 -74.75 -12.83 24.17
CA ASN H 55 -73.78 -12.44 23.15
C ASN H 55 -73.05 -11.18 23.58
N ILE H 56 -72.16 -11.31 24.57
CA ILE H 56 -71.45 -10.15 25.10
C ILE H 56 -70.27 -9.72 24.23
N LYS H 57 -70.08 -8.40 24.11
CA LYS H 57 -68.93 -7.83 23.39
C LYS H 57 -68.16 -6.87 24.28
N ILE H 58 -66.85 -7.07 24.39
CA ILE H 58 -66.03 -6.30 25.32
C ILE H 58 -64.90 -5.58 24.59
N THR H 59 -65.00 -4.26 24.49
CA THR H 59 -63.96 -3.46 23.84
C THR H 59 -63.36 -2.40 24.77
N ILE H 60 -62.04 -2.40 24.89
CA ILE H 60 -61.35 -1.36 25.64
C ILE H 60 -60.58 -0.48 24.67
N ASP H 61 -60.73 0.83 24.82
CA ASP H 61 -60.09 1.80 23.93
C ASP H 61 -59.15 2.76 24.66
N LEU H 62 -58.21 3.32 23.92
CA LEU H 62 -57.24 4.25 24.45
C LEU H 62 -57.48 5.60 23.78
N ILE H 63 -58.02 6.55 24.54
CA ILE H 63 -58.43 7.83 23.96
C ILE H 63 -57.53 9.02 24.35
N ASP H 64 -56.56 8.79 25.23
CA ASP H 64 -55.58 9.82 25.61
C ASP H 64 -54.29 9.17 26.12
N ASP H 65 -53.16 9.52 25.48
CA ASP H 65 -51.87 8.91 25.78
C ASP H 65 -51.18 9.53 27.01
N ALA H 66 -51.22 10.86 27.10
CA ALA H 66 -50.53 11.58 28.17
C ALA H 66 -50.95 11.13 29.57
N ARG H 67 -52.26 11.02 29.79
CA ARG H 67 -52.80 10.73 31.12
C ARG H 67 -53.17 9.26 31.36
N GLN H 68 -53.07 8.44 30.31
CA GLN H 68 -53.41 7.02 30.42
C GLN H 68 -54.88 6.83 30.78
N ILE H 69 -55.77 7.16 29.85
CA ILE H 69 -57.21 6.99 30.07
C ILE H 69 -57.80 5.95 29.13
N TYR H 70 -58.62 5.06 29.66
CA TYR H 70 -59.22 4.00 28.85
C TYR H 70 -60.75 4.04 28.88
N LYS H 71 -61.37 3.27 27.99
CA LYS H 71 -62.82 3.26 27.86
C LYS H 71 -63.35 1.82 27.78
N VAL H 72 -63.71 1.27 28.94
CA VAL H 72 -64.28 -0.07 29.02
C VAL H 72 -65.72 -0.08 28.50
N ASN H 73 -66.07 -1.08 27.72
CA ASN H 73 -67.34 -1.10 27.04
C ASN H 73 -67.94 -2.49 26.88
N VAL H 74 -69.13 -2.69 27.45
CA VAL H 74 -69.83 -3.96 27.40
C VAL H 74 -71.17 -3.82 26.71
N VAL H 75 -71.46 -4.74 25.78
CA VAL H 75 -72.70 -4.71 25.02
C VAL H 75 -73.31 -6.10 24.98
N ASP H 76 -74.53 -6.21 25.52
CA ASP H 76 -75.22 -7.51 25.59
C ASP H 76 -76.52 -7.54 24.79
N ASN H 77 -77.20 -8.68 24.85
CA ASN H 77 -78.53 -8.83 24.27
C ASN H 77 -79.53 -9.16 25.37
N GLY H 78 -79.17 -8.75 26.60
CA GLY H 78 -79.98 -9.04 27.78
C GLY H 78 -81.22 -8.18 27.87
N ILE H 79 -81.90 -8.26 29.01
CA ILE H 79 -83.16 -7.55 29.19
C ILE H 79 -82.97 -6.04 29.26
N GLY H 80 -82.32 -5.56 30.32
CA GLY H 80 -82.08 -4.13 30.48
C GLY H 80 -82.86 -3.49 31.61
N ILE H 81 -82.60 -2.21 31.85
CA ILE H 81 -83.21 -1.50 32.96
C ILE H 81 -84.52 -0.84 32.56
N PRO H 82 -85.56 -1.02 33.38
CA PRO H 82 -86.71 -0.14 33.32
C PRO H 82 -86.24 1.31 33.46
N PRO H 83 -86.41 2.11 32.39
CA PRO H 83 -85.88 3.46 32.18
C PRO H 83 -85.73 4.30 33.44
N GLN H 84 -86.81 4.45 34.22
CA GLN H 84 -86.81 5.33 35.37
C GLN H 84 -85.80 4.93 36.46
N GLU H 85 -85.39 3.67 36.47
CA GLU H 85 -84.45 3.17 37.48
C GLU H 85 -82.99 3.26 37.05
N VAL H 86 -82.73 4.01 36.00
CA VAL H 86 -81.38 4.20 35.49
C VAL H 86 -80.49 4.96 36.48
N PRO H 87 -80.91 6.18 36.87
CA PRO H 87 -80.19 6.96 37.87
C PRO H 87 -80.01 6.22 39.21
N ASN H 88 -81.09 5.62 39.71
CA ASN H 88 -81.03 4.92 40.99
C ASN H 88 -80.33 3.57 40.89
N ALA H 89 -79.48 3.42 39.87
CA ALA H 89 -78.69 2.22 39.70
C ALA H 89 -77.21 2.57 39.60
N PHE H 90 -76.95 3.74 39.03
CA PHE H 90 -75.58 4.15 38.78
C PHE H 90 -75.11 5.25 39.75
N GLY H 91 -75.97 6.22 40.01
CA GLY H 91 -75.62 7.37 40.85
C GLY H 91 -75.71 7.14 42.34
N ARG H 92 -76.78 6.47 42.78
CA ARG H 92 -76.99 6.20 44.20
C ARG H 92 -75.95 5.23 44.77
N VAL H 93 -75.38 5.59 45.91
CA VAL H 93 -74.38 4.76 46.58
C VAL H 93 -75.03 3.83 47.61
N LEU H 94 -74.99 2.54 47.34
CA LEU H 94 -75.62 1.55 48.21
C LEU H 94 -74.80 1.24 49.47
N TYR H 95 -75.33 1.67 50.61
CA TYR H 95 -74.76 1.33 51.90
C TYR H 95 -74.37 -0.16 51.97
N SER H 96 -75.38 -1.01 52.08
CA SER H 96 -75.20 -2.42 52.40
C SER H 96 -75.50 -3.39 51.26
N SER H 97 -75.33 -4.67 51.56
CA SER H 97 -75.67 -5.76 50.64
C SER H 97 -76.92 -6.48 51.16
N LYS H 98 -78.06 -5.79 51.11
CA LYS H 98 -79.36 -6.37 51.48
C LYS H 98 -79.39 -7.90 51.42
N TYR H 99 -79.35 -8.54 52.60
CA TYR H 99 -79.33 -10.01 52.73
C TYR H 99 -79.83 -10.81 51.50
N VAL H 100 -79.01 -11.77 51.05
CA VAL H 100 -79.24 -12.47 49.77
C VAL H 100 -80.20 -13.66 49.87
N ASN H 101 -81.04 -13.81 48.86
CA ASN H 101 -82.07 -14.86 48.85
C ASN H 101 -82.10 -15.73 47.58
N ARG H 102 -81.22 -15.44 46.63
CA ARG H 102 -81.06 -16.26 45.42
C ARG H 102 -79.63 -16.06 44.91
N GLN H 103 -79.01 -17.13 44.39
CA GLN H 103 -77.62 -17.03 43.94
C GLN H 103 -77.43 -15.97 42.87
N THR H 104 -76.39 -15.17 43.04
CA THR H 104 -76.02 -14.20 42.03
C THR H 104 -74.52 -14.24 41.82
N ARG H 105 -74.06 -13.64 40.72
CA ARG H 105 -72.66 -13.30 40.56
C ARG H 105 -72.45 -11.99 41.30
N GLY H 106 -71.30 -11.83 41.95
CA GLY H 106 -70.90 -10.50 42.43
C GLY H 106 -70.70 -10.24 43.92
N MET H 107 -69.42 -10.31 44.33
CA MET H 107 -68.93 -10.01 45.70
C MET H 107 -69.77 -9.04 46.58
N TYR H 108 -69.19 -7.86 46.79
CA TYR H 108 -69.65 -6.88 47.78
C TYR H 108 -71.13 -6.47 47.69
N GLY H 109 -71.40 -5.23 48.06
CA GLY H 109 -72.71 -4.61 47.91
C GLY H 109 -72.61 -3.23 47.28
N LEU H 110 -71.46 -2.96 46.66
CA LEU H 110 -71.22 -1.68 45.98
C LEU H 110 -71.00 -1.89 44.47
N GLY H 111 -70.46 -3.05 44.11
CA GLY H 111 -70.34 -3.46 42.72
C GLY H 111 -70.22 -2.35 41.67
N VAL H 112 -71.09 -2.39 40.67
CA VAL H 112 -70.98 -1.53 39.50
C VAL H 112 -70.97 -0.04 39.84
N LYS H 113 -71.47 0.28 41.03
CA LYS H 113 -71.50 1.67 41.49
C LYS H 113 -70.10 2.25 41.70
N ALA H 114 -69.21 1.43 42.25
CA ALA H 114 -67.82 1.85 42.53
C ALA H 114 -67.10 2.29 41.27
N ALA H 115 -67.32 1.57 40.18
CA ALA H 115 -66.71 1.89 38.90
C ALA H 115 -66.97 3.34 38.50
N VAL H 116 -68.23 3.76 38.55
CA VAL H 116 -68.60 5.12 38.15
C VAL H 116 -68.01 6.15 39.11
N LEU H 117 -67.85 5.74 40.37
CA LEU H 117 -67.30 6.61 41.40
C LEU H 117 -65.82 6.88 41.19
N TYR H 118 -65.08 5.82 40.86
CA TYR H 118 -63.66 5.95 40.55
C TYR H 118 -63.45 6.77 39.29
N SER H 119 -64.48 6.81 38.44
CA SER H 119 -64.41 7.51 37.17
C SER H 119 -64.51 9.03 37.31
N GLN H 120 -65.18 9.50 38.35
CA GLN H 120 -65.36 10.93 38.57
C GLN H 120 -64.31 11.53 39.51
N MET H 121 -63.30 10.74 39.83
CA MET H 121 -62.25 11.17 40.76
C MET H 121 -60.97 11.60 40.06
N HIS H 122 -60.73 11.08 38.85
CA HIS H 122 -59.47 11.34 38.15
C HIS H 122 -59.62 11.84 36.71
N GLN H 123 -60.82 11.73 36.14
CA GLN H 123 -61.07 12.23 34.79
C GLN H 123 -62.41 12.96 34.66
N ASP H 124 -62.55 13.76 33.60
CA ASP H 124 -63.69 14.67 33.47
C ASP H 124 -64.64 14.34 32.31
N LYS H 125 -64.91 13.06 32.09
CA LYS H 125 -65.83 12.67 31.02
C LYS H 125 -66.98 11.82 31.58
N PRO H 126 -68.17 11.90 30.94
CA PRO H 126 -69.38 11.24 31.42
C PRO H 126 -69.44 9.71 31.21
N ILE H 127 -70.58 9.12 31.60
CA ILE H 127 -70.78 7.68 31.53
C ILE H 127 -71.93 7.33 30.58
N GLU H 128 -71.59 7.04 29.34
CA GLU H 128 -72.58 6.78 28.29
C GLU H 128 -73.31 5.44 28.51
N ILE H 129 -74.63 5.52 28.60
CA ILE H 129 -75.48 4.36 28.87
C ILE H 129 -76.66 4.29 27.91
N GLU H 130 -77.08 3.08 27.56
CA GLU H 130 -78.24 2.86 26.71
C GLU H 130 -78.97 1.60 27.14
N THR H 131 -80.31 1.66 27.16
CA THR H 131 -81.10 0.45 27.45
C THR H 131 -82.36 0.37 26.60
N SER H 132 -82.90 -0.83 26.51
CA SER H 132 -84.12 -1.07 25.76
C SER H 132 -84.73 -2.38 26.22
N PRO H 133 -85.72 -2.32 27.12
CA PRO H 133 -86.37 -3.49 27.72
C PRO H 133 -86.93 -4.49 26.71
N VAL H 134 -87.34 -5.65 27.21
CA VAL H 134 -87.88 -6.72 26.39
C VAL H 134 -89.19 -6.30 25.75
N ASN H 135 -89.26 -6.36 24.42
CA ASN H 135 -90.46 -5.99 23.70
C ASN H 135 -90.65 -4.48 23.76
N SER H 136 -89.56 -3.74 23.56
CA SER H 136 -89.55 -2.29 23.79
C SER H 136 -89.89 -1.46 22.57
N LYS H 137 -90.44 -0.28 22.84
CA LYS H 137 -90.83 0.66 21.80
C LYS H 137 -89.59 1.30 21.17
N ARG H 138 -88.86 2.07 21.96
CA ARG H 138 -87.74 2.84 21.47
C ARG H 138 -86.48 2.56 22.29
N ILE H 139 -85.37 3.18 21.92
CA ILE H 139 -84.13 3.05 22.66
C ILE H 139 -83.88 4.29 23.51
N TYR H 140 -83.94 4.12 24.83
CA TYR H 140 -83.72 5.24 25.74
C TYR H 140 -82.22 5.41 26.02
N THR H 141 -81.71 6.60 25.71
CA THR H 141 -80.28 6.90 25.92
C THR H 141 -80.06 7.86 27.08
N PHE H 142 -78.97 7.64 27.81
CA PHE H 142 -78.60 8.48 28.93
C PHE H 142 -77.13 8.87 28.79
N LYS H 143 -76.67 9.76 29.67
CA LYS H 143 -75.27 10.13 29.79
C LYS H 143 -75.10 10.81 31.14
N LEU H 144 -74.68 10.03 32.14
CA LEU H 144 -74.78 10.44 33.54
C LEU H 144 -73.46 10.83 34.23
N LYS H 145 -73.56 11.80 35.14
CA LYS H 145 -72.51 12.10 36.11
C LYS H 145 -73.14 12.12 37.50
N ILE H 146 -72.33 12.29 38.53
CA ILE H 146 -72.82 12.14 39.89
C ILE H 146 -72.44 13.30 40.83
N ASP H 147 -73.30 13.54 41.82
CA ASP H 147 -72.94 14.42 42.93
C ASP H 147 -72.55 13.56 44.13
N ILE H 148 -71.29 13.65 44.52
CA ILE H 148 -70.70 12.74 45.50
C ILE H 148 -70.97 13.11 46.95
N ASN H 149 -71.12 14.41 47.20
CA ASN H 149 -71.28 14.92 48.56
C ASN H 149 -72.60 14.54 49.23
N LYS H 150 -73.69 14.60 48.48
CA LYS H 150 -75.02 14.37 49.05
C LYS H 150 -75.74 13.19 48.42
N ASN H 151 -74.98 12.28 47.83
CA ASN H 151 -75.52 11.06 47.21
C ASN H 151 -76.80 11.26 46.40
N GLU H 152 -76.64 11.68 45.15
CA GLU H 152 -77.75 11.82 44.20
C GLU H 152 -77.21 12.17 42.81
N PRO H 153 -77.62 11.40 41.79
CA PRO H 153 -77.11 11.51 40.43
C PRO H 153 -77.69 12.68 39.64
N ILE H 154 -76.83 13.41 38.92
CA ILE H 154 -77.27 14.49 38.04
C ILE H 154 -77.31 14.06 36.59
N ILE H 155 -78.48 14.19 35.97
CA ILE H 155 -78.66 13.85 34.56
C ILE H 155 -78.09 14.94 33.66
N VAL H 156 -77.09 14.59 32.86
CA VAL H 156 -76.55 15.53 31.88
C VAL H 156 -77.36 15.47 30.60
N GLU H 157 -77.75 14.26 30.18
CA GLU H 157 -78.54 14.09 28.97
C GLU H 157 -79.48 12.88 29.03
N ARG H 158 -80.71 13.07 28.53
CA ARG H 158 -81.72 12.01 28.47
C ARG H 158 -82.58 12.16 27.21
N GLY H 159 -82.60 11.11 26.38
CA GLY H 159 -83.37 11.13 25.14
C GLY H 159 -83.72 9.74 24.63
N SER H 160 -84.44 9.69 23.50
CA SER H 160 -84.84 8.41 22.89
C SER H 160 -85.01 8.47 21.36
N VAL H 161 -84.59 7.39 20.68
CA VAL H 161 -84.79 7.23 19.23
C VAL H 161 -85.64 5.99 18.88
N GLU H 162 -85.64 5.60 17.61
CA GLU H 162 -86.44 4.44 17.15
C GLU H 162 -85.67 3.12 17.22
N ASN H 163 -86.39 2.06 17.57
CA ASN H 163 -85.82 0.72 17.68
C ASN H 163 -85.98 -0.07 16.38
N THR H 164 -84.85 -0.46 15.78
CA THR H 164 -84.83 -1.39 14.65
C THR H 164 -85.11 -2.84 15.15
N ARG H 165 -86.35 -3.26 14.89
CA ARG H 165 -87.08 -4.37 15.56
C ARG H 165 -86.34 -5.46 16.38
N GLY H 166 -87.09 -6.05 17.31
CA GLY H 166 -86.68 -7.22 18.09
C GLY H 166 -85.41 -7.03 18.88
N PHE H 167 -85.04 -5.77 19.11
CA PHE H 167 -83.83 -5.46 19.86
C PHE H 167 -84.09 -5.19 21.35
N HIS H 168 -83.25 -5.79 22.18
CA HIS H 168 -83.17 -5.47 23.60
C HIS H 168 -81.73 -5.64 24.11
N GLY H 169 -81.26 -4.68 24.90
CA GLY H 169 -79.91 -4.73 25.42
C GLY H 169 -79.55 -3.63 26.39
N THR H 170 -78.30 -3.66 26.85
CA THR H 170 -77.80 -2.68 27.82
C THR H 170 -76.32 -2.36 27.55
N SER H 171 -76.08 -1.18 26.98
CA SER H 171 -74.72 -0.76 26.67
C SER H 171 -74.18 0.20 27.72
N VAL H 172 -73.10 -0.21 28.38
CA VAL H 172 -72.45 0.62 29.39
C VAL H 172 -71.06 0.99 28.90
N ALA H 173 -70.72 2.28 29.00
CA ALA H 173 -69.41 2.74 28.57
C ALA H 173 -68.79 3.63 29.63
N ILE H 174 -67.72 3.16 30.26
CA ILE H 174 -67.08 3.92 31.34
C ILE H 174 -65.60 4.19 31.07
N SER H 175 -65.16 5.40 31.37
CA SER H 175 -63.77 5.80 31.18
C SER H 175 -63.03 5.87 32.50
N ILE H 176 -61.86 5.23 32.57
CA ILE H 176 -61.01 5.27 33.76
C ILE H 176 -59.52 5.32 33.38
N PRO H 177 -58.68 5.73 34.36
CA PRO H 177 -57.24 5.68 34.16
C PRO H 177 -56.67 4.37 34.71
N GLY H 178 -55.82 3.72 33.92
CA GLY H 178 -55.18 2.48 34.34
C GLY H 178 -53.83 2.24 33.68
N ASP H 179 -53.43 0.97 33.63
CA ASP H 179 -52.20 0.60 32.97
C ASP H 179 -52.39 -0.71 32.19
N TRP H 180 -52.76 -0.56 30.93
CA TRP H 180 -53.07 -1.71 30.07
C TRP H 180 -52.00 -2.81 30.13
N PRO H 181 -50.74 -2.46 29.83
CA PRO H 181 -49.67 -3.47 29.79
C PRO H 181 -49.45 -4.23 31.10
N LYS H 182 -49.67 -3.58 32.24
CA LYS H 182 -49.44 -4.24 33.53
C LYS H 182 -50.51 -5.27 33.87
N ALA H 183 -51.72 -5.07 33.35
CA ALA H 183 -52.83 -5.95 33.66
C ALA H 183 -53.36 -6.71 32.45
N LYS H 184 -52.67 -6.59 31.33
CA LYS H 184 -53.10 -7.28 30.11
C LYS H 184 -53.21 -8.78 30.34
N SER H 185 -52.07 -9.43 30.55
CA SER H 185 -52.01 -10.89 30.62
C SER H 185 -52.96 -11.49 31.66
N ARG H 186 -53.44 -10.65 32.57
CA ARG H 186 -54.31 -11.12 33.64
C ARG H 186 -55.81 -10.99 33.31
N ILE H 187 -56.16 -9.97 32.52
CA ILE H 187 -57.53 -9.80 32.02
C ILE H 187 -57.87 -10.92 31.04
N TYR H 188 -57.00 -11.15 30.06
CA TYR H 188 -57.19 -12.20 29.08
C TYR H 188 -57.57 -13.52 29.75
N GLU H 189 -57.09 -13.70 30.98
CA GLU H 189 -57.41 -14.91 31.72
C GLU H 189 -58.85 -14.90 32.19
N TYR H 190 -59.39 -13.72 32.40
CA TYR H 190 -60.78 -13.62 32.76
C TYR H 190 -61.64 -14.22 31.64
N ILE H 191 -61.79 -13.46 30.56
CA ILE H 191 -62.51 -13.96 29.39
C ILE H 191 -62.27 -15.45 29.18
N LYS H 192 -61.03 -15.83 28.90
CA LYS H 192 -60.71 -17.24 28.68
C LYS H 192 -61.43 -18.15 29.68
N ARG H 193 -61.18 -17.95 30.97
CA ARG H 193 -61.65 -18.88 31.99
C ARG H 193 -63.14 -18.79 32.27
N THR H 194 -63.74 -17.66 31.90
CA THR H 194 -65.20 -17.53 31.98
C THR H 194 -65.85 -18.36 30.87
N TYR H 195 -65.16 -18.40 29.73
CA TYR H 195 -65.65 -19.08 28.54
C TYR H 195 -65.80 -20.55 28.80
N ILE H 196 -64.84 -21.11 29.53
CA ILE H 196 -64.78 -22.52 29.79
C ILE H 196 -66.04 -23.03 30.46
N ILE H 197 -66.37 -22.50 31.63
CA ILE H 197 -67.52 -22.97 32.38
C ILE H 197 -68.85 -22.36 31.89
N THR H 198 -68.81 -21.63 30.77
CA THR H 198 -70.01 -20.98 30.26
C THR H 198 -70.12 -21.05 28.73
N PRO H 199 -70.03 -22.26 28.17
CA PRO H 199 -69.91 -22.42 26.72
C PRO H 199 -71.22 -22.17 25.99
N TYR H 200 -72.26 -21.81 26.73
CA TYR H 200 -73.54 -21.46 26.10
C TYR H 200 -73.53 -19.98 25.70
N ALA H 201 -72.34 -19.38 25.64
CA ALA H 201 -72.22 -17.96 25.37
C ALA H 201 -71.29 -17.67 24.20
N GLU H 202 -71.34 -16.45 23.71
CA GLU H 202 -70.49 -16.02 22.59
C GLU H 202 -69.84 -14.68 22.89
N PHE H 203 -68.53 -14.71 23.07
CA PHE H 203 -67.78 -13.54 23.51
C PHE H 203 -66.88 -12.95 22.41
N ILE H 204 -66.79 -11.61 22.38
CA ILE H 204 -65.83 -10.91 21.53
C ILE H 204 -65.15 -9.82 22.32
N PHE H 205 -63.82 -9.77 22.22
CA PHE H 205 -63.01 -8.83 22.98
C PHE H 205 -62.03 -8.13 22.07
N LYS H 206 -62.01 -6.80 22.16
CA LYS H 206 -61.18 -5.95 21.29
C LYS H 206 -60.29 -5.01 22.10
N ASP H 207 -59.03 -5.39 22.28
CA ASP H 207 -58.13 -4.63 23.14
C ASP H 207 -57.72 -3.28 22.53
N PRO H 208 -57.11 -2.40 23.35
CA PRO H 208 -56.78 -1.04 22.91
C PRO H 208 -55.81 -1.02 21.74
N GLU H 209 -55.09 -2.11 21.55
CA GLU H 209 -54.12 -2.21 20.46
C GLU H 209 -54.78 -2.44 19.11
N GLY H 210 -55.78 -3.32 19.09
CA GLY H 210 -56.46 -3.70 17.87
C GLY H 210 -56.49 -5.21 17.70
N ASN H 211 -56.31 -5.92 18.80
CA ASN H 211 -56.42 -7.37 18.79
C ASN H 211 -57.82 -7.87 19.07
N VAL H 212 -58.38 -8.59 18.11
CA VAL H 212 -59.72 -9.13 18.25
C VAL H 212 -59.65 -10.58 18.73
N THR H 213 -60.59 -10.97 19.57
CA THR H 213 -60.72 -12.37 20.00
C THR H 213 -62.18 -12.80 20.03
N TYR H 214 -62.48 -13.93 19.41
CA TYR H 214 -63.86 -14.40 19.32
C TYR H 214 -63.95 -15.84 19.79
N TYR H 215 -64.74 -16.07 20.83
CA TYR H 215 -64.98 -17.42 21.34
C TYR H 215 -66.45 -17.75 21.09
N PRO H 216 -66.71 -18.80 20.29
CA PRO H 216 -68.04 -19.10 19.75
C PRO H 216 -68.86 -20.07 20.58
N ARG H 217 -70.18 -19.90 20.55
CA ARG H 217 -71.06 -20.77 21.31
C ARG H 217 -70.94 -22.21 20.81
N LEU H 218 -70.68 -23.12 21.74
CA LEU H 218 -70.44 -24.51 21.42
C LEU H 218 -71.65 -25.39 21.68
N THR H 219 -72.71 -24.81 22.22
CA THR H 219 -73.99 -25.50 22.35
C THR H 219 -75.08 -24.50 22.65
N ASN H 220 -76.07 -24.94 23.42
CA ASN H 220 -77.10 -24.06 23.98
C ASN H 220 -77.99 -24.77 25.02
N LYS H 221 -77.40 -25.73 25.74
CA LYS H 221 -78.07 -26.28 26.92
C LYS H 221 -77.83 -25.31 28.11
N ILE H 222 -78.60 -24.23 28.18
CA ILE H 222 -78.46 -23.30 29.31
C ILE H 222 -79.06 -23.94 30.56
N PRO H 223 -78.32 -23.90 31.68
CA PRO H 223 -78.74 -24.64 32.89
C PRO H 223 -80.06 -24.11 33.50
N LYS H 224 -80.55 -24.76 34.54
CA LYS H 224 -81.68 -24.16 35.24
C LYS H 224 -81.16 -22.96 36.03
N PRO H 225 -81.89 -21.84 35.95
CA PRO H 225 -81.51 -20.65 36.70
C PRO H 225 -81.86 -20.86 38.18
N PRO H 226 -81.39 -19.93 39.04
CA PRO H 226 -81.69 -19.93 40.47
C PRO H 226 -83.06 -19.34 40.83
N GLN H 227 -83.67 -19.83 41.90
CA GLN H 227 -84.99 -19.40 42.32
C GLN H 227 -84.93 -18.65 43.65
N GLU H 228 -85.60 -17.51 43.75
CA GLU H 228 -85.60 -16.80 45.02
C GLU H 228 -86.36 -17.61 46.06
N VAL H 229 -85.98 -17.48 47.33
CA VAL H 229 -86.56 -18.29 48.39
C VAL H 229 -86.47 -17.64 49.77
N LYS H 230 -87.44 -17.94 50.62
CA LYS H 230 -87.59 -17.31 51.92
C LYS H 230 -86.41 -17.51 52.86
N PRO H 231 -86.08 -16.46 53.66
CA PRO H 231 -84.97 -16.49 54.62
C PRO H 231 -85.04 -17.68 55.58
N HIS H 232 -83.88 -18.16 56.01
CA HIS H 232 -83.83 -19.32 56.92
C HIS H 232 -83.44 -18.94 58.35
N PRO H 233 -84.29 -19.30 59.32
CA PRO H 233 -84.28 -19.04 60.76
C PRO H 233 -82.91 -18.97 61.42
N TYR H 234 -82.15 -20.05 61.28
CA TYR H 234 -80.88 -20.19 61.99
C TYR H 234 -79.88 -19.10 61.60
N GLY H 235 -80.11 -18.44 60.47
CA GLY H 235 -79.19 -17.42 59.98
C GLY H 235 -79.68 -15.98 59.89
N VAL H 236 -80.56 -15.59 60.81
CA VAL H 236 -81.04 -14.20 60.86
C VAL H 236 -81.13 -13.68 62.30
N ASP H 237 -81.02 -12.36 62.45
CA ASP H 237 -80.93 -11.75 63.78
C ASP H 237 -81.67 -10.40 63.91
N ARG H 238 -81.47 -9.74 65.03
CA ARG H 238 -82.10 -8.45 65.35
C ARG H 238 -82.36 -7.57 64.14
N GLU H 239 -81.28 -7.08 63.54
CA GLU H 239 -81.35 -6.15 62.41
C GLU H 239 -82.41 -6.52 61.36
N GLU H 240 -82.35 -7.77 60.87
CA GLU H 240 -83.24 -8.24 59.79
C GLU H 240 -84.70 -8.30 60.21
N ILE H 241 -85.00 -9.15 61.19
CA ILE H 241 -86.36 -9.29 61.68
C ILE H 241 -87.09 -7.96 61.64
N LYS H 242 -86.44 -6.92 62.14
CA LYS H 242 -87.02 -5.56 62.12
C LYS H 242 -87.48 -5.14 60.73
N ILE H 243 -86.62 -5.33 59.73
CA ILE H 243 -86.90 -4.85 58.39
C ILE H 243 -87.84 -5.77 57.60
N LEU H 244 -87.98 -7.01 58.06
CA LEU H 244 -89.00 -7.91 57.51
C LEU H 244 -90.36 -7.39 57.94
N ILE H 245 -90.42 -6.79 59.12
CA ILE H 245 -91.66 -6.34 59.74
C ILE H 245 -92.11 -4.99 59.20
N ASN H 246 -91.23 -4.00 59.22
CA ASN H 246 -91.58 -2.67 58.75
C ASN H 246 -91.60 -2.60 57.22
N ASN H 247 -91.48 -3.76 56.59
CA ASN H 247 -91.54 -3.88 55.13
C ASN H 247 -92.83 -4.57 54.69
N LEU H 248 -93.76 -4.77 55.63
CA LEU H 248 -94.99 -5.51 55.36
C LEU H 248 -96.10 -4.61 54.81
N LYS H 249 -97.26 -5.20 54.55
CA LYS H 249 -98.37 -4.45 53.97
C LYS H 249 -99.66 -4.57 54.78
N ARG H 250 -99.83 -5.68 55.50
CA ARG H 250 -101.04 -5.89 56.27
C ARG H 250 -100.77 -6.16 57.76
N ASP H 251 -101.81 -6.58 58.48
CA ASP H 251 -101.68 -6.88 59.90
C ASP H 251 -101.53 -8.37 60.14
N TYR H 252 -100.33 -8.90 59.87
CA TYR H 252 -100.03 -10.28 60.20
C TYR H 252 -100.01 -10.43 61.72
N THR H 253 -100.40 -11.61 62.22
CA THR H 253 -100.16 -11.93 63.62
C THR H 253 -98.77 -12.52 63.72
N ILE H 254 -98.30 -12.79 64.93
CA ILE H 254 -96.99 -13.41 65.09
C ILE H 254 -96.94 -14.80 64.48
N LYS H 255 -98.03 -15.55 64.66
CA LYS H 255 -98.16 -16.88 64.07
C LYS H 255 -97.82 -16.84 62.59
N GLU H 256 -98.78 -16.42 61.77
CA GLU H 256 -98.56 -16.26 60.34
C GLU H 256 -97.10 -15.90 60.09
N PHE H 257 -96.65 -14.88 60.81
CA PHE H 257 -95.35 -14.29 60.60
C PHE H 257 -94.20 -15.28 60.78
N LEU H 258 -94.33 -16.17 61.75
CA LEU H 258 -93.30 -17.16 62.01
C LEU H 258 -93.34 -18.32 61.02
N VAL H 259 -94.34 -18.33 60.16
CA VAL H 259 -94.54 -19.47 59.27
C VAL H 259 -94.42 -19.09 57.80
N ASN H 260 -95.23 -18.12 57.36
CA ASN H 260 -95.28 -17.73 55.96
C ASN H 260 -94.19 -16.76 55.55
N GLU H 261 -93.10 -16.73 56.30
CA GLU H 261 -92.04 -15.76 56.07
C GLU H 261 -90.63 -16.36 56.17
N PHE H 262 -90.54 -17.60 56.65
CA PHE H 262 -89.25 -18.29 56.79
C PHE H 262 -89.31 -19.71 56.23
N GLN H 263 -88.16 -20.24 55.80
CA GLN H 263 -88.04 -21.65 55.46
C GLN H 263 -88.16 -22.53 56.69
N SER H 264 -89.06 -23.51 56.65
CA SER H 264 -89.01 -24.63 57.59
C SER H 264 -89.98 -24.55 58.78
N ILE H 265 -91.17 -24.00 58.60
CA ILE H 265 -91.98 -23.76 59.80
C ILE H 265 -93.48 -24.10 59.73
N GLY H 266 -93.79 -25.40 59.83
CA GLY H 266 -95.17 -25.89 59.76
C GLY H 266 -95.98 -25.66 61.02
N ASP H 267 -97.26 -26.01 60.97
CA ASP H 267 -98.19 -25.78 62.08
C ASP H 267 -97.63 -26.20 63.44
N THR H 268 -97.36 -27.49 63.59
CA THR H 268 -96.87 -28.05 64.83
C THR H 268 -95.39 -27.73 65.03
N THR H 269 -94.66 -27.67 63.93
CA THR H 269 -93.26 -27.31 63.94
C THR H 269 -93.06 -25.91 64.55
N ALA H 270 -94.01 -25.02 64.30
CA ALA H 270 -93.94 -23.62 64.75
C ALA H 270 -94.42 -23.40 66.18
N ASP H 271 -95.62 -23.88 66.48
CA ASP H 271 -96.22 -23.69 67.79
C ASP H 271 -95.23 -23.84 68.94
N LYS H 272 -94.29 -24.77 68.81
CA LYS H 272 -93.33 -25.04 69.87
C LYS H 272 -92.28 -23.94 70.03
N ILE H 273 -92.08 -23.14 68.99
CA ILE H 273 -91.18 -22.01 69.08
C ILE H 273 -91.79 -20.92 69.95
N LEU H 274 -93.12 -20.85 69.93
CA LEU H 274 -93.86 -19.92 70.77
C LEU H 274 -93.88 -20.37 72.22
N GLU H 275 -93.72 -21.67 72.43
CA GLU H 275 -93.61 -22.22 73.78
C GLU H 275 -92.27 -21.83 74.38
N LEU H 276 -91.22 -21.83 73.55
CA LEU H 276 -89.88 -21.45 73.99
C LEU H 276 -89.80 -19.96 74.33
N ALA H 277 -89.69 -19.13 73.29
CA ALA H 277 -89.61 -17.67 73.45
C ALA H 277 -90.69 -17.17 74.39
N GLY H 278 -91.69 -18.01 74.63
CA GLY H 278 -92.78 -17.67 75.53
C GLY H 278 -93.59 -16.50 75.03
N LEU H 279 -94.37 -16.73 73.97
CA LEU H 279 -95.16 -15.67 73.38
C LEU H 279 -96.58 -16.14 73.10
N LYS H 280 -97.55 -15.24 73.27
CA LYS H 280 -98.92 -15.48 72.84
C LYS H 280 -98.90 -15.66 71.32
N PRO H 281 -99.76 -16.57 70.80
CA PRO H 281 -99.74 -16.89 69.37
C PRO H 281 -100.55 -15.91 68.51
N ASN H 282 -101.71 -15.50 69.01
CA ASN H 282 -102.60 -14.59 68.28
C ASN H 282 -102.38 -13.13 68.67
N LYS H 283 -101.15 -12.65 68.54
CA LYS H 283 -100.83 -11.26 68.86
C LYS H 283 -100.39 -10.48 67.62
N LYS H 284 -100.92 -9.26 67.50
CA LYS H 284 -100.51 -8.34 66.44
C LYS H 284 -98.99 -8.27 66.34
N VAL H 285 -98.48 -8.13 65.13
CA VAL H 285 -97.04 -8.12 64.91
C VAL H 285 -96.42 -6.75 65.16
N LYS H 286 -97.05 -5.71 64.64
CA LYS H 286 -96.54 -4.35 64.75
C LYS H 286 -96.31 -3.94 66.22
N ASN H 287 -96.74 -4.78 67.15
CA ASN H 287 -96.64 -4.50 68.59
C ASN H 287 -95.56 -5.31 69.32
N LEU H 288 -94.34 -5.27 68.83
CA LEU H 288 -93.25 -6.05 69.44
C LEU H 288 -92.13 -5.16 69.99
N THR H 289 -91.93 -5.23 71.31
CA THR H 289 -90.89 -4.44 71.97
C THR H 289 -89.50 -4.87 71.54
N GLU H 290 -88.49 -4.10 71.93
CA GLU H 290 -87.09 -4.38 71.55
C GLU H 290 -86.56 -5.67 72.17
N GLU H 291 -87.06 -6.01 73.36
CA GLU H 291 -86.58 -7.16 74.10
C GLU H 291 -87.30 -8.45 73.72
N GLU H 292 -88.62 -8.37 73.56
CA GLU H 292 -89.41 -9.52 73.12
C GLU H 292 -88.77 -10.16 71.89
N ILE H 293 -88.43 -9.32 70.92
CA ILE H 293 -87.75 -9.79 69.71
C ILE H 293 -86.58 -10.69 70.05
N THR H 294 -85.62 -10.15 70.79
CA THR H 294 -84.40 -10.88 71.13
C THR H 294 -84.71 -12.23 71.77
N ARG H 295 -85.59 -12.23 72.76
CA ARG H 295 -85.98 -13.46 73.43
C ARG H 295 -86.44 -14.51 72.41
N LEU H 296 -86.77 -14.04 71.22
CA LEU H 296 -87.12 -14.93 70.12
C LEU H 296 -85.85 -15.35 69.37
N VAL H 297 -85.06 -14.37 68.93
CA VAL H 297 -83.86 -14.65 68.14
C VAL H 297 -82.89 -15.57 68.87
N GLU H 298 -83.03 -15.66 70.19
CA GLU H 298 -82.27 -16.63 70.99
C GLU H 298 -82.72 -18.04 70.65
N THR H 299 -83.99 -18.33 70.88
CA THR H 299 -84.55 -19.66 70.65
C THR H 299 -84.39 -20.10 69.19
N PHE H 300 -84.35 -19.13 68.28
CA PHE H 300 -84.01 -19.39 66.89
C PHE H 300 -82.63 -20.05 66.85
N LYS H 301 -81.65 -19.36 67.42
CA LYS H 301 -80.27 -19.82 67.42
C LYS H 301 -80.08 -21.22 68.01
N LYS H 302 -80.92 -21.58 68.97
CA LYS H 302 -80.73 -22.85 69.68
C LYS H 302 -81.53 -24.02 69.11
N ASP H 303 -82.81 -23.81 68.81
CA ASP H 303 -83.69 -24.91 68.38
C ASP H 303 -82.93 -25.94 67.54
N GLU H 304 -83.08 -27.20 67.92
CA GLU H 304 -82.24 -28.28 67.37
C GLU H 304 -82.56 -28.69 65.94
N ASP H 305 -83.73 -29.30 65.75
CA ASP H 305 -84.08 -29.91 64.47
C ASP H 305 -84.94 -29.02 63.55
N PHE H 306 -84.27 -28.36 62.61
CA PHE H 306 -84.95 -27.75 61.48
C PHE H 306 -84.71 -28.69 60.32
N ARG H 307 -84.96 -28.22 59.10
CA ARG H 307 -84.55 -28.96 57.93
C ARG H 307 -83.30 -28.30 57.37
N SER H 308 -82.93 -28.66 56.15
CA SER H 308 -81.75 -28.08 55.53
C SER H 308 -82.12 -26.80 54.77
N PRO H 309 -81.23 -25.79 54.82
CA PRO H 309 -81.40 -24.58 54.01
C PRO H 309 -81.46 -24.91 52.51
N SER H 310 -82.67 -25.05 51.98
CA SER H 310 -82.87 -25.47 50.59
C SER H 310 -81.95 -24.76 49.61
N ALA H 311 -81.47 -25.53 48.64
CA ALA H 311 -80.47 -25.04 47.68
C ALA H 311 -81.03 -24.72 46.30
N ASP H 312 -82.33 -24.44 46.24
CA ASP H 312 -83.01 -24.04 45.00
C ASP H 312 -82.71 -22.58 44.71
N SER H 313 -82.20 -21.90 45.72
CA SER H 313 -81.71 -20.57 45.55
C SER H 313 -80.36 -20.64 44.86
N LEU H 314 -79.85 -21.86 44.68
CA LEU H 314 -78.54 -22.06 44.06
C LEU H 314 -78.62 -22.37 42.57
N SER H 315 -77.44 -22.45 41.95
CA SER H 315 -77.32 -22.74 40.52
C SER H 315 -75.98 -23.41 40.27
N VAL H 316 -75.96 -24.38 39.35
CA VAL H 316 -74.78 -25.21 39.11
C VAL H 316 -74.26 -25.12 37.67
N ILE H 317 -72.98 -25.41 37.48
CA ILE H 317 -72.43 -25.46 36.12
C ILE H 317 -73.05 -26.66 35.43
N GLY H 318 -72.64 -27.86 35.83
CA GLY H 318 -73.15 -29.08 35.22
C GLY H 318 -72.07 -30.11 34.91
N GLU H 319 -72.31 -31.34 35.36
CA GLU H 319 -71.40 -32.45 35.11
C GLU H 319 -71.11 -32.69 33.61
N ASP H 320 -71.28 -31.67 32.79
CA ASP H 320 -71.14 -31.87 31.34
C ASP H 320 -70.66 -30.62 30.64
N LEU H 321 -71.29 -29.48 30.94
CA LEU H 321 -70.82 -28.21 30.41
C LEU H 321 -69.37 -28.05 30.86
N ILE H 322 -69.08 -28.56 32.05
CA ILE H 322 -67.71 -28.64 32.54
C ILE H 322 -66.94 -29.45 31.53
N GLU H 323 -67.26 -30.72 31.42
CA GLU H 323 -66.55 -31.60 30.48
C GLU H 323 -66.30 -30.91 29.15
N LEU H 324 -67.38 -30.57 28.45
CA LEU H 324 -67.27 -29.85 27.18
C LEU H 324 -66.32 -28.67 27.30
N GLY H 325 -66.68 -27.72 28.15
CA GLY H 325 -65.86 -26.54 28.38
C GLY H 325 -64.36 -26.81 28.34
N LEU H 326 -63.89 -27.67 29.23
CA LEU H 326 -62.46 -27.96 29.32
C LEU H 326 -62.01 -29.09 28.41
N LYS H 327 -62.86 -29.50 27.48
CA LYS H 327 -62.44 -30.44 26.44
C LYS H 327 -62.11 -29.65 25.18
N LYS H 328 -62.94 -28.64 24.92
CA LYS H 328 -62.87 -27.90 23.67
C LYS H 328 -61.88 -26.77 23.76
N ILE H 329 -60.88 -26.92 24.62
CA ILE H 329 -59.91 -25.87 24.82
C ILE H 329 -58.57 -26.41 25.31
N PHE H 330 -58.61 -27.58 25.92
CA PHE H 330 -57.37 -28.26 26.33
C PHE H 330 -57.09 -29.49 25.46
N ASN H 331 -58.15 -30.05 24.89
CA ASN H 331 -58.05 -31.25 24.06
C ASN H 331 -57.15 -32.29 24.67
N PRO H 332 -57.64 -32.95 25.75
CA PRO H 332 -56.86 -33.93 26.47
C PRO H 332 -57.05 -35.34 25.90
N ASP H 333 -56.58 -36.34 26.63
CA ASP H 333 -56.81 -37.71 26.23
C ASP H 333 -57.92 -38.29 27.11
N PHE H 334 -58.30 -37.54 28.14
CA PHE H 334 -59.38 -37.94 29.05
C PHE H 334 -59.93 -36.77 29.88
N ALA H 335 -61.23 -36.81 30.17
CA ALA H 335 -61.88 -35.80 31.00
C ALA H 335 -62.94 -36.40 31.90
N ALA H 336 -63.22 -35.75 33.01
CA ALA H 336 -64.27 -36.18 33.94
C ALA H 336 -64.62 -35.08 34.92
N SER H 337 -65.85 -35.10 35.40
CA SER H 337 -66.35 -34.07 36.28
C SER H 337 -67.33 -34.68 37.27
N ILE H 338 -67.75 -33.88 38.24
CA ILE H 338 -68.63 -34.35 39.30
C ILE H 338 -69.31 -33.21 40.03
N THR H 339 -70.62 -33.34 40.19
CA THR H 339 -71.41 -32.37 40.95
C THR H 339 -72.00 -33.03 42.20
N ARG H 340 -71.63 -32.54 43.37
CA ARG H 340 -72.04 -33.16 44.62
C ARG H 340 -73.48 -32.86 45.01
N LYS H 341 -74.01 -33.65 45.94
CA LYS H 341 -75.28 -33.28 46.56
C LYS H 341 -74.99 -32.09 47.50
N PRO H 342 -76.00 -31.25 47.73
CA PRO H 342 -75.78 -30.01 48.46
C PRO H 342 -75.69 -30.20 49.96
N LYS H 343 -74.69 -29.56 50.57
CA LYS H 343 -74.55 -29.51 52.02
C LYS H 343 -75.02 -28.15 52.55
N ALA H 344 -74.78 -27.91 53.83
CA ALA H 344 -75.31 -26.72 54.49
C ALA H 344 -74.35 -26.08 55.50
N TYR H 345 -74.30 -24.74 55.46
CA TYR H 345 -73.41 -23.96 56.33
C TYR H 345 -74.11 -22.69 56.81
N GLN H 346 -74.08 -22.45 58.12
CA GLN H 346 -74.65 -21.25 58.73
C GLN H 346 -75.86 -20.72 57.96
N GLY H 347 -76.98 -21.44 58.10
CA GLY H 347 -78.27 -21.01 57.53
C GLY H 347 -78.36 -20.98 56.01
N HIS H 348 -77.26 -21.32 55.34
CA HIS H 348 -77.19 -21.22 53.88
C HIS H 348 -76.73 -22.55 53.28
N PRO H 349 -77.13 -22.82 52.04
CA PRO H 349 -76.70 -24.04 51.36
C PRO H 349 -75.48 -23.80 50.51
N PHE H 350 -74.79 -24.87 50.12
CA PHE H 350 -73.65 -24.76 49.21
C PHE H 350 -73.41 -26.08 48.49
N ILE H 351 -72.92 -26.02 47.25
CA ILE H 351 -72.44 -27.21 46.57
C ILE H 351 -71.05 -27.06 46.00
N VAL H 352 -70.35 -28.18 45.93
CA VAL H 352 -69.04 -28.20 45.35
C VAL H 352 -69.06 -29.02 44.07
N GLU H 353 -68.59 -28.42 42.99
CA GLU H 353 -68.35 -29.14 41.75
C GLU H 353 -66.83 -29.32 41.56
N ALA H 354 -66.44 -30.33 40.78
CA ALA H 354 -65.03 -30.63 40.58
C ALA H 354 -64.80 -31.35 39.26
N GLY H 355 -63.63 -31.12 38.68
CA GLY H 355 -63.26 -31.79 37.44
C GLY H 355 -61.76 -31.82 37.21
N VAL H 356 -61.35 -32.71 36.28
CA VAL H 356 -59.95 -32.85 35.91
C VAL H 356 -59.82 -33.24 34.45
N ALA H 357 -58.78 -32.73 33.79
CA ALA H 357 -58.48 -33.14 32.43
C ALA H 357 -57.03 -33.55 32.36
N PHE H 358 -56.73 -34.50 31.48
CA PHE H 358 -55.41 -35.10 31.47
C PHE H 358 -54.85 -35.46 30.09
N GLY H 359 -53.56 -35.20 29.91
CA GLY H 359 -52.86 -35.65 28.73
C GLY H 359 -53.11 -34.81 27.48
N GLY H 360 -52.92 -35.44 26.33
CA GLY H 360 -53.18 -34.80 25.05
C GLY H 360 -52.36 -33.54 24.79
N SER H 361 -53.03 -32.40 24.77
CA SER H 361 -52.41 -31.16 24.37
C SER H 361 -51.88 -30.36 25.56
N ILE H 362 -52.37 -30.69 26.75
CA ILE H 362 -51.95 -30.03 27.98
C ILE H 362 -50.44 -30.03 28.14
N PRO H 363 -49.86 -28.86 28.47
CA PRO H 363 -48.41 -28.65 28.56
C PRO H 363 -47.76 -29.47 29.64
N VAL H 364 -46.68 -30.16 29.31
CA VAL H 364 -45.96 -30.98 30.29
C VAL H 364 -45.17 -30.09 31.25
N GLY H 365 -45.51 -30.18 32.52
CA GLY H 365 -44.86 -29.39 33.56
C GLY H 365 -44.77 -30.19 34.84
N GLU H 366 -44.12 -29.63 35.84
CA GLU H 366 -43.82 -30.35 37.09
C GLU H 366 -44.96 -30.31 38.10
N GLU H 367 -45.95 -29.48 37.83
CA GLU H 367 -47.09 -29.34 38.75
C GLU H 367 -48.42 -29.07 38.04
N PRO H 368 -49.54 -29.38 38.72
CA PRO H 368 -50.82 -29.26 38.04
C PRO H 368 -51.30 -27.81 37.95
N ILE H 369 -52.19 -27.55 37.00
CA ILE H 369 -52.81 -26.24 36.89
C ILE H 369 -54.14 -26.24 37.63
N VAL H 370 -54.40 -25.19 38.39
CA VAL H 370 -55.58 -25.12 39.23
C VAL H 370 -56.49 -23.96 38.85
N LEU H 371 -57.68 -24.26 38.34
CA LEU H 371 -58.66 -23.22 38.06
C LEU H 371 -59.72 -23.13 39.16
N ARG H 372 -59.84 -21.95 39.76
CA ARG H 372 -60.77 -21.74 40.86
C ARG H 372 -62.06 -21.05 40.43
N TYR H 373 -63.18 -21.51 40.96
CA TYR H 373 -64.48 -20.96 40.61
C TYR H 373 -65.40 -20.78 41.80
N ALA H 374 -65.82 -19.54 42.01
CA ALA H 374 -66.78 -19.17 43.03
C ALA H 374 -67.98 -18.45 42.42
N ASN H 375 -69.14 -19.12 42.47
CA ASN H 375 -70.42 -18.59 41.94
C ASN H 375 -70.45 -18.28 40.45
N LYS H 376 -69.88 -19.19 39.65
CA LYS H 376 -69.83 -19.04 38.20
C LYS H 376 -68.90 -17.93 37.72
N ILE H 377 -67.93 -17.55 38.54
CA ILE H 377 -66.92 -16.56 38.13
C ILE H 377 -65.52 -17.00 38.51
N PRO H 378 -64.54 -16.73 37.63
CA PRO H 378 -63.19 -17.13 37.90
C PRO H 378 -62.58 -16.25 38.97
N LEU H 379 -61.68 -16.84 39.75
CA LEU H 379 -60.89 -16.08 40.69
C LEU H 379 -59.45 -16.18 40.20
N ILE H 380 -58.78 -15.04 40.09
CA ILE H 380 -57.43 -14.99 39.50
C ILE H 380 -56.34 -14.68 40.53
N TYR H 381 -56.56 -13.63 41.31
CA TYR H 381 -55.59 -13.12 42.28
C TYR H 381 -55.61 -13.85 43.61
N ASP H 382 -54.44 -14.22 44.10
CA ASP H 382 -54.26 -14.79 45.43
C ASP H 382 -54.43 -16.31 45.48
N GLU H 383 -54.31 -16.96 44.32
CA GLU H 383 -54.43 -18.41 44.22
C GLU H 383 -53.58 -19.12 45.27
N LYS H 384 -52.68 -18.38 45.89
CA LYS H 384 -51.70 -18.98 46.78
C LYS H 384 -52.25 -19.11 48.20
N SER H 385 -53.24 -18.27 48.53
CA SER H 385 -53.81 -18.23 49.87
C SER H 385 -55.22 -18.81 49.87
N ASP H 386 -55.46 -19.78 48.99
CA ASP H 386 -56.79 -20.31 48.80
C ASP H 386 -56.98 -21.63 49.54
N VAL H 387 -58.17 -21.85 50.10
CA VAL H 387 -58.49 -23.11 50.74
C VAL H 387 -58.37 -24.23 49.74
N ILE H 388 -58.55 -23.90 48.46
CA ILE H 388 -58.42 -24.87 47.38
C ILE H 388 -56.96 -25.16 47.04
N TRP H 389 -56.17 -24.12 46.80
CA TRP H 389 -54.77 -24.30 46.45
C TRP H 389 -54.09 -25.19 47.47
N LYS H 390 -54.62 -25.20 48.68
CA LYS H 390 -54.12 -26.10 49.71
C LYS H 390 -54.43 -27.55 49.32
N VAL H 391 -55.70 -27.92 49.40
CA VAL H 391 -56.13 -29.29 49.14
C VAL H 391 -55.41 -29.91 47.93
N VAL H 392 -55.46 -29.24 46.79
CA VAL H 392 -54.91 -29.81 45.56
C VAL H 392 -53.38 -29.84 45.52
N GLU H 393 -52.73 -29.16 46.46
CA GLU H 393 -51.29 -29.33 46.55
C GLU H 393 -51.00 -30.29 47.69
N GLU H 394 -51.93 -30.34 48.64
CA GLU H 394 -51.82 -31.24 49.79
C GLU H 394 -52.01 -32.70 49.36
N LEU H 395 -52.87 -32.90 48.36
CA LEU H 395 -53.23 -34.23 47.87
C LEU H 395 -52.06 -35.07 47.34
N ASP H 396 -52.04 -36.35 47.72
CA ASP H 396 -50.96 -37.28 47.32
C ASP H 396 -51.26 -37.93 45.97
N TRP H 397 -50.62 -37.43 44.91
CA TRP H 397 -50.97 -37.80 43.54
C TRP H 397 -50.44 -39.15 43.06
N LYS H 398 -49.69 -39.85 43.92
CA LYS H 398 -49.22 -41.18 43.58
C LYS H 398 -50.26 -42.26 43.96
N ARG H 399 -50.94 -42.07 45.09
CA ARG H 399 -52.01 -42.97 45.48
C ARG H 399 -53.11 -42.96 44.40
N TYR H 400 -52.93 -42.09 43.40
CA TYR H 400 -53.78 -42.06 42.23
C TYR H 400 -52.93 -42.07 40.97
N GLY H 401 -52.47 -43.25 40.58
CA GLY H 401 -51.79 -43.46 39.31
C GLY H 401 -50.44 -42.78 39.11
N ILE H 402 -50.47 -41.46 38.94
CA ILE H 402 -49.28 -40.69 38.58
C ILE H 402 -47.97 -41.32 39.00
N GLU H 403 -47.20 -41.77 38.02
CA GLU H 403 -45.89 -42.33 38.28
C GLU H 403 -44.81 -41.27 38.10
N SER H 404 -44.98 -40.42 37.08
CA SER H 404 -43.88 -39.55 36.66
C SER H 404 -43.67 -38.30 37.49
N ASP H 405 -42.48 -37.72 37.34
CA ASP H 405 -42.09 -36.48 37.99
C ASP H 405 -42.88 -35.34 37.37
N GLN H 406 -42.78 -35.21 36.05
CA GLN H 406 -43.49 -34.19 35.30
C GLN H 406 -44.71 -34.79 34.57
N TYR H 407 -45.79 -34.03 34.51
CA TYR H 407 -47.07 -34.53 33.99
C TYR H 407 -48.01 -33.39 33.61
N GLN H 408 -49.02 -33.70 32.79
CA GLN H 408 -49.99 -32.69 32.36
C GLN H 408 -51.39 -32.90 32.94
N MET H 409 -51.66 -32.29 34.08
CA MET H 409 -52.96 -32.41 34.72
C MET H 409 -53.55 -31.01 34.93
N VAL H 410 -54.88 -30.93 34.84
CA VAL H 410 -55.61 -29.69 35.12
C VAL H 410 -56.74 -30.01 36.10
N VAL H 411 -57.04 -29.09 37.01
CA VAL H 411 -58.04 -29.34 38.04
C VAL H 411 -59.01 -28.17 38.22
N MET H 412 -60.31 -28.46 38.18
CA MET H 412 -61.34 -27.43 38.29
C MET H 412 -62.18 -27.65 39.53
N VAL H 413 -62.21 -26.64 40.39
CA VAL H 413 -62.97 -26.70 41.63
C VAL H 413 -63.91 -25.50 41.75
N HIS H 414 -65.21 -25.77 41.74
CA HIS H 414 -66.25 -24.73 41.85
C HIS H 414 -66.92 -24.77 43.21
N LEU H 415 -67.15 -23.59 43.79
CA LEU H 415 -67.85 -23.46 45.08
C LEU H 415 -68.94 -22.42 44.95
N CYS H 416 -70.14 -22.75 45.38
CA CYS H 416 -71.22 -21.79 45.27
C CYS H 416 -72.24 -21.87 46.41
N SER H 417 -72.73 -20.69 46.81
CA SER H 417 -73.64 -20.52 47.93
C SER H 417 -74.10 -19.07 47.92
N THR H 418 -75.01 -18.74 48.84
CA THR H 418 -75.43 -17.35 48.98
C THR H 418 -74.57 -16.69 50.06
N LYS H 419 -73.70 -17.49 50.67
CA LYS H 419 -72.87 -17.01 51.75
C LYS H 419 -71.45 -17.56 51.64
N ILE H 420 -70.70 -17.07 50.66
CA ILE H 420 -69.32 -17.49 50.43
C ILE H 420 -68.39 -16.87 51.45
N PRO H 421 -67.74 -17.69 52.29
CA PRO H 421 -66.76 -17.18 53.25
C PRO H 421 -65.41 -16.79 52.61
N TYR H 422 -65.14 -15.50 52.57
CA TYR H 422 -63.88 -14.98 52.02
C TYR H 422 -62.88 -14.71 53.14
N LYS H 423 -61.61 -15.09 52.92
CA LYS H 423 -60.59 -15.11 53.98
C LYS H 423 -60.22 -13.74 54.58
N SER H 424 -59.92 -12.77 53.73
CA SER H 424 -59.47 -11.47 54.21
C SER H 424 -60.31 -10.33 53.64
N ALA H 425 -59.89 -9.10 53.90
CA ALA H 425 -60.59 -7.92 53.42
C ALA H 425 -60.57 -7.88 51.88
N GLY H 426 -61.61 -8.45 51.28
CA GLY H 426 -61.77 -8.50 49.82
C GLY H 426 -60.47 -8.74 49.07
N LYS H 427 -59.94 -9.96 49.16
CA LYS H 427 -58.67 -10.30 48.52
C LYS H 427 -58.73 -11.54 47.61
N GLU H 428 -59.92 -11.81 47.07
CA GLU H 428 -60.10 -12.75 45.96
C GLU H 428 -59.72 -14.21 46.23
N SER H 429 -59.91 -14.67 47.46
CA SER H 429 -59.67 -16.08 47.78
C SER H 429 -60.49 -16.55 48.98
N ILE H 430 -60.73 -17.86 49.04
CA ILE H 430 -61.72 -18.45 49.94
C ILE H 430 -61.18 -18.80 51.33
N ALA H 431 -62.08 -18.80 52.31
CA ALA H 431 -61.72 -18.98 53.71
C ALA H 431 -61.74 -20.45 54.14
N GLU H 432 -60.96 -20.77 55.18
CA GLU H 432 -60.75 -22.16 55.58
C GLU H 432 -61.82 -22.71 56.51
N VAL H 433 -63.08 -22.49 56.15
CA VAL H 433 -64.25 -23.07 56.84
C VAL H 433 -64.22 -24.59 56.79
N GLU H 434 -64.07 -25.24 57.94
CA GLU H 434 -63.81 -26.68 57.96
C GLU H 434 -64.86 -27.46 57.20
N ASN H 435 -66.09 -27.45 57.70
CA ASN H 435 -67.17 -28.18 57.06
C ASN H 435 -67.23 -28.03 55.54
N ILE H 436 -66.70 -26.92 55.04
CA ILE H 436 -66.58 -26.73 53.59
C ILE H 436 -65.40 -27.52 53.07
N GLU H 437 -64.23 -27.28 53.66
CA GLU H 437 -63.00 -27.94 53.23
C GLU H 437 -63.11 -29.45 53.04
N LYS H 438 -63.96 -30.12 53.83
CA LYS H 438 -64.15 -31.57 53.71
C LYS H 438 -64.96 -31.99 52.48
N GLU H 439 -65.95 -31.21 52.11
CA GLU H 439 -66.73 -31.49 50.92
C GLU H 439 -65.94 -31.09 49.67
N ILE H 440 -64.96 -30.19 49.84
CA ILE H 440 -64.04 -29.85 48.75
C ILE H 440 -63.05 -30.99 48.51
N LYS H 441 -62.60 -31.62 49.59
CA LYS H 441 -61.69 -32.75 49.47
C LYS H 441 -62.39 -33.88 48.73
N ASN H 442 -63.08 -34.73 49.46
CA ASN H 442 -63.85 -35.81 48.85
C ASN H 442 -64.18 -35.59 47.38
N ALA H 443 -64.71 -34.43 47.04
CA ALA H 443 -65.09 -34.12 45.66
C ALA H 443 -63.95 -34.35 44.69
N LEU H 444 -62.75 -33.94 45.09
CA LEU H 444 -61.55 -34.20 44.31
C LEU H 444 -61.24 -35.69 44.25
N MET H 445 -61.33 -36.35 45.40
CA MET H 445 -61.12 -37.78 45.46
C MET H 445 -62.06 -38.51 44.48
N GLU H 446 -63.33 -38.13 44.48
CA GLU H 446 -64.32 -38.74 43.58
C GLU H 446 -64.00 -38.58 42.09
N VAL H 447 -63.11 -37.65 41.75
CA VAL H 447 -62.61 -37.57 40.37
C VAL H 447 -61.29 -38.28 40.28
N ALA H 448 -60.38 -37.94 41.20
CA ALA H 448 -59.03 -38.48 41.18
C ALA H 448 -59.01 -40.00 41.02
N ARG H 449 -59.99 -40.68 41.60
CA ARG H 449 -60.09 -42.14 41.49
C ARG H 449 -60.79 -42.55 40.19
N LYS H 450 -61.29 -41.56 39.43
CA LYS H 450 -61.69 -41.85 38.05
C LYS H 450 -60.44 -41.80 37.18
N LEU H 451 -59.46 -41.09 37.63
CA LEU H 451 -58.24 -41.03 36.88
C LEU H 451 -57.49 -42.35 36.95
N LYS H 452 -57.43 -42.93 38.12
CA LYS H 452 -56.69 -44.19 38.31
C LYS H 452 -57.31 -45.31 37.47
N GLN H 453 -58.62 -45.21 37.30
CA GLN H 453 -59.39 -46.22 36.52
C GLN H 453 -58.93 -46.26 35.07
N TYR H 454 -59.03 -45.12 34.41
CA TYR H 454 -58.63 -45.00 33.01
C TYR H 454 -57.18 -45.40 32.81
N LEU H 455 -56.32 -45.03 33.76
CA LEU H 455 -54.89 -45.36 33.64
C LEU H 455 -54.60 -46.76 34.22
N SER H 456 -55.66 -47.51 34.42
CA SER H 456 -55.54 -48.91 34.86
C SER H 456 -55.94 -49.77 33.67
N GLU H 457 -56.64 -49.11 32.75
CA GLU H 457 -57.13 -49.75 31.51
C GLU H 457 -56.21 -49.36 30.28
N LYS H 458 -55.20 -48.45 30.48
CA LYS H 458 -54.21 -48.03 29.37
C LYS H 458 -52.92 -48.85 29.52
N ARG H 459 -52.54 -49.03 30.78
CA ARG H 459 -51.36 -49.83 31.13
C ARG H 459 -51.71 -51.30 30.86
N LYS H 460 -53.00 -51.57 30.98
CA LYS H 460 -53.53 -52.92 30.76
C LYS H 460 -53.45 -53.27 29.27
N GLU H 461 -54.02 -52.40 28.46
CA GLU H 461 -54.06 -52.58 27.00
C GLU H 461 -52.64 -52.63 26.41
N GLN H 462 -51.71 -51.97 27.07
CA GLN H 462 -50.29 -51.94 26.62
C GLN H 462 -49.54 -53.15 27.19
N GLU H 463 -50.09 -53.75 28.24
CA GLU H 463 -49.43 -54.88 28.88
C GLU H 463 -49.65 -56.17 28.09
N ALA H 464 -50.82 -56.29 27.47
CA ALA H 464 -51.10 -57.46 26.63
C ALA H 464 -50.14 -57.48 25.44
N LYS H 465 -50.28 -56.48 24.55
CA LYS H 465 -49.42 -56.37 23.39
C LYS H 465 -47.95 -56.44 23.74
N LYS H 466 -47.65 -56.37 25.04
CA LYS H 466 -46.27 -56.44 25.50
C LYS H 466 -45.88 -57.90 25.67
N LYS H 467 -46.76 -58.68 26.31
CA LYS H 467 -46.55 -60.10 26.51
C LYS H 467 -46.86 -60.83 25.22
N LEU H 468 -48.14 -60.91 24.92
CA LEU H 468 -48.64 -61.63 23.75
C LEU H 468 -47.78 -61.38 22.52
N LEU H 469 -47.00 -60.31 22.53
CA LEU H 469 -46.07 -60.08 21.46
C LEU H 469 -44.82 -60.92 21.67
N ALA H 470 -44.23 -60.79 22.86
CA ALA H 470 -43.01 -61.51 23.17
C ALA H 470 -43.18 -63.02 23.05
N TYR H 471 -44.34 -63.52 23.47
CA TYR H 471 -44.58 -64.97 23.48
C TYR H 471 -44.57 -65.58 22.09
N LEU H 472 -45.19 -64.89 21.15
CA LEU H 472 -45.22 -65.39 19.78
C LEU H 472 -43.83 -65.66 19.23
N LYS H 473 -42.81 -65.14 19.91
CA LYS H 473 -41.46 -65.36 19.49
C LYS H 473 -40.85 -66.52 20.25
N TYR H 474 -41.38 -66.79 21.44
CA TYR H 474 -40.75 -67.72 22.36
C TYR H 474 -41.38 -69.11 22.41
N ILE H 475 -42.57 -69.26 21.85
CA ILE H 475 -43.26 -70.55 21.91
C ILE H 475 -42.94 -71.47 20.74
N PRO H 476 -42.38 -70.93 19.65
CA PRO H 476 -41.84 -71.84 18.66
C PRO H 476 -40.48 -72.42 19.09
N GLU H 477 -39.65 -71.63 19.75
CA GLU H 477 -38.34 -72.11 20.07
C GLU H 477 -38.41 -73.22 21.11
N VAL H 478 -39.02 -72.95 22.25
CA VAL H 478 -39.11 -73.99 23.26
C VAL H 478 -39.89 -75.13 22.68
N SER H 479 -40.70 -74.85 21.68
CA SER H 479 -41.45 -75.91 21.05
C SER H 479 -40.51 -76.88 20.38
N ARG H 480 -39.79 -76.40 19.38
CA ARG H 480 -38.82 -77.25 18.70
C ARG H 480 -37.90 -77.93 19.70
N SER H 481 -37.22 -77.13 20.50
CA SER H 481 -36.29 -77.66 21.46
C SER H 481 -36.88 -78.83 22.22
N LEU H 482 -38.00 -78.62 22.88
CA LEU H 482 -38.65 -79.69 23.64
C LEU H 482 -39.07 -80.89 22.79
N ALA H 483 -39.19 -80.72 21.49
CA ALA H 483 -39.56 -81.84 20.64
C ALA H 483 -38.36 -82.73 20.31
N THR H 484 -37.20 -82.11 20.09
CA THR H 484 -35.98 -82.87 19.82
C THR H 484 -35.71 -83.85 20.95
N PHE H 485 -36.05 -83.44 22.17
CA PHE H 485 -35.85 -84.32 23.32
C PHE H 485 -36.69 -85.59 23.23
N LEU H 486 -37.88 -85.50 22.64
CA LEU H 486 -38.74 -86.69 22.52
C LEU H 486 -38.13 -87.76 21.63
N ALA H 487 -38.51 -87.76 20.37
CA ALA H 487 -37.92 -88.68 19.43
C ALA H 487 -36.54 -88.18 19.05
N SER H 488 -35.54 -89.04 19.24
CA SER H 488 -34.16 -88.71 18.89
C SER H 488 -33.95 -88.79 17.37
N GLY H 489 -34.70 -89.70 16.73
CA GLY H 489 -34.67 -89.91 15.29
C GLY H 489 -35.27 -88.75 14.51
N ASN H 490 -34.65 -88.45 13.38
CA ASN H 490 -34.99 -87.25 12.58
C ASN H 490 -36.30 -87.37 11.77
N LYS H 491 -37.32 -87.98 12.35
CA LYS H 491 -38.61 -88.07 11.68
C LYS H 491 -39.71 -87.33 12.43
N GLU H 492 -39.70 -87.42 13.76
CA GLU H 492 -40.73 -86.77 14.58
C GLU H 492 -40.46 -85.28 14.73
N LEU H 493 -39.22 -84.89 14.46
CA LEU H 493 -38.84 -83.48 14.54
C LEU H 493 -40.04 -82.60 14.18
N VAL H 494 -40.58 -82.77 12.98
CA VAL H 494 -41.62 -81.88 12.49
C VAL H 494 -43.04 -82.29 12.90
N SER H 495 -43.17 -83.47 13.48
CA SER H 495 -44.49 -83.95 13.91
C SER H 495 -44.76 -83.59 15.36
N LYS H 496 -43.78 -83.83 16.24
CA LYS H 496 -43.91 -83.49 17.65
C LYS H 496 -43.94 -81.98 17.82
N TYR H 497 -43.07 -81.32 17.06
CA TYR H 497 -43.12 -79.87 16.89
C TYR H 497 -44.52 -79.32 17.10
N GLN H 498 -45.30 -79.32 16.04
CA GLN H 498 -46.58 -78.64 16.00
C GLN H 498 -47.62 -79.12 17.01
N ASN H 499 -47.64 -80.42 17.29
CA ASN H 499 -48.64 -80.96 18.20
C ASN H 499 -48.40 -80.54 19.65
N GLU H 500 -47.46 -79.62 19.85
CA GLU H 500 -47.28 -79.00 21.16
C GLU H 500 -46.97 -77.51 21.02
N ILE H 501 -46.74 -77.05 19.79
CA ILE H 501 -46.71 -75.62 19.52
C ILE H 501 -48.08 -75.09 19.90
N SER H 502 -49.11 -75.55 19.19
CA SER H 502 -50.47 -75.13 19.47
C SER H 502 -50.89 -75.60 20.85
N GLU H 503 -50.33 -76.73 21.28
CA GLU H 503 -50.56 -77.20 22.65
C GLU H 503 -50.09 -76.12 23.63
N GLY H 504 -48.83 -75.70 23.49
CA GLY H 504 -48.30 -74.57 24.26
C GLY H 504 -49.20 -73.36 24.11
N LEU H 505 -49.30 -72.83 22.90
CA LEU H 505 -50.09 -71.63 22.65
C LEU H 505 -51.33 -71.52 23.52
N PHE H 506 -52.12 -72.60 23.60
CA PHE H 506 -53.39 -72.53 24.31
C PHE H 506 -53.18 -72.39 25.83
N LYS H 507 -52.19 -73.10 26.34
CA LYS H 507 -51.85 -73.01 27.76
C LYS H 507 -51.60 -71.56 28.13
N LEU H 508 -51.57 -70.67 27.14
CA LEU H 508 -51.31 -69.25 27.39
C LEU H 508 -52.60 -68.48 27.63
N ILE H 509 -53.67 -68.90 26.98
CA ILE H 509 -54.97 -68.30 27.27
C ILE H 509 -55.41 -68.69 28.67
N SER H 510 -54.42 -68.98 29.53
CA SER H 510 -54.64 -69.06 30.96
C SER H 510 -54.93 -67.66 31.46
N LYS H 511 -54.05 -66.73 31.13
CA LYS H 511 -54.21 -65.34 31.54
C LYS H 511 -55.14 -64.52 30.63
N LYS H 512 -54.76 -64.36 29.36
CA LYS H 512 -55.53 -63.49 28.45
C LYS H 512 -55.91 -64.16 27.11
N LEU H 513 -57.14 -63.90 26.67
CA LEU H 513 -57.72 -64.52 25.48
C LEU H 513 -57.63 -63.63 24.23
N ASP H 514 -56.84 -64.05 23.25
CA ASP H 514 -56.86 -63.41 21.93
C ASP H 514 -56.26 -64.25 20.79
N LEU H 515 -56.92 -64.18 19.64
CA LEU H 515 -56.45 -64.80 18.40
C LEU H 515 -55.91 -63.72 17.45
N ILE H 516 -54.60 -63.75 17.24
CA ILE H 516 -53.91 -62.64 16.55
C ILE H 516 -52.95 -63.09 15.46
N ASN H 517 -53.10 -62.49 14.28
CA ASN H 517 -52.22 -62.74 13.13
C ASN H 517 -51.50 -61.49 12.64
N ILE H 518 -50.17 -61.47 12.85
CA ILE H 518 -49.36 -60.26 12.61
C ILE H 518 -48.15 -60.50 11.64
N GLU H 519 -48.16 -59.83 10.48
CA GLU H 519 -47.04 -59.87 9.50
C GLU H 519 -46.70 -58.48 8.90
#